data_9GS2
#
_entry.id   9GS2
#
_cell.length_a   1.00
_cell.length_b   1.00
_cell.length_c   1.00
_cell.angle_alpha   90.00
_cell.angle_beta   90.00
_cell.angle_gamma   90.00
#
_symmetry.space_group_name_H-M   'P 1'
#
loop_
_entity.id
_entity.type
_entity.pdbx_description
1 polymer 'Mitochondrial chaperone BCS1'
2 polymer 'Cytochrome b-c1 complex subunit Rieske, mitochondrial'
3 non-polymer 'FE2/S2 (INORGANIC) CLUSTER'
#
loop_
_entity_poly.entity_id
_entity_poly.type
_entity_poly.pdbx_seq_one_letter_code
_entity_poly.pdbx_strand_id
1 'polypeptide(L)'
;MGKHHHHHHGGGDYKDDDDKGSGHMSDKPIDIQYDKQATPNLSGVITPPTNETGNDSVREKLSKLVGDAMSNNPYFAAGG
GLMILGTGLAVARSGIIKASRVLYRQMIVDLEIQSKDKSYAWFLTWMAKHPQRVSRHLSVRTNYIQHDNGSVSTKFSLVP
GPGNHWIRYKGAFILIKRERSAKMIDIANGSPFETVTLTTLYRDKHLFDDILNEAKDIALKTTEGKTVIYTSFGPEWRKF
GQPKAKRMLPSVILDSGIKEGILDDVYDFMKNGKWYSDRGIPYRRGYLLYGPPGSGKTSFIQALAGELDYNICILNLSEN
NLTDDRLNHLMNNMPERSILLLEDIDAAFNKRSQTGEQGFHSSVTFSGLLNALDGVTSSEETITFMTTNHPEKLDAAIMR
PGRIDYKVFVGNATPYQVEKMFMKFYPGETDICKKFVNSVKELDITVSTAQLQGLFVMNKDAPHDALKMVSSLRNANHIF
;
A,B,C,D,E,F,G
2 'polypeptide(L)'
;AKVEVNLAAIPLGKNVVVKWQGKPVFIRHRTPHEIQEANSVDMSALKDPQTDADRVKDPQWLIMLGICTHLGCVPIGEAG
DFGGWFCPCHGSHYDISGRIRKGPAPLNLEIPAYEFDGDKVIVG
;
H
#
# COMPACT_ATOMS: atom_id res chain seq x y z
N ALA A 99 -53.95 27.69 12.28
CA ALA A 99 -54.84 27.03 13.24
C ALA A 99 -55.39 25.74 12.64
N SER A 100 -55.88 25.82 11.40
CA SER A 100 -56.41 24.65 10.73
C SER A 100 -55.32 23.58 10.56
N ARG A 101 -54.15 23.99 10.09
CA ARG A 101 -53.04 23.05 9.94
C ARG A 101 -52.63 22.49 11.30
N VAL A 102 -52.60 23.34 12.32
CA VAL A 102 -52.20 22.91 13.65
C VAL A 102 -53.14 21.82 14.16
N LEU A 103 -54.45 22.07 14.10
CA LEU A 103 -55.39 21.08 14.60
C LEU A 103 -55.36 19.82 13.75
N TYR A 104 -55.23 19.97 12.42
CA TYR A 104 -55.11 18.81 11.55
C TYR A 104 -53.96 17.91 12.01
N ARG A 105 -52.78 18.50 12.20
CA ARG A 105 -51.64 17.71 12.66
C ARG A 105 -51.85 17.22 14.09
N GLN A 106 -52.72 17.89 14.85
CA GLN A 106 -52.99 17.44 16.21
C GLN A 106 -53.83 16.16 16.23
N MET A 107 -54.73 16.00 15.26
CA MET A 107 -55.57 14.81 15.23
C MET A 107 -54.92 13.61 14.55
N ILE A 108 -53.92 13.81 13.71
CA ILE A 108 -53.40 12.78 12.82
C ILE A 108 -51.93 12.51 13.14
N VAL A 109 -51.56 11.24 13.11
CA VAL A 109 -50.16 10.85 13.19
C VAL A 109 -49.55 10.93 11.80
N ASP A 110 -48.31 11.40 11.71
CA ASP A 110 -47.56 11.41 10.47
C ASP A 110 -46.20 10.79 10.75
N LEU A 111 -45.86 9.75 10.00
CA LEU A 111 -44.61 9.03 10.21
C LEU A 111 -43.78 9.09 8.94
N GLU A 112 -42.45 9.09 9.13
CA GLU A 112 -41.49 9.17 8.05
C GLU A 112 -40.56 7.98 8.10
N ILE A 113 -40.10 7.54 6.92
CA ILE A 113 -39.16 6.44 6.79
C ILE A 113 -38.04 6.92 5.89
N GLN A 114 -36.84 7.09 6.44
CA GLN A 114 -35.70 7.48 5.63
C GLN A 114 -35.31 6.32 4.71
N SER A 115 -34.61 6.65 3.63
CA SER A 115 -34.21 5.63 2.67
C SER A 115 -33.19 4.67 3.27
N LYS A 116 -32.46 5.11 4.30
CA LYS A 116 -31.39 4.28 4.85
C LYS A 116 -31.94 2.98 5.42
N ASP A 117 -33.06 3.05 6.12
CA ASP A 117 -33.61 1.86 6.78
C ASP A 117 -34.04 0.83 5.75
N LYS A 118 -33.80 -0.45 6.08
CA LYS A 118 -34.30 -1.53 5.24
C LYS A 118 -35.82 -1.49 5.17
N SER A 119 -36.45 -0.98 6.22
CA SER A 119 -37.90 -0.87 6.24
C SER A 119 -38.42 -0.07 5.06
N TYR A 120 -37.62 0.86 4.54
CA TYR A 120 -38.01 1.62 3.35
C TYR A 120 -38.31 0.69 2.19
N ALA A 121 -37.30 -0.09 1.77
CA ALA A 121 -37.50 -1.00 0.66
C ALA A 121 -38.55 -2.05 1.00
N TRP A 122 -38.55 -2.53 2.24
CA TRP A 122 -39.52 -3.56 2.62
C TRP A 122 -40.94 -3.04 2.46
N PHE A 123 -41.19 -1.83 2.93
CA PHE A 123 -42.52 -1.25 2.82
C PHE A 123 -42.88 -0.97 1.37
N LEU A 124 -41.91 -0.54 0.57
CA LEU A 124 -42.18 -0.35 -0.85
C LEU A 124 -42.64 -1.65 -1.47
N THR A 125 -41.92 -2.73 -1.19
CA THR A 125 -42.30 -4.04 -1.71
C THR A 125 -43.69 -4.43 -1.23
N TRP A 126 -43.96 -4.21 0.06
CA TRP A 126 -45.24 -4.60 0.62
C TRP A 126 -46.38 -3.84 -0.05
N MET A 127 -46.22 -2.52 -0.18
CA MET A 127 -47.27 -1.72 -0.77
C MET A 127 -47.48 -2.05 -2.24
N ALA A 128 -46.40 -2.44 -2.93
CA ALA A 128 -46.56 -2.92 -4.30
C ALA A 128 -47.48 -4.12 -4.34
N LYS A 129 -47.49 -4.93 -3.29
CA LYS A 129 -48.30 -6.14 -3.24
C LYS A 129 -49.70 -5.90 -2.72
N HIS A 130 -49.94 -4.79 -2.03
CA HIS A 130 -51.22 -4.61 -1.34
C HIS A 130 -52.35 -4.45 -2.35
N PRO A 131 -53.44 -5.23 -2.27
CA PRO A 131 -54.52 -5.06 -3.24
C PRO A 131 -55.29 -3.76 -3.07
N GLN A 132 -55.71 -3.45 -1.85
CA GLN A 132 -56.53 -2.28 -1.60
C GLN A 132 -55.64 -1.04 -1.67
N ARG A 133 -55.33 -0.64 -2.90
CA ARG A 133 -54.41 0.45 -3.15
C ARG A 133 -54.96 1.31 -4.28
N VAL A 134 -54.72 2.61 -4.16
CA VAL A 134 -55.09 3.58 -5.19
C VAL A 134 -53.82 4.38 -5.48
N SER A 135 -53.03 3.93 -6.45
CA SER A 135 -51.74 4.53 -6.76
C SER A 135 -51.70 4.81 -8.26
N ARG A 136 -51.50 6.07 -8.61
CA ARG A 136 -51.40 6.50 -10.01
C ARG A 136 -49.98 6.93 -10.36
N HIS A 137 -49.01 6.46 -9.59
CA HIS A 137 -47.59 6.72 -9.87
C HIS A 137 -46.84 5.41 -9.70
N LEU A 138 -45.78 5.24 -10.48
CA LEU A 138 -45.01 4.02 -10.44
C LEU A 138 -43.56 4.32 -10.77
N SER A 139 -42.68 3.41 -10.36
CA SER A 139 -41.27 3.46 -10.74
C SER A 139 -40.75 2.04 -10.81
N VAL A 140 -39.94 1.75 -11.82
CA VAL A 140 -39.44 0.41 -12.04
C VAL A 140 -38.21 0.17 -11.20
N ARG A 141 -38.04 -1.06 -10.74
CA ARG A 141 -36.80 -1.51 -10.10
C ARG A 141 -36.40 -2.82 -10.76
N THR A 142 -35.20 -2.85 -11.33
CA THR A 142 -34.70 -4.01 -12.07
C THR A 142 -33.46 -4.55 -11.37
N ASN A 143 -33.45 -5.85 -11.11
CA ASN A 143 -32.33 -6.53 -10.49
C ASN A 143 -31.59 -7.32 -11.56
N TYR A 144 -30.27 -7.12 -11.66
CA TYR A 144 -29.42 -7.81 -12.62
C TYR A 144 -28.26 -8.52 -11.96
N ILE A 145 -27.98 -9.72 -12.47
CA ILE A 145 -26.85 -10.55 -12.08
C ILE A 145 -26.35 -11.21 -13.36
N GLN A 146 -25.21 -10.76 -13.86
CA GLN A 146 -24.61 -11.33 -15.07
C GLN A 146 -23.73 -12.49 -14.66
N HIS A 147 -24.11 -13.69 -15.07
CA HIS A 147 -23.36 -14.88 -14.67
C HIS A 147 -21.97 -14.86 -15.31
N ASP A 148 -21.14 -15.80 -14.87
CA ASP A 148 -19.76 -15.84 -15.32
C ASP A 148 -19.67 -16.14 -16.80
N ASN A 149 -20.59 -16.95 -17.33
CA ASN A 149 -20.55 -17.36 -18.72
C ASN A 149 -21.25 -16.38 -19.66
N GLY A 150 -21.72 -15.25 -19.15
CA GLY A 150 -22.44 -14.28 -19.93
C GLY A 150 -23.94 -14.36 -19.81
N SER A 151 -24.47 -15.49 -19.35
CA SER A 151 -25.89 -15.60 -19.09
C SER A 151 -26.29 -14.60 -18.02
N VAL A 152 -27.43 -13.93 -18.24
CA VAL A 152 -27.90 -12.86 -17.35
C VAL A 152 -29.33 -13.18 -16.94
N SER A 153 -29.60 -13.02 -15.65
CA SER A 153 -30.94 -13.21 -15.09
C SER A 153 -31.55 -11.84 -14.86
N THR A 154 -32.79 -11.67 -15.32
CA THR A 154 -33.49 -10.38 -15.28
C THR A 154 -34.80 -10.53 -14.54
N LYS A 155 -35.12 -9.51 -13.73
CA LYS A 155 -36.42 -9.41 -13.11
C LYS A 155 -36.67 -7.95 -12.79
N PHE A 156 -37.94 -7.54 -12.94
CA PHE A 156 -38.34 -6.16 -12.75
C PHE A 156 -39.60 -6.14 -11.89
N SER A 157 -39.86 -4.98 -11.29
CA SER A 157 -41.05 -4.79 -10.48
C SER A 157 -41.40 -3.32 -10.46
N LEU A 158 -42.69 -3.03 -10.34
CA LEU A 158 -43.20 -1.66 -10.29
C LEU A 158 -43.55 -1.32 -8.86
N VAL A 159 -42.99 -0.23 -8.37
CA VAL A 159 -43.22 0.23 -7.01
C VAL A 159 -43.85 1.61 -7.09
N PRO A 160 -44.56 2.07 -6.05
CA PRO A 160 -45.35 3.31 -6.19
C PRO A 160 -44.56 4.53 -6.64
N GLY A 161 -43.32 4.69 -6.20
CA GLY A 161 -42.51 5.79 -6.67
C GLY A 161 -42.98 7.13 -6.13
N PRO A 162 -42.41 8.22 -6.63
CA PRO A 162 -42.74 9.53 -6.08
C PRO A 162 -44.19 9.90 -6.33
N GLY A 163 -44.72 10.73 -5.45
CA GLY A 163 -46.10 11.19 -5.51
C GLY A 163 -46.96 10.58 -4.42
N ASN A 164 -48.13 11.16 -4.25
CA ASN A 164 -49.05 10.70 -3.22
C ASN A 164 -49.74 9.42 -3.66
N HIS A 165 -50.25 8.69 -2.68
CA HIS A 165 -51.03 7.49 -2.93
C HIS A 165 -52.14 7.40 -1.90
N TRP A 166 -52.93 6.34 -1.99
CA TRP A 166 -54.07 6.14 -1.09
C TRP A 166 -54.25 4.65 -0.92
N ILE A 167 -54.18 4.18 0.33
CA ILE A 167 -54.42 2.77 0.63
C ILE A 167 -55.33 2.70 1.86
N ARG A 168 -56.01 1.56 1.97
CA ARG A 168 -56.85 1.25 3.13
C ARG A 168 -56.35 -0.06 3.73
N TYR A 169 -55.93 0.00 4.99
CA TYR A 169 -55.38 -1.14 5.69
C TYR A 169 -56.23 -1.42 6.92
N LYS A 170 -56.79 -2.62 6.98
CA LYS A 170 -57.69 -3.02 8.07
C LYS A 170 -58.82 -2.00 8.23
N GLY A 171 -59.38 -1.59 7.10
CA GLY A 171 -60.50 -0.67 7.13
C GLY A 171 -60.16 0.73 7.58
N ALA A 172 -58.88 1.11 7.55
CA ALA A 172 -58.44 2.44 7.93
C ALA A 172 -57.64 3.04 6.78
N PHE A 173 -57.96 4.29 6.45
CA PHE A 173 -57.31 4.95 5.33
C PHE A 173 -55.94 5.46 5.73
N ILE A 174 -55.01 5.42 4.78
CA ILE A 174 -53.64 5.86 4.99
C ILE A 174 -53.20 6.65 3.77
N LEU A 175 -52.37 7.65 4.01
CA LEU A 175 -51.88 8.57 2.98
C LEU A 175 -50.38 8.40 2.85
N ILE A 176 -49.95 7.72 1.80
CA ILE A 176 -48.52 7.61 1.51
C ILE A 176 -48.08 8.83 0.74
N LYS A 177 -46.81 9.21 0.92
CA LYS A 177 -46.27 10.39 0.28
C LYS A 177 -44.77 10.19 0.13
N ARG A 178 -44.34 9.79 -1.06
CA ARG A 178 -42.94 9.53 -1.34
C ARG A 178 -42.29 10.80 -1.88
N GLU A 179 -41.27 11.28 -1.19
CA GLU A 179 -40.57 12.50 -1.56
C GLU A 179 -39.17 12.16 -2.04
N ARG A 180 -38.80 12.73 -3.18
CA ARG A 180 -37.46 12.55 -3.74
C ARG A 180 -36.64 13.78 -3.38
N SER A 181 -35.53 13.56 -2.68
CA SER A 181 -34.65 14.66 -2.33
C SER A 181 -34.08 15.29 -3.60
N ALA A 182 -34.06 16.62 -3.63
CA ALA A 182 -33.57 17.37 -4.78
C ALA A 182 -32.21 18.00 -4.55
N LYS A 183 -31.55 17.69 -3.44
CA LYS A 183 -30.22 18.22 -3.14
C LYS A 183 -29.23 17.15 -2.71
N MET A 184 -29.69 16.08 -2.07
CA MET A 184 -28.80 15.11 -1.43
C MET A 184 -28.54 13.92 -2.35
N ILE A 185 -27.34 13.37 -2.24
CA ILE A 185 -27.00 12.09 -2.84
C ILE A 185 -26.53 11.16 -1.73
N ASP A 186 -27.24 10.04 -1.55
CA ASP A 186 -26.87 9.05 -0.55
C ASP A 186 -25.64 8.32 -1.06
N ILE A 187 -24.48 8.78 -0.59
CA ILE A 187 -23.21 8.29 -1.10
C ILE A 187 -23.07 6.80 -0.86
N ALA A 188 -23.63 6.32 0.24
CA ALA A 188 -23.57 4.89 0.53
C ALA A 188 -24.32 4.09 -0.54
N ASN A 189 -25.50 4.54 -0.92
CA ASN A 189 -26.29 3.89 -1.95
C ASN A 189 -26.09 4.47 -3.33
N GLY A 190 -25.32 5.54 -3.46
CA GLY A 190 -25.09 6.16 -4.75
C GLY A 190 -26.37 6.57 -5.43
N SER A 191 -27.28 7.19 -4.68
CA SER A 191 -28.60 7.55 -5.19
C SER A 191 -29.14 8.69 -4.36
N PRO A 192 -30.08 9.47 -4.88
CA PRO A 192 -30.62 10.58 -4.11
C PRO A 192 -31.41 10.08 -2.91
N PHE A 193 -31.43 10.88 -1.85
CA PHE A 193 -32.18 10.51 -0.65
C PHE A 193 -33.66 10.45 -0.92
N GLU A 194 -34.37 9.55 -0.25
CA GLU A 194 -35.79 9.39 -0.42
C GLU A 194 -36.43 9.21 0.96
N THR A 195 -37.71 9.57 1.03
CA THR A 195 -38.49 9.38 2.25
C THR A 195 -39.91 9.04 1.86
N VAL A 196 -40.44 7.97 2.44
CA VAL A 196 -41.83 7.59 2.28
C VAL A 196 -42.50 7.86 3.61
N THR A 197 -43.46 8.78 3.60
CA THR A 197 -44.14 9.21 4.81
C THR A 197 -45.60 8.77 4.76
N LEU A 198 -46.12 8.39 5.92
CA LEU A 198 -47.51 7.96 6.06
C LEU A 198 -48.23 8.95 6.97
N THR A 199 -49.52 9.11 6.74
CA THR A 199 -50.35 10.01 7.52
C THR A 199 -51.67 9.31 7.85
N THR A 200 -52.10 9.43 9.10
CA THR A 200 -53.31 8.75 9.54
C THR A 200 -53.91 9.48 10.73
N LEU A 201 -55.23 9.43 10.82
CA LEU A 201 -55.92 9.89 12.02
C LEU A 201 -55.47 9.06 13.22
N TYR A 202 -55.29 9.72 14.36
CA TYR A 202 -54.86 9.03 15.57
C TYR A 202 -56.00 8.58 16.45
N ARG A 203 -57.26 8.82 16.06
CA ARG A 203 -58.38 8.34 16.85
C ARG A 203 -58.29 6.83 17.04
N ASP A 204 -58.00 6.13 15.95
CA ASP A 204 -57.57 4.74 16.06
C ASP A 204 -56.08 4.69 16.38
N LYS A 205 -55.62 3.52 16.79
CA LYS A 205 -54.19 3.33 17.00
C LYS A 205 -53.44 3.59 15.71
N HIS A 206 -52.11 3.71 15.82
CA HIS A 206 -51.33 3.96 14.61
C HIS A 206 -51.46 2.83 13.61
N LEU A 207 -51.81 1.63 14.05
CA LEU A 207 -52.10 0.51 13.14
C LEU A 207 -50.92 0.28 12.19
N PHE A 208 -49.74 0.40 12.73
CA PHE A 208 -48.53 0.62 11.97
C PHE A 208 -47.43 -0.39 12.27
N ASP A 209 -47.25 -0.73 13.54
CA ASP A 209 -46.46 -1.90 13.87
C ASP A 209 -46.98 -3.13 13.14
N ASP A 210 -48.29 -3.17 12.86
CA ASP A 210 -48.84 -4.26 12.08
C ASP A 210 -48.28 -4.26 10.66
N ILE A 211 -48.23 -3.09 10.04
CA ILE A 211 -47.69 -3.01 8.68
C ILE A 211 -46.24 -3.45 8.67
N LEU A 212 -45.46 -2.97 9.63
CA LEU A 212 -44.05 -3.33 9.64
C LEU A 212 -43.83 -4.77 10.05
N ASN A 213 -44.78 -5.38 10.76
CA ASN A 213 -44.71 -6.81 11.01
C ASN A 213 -45.00 -7.58 9.73
N GLU A 214 -45.93 -7.09 8.91
CA GLU A 214 -46.13 -7.68 7.60
C GLU A 214 -44.86 -7.59 6.78
N ALA A 215 -44.18 -6.45 6.84
CA ALA A 215 -42.90 -6.31 6.16
C ALA A 215 -41.89 -7.31 6.72
N LYS A 216 -41.90 -7.52 8.03
CA LYS A 216 -41.02 -8.53 8.63
C LYS A 216 -41.23 -9.89 8.00
N ASP A 217 -42.48 -10.20 7.63
CA ASP A 217 -42.79 -11.53 7.11
C ASP A 217 -41.99 -11.84 5.85
N ILE A 218 -41.65 -10.83 5.07
CA ILE A 218 -40.81 -11.05 3.91
C ILE A 218 -39.42 -11.48 4.34
N ALA A 219 -38.89 -10.85 5.39
CA ALA A 219 -37.56 -11.21 5.88
C ALA A 219 -37.56 -12.58 6.55
N LEU A 220 -38.67 -12.97 7.17
CA LEU A 220 -38.69 -14.23 7.92
C LEU A 220 -38.43 -15.44 7.02
N LYS A 221 -38.73 -15.32 5.73
CA LYS A 221 -38.54 -16.43 4.81
C LYS A 221 -37.06 -16.79 4.62
N THR A 222 -36.15 -15.88 4.94
CA THR A 222 -34.73 -16.08 4.66
C THR A 222 -33.99 -16.83 5.75
N THR A 223 -34.65 -17.19 6.85
CA THR A 223 -34.00 -17.88 7.96
C THR A 223 -33.90 -19.40 7.74
N GLU A 224 -34.14 -19.87 6.51
CA GLU A 224 -34.14 -21.31 6.27
C GLU A 224 -32.75 -21.91 6.42
N GLY A 225 -31.73 -21.22 5.93
CA GLY A 225 -30.36 -21.65 6.14
C GLY A 225 -30.03 -21.69 7.62
N LYS A 226 -29.52 -22.84 8.11
CA LYS A 226 -29.46 -23.05 9.55
C LYS A 226 -28.15 -23.69 10.03
N THR A 227 -27.08 -23.63 9.24
CA THR A 227 -25.80 -24.11 9.74
C THR A 227 -24.67 -23.66 8.83
N VAL A 228 -23.50 -23.46 9.42
CA VAL A 228 -22.31 -23.03 8.71
C VAL A 228 -21.12 -23.77 9.30
N ILE A 229 -20.18 -24.14 8.44
CA ILE A 229 -18.95 -24.81 8.84
C ILE A 229 -17.83 -23.80 8.87
N TYR A 230 -17.09 -23.77 9.97
CA TYR A 230 -15.97 -22.86 10.16
C TYR A 230 -14.67 -23.66 10.17
N THR A 231 -13.64 -23.10 9.55
CA THR A 231 -12.36 -23.78 9.42
C THR A 231 -11.22 -22.83 9.77
N SER A 232 -10.09 -23.43 10.13
CA SER A 232 -8.91 -22.66 10.52
C SER A 232 -8.17 -22.17 9.28
N PHE A 233 -8.68 -21.12 8.64
CA PHE A 233 -7.98 -20.54 7.50
C PHE A 233 -6.66 -19.91 7.91
N GLY A 234 -6.44 -19.67 9.20
CA GLY A 234 -5.26 -19.03 9.69
C GLY A 234 -5.31 -18.95 11.20
N PRO A 235 -5.03 -17.78 11.78
CA PRO A 235 -5.17 -17.65 13.24
C PRO A 235 -6.60 -17.58 13.72
N GLU A 236 -7.56 -17.50 12.79
CA GLU A 236 -8.96 -17.29 13.13
C GLU A 236 -9.81 -18.26 12.31
N TRP A 237 -11.13 -18.15 12.49
CA TRP A 237 -12.09 -19.04 11.84
C TRP A 237 -12.82 -18.29 10.75
N ARG A 238 -12.96 -18.95 9.59
CA ARG A 238 -13.69 -18.42 8.45
C ARG A 238 -14.52 -19.53 7.84
N LYS A 239 -15.58 -19.14 7.13
CA LYS A 239 -16.46 -20.10 6.51
C LYS A 239 -15.67 -20.98 5.54
N PHE A 240 -15.89 -22.29 5.62
CA PHE A 240 -15.29 -23.19 4.65
C PHE A 240 -16.02 -23.16 3.32
N GLY A 241 -17.26 -22.71 3.30
CA GLY A 241 -18.00 -22.67 2.06
C GLY A 241 -19.37 -22.07 2.25
N GLN A 242 -20.26 -22.39 1.32
CA GLN A 242 -21.63 -21.92 1.41
C GLN A 242 -22.27 -22.48 2.68
N PRO A 243 -23.19 -21.74 3.33
CA PRO A 243 -23.89 -22.32 4.48
C PRO A 243 -24.59 -23.62 4.15
N LYS A 244 -24.12 -24.70 4.74
CA LYS A 244 -24.70 -26.02 4.50
C LYS A 244 -26.13 -26.06 5.01
N ALA A 245 -26.90 -27.00 4.50
CA ALA A 245 -28.25 -27.23 4.98
C ALA A 245 -28.23 -28.20 6.15
N LYS A 246 -28.97 -27.88 7.19
CA LYS A 246 -28.99 -28.74 8.37
C LYS A 246 -29.56 -30.11 8.02
N ARG A 247 -29.02 -31.15 8.66
CA ARG A 247 -29.48 -32.52 8.49
C ARG A 247 -30.10 -33.02 9.78
N MET A 248 -31.28 -33.62 9.67
CA MET A 248 -32.03 -34.02 10.85
C MET A 248 -31.33 -35.14 11.59
N LEU A 249 -31.41 -35.10 12.92
CA LEU A 249 -30.68 -36.05 13.76
C LEU A 249 -31.09 -37.50 13.55
N PRO A 250 -32.36 -37.86 13.43
CA PRO A 250 -32.69 -39.28 13.20
C PRO A 250 -32.09 -39.84 11.91
N SER A 251 -31.69 -38.98 10.98
CA SER A 251 -31.02 -39.43 9.77
C SER A 251 -29.79 -40.25 10.10
N VAL A 252 -28.96 -39.74 11.03
CA VAL A 252 -27.80 -40.50 11.49
C VAL A 252 -28.26 -41.47 12.55
N ILE A 253 -27.91 -42.74 12.38
CA ILE A 253 -28.40 -43.83 13.23
C ILE A 253 -27.18 -44.52 13.83
N LEU A 254 -26.86 -44.19 15.08
CA LEU A 254 -25.83 -44.87 15.82
C LEU A 254 -26.46 -45.95 16.71
N ASP A 255 -25.64 -46.58 17.53
CA ASP A 255 -26.12 -47.64 18.40
C ASP A 255 -27.13 -47.10 19.41
N SER A 256 -28.06 -47.96 19.80
CA SER A 256 -29.13 -47.55 20.69
C SER A 256 -28.57 -47.04 22.02
N GLY A 257 -29.15 -45.97 22.53
CA GLY A 257 -28.75 -45.41 23.81
C GLY A 257 -27.66 -44.38 23.70
N ILE A 258 -26.73 -44.58 22.77
CA ILE A 258 -25.62 -43.65 22.61
C ILE A 258 -26.15 -42.27 22.24
N LYS A 259 -27.07 -42.24 21.28
CA LYS A 259 -27.71 -40.98 20.90
C LYS A 259 -28.36 -40.33 22.10
N GLU A 260 -29.20 -41.09 22.81
CA GLU A 260 -29.95 -40.54 23.92
C GLU A 260 -29.03 -40.09 25.04
N GLY A 261 -28.02 -40.90 25.35
CA GLY A 261 -27.09 -40.53 26.39
C GLY A 261 -26.35 -39.25 26.06
N ILE A 262 -25.87 -39.13 24.83
CA ILE A 262 -25.14 -37.93 24.43
C ILE A 262 -26.05 -36.71 24.51
N LEU A 263 -27.27 -36.83 23.97
CA LEU A 263 -28.19 -35.70 23.98
C LEU A 263 -28.51 -35.28 25.41
N ASP A 264 -28.82 -36.23 26.28
CA ASP A 264 -29.15 -35.91 27.65
C ASP A 264 -27.97 -35.25 28.35
N ASP A 265 -26.77 -35.77 28.12
CA ASP A 265 -25.60 -35.23 28.80
C ASP A 265 -25.33 -33.79 28.35
N VAL A 266 -25.41 -33.53 27.05
CA VAL A 266 -25.11 -32.18 26.58
C VAL A 266 -26.18 -31.21 27.03
N TYR A 267 -27.44 -31.65 27.03
CA TYR A 267 -28.50 -30.79 27.56
C TYR A 267 -28.25 -30.48 29.02
N ASP A 268 -27.85 -31.49 29.79
CA ASP A 268 -27.56 -31.29 31.20
C ASP A 268 -26.44 -30.28 31.39
N PHE A 269 -25.38 -30.40 30.59
CA PHE A 269 -24.29 -29.43 30.68
C PHE A 269 -24.78 -28.04 30.39
N MET A 270 -25.58 -27.88 29.34
CA MET A 270 -25.91 -26.54 28.88
C MET A 270 -26.91 -25.87 29.82
N LYS A 271 -27.88 -26.63 30.34
CA LYS A 271 -28.94 -26.02 31.13
C LYS A 271 -28.39 -25.42 32.43
N ASN A 272 -27.46 -26.12 33.08
CA ASN A 272 -26.94 -25.69 34.38
C ASN A 272 -25.69 -24.85 34.26
N GLY A 273 -25.71 -23.79 33.45
CA GLY A 273 -24.57 -22.89 33.39
C GLY A 273 -24.37 -22.12 34.69
N LYS A 274 -25.47 -21.77 35.35
CA LYS A 274 -25.38 -21.02 36.61
C LYS A 274 -24.61 -21.79 37.66
N TRP A 275 -24.66 -23.12 37.62
CA TRP A 275 -23.85 -23.92 38.53
C TRP A 275 -22.37 -23.64 38.32
N TYR A 276 -21.92 -23.69 37.06
CA TYR A 276 -20.53 -23.39 36.77
C TYR A 276 -20.18 -21.98 37.17
N SER A 277 -21.08 -21.02 36.91
CA SER A 277 -20.82 -19.64 37.30
C SER A 277 -20.64 -19.51 38.80
N ASP A 278 -21.50 -20.18 39.57
CA ASP A 278 -21.44 -20.10 41.03
C ASP A 278 -20.14 -20.70 41.54
N ARG A 279 -19.79 -21.89 41.03
CA ARG A 279 -18.56 -22.53 41.50
C ARG A 279 -17.33 -21.73 41.11
N GLY A 280 -17.41 -20.90 40.07
CA GLY A 280 -16.22 -20.29 39.51
C GLY A 280 -15.44 -21.20 38.60
N ILE A 281 -15.89 -22.44 38.41
CA ILE A 281 -15.21 -23.37 37.53
C ILE A 281 -15.40 -22.92 36.08
N PRO A 282 -14.43 -23.11 35.18
CA PRO A 282 -14.67 -22.74 33.79
C PRO A 282 -15.85 -23.50 33.20
N TYR A 283 -16.62 -22.79 32.37
CA TYR A 283 -17.85 -23.34 31.78
C TYR A 283 -17.54 -23.94 30.41
N ARG A 284 -16.93 -25.13 30.45
CA ARG A 284 -16.63 -25.85 29.22
C ARG A 284 -16.60 -27.34 29.54
N ARG A 285 -17.00 -28.14 28.55
CA ARG A 285 -17.12 -29.57 28.70
C ARG A 285 -16.63 -30.25 27.43
N GLY A 286 -16.19 -31.50 27.59
CA GLY A 286 -15.61 -32.26 26.49
C GLY A 286 -16.24 -33.63 26.36
N TYR A 287 -16.44 -34.06 25.12
CA TYR A 287 -17.01 -35.38 24.81
C TYR A 287 -16.11 -36.05 23.79
N LEU A 288 -15.68 -37.28 24.10
CA LEU A 288 -14.75 -38.02 23.26
C LEU A 288 -15.51 -39.15 22.59
N LEU A 289 -15.42 -39.22 21.27
CA LEU A 289 -16.03 -40.28 20.47
C LEU A 289 -14.91 -41.13 19.88
N TYR A 290 -14.90 -42.42 20.21
CA TYR A 290 -13.86 -43.32 19.73
C TYR A 290 -14.49 -44.57 19.17
N GLY A 291 -14.00 -44.98 18.00
CA GLY A 291 -14.50 -46.17 17.34
C GLY A 291 -13.76 -46.41 16.03
N PRO A 292 -14.13 -47.46 15.31
CA PRO A 292 -13.50 -47.72 14.02
C PRO A 292 -13.88 -46.66 13.01
N PRO A 293 -13.14 -46.55 11.91
CA PRO A 293 -13.44 -45.51 10.93
C PRO A 293 -14.77 -45.78 10.23
N GLY A 294 -15.37 -44.70 9.72
CA GLY A 294 -16.62 -44.83 9.00
C GLY A 294 -17.82 -45.12 9.86
N SER A 295 -17.75 -44.80 11.16
CA SER A 295 -18.85 -45.03 12.07
C SER A 295 -19.80 -43.83 12.16
N GLY A 296 -19.75 -42.92 11.19
CA GLY A 296 -20.66 -41.79 11.19
C GLY A 296 -20.47 -40.85 12.35
N LYS A 297 -19.27 -40.81 12.93
CA LYS A 297 -19.02 -39.94 14.07
C LYS A 297 -19.16 -38.48 13.66
N THR A 298 -18.45 -38.08 12.60
CA THR A 298 -18.52 -36.70 12.15
C THR A 298 -19.93 -36.35 11.69
N SER A 299 -20.59 -37.27 11.02
CA SER A 299 -21.98 -37.04 10.64
C SER A 299 -22.85 -36.82 11.87
N PHE A 300 -22.62 -37.62 12.90
CA PHE A 300 -23.38 -37.45 14.14
C PHE A 300 -23.15 -36.08 14.74
N ILE A 301 -21.90 -35.64 14.79
CA ILE A 301 -21.59 -34.33 15.37
C ILE A 301 -22.26 -33.23 14.55
N GLN A 302 -22.20 -33.35 13.23
CA GLN A 302 -22.83 -32.35 12.37
C GLN A 302 -24.32 -32.31 12.60
N ALA A 303 -24.94 -33.47 12.73
CA ALA A 303 -26.38 -33.54 12.99
C ALA A 303 -26.72 -32.86 14.31
N LEU A 304 -25.90 -33.12 15.34
CA LEU A 304 -26.16 -32.50 16.63
C LEU A 304 -26.05 -30.98 16.52
N ALA A 305 -25.01 -30.51 15.84
CA ALA A 305 -24.84 -29.07 15.64
C ALA A 305 -26.05 -28.49 14.94
N GLY A 306 -26.60 -29.23 13.98
CA GLY A 306 -27.85 -28.80 13.37
C GLY A 306 -28.97 -28.71 14.38
N GLU A 307 -29.04 -29.68 15.30
CA GLU A 307 -30.12 -29.69 16.28
C GLU A 307 -30.08 -28.45 17.16
N LEU A 308 -28.90 -28.09 17.64
CA LEU A 308 -28.75 -26.94 18.54
C LEU A 308 -28.36 -25.67 17.82
N ASP A 309 -28.34 -25.66 16.48
CA ASP A 309 -28.21 -24.45 15.69
C ASP A 309 -26.81 -23.86 15.73
N TYR A 310 -25.90 -24.43 16.49
CA TYR A 310 -24.54 -23.90 16.55
C TYR A 310 -23.79 -24.23 15.27
N ASN A 311 -22.90 -23.32 14.87
CA ASN A 311 -22.00 -23.63 13.77
C ASN A 311 -20.94 -24.63 14.23
N ILE A 312 -20.31 -25.27 13.26
CA ILE A 312 -19.29 -26.28 13.50
C ILE A 312 -17.93 -25.69 13.19
N CYS A 313 -16.97 -25.92 14.08
CA CYS A 313 -15.59 -25.48 13.91
C CYS A 313 -14.70 -26.71 13.78
N ILE A 314 -14.23 -26.97 12.57
CA ILE A 314 -13.46 -28.17 12.27
C ILE A 314 -11.99 -27.88 12.45
N LEU A 315 -11.27 -28.84 13.03
CA LEU A 315 -9.82 -28.79 13.07
C LEU A 315 -9.26 -30.21 13.07
N ASN A 316 -8.34 -30.46 12.14
CA ASN A 316 -7.68 -31.74 12.00
C ASN A 316 -6.26 -31.60 12.53
N LEU A 317 -5.94 -32.39 13.57
CA LEU A 317 -4.61 -32.32 14.14
C LEU A 317 -3.56 -33.02 13.29
N SER A 318 -3.95 -33.78 12.28
CA SER A 318 -2.97 -34.28 11.32
C SER A 318 -2.50 -33.19 10.37
N GLU A 319 -3.15 -32.02 10.38
CA GLU A 319 -2.65 -30.89 9.61
C GLU A 319 -1.22 -30.60 10.00
N ASN A 320 -0.34 -30.47 9.00
CA ASN A 320 1.09 -30.47 9.23
C ASN A 320 1.63 -29.13 9.69
N ASN A 321 0.86 -28.05 9.58
CA ASN A 321 1.34 -26.71 9.88
C ASN A 321 0.64 -26.11 11.10
N LEU A 322 0.09 -26.95 11.97
CA LEU A 322 -0.45 -26.47 13.22
C LEU A 322 0.67 -26.20 14.22
N THR A 323 0.44 -25.22 15.08
CA THR A 323 1.35 -24.88 16.16
C THR A 323 0.54 -24.70 17.42
N ASP A 324 1.10 -25.14 18.55
CA ASP A 324 0.36 -25.12 19.81
C ASP A 324 -0.06 -23.71 20.20
N ASP A 325 0.75 -22.70 19.89
CA ASP A 325 0.35 -21.32 20.17
C ASP A 325 -0.85 -20.92 19.32
N ARG A 326 -0.77 -21.17 18.02
CA ARG A 326 -1.91 -20.86 17.16
C ARG A 326 -3.09 -21.73 17.50
N LEU A 327 -2.85 -22.98 17.88
CA LEU A 327 -3.94 -23.83 18.36
C LEU A 327 -4.65 -23.19 19.54
N ASN A 328 -3.89 -22.78 20.55
CA ASN A 328 -4.49 -22.16 21.72
C ASN A 328 -5.22 -20.88 21.33
N HIS A 329 -4.71 -20.16 20.35
CA HIS A 329 -5.40 -18.96 19.90
C HIS A 329 -6.76 -19.30 19.28
N LEU A 330 -6.78 -20.31 18.41
CA LEU A 330 -8.00 -20.60 17.65
C LEU A 330 -9.12 -21.05 18.57
N MET A 331 -8.83 -21.97 19.48
CA MET A 331 -9.87 -22.52 20.34
C MET A 331 -10.34 -21.51 21.39
N ASN A 332 -9.74 -20.34 21.47
CA ASN A 332 -10.21 -19.27 22.34
C ASN A 332 -10.74 -18.07 21.60
N ASN A 333 -10.36 -17.90 20.33
CA ASN A 333 -10.95 -16.88 19.47
C ASN A 333 -12.11 -17.43 18.64
N MET A 334 -12.77 -18.47 19.12
CA MET A 334 -13.76 -19.14 18.32
C MET A 334 -14.99 -18.24 18.12
N PRO A 335 -15.71 -18.35 17.01
CA PRO A 335 -16.95 -17.59 16.87
C PRO A 335 -18.01 -18.04 17.86
N GLU A 336 -18.91 -17.11 18.18
CA GLU A 336 -20.01 -17.42 19.08
C GLU A 336 -20.94 -18.46 18.47
N ARG A 337 -21.71 -19.12 19.33
CA ARG A 337 -22.72 -20.09 18.91
C ARG A 337 -22.09 -21.17 18.04
N SER A 338 -20.94 -21.68 18.49
CA SER A 338 -20.15 -22.63 17.72
C SER A 338 -19.90 -23.87 18.55
N ILE A 339 -19.57 -24.96 17.86
CA ILE A 339 -19.12 -26.20 18.47
C ILE A 339 -17.77 -26.54 17.88
N LEU A 340 -16.79 -26.82 18.73
CA LEU A 340 -15.44 -27.12 18.29
C LEU A 340 -15.30 -28.63 18.14
N LEU A 341 -14.98 -29.08 16.92
CA LEU A 341 -14.79 -30.49 16.62
C LEU A 341 -13.33 -30.75 16.32
N LEU A 342 -12.69 -31.56 17.15
CA LEU A 342 -11.30 -31.97 16.99
C LEU A 342 -11.26 -33.41 16.51
N GLU A 343 -10.39 -33.70 15.57
CA GLU A 343 -10.42 -34.96 14.83
C GLU A 343 -9.00 -35.45 14.60
N ASP A 344 -8.80 -36.76 14.78
CA ASP A 344 -7.47 -37.36 14.90
C ASP A 344 -6.64 -36.67 15.98
N ILE A 345 -7.14 -36.73 17.21
CA ILE A 345 -6.35 -36.30 18.35
C ILE A 345 -5.22 -37.27 18.61
N ASP A 346 -5.29 -38.48 18.04
CA ASP A 346 -4.21 -39.45 18.21
C ASP A 346 -2.91 -39.00 17.56
N ALA A 347 -2.96 -37.96 16.71
CA ALA A 347 -1.73 -37.38 16.19
C ALA A 347 -0.82 -36.91 17.32
N ALA A 348 -1.39 -36.46 18.44
CA ALA A 348 -0.59 -36.09 19.60
C ALA A 348 -0.23 -37.31 20.44
N PHE A 349 -1.13 -38.29 20.52
CA PHE A 349 -0.85 -39.48 21.32
C PHE A 349 0.35 -40.24 20.79
N ASN A 350 0.33 -40.57 19.49
CA ASN A 350 1.23 -41.59 18.97
C ASN A 350 2.67 -41.11 18.93
N LYS A 351 2.90 -39.84 18.63
CA LYS A 351 4.25 -39.33 18.40
C LYS A 351 4.60 -38.23 19.41
N ARG A 352 3.60 -37.49 19.87
CA ARG A 352 3.78 -36.44 20.88
C ARG A 352 4.76 -35.42 20.29
N SER A 353 5.90 -35.16 20.93
CA SER A 353 6.88 -34.20 20.43
C SER A 353 7.95 -34.83 19.56
N GLN A 354 7.85 -36.12 19.25
CA GLN A 354 8.86 -36.77 18.42
C GLN A 354 8.95 -36.12 17.05
N THR A 355 7.79 -35.88 16.43
CA THR A 355 7.78 -35.15 15.16
C THR A 355 8.26 -33.72 15.33
N GLY A 356 7.88 -33.09 16.44
CA GLY A 356 8.31 -31.72 16.68
C GLY A 356 9.82 -31.60 16.77
N GLU A 357 10.45 -32.51 17.50
CA GLU A 357 11.91 -32.53 17.56
C GLU A 357 12.50 -32.83 16.18
N GLN A 358 11.90 -33.78 15.47
CA GLN A 358 12.38 -34.11 14.13
C GLN A 358 12.11 -32.98 13.14
N GLY A 359 11.13 -32.13 13.43
CA GLY A 359 10.75 -31.09 12.50
C GLY A 359 9.98 -31.58 11.29
N PHE A 360 9.25 -32.68 11.43
CA PHE A 360 8.57 -33.33 10.32
C PHE A 360 7.06 -33.27 10.55
N HIS A 361 6.36 -32.53 9.69
CA HIS A 361 4.90 -32.40 9.73
C HIS A 361 4.50 -31.74 11.06
N SER A 362 3.33 -32.10 11.60
CA SER A 362 2.69 -31.28 12.62
C SER A 362 3.52 -31.21 13.90
N SER A 363 3.32 -30.12 14.64
CA SER A 363 4.10 -29.85 15.85
C SER A 363 3.27 -29.95 17.12
N VAL A 364 1.93 -29.98 17.01
CA VAL A 364 1.08 -29.92 18.20
C VAL A 364 1.32 -31.14 19.07
N THR A 365 1.29 -30.93 20.39
CA THR A 365 1.55 -31.99 21.35
C THR A 365 0.68 -31.79 22.58
N PHE A 366 0.97 -32.56 23.63
CA PHE A 366 0.13 -32.57 24.82
C PHE A 366 0.08 -31.20 25.49
N SER A 367 1.22 -30.52 25.57
CA SER A 367 1.25 -29.22 26.24
C SER A 367 0.27 -28.26 25.59
N GLY A 368 0.15 -28.31 24.26
CA GLY A 368 -0.87 -27.53 23.59
C GLY A 368 -2.26 -27.94 24.01
N LEU A 369 -2.48 -29.24 24.20
CA LEU A 369 -3.78 -29.71 24.64
C LEU A 369 -4.12 -29.17 26.02
N LEU A 370 -3.18 -29.30 26.96
CA LEU A 370 -3.46 -28.92 28.34
C LEU A 370 -3.73 -27.43 28.44
N ASN A 371 -2.82 -26.60 27.94
CA ASN A 371 -2.97 -25.16 28.08
C ASN A 371 -4.21 -24.66 27.36
N ALA A 372 -4.45 -25.16 26.15
CA ALA A 372 -5.60 -24.71 25.37
C ALA A 372 -6.91 -25.26 25.89
N LEU A 373 -6.86 -26.25 26.79
CA LEU A 373 -8.09 -26.81 27.37
C LEU A 373 -8.53 -26.05 28.62
N ASP A 374 -7.60 -25.69 29.49
CA ASP A 374 -7.94 -25.10 30.78
C ASP A 374 -7.35 -23.70 30.96
N GLY A 375 -6.04 -23.57 30.78
CA GLY A 375 -5.35 -22.36 31.17
C GLY A 375 -5.51 -21.18 30.23
N VAL A 376 -6.01 -20.06 30.75
CA VAL A 376 -6.11 -18.81 29.99
C VAL A 376 -7.12 -18.98 28.86
N THR A 377 -7.96 -20.00 28.95
CA THR A 377 -8.86 -20.32 27.85
C THR A 377 -10.17 -19.54 27.98
N SER A 378 -10.87 -19.42 26.85
CA SER A 378 -12.20 -18.85 26.86
C SER A 378 -13.12 -19.72 27.72
N SER A 379 -13.88 -19.06 28.60
CA SER A 379 -14.74 -19.76 29.55
C SER A 379 -16.16 -19.24 29.59
N GLU A 380 -16.50 -18.20 28.83
CA GLU A 380 -17.86 -17.69 28.82
C GLU A 380 -18.85 -18.78 28.41
N GLU A 381 -18.52 -19.55 27.39
CA GLU A 381 -19.35 -20.67 26.95
C GLU A 381 -18.56 -21.44 25.92
N THR A 382 -18.58 -22.77 26.02
CA THR A 382 -17.93 -23.61 25.03
C THR A 382 -18.31 -25.06 25.21
N ILE A 383 -18.59 -25.74 24.10
CA ILE A 383 -18.79 -27.18 24.05
C ILE A 383 -17.81 -27.71 23.00
N THR A 384 -17.03 -28.72 23.38
CA THR A 384 -15.97 -29.25 22.54
C THR A 384 -16.23 -30.73 22.29
N PHE A 385 -15.99 -31.17 21.06
CA PHE A 385 -16.12 -32.55 20.65
C PHE A 385 -14.80 -33.05 20.07
N MET A 386 -14.33 -34.19 20.59
CA MET A 386 -13.13 -34.84 20.10
C MET A 386 -13.51 -36.20 19.54
N THR A 387 -12.89 -36.56 18.42
CA THR A 387 -13.03 -37.90 17.85
C THR A 387 -11.65 -38.47 17.58
N THR A 388 -11.52 -39.78 17.78
CA THR A 388 -10.24 -40.48 17.62
C THR A 388 -10.51 -41.85 17.05
N ASN A 389 -9.87 -42.16 15.92
CA ASN A 389 -10.02 -43.46 15.30
C ASN A 389 -9.17 -44.54 15.96
N HIS A 390 -8.20 -44.15 16.79
CA HIS A 390 -7.26 -45.09 17.42
C HIS A 390 -7.22 -44.84 18.92
N PRO A 391 -8.29 -45.18 19.64
CA PRO A 391 -8.29 -44.96 21.09
C PRO A 391 -7.24 -45.76 21.83
N GLU A 392 -6.73 -46.83 21.21
CA GLU A 392 -5.76 -47.69 21.88
C GLU A 392 -4.54 -46.91 22.35
N LYS A 393 -4.21 -45.82 21.65
CA LYS A 393 -3.09 -44.97 22.03
C LYS A 393 -3.48 -43.89 23.02
N LEU A 394 -4.60 -44.04 23.73
CA LEU A 394 -5.03 -43.02 24.67
C LEU A 394 -4.02 -42.87 25.80
N ASP A 395 -4.01 -41.68 26.39
CA ASP A 395 -3.09 -41.32 27.47
C ASP A 395 -3.91 -41.09 28.73
N ALA A 396 -3.50 -41.73 29.83
CA ALA A 396 -4.31 -41.75 31.04
C ALA A 396 -4.45 -40.37 31.70
N ALA A 397 -3.72 -39.36 31.23
CA ALA A 397 -3.80 -38.04 31.84
C ALA A 397 -4.98 -37.22 31.36
N ILE A 398 -5.72 -37.69 30.35
CA ILE A 398 -6.71 -36.83 29.69
C ILE A 398 -8.12 -37.05 30.24
N MET A 399 -8.53 -38.29 30.53
CA MET A 399 -9.89 -38.53 31.01
C MET A 399 -10.03 -38.05 32.47
N ARG A 400 -9.96 -36.72 32.62
CA ARG A 400 -10.14 -36.07 33.89
C ARG A 400 -11.02 -34.85 33.65
N PRO A 401 -11.85 -34.46 34.61
CA PRO A 401 -12.71 -33.29 34.39
C PRO A 401 -11.88 -32.04 34.15
N GLY A 402 -12.40 -31.16 33.29
CA GLY A 402 -11.66 -30.02 32.82
C GLY A 402 -10.98 -30.24 31.48
N ARG A 403 -10.48 -31.45 31.22
CA ARG A 403 -9.96 -31.81 29.90
C ARG A 403 -11.07 -32.47 29.09
N ILE A 404 -11.53 -33.63 29.55
CA ILE A 404 -12.68 -34.33 28.98
C ILE A 404 -13.40 -35.03 30.11
N ASP A 405 -14.67 -35.31 29.90
CA ASP A 405 -15.48 -36.02 30.89
C ASP A 405 -16.32 -37.15 30.33
N TYR A 406 -16.65 -37.14 29.04
CA TYR A 406 -17.53 -38.13 28.44
C TYR A 406 -16.77 -38.90 27.37
N LYS A 407 -16.81 -40.22 27.46
CA LYS A 407 -16.24 -41.10 26.47
C LYS A 407 -17.23 -42.21 26.17
N VAL A 408 -17.33 -42.60 24.90
CA VAL A 408 -18.27 -43.64 24.51
C VAL A 408 -17.79 -44.33 23.25
N PHE A 409 -17.83 -45.66 23.26
CA PHE A 409 -17.41 -46.43 22.09
C PHE A 409 -18.49 -46.39 21.03
N VAL A 410 -18.07 -46.31 19.76
CA VAL A 410 -18.98 -46.37 18.62
C VAL A 410 -18.42 -47.44 17.69
N GLY A 411 -18.91 -48.67 17.82
CA GLY A 411 -18.44 -49.80 17.05
C GLY A 411 -19.27 -50.06 15.82
N ASN A 412 -19.24 -51.32 15.37
CA ASN A 412 -20.00 -51.70 14.20
C ASN A 412 -21.50 -51.59 14.46
N ALA A 413 -22.25 -51.30 13.40
CA ALA A 413 -23.68 -51.10 13.54
C ALA A 413 -24.36 -52.38 14.01
N THR A 414 -25.25 -52.24 14.97
CA THR A 414 -26.02 -53.37 15.46
C THR A 414 -27.13 -53.71 14.48
N PRO A 415 -27.71 -54.92 14.58
CA PRO A 415 -28.87 -55.22 13.74
C PRO A 415 -30.01 -54.23 13.92
N TYR A 416 -30.15 -53.67 15.11
CA TYR A 416 -31.11 -52.59 15.31
C TYR A 416 -30.80 -51.41 14.41
N GLN A 417 -29.53 -51.01 14.37
CA GLN A 417 -29.13 -49.95 13.44
C GLN A 417 -29.36 -50.36 12.00
N VAL A 418 -29.09 -51.64 11.70
CA VAL A 418 -29.24 -52.13 10.33
C VAL A 418 -30.69 -51.99 9.88
N GLU A 419 -31.63 -52.46 10.69
CA GLU A 419 -33.03 -52.37 10.31
C GLU A 419 -33.50 -50.92 10.26
N LYS A 420 -33.06 -50.11 11.22
CA LYS A 420 -33.48 -48.71 11.23
C LYS A 420 -33.04 -48.01 9.96
N MET A 421 -31.78 -48.18 9.57
CA MET A 421 -31.31 -47.51 8.37
C MET A 421 -31.87 -48.15 7.10
N PHE A 422 -32.14 -49.46 7.13
CA PHE A 422 -32.76 -50.10 5.99
C PHE A 422 -34.13 -49.48 5.71
N MET A 423 -34.92 -49.29 6.76
CA MET A 423 -36.21 -48.63 6.60
C MET A 423 -36.07 -47.13 6.38
N LYS A 424 -34.93 -46.55 6.75
CA LYS A 424 -34.66 -45.17 6.35
C LYS A 424 -34.49 -45.06 4.84
N PHE A 425 -33.67 -45.92 4.24
CA PHE A 425 -33.52 -45.90 2.79
C PHE A 425 -34.79 -46.37 2.09
N TYR A 426 -35.50 -47.31 2.71
CA TYR A 426 -36.67 -47.95 2.12
C TYR A 426 -37.83 -47.82 3.09
N PRO A 427 -38.44 -46.63 3.19
CA PRO A 427 -39.57 -46.47 4.12
C PRO A 427 -40.70 -47.43 3.76
N GLY A 428 -41.31 -48.00 4.79
CA GLY A 428 -42.22 -49.11 4.57
C GLY A 428 -41.42 -50.35 4.22
N GLU A 429 -41.87 -51.07 3.20
CA GLU A 429 -41.17 -52.25 2.70
C GLU A 429 -40.98 -53.28 3.81
N THR A 430 -42.06 -53.57 4.54
CA THR A 430 -41.98 -54.48 5.68
C THR A 430 -41.66 -55.90 5.22
N ASP A 431 -40.97 -56.63 6.09
CA ASP A 431 -40.54 -58.02 5.94
C ASP A 431 -39.39 -58.21 4.96
N ILE A 432 -39.15 -57.22 4.10
CA ILE A 432 -37.91 -57.21 3.33
C ILE A 432 -36.77 -56.92 4.27
N CYS A 433 -37.00 -56.02 5.22
CA CYS A 433 -36.04 -55.78 6.28
C CYS A 433 -35.79 -57.03 7.11
N LYS A 434 -36.84 -57.84 7.34
CA LYS A 434 -36.65 -59.07 8.11
C LYS A 434 -35.73 -60.03 7.38
N LYS A 435 -36.04 -60.30 6.10
CA LYS A 435 -35.17 -61.21 5.36
C LYS A 435 -33.75 -60.65 5.28
N PHE A 436 -33.61 -59.33 5.17
CA PHE A 436 -32.29 -58.71 5.14
C PHE A 436 -31.53 -58.92 6.44
N VAL A 437 -32.19 -58.67 7.58
CA VAL A 437 -31.47 -58.72 8.86
C VAL A 437 -31.00 -60.14 9.12
N ASN A 438 -31.86 -61.13 8.88
CA ASN A 438 -31.36 -62.49 9.14
C ASN A 438 -30.32 -62.89 8.10
N SER A 439 -30.42 -62.37 6.87
CA SER A 439 -29.39 -62.64 5.88
C SER A 439 -28.03 -62.17 6.38
N VAL A 440 -27.97 -60.94 6.89
CA VAL A 440 -26.70 -60.42 7.38
C VAL A 440 -26.29 -61.10 8.67
N LYS A 441 -27.23 -61.60 9.46
CA LYS A 441 -26.85 -62.37 10.65
C LYS A 441 -26.18 -63.67 10.26
N GLU A 442 -26.69 -64.33 9.21
CA GLU A 442 -25.99 -65.48 8.67
C GLU A 442 -24.63 -65.06 8.10
N LEU A 443 -24.57 -63.87 7.49
CA LEU A 443 -23.29 -63.37 7.01
C LEU A 443 -22.28 -63.26 8.14
N ASP A 444 -22.66 -62.59 9.23
CA ASP A 444 -21.91 -62.60 10.48
C ASP A 444 -20.48 -62.08 10.30
N ILE A 445 -20.38 -60.79 9.94
CA ILE A 445 -19.11 -60.11 9.89
C ILE A 445 -19.28 -58.67 10.37
N THR A 446 -18.15 -58.03 10.66
CA THR A 446 -18.15 -56.63 11.08
C THR A 446 -18.35 -55.72 9.88
N VAL A 447 -19.33 -54.82 9.96
CA VAL A 447 -19.66 -53.90 8.88
C VAL A 447 -19.85 -52.52 9.48
N SER A 448 -19.21 -51.52 8.89
CA SER A 448 -19.40 -50.14 9.31
C SER A 448 -20.68 -49.58 8.69
N THR A 449 -21.28 -48.60 9.38
CA THR A 449 -22.50 -47.99 8.87
C THR A 449 -22.27 -47.32 7.52
N ALA A 450 -21.04 -46.87 7.26
CA ALA A 450 -20.74 -46.28 5.96
C ALA A 450 -20.91 -47.32 4.85
N GLN A 451 -20.46 -48.55 5.09
CA GLN A 451 -20.62 -49.60 4.10
C GLN A 451 -22.10 -49.89 3.84
N LEU A 452 -22.90 -49.95 4.91
CA LEU A 452 -24.33 -50.19 4.74
C LEU A 452 -24.97 -49.08 3.94
N GLN A 453 -24.63 -47.83 4.26
CA GLN A 453 -25.13 -46.69 3.49
C GLN A 453 -24.75 -46.82 2.03
N GLY A 454 -23.50 -47.14 1.77
CA GLY A 454 -23.02 -47.26 0.41
C GLY A 454 -23.77 -48.30 -0.38
N LEU A 455 -24.00 -49.46 0.24
CA LEU A 455 -24.67 -50.53 -0.47
C LEU A 455 -26.18 -50.36 -0.52
N PHE A 456 -26.76 -49.50 0.31
CA PHE A 456 -28.16 -49.13 0.14
C PHE A 456 -28.36 -47.99 -0.85
N VAL A 457 -27.30 -47.24 -1.18
CA VAL A 457 -27.43 -46.06 -2.02
C VAL A 457 -26.77 -46.22 -3.39
N MET A 458 -25.96 -47.26 -3.62
CA MET A 458 -25.09 -47.27 -4.79
C MET A 458 -25.88 -47.25 -6.10
N ASN A 459 -27.14 -47.71 -6.06
CA ASN A 459 -27.99 -47.76 -7.24
C ASN A 459 -29.33 -47.08 -7.00
N LYS A 460 -29.58 -46.60 -5.78
CA LYS A 460 -30.92 -46.19 -5.36
C LYS A 460 -31.84 -47.40 -5.45
N ASP A 461 -31.39 -48.48 -4.83
CA ASP A 461 -31.92 -49.81 -5.10
C ASP A 461 -33.33 -49.96 -4.56
N ALA A 462 -34.08 -50.87 -5.17
CA ALA A 462 -35.21 -51.46 -4.47
C ALA A 462 -34.67 -52.33 -3.33
N PRO A 463 -35.41 -52.46 -2.23
CA PRO A 463 -34.85 -53.19 -1.08
C PRO A 463 -34.49 -54.63 -1.41
N HIS A 464 -35.31 -55.31 -2.21
CA HIS A 464 -34.96 -56.67 -2.61
C HIS A 464 -33.72 -56.68 -3.50
N ASP A 465 -33.51 -55.64 -4.30
CA ASP A 465 -32.30 -55.57 -5.10
C ASP A 465 -31.06 -55.51 -4.22
N ALA A 466 -31.11 -54.69 -3.17
CA ALA A 466 -30.02 -54.65 -2.22
C ALA A 466 -29.86 -56.00 -1.53
N LEU A 467 -30.98 -56.66 -1.24
CA LEU A 467 -30.92 -57.97 -0.59
C LEU A 467 -30.21 -58.99 -1.46
N LYS A 468 -30.49 -58.96 -2.78
CA LYS A 468 -30.03 -60.03 -3.65
C LYS A 468 -28.52 -60.16 -3.62
N MET A 469 -27.81 -59.04 -3.63
CA MET A 469 -26.36 -59.03 -3.62
C MET A 469 -25.77 -58.99 -2.22
N VAL A 470 -26.60 -59.08 -1.17
CA VAL A 470 -26.11 -58.90 0.19
C VAL A 470 -25.15 -60.00 0.61
N SER A 471 -25.12 -61.12 -0.12
CA SER A 471 -24.17 -62.17 0.22
C SER A 471 -22.72 -61.74 0.02
N SER A 472 -22.47 -60.71 -0.80
CA SER A 472 -21.10 -60.30 -1.10
C SER A 472 -20.53 -59.34 -0.07
N LEU A 473 -21.28 -59.05 1.00
CA LEU A 473 -20.75 -58.15 2.03
C LEU A 473 -19.51 -58.69 2.72
N ARG A 474 -19.25 -60.00 2.61
CA ARG A 474 -17.98 -60.54 3.10
C ARG A 474 -16.80 -59.82 2.47
N ASN A 475 -16.95 -59.40 1.21
CA ASN A 475 -15.89 -58.73 0.47
C ASN A 475 -16.38 -57.57 -0.37
N ALA A 476 -17.55 -57.00 -0.05
CA ALA A 476 -18.13 -55.95 -0.89
C ALA A 476 -17.27 -54.70 -0.91
N ASN A 477 -16.36 -54.52 0.04
CA ASN A 477 -15.47 -53.37 0.04
C ASN A 477 -14.55 -53.36 -1.17
N HIS A 478 -14.36 -54.50 -1.83
CA HIS A 478 -13.42 -54.59 -2.94
C HIS A 478 -14.06 -54.11 -4.24
N ILE A 479 -15.24 -54.63 -4.55
CA ILE A 479 -15.86 -54.41 -5.85
C ILE A 479 -16.82 -53.22 -5.83
N PHE A 480 -17.78 -53.24 -4.92
CA PHE A 480 -18.88 -52.29 -4.96
C PHE A 480 -18.56 -51.02 -4.19
N ALA B 99 -40.99 43.04 20.75
CA ALA B 99 -41.02 43.06 22.20
C ALA B 99 -41.43 41.70 22.75
N SER B 100 -42.41 41.08 22.09
CA SER B 100 -42.83 39.75 22.51
C SER B 100 -41.70 38.75 22.36
N ARG B 101 -40.99 38.79 21.23
CA ARG B 101 -39.83 37.93 21.08
C ARG B 101 -38.76 38.28 22.10
N VAL B 102 -38.63 39.57 22.44
CA VAL B 102 -37.62 39.98 23.41
C VAL B 102 -37.91 39.36 24.77
N LEU B 103 -39.13 39.49 25.26
CA LEU B 103 -39.45 38.93 26.57
C LEU B 103 -39.42 37.41 26.55
N TYR B 104 -39.85 36.80 25.44
CA TYR B 104 -39.74 35.35 25.32
C TYR B 104 -38.29 34.91 25.48
N ARG B 105 -37.40 35.50 24.68
CA ARG B 105 -35.99 35.13 24.75
C ARG B 105 -35.35 35.58 26.06
N GLN B 106 -36.00 36.47 26.80
CA GLN B 106 -35.55 36.79 28.15
C GLN B 106 -36.09 35.81 29.20
N MET B 107 -37.08 34.99 28.86
CA MET B 107 -37.72 34.10 29.82
C MET B 107 -37.48 32.61 29.57
N ILE B 108 -37.23 32.20 28.33
CA ILE B 108 -37.19 30.78 27.96
C ILE B 108 -35.76 30.37 27.72
N VAL B 109 -35.36 29.26 28.34
CA VAL B 109 -34.08 28.60 28.07
C VAL B 109 -34.31 27.59 26.97
N ASP B 110 -33.26 27.29 26.21
CA ASP B 110 -33.31 26.23 25.22
C ASP B 110 -31.96 25.53 25.12
N LEU B 111 -32.00 24.27 24.73
CA LEU B 111 -30.82 23.42 24.67
C LEU B 111 -30.84 22.63 23.37
N GLU B 112 -29.69 22.57 22.70
CA GLU B 112 -29.55 21.84 21.45
C GLU B 112 -28.68 20.60 21.68
N ILE B 113 -28.99 19.53 20.95
CA ILE B 113 -28.16 18.34 20.93
C ILE B 113 -27.90 18.01 19.46
N GLN B 114 -26.66 18.20 19.02
CA GLN B 114 -26.31 17.92 17.64
C GLN B 114 -26.24 16.43 17.41
N SER B 115 -26.50 16.02 16.17
CA SER B 115 -26.56 14.60 15.87
C SER B 115 -25.21 13.90 15.93
N LYS B 116 -24.12 14.66 15.99
CA LYS B 116 -22.81 14.01 15.96
C LYS B 116 -22.49 13.29 17.27
N ASP B 117 -23.03 13.77 18.39
CA ASP B 117 -22.65 13.21 19.67
C ASP B 117 -23.54 12.01 20.04
N LYS B 118 -23.11 11.28 21.07
CA LYS B 118 -23.88 10.14 21.54
C LYS B 118 -25.19 10.59 22.18
N SER B 119 -25.17 11.78 22.79
CA SER B 119 -26.35 12.23 23.53
C SER B 119 -27.57 12.33 22.65
N TYR B 120 -27.39 12.59 21.36
CA TYR B 120 -28.52 12.65 20.44
C TYR B 120 -29.28 11.32 20.45
N ALA B 121 -28.58 10.24 20.13
CA ALA B 121 -29.23 8.93 20.08
C ALA B 121 -29.75 8.53 21.45
N TRP B 122 -28.95 8.79 22.49
CA TRP B 122 -29.37 8.39 23.84
C TRP B 122 -30.67 9.08 24.21
N PHE B 123 -30.75 10.38 23.96
CA PHE B 123 -31.94 11.14 24.34
C PHE B 123 -33.13 10.72 23.52
N LEU B 124 -32.94 10.45 22.23
CA LEU B 124 -34.08 10.01 21.43
C LEU B 124 -34.61 8.67 21.93
N THR B 125 -33.71 7.73 22.20
CA THR B 125 -34.13 6.45 22.75
C THR B 125 -34.86 6.65 24.07
N TRP B 126 -34.34 7.55 24.90
CA TRP B 126 -34.95 7.80 26.20
C TRP B 126 -36.37 8.35 26.04
N MET B 127 -36.54 9.36 25.19
CA MET B 127 -37.83 10.02 25.14
C MET B 127 -38.85 9.10 24.47
N ALA B 128 -38.39 8.22 23.58
CA ALA B 128 -39.29 7.23 23.01
C ALA B 128 -39.95 6.40 24.09
N LYS B 129 -39.29 6.22 25.23
CA LYS B 129 -39.83 5.45 26.34
C LYS B 129 -40.53 6.31 27.39
N HIS B 130 -40.61 7.62 27.19
CA HIS B 130 -41.29 8.45 28.17
C HIS B 130 -42.80 8.28 28.05
N PRO B 131 -43.51 7.89 29.11
CA PRO B 131 -44.96 7.74 28.96
C PRO B 131 -45.69 9.06 28.81
N GLN B 132 -45.32 10.07 29.59
CA GLN B 132 -46.04 11.34 29.61
C GLN B 132 -45.48 12.23 28.50
N ARG B 133 -46.05 12.07 27.32
CA ARG B 133 -45.68 12.90 26.17
C ARG B 133 -46.76 12.79 25.12
N VAL B 134 -46.74 13.75 24.19
CA VAL B 134 -47.57 13.72 23.00
C VAL B 134 -46.67 13.97 21.81
N SER B 135 -46.80 13.13 20.79
CA SER B 135 -45.91 13.18 19.62
C SER B 135 -46.73 12.81 18.39
N ARG B 136 -47.16 13.83 17.64
CA ARG B 136 -47.87 13.56 16.40
C ARG B 136 -46.96 12.92 15.37
N HIS B 137 -45.69 13.33 15.35
CA HIS B 137 -44.73 12.84 14.36
C HIS B 137 -43.94 11.67 14.92
N LEU B 138 -43.53 10.78 14.01
CA LEU B 138 -42.77 9.59 14.37
C LEU B 138 -41.85 9.24 13.23
N SER B 139 -40.89 8.35 13.50
CA SER B 139 -40.05 7.82 12.45
C SER B 139 -39.50 6.48 12.92
N VAL B 140 -39.17 5.62 11.97
CA VAL B 140 -38.75 4.25 12.26
C VAL B 140 -37.24 4.19 12.31
N ARG B 141 -36.71 3.41 13.25
CA ARG B 141 -35.32 3.03 13.28
C ARG B 141 -35.26 1.51 13.39
N THR B 142 -34.56 0.88 12.45
CA THR B 142 -34.55 -0.57 12.34
C THR B 142 -33.16 -1.09 12.67
N ASN B 143 -33.11 -2.16 13.46
CA ASN B 143 -31.88 -2.87 13.76
C ASN B 143 -31.88 -4.16 12.94
N TYR B 144 -30.86 -4.33 12.10
CA TYR B 144 -30.82 -5.41 11.12
C TYR B 144 -29.42 -6.01 11.12
N ILE B 145 -29.27 -7.16 11.77
CA ILE B 145 -28.02 -7.91 11.80
C ILE B 145 -28.31 -9.28 11.23
N GLN B 146 -27.64 -9.63 10.13
CA GLN B 146 -27.84 -10.91 9.46
C GLN B 146 -26.89 -11.92 10.07
N HIS B 147 -27.43 -12.90 10.79
CA HIS B 147 -26.60 -13.93 11.39
C HIS B 147 -25.94 -14.76 10.31
N ASP B 148 -24.75 -15.28 10.61
CA ASP B 148 -23.98 -16.03 9.63
C ASP B 148 -24.69 -17.31 9.22
N ASN B 149 -25.36 -17.98 10.15
CA ASN B 149 -25.97 -19.28 9.85
C ASN B 149 -27.13 -19.18 8.88
N GLY B 150 -27.63 -17.98 8.59
CA GLY B 150 -28.79 -17.78 7.76
C GLY B 150 -29.96 -17.14 8.49
N SER B 151 -30.02 -17.26 9.81
CA SER B 151 -31.04 -16.56 10.56
C SER B 151 -30.77 -15.06 10.50
N VAL B 152 -31.74 -14.28 10.98
CA VAL B 152 -31.71 -12.84 10.84
C VAL B 152 -32.39 -12.21 12.04
N SER B 153 -31.97 -10.99 12.36
CA SER B 153 -32.51 -10.23 13.49
C SER B 153 -33.11 -8.93 12.98
N THR B 154 -34.32 -8.63 13.46
CA THR B 154 -35.04 -7.44 13.07
C THR B 154 -35.72 -6.85 14.30
N LYS B 155 -35.76 -5.52 14.37
CA LYS B 155 -36.34 -4.85 15.52
C LYS B 155 -36.64 -3.40 15.13
N PHE B 156 -37.86 -2.96 15.43
CA PHE B 156 -38.31 -1.61 15.12
C PHE B 156 -38.37 -0.78 16.38
N SER B 157 -38.30 0.53 16.17
CA SER B 157 -38.42 1.48 17.28
C SER B 157 -38.86 2.80 16.69
N LEU B 158 -40.11 3.18 16.93
CA LEU B 158 -40.69 4.38 16.34
C LEU B 158 -40.26 5.58 17.15
N VAL B 159 -39.16 6.21 16.75
CA VAL B 159 -38.65 7.39 17.42
C VAL B 159 -39.49 8.59 16.99
N PRO B 160 -39.45 9.70 17.72
CA PRO B 160 -40.34 10.83 17.40
C PRO B 160 -40.11 11.41 16.00
N GLY B 161 -38.88 11.42 15.52
CA GLY B 161 -38.62 11.95 14.20
C GLY B 161 -38.84 13.44 14.12
N PRO B 162 -38.72 14.00 12.92
CA PRO B 162 -38.85 15.46 12.76
C PRO B 162 -40.24 15.93 13.14
N GLY B 163 -40.31 17.18 13.60
CA GLY B 163 -41.53 17.83 14.00
C GLY B 163 -41.35 18.49 15.35
N ASN B 164 -42.47 18.65 16.06
CA ASN B 164 -42.49 19.21 17.40
C ASN B 164 -43.22 18.26 18.33
N HIS B 165 -42.75 18.20 19.57
CA HIS B 165 -43.34 17.33 20.58
C HIS B 165 -43.37 18.07 21.91
N TRP B 166 -44.27 17.62 22.78
CA TRP B 166 -44.40 18.14 24.13
C TRP B 166 -44.17 17.01 25.12
N ILE B 167 -43.43 17.32 26.18
CA ILE B 167 -43.14 16.37 27.25
C ILE B 167 -43.24 17.10 28.57
N ARG B 168 -43.91 16.48 29.54
CA ARG B 168 -43.96 16.96 30.90
C ARG B 168 -43.15 16.01 31.77
N TYR B 169 -42.11 16.52 32.41
CA TYR B 169 -41.16 15.71 33.16
C TYR B 169 -41.10 16.23 34.59
N LYS B 170 -41.64 15.44 35.52
CA LYS B 170 -41.81 15.79 36.92
C LYS B 170 -42.19 17.24 37.11
N GLY B 171 -43.32 17.63 36.55
CA GLY B 171 -43.93 18.93 36.80
C GLY B 171 -43.60 19.99 35.78
N ALA B 172 -42.55 19.81 34.98
CA ALA B 172 -42.10 20.84 34.05
C ALA B 172 -42.50 20.48 32.63
N PHE B 173 -43.18 21.40 31.96
CA PHE B 173 -43.47 21.27 30.54
C PHE B 173 -42.24 21.64 29.74
N ILE B 174 -41.88 20.79 28.78
CA ILE B 174 -40.78 21.05 27.86
C ILE B 174 -41.28 20.80 26.44
N LEU B 175 -40.97 21.72 25.55
CA LEU B 175 -41.25 21.56 24.13
C LEU B 175 -40.02 20.99 23.46
N ILE B 176 -40.20 19.96 22.66
CA ILE B 176 -39.10 19.28 21.98
C ILE B 176 -39.30 19.46 20.48
N LYS B 177 -38.29 20.01 19.83
CA LYS B 177 -38.33 20.30 18.41
C LYS B 177 -37.14 19.64 17.74
N ARG B 178 -37.42 18.76 16.79
CA ARG B 178 -36.40 18.04 16.04
C ARG B 178 -36.44 18.48 14.59
N GLU B 179 -35.27 18.69 14.01
CA GLU B 179 -35.17 19.19 12.64
C GLU B 179 -33.90 18.62 12.03
N ARG B 180 -33.95 18.36 10.73
CA ARG B 180 -32.79 17.95 9.96
C ARG B 180 -32.47 19.00 8.90
N SER B 181 -31.18 19.25 8.70
CA SER B 181 -30.78 20.23 7.72
C SER B 181 -31.12 19.75 6.32
N ALA B 182 -31.45 20.69 5.45
CA ALA B 182 -31.73 20.39 4.05
C ALA B 182 -30.51 20.59 3.16
N LYS B 183 -29.32 20.81 3.73
CA LYS B 183 -28.13 21.05 2.92
C LYS B 183 -26.89 20.31 3.40
N MET B 184 -26.82 19.91 4.67
CA MET B 184 -25.66 19.16 5.17
C MET B 184 -25.87 17.68 4.95
N ILE B 185 -24.77 16.96 4.77
CA ILE B 185 -24.73 15.51 4.87
C ILE B 185 -23.54 15.13 5.74
N ASP B 186 -23.78 14.30 6.74
CA ASP B 186 -22.69 13.87 7.62
C ASP B 186 -21.89 12.77 6.95
N ILE B 187 -20.60 13.00 6.76
CA ILE B 187 -19.76 12.02 6.09
C ILE B 187 -19.68 10.74 6.92
N ALA B 188 -19.51 10.89 8.23
CA ALA B 188 -19.38 9.71 9.08
C ALA B 188 -20.66 8.89 9.09
N ASN B 189 -21.75 9.48 9.54
CA ASN B 189 -23.03 8.78 9.61
C ASN B 189 -23.66 8.58 8.24
N GLY B 190 -23.18 9.26 7.20
CA GLY B 190 -23.78 9.13 5.89
C GLY B 190 -25.24 9.51 5.87
N SER B 191 -25.60 10.59 6.57
CA SER B 191 -26.99 10.99 6.70
C SER B 191 -27.02 12.50 6.96
N PRO B 192 -28.14 13.16 6.68
CA PRO B 192 -28.20 14.60 6.91
C PRO B 192 -28.07 14.92 8.39
N PHE B 193 -27.46 16.07 8.68
CA PHE B 193 -27.32 16.50 10.07
C PHE B 193 -28.69 16.77 10.67
N GLU B 194 -28.80 16.49 11.97
CA GLU B 194 -30.02 16.74 12.71
C GLU B 194 -29.67 17.32 14.07
N THR B 195 -30.62 18.03 14.65
CA THR B 195 -30.49 18.59 15.99
C THR B 195 -31.81 18.47 16.70
N VAL B 196 -31.74 18.37 18.03
CA VAL B 196 -32.91 18.31 18.89
C VAL B 196 -32.86 19.52 19.82
N THR B 197 -33.91 20.33 19.78
CA THR B 197 -33.96 21.58 20.52
C THR B 197 -34.97 21.45 21.65
N LEU B 198 -34.49 21.46 22.88
CA LEU B 198 -35.37 21.52 24.04
C LEU B 198 -35.61 22.98 24.38
N THR B 199 -36.68 23.24 25.10
CA THR B 199 -36.93 24.60 25.56
C THR B 199 -37.95 24.61 26.68
N THR B 200 -37.71 25.47 27.67
CA THR B 200 -38.60 25.61 28.81
C THR B 200 -38.21 26.89 29.54
N LEU B 201 -39.05 27.27 30.50
CA LEU B 201 -38.85 28.52 31.21
C LEU B 201 -37.58 28.47 32.04
N TYR B 202 -36.99 29.65 32.26
CA TYR B 202 -35.73 29.74 32.99
C TYR B 202 -35.91 29.28 34.43
N ARG B 203 -37.07 29.53 35.02
CA ARG B 203 -37.25 29.37 36.46
C ARG B 203 -37.11 27.92 36.90
N ASP B 204 -37.11 26.97 35.98
CA ASP B 204 -36.89 25.57 36.33
C ASP B 204 -35.49 25.38 36.91
N LYS B 205 -35.20 24.16 37.35
CA LYS B 205 -33.91 23.75 37.91
C LYS B 205 -32.84 23.59 36.83
N HIS B 206 -33.05 24.06 35.61
CA HIS B 206 -32.31 23.56 34.46
C HIS B 206 -32.37 22.04 34.47
N LEU B 207 -33.59 21.55 34.35
CA LEU B 207 -33.88 20.12 34.45
C LEU B 207 -33.29 19.34 33.29
N PHE B 208 -32.78 20.02 32.26
CA PHE B 208 -32.13 19.35 31.15
C PHE B 208 -31.06 18.40 31.66
N ASP B 209 -30.33 18.80 32.69
CA ASP B 209 -29.35 17.90 33.30
C ASP B 209 -30.02 16.61 33.76
N ASP B 210 -31.16 16.74 34.43
CA ASP B 210 -31.85 15.55 34.93
C ASP B 210 -32.29 14.65 33.78
N ILE B 211 -32.97 15.24 32.79
CA ILE B 211 -33.46 14.45 31.65
C ILE B 211 -32.30 13.75 30.96
N LEU B 212 -31.22 14.49 30.73
CA LEU B 212 -30.16 13.98 29.89
C LEU B 212 -29.36 12.91 30.64
N ASN B 213 -29.18 13.09 31.95
CA ASN B 213 -28.58 12.04 32.76
C ASN B 213 -29.44 10.79 32.76
N GLU B 214 -30.75 10.96 32.87
CA GLU B 214 -31.65 9.81 32.78
C GLU B 214 -31.45 9.09 31.47
N ALA B 215 -31.34 9.85 30.37
CA ALA B 215 -31.08 9.24 29.08
C ALA B 215 -29.74 8.53 29.05
N LYS B 216 -28.76 9.02 29.82
CA LYS B 216 -27.46 8.38 29.85
C LYS B 216 -27.55 6.98 30.43
N ASP B 217 -28.13 6.85 31.62
CA ASP B 217 -28.11 5.58 32.33
C ASP B 217 -28.88 4.51 31.57
N ILE B 218 -30.03 4.87 31.02
CA ILE B 218 -30.86 3.88 30.32
C ILE B 218 -30.10 3.29 29.16
N ALA B 219 -29.32 4.12 28.47
CA ALA B 219 -28.50 3.60 27.37
C ALA B 219 -27.41 2.66 27.89
N LEU B 220 -26.80 2.99 29.03
CA LEU B 220 -25.71 2.21 29.60
C LEU B 220 -26.19 1.27 30.69
N LYS B 221 -27.43 0.77 30.58
CA LYS B 221 -27.94 -0.20 31.54
C LYS B 221 -27.17 -1.52 31.49
N THR B 222 -26.37 -1.76 30.47
CA THR B 222 -25.73 -3.06 30.30
C THR B 222 -24.80 -3.38 31.46
N THR B 223 -23.98 -2.41 31.88
CA THR B 223 -23.03 -2.61 32.99
C THR B 223 -22.11 -3.79 32.71
N GLU B 224 -21.29 -3.62 31.67
CA GLU B 224 -20.55 -4.70 31.05
C GLU B 224 -19.10 -4.79 31.54
N GLY B 225 -18.88 -4.56 32.83
CA GLY B 225 -17.54 -4.70 33.38
C GLY B 225 -17.00 -6.13 33.24
N LYS B 226 -15.90 -6.27 32.53
CA LYS B 226 -15.24 -7.55 32.29
C LYS B 226 -13.78 -7.45 32.76
N THR B 227 -13.00 -8.49 32.46
CA THR B 227 -11.58 -8.56 32.79
C THR B 227 -10.85 -9.03 31.55
N VAL B 228 -10.31 -8.10 30.79
CA VAL B 228 -9.59 -8.47 29.57
C VAL B 228 -8.29 -9.16 29.95
N ILE B 229 -7.83 -10.04 29.06
CA ILE B 229 -6.54 -10.70 29.20
C ILE B 229 -5.76 -10.40 27.93
N TYR B 230 -4.69 -9.63 28.06
CA TYR B 230 -3.83 -9.34 26.93
C TYR B 230 -2.76 -10.42 26.78
N THR B 231 -2.05 -10.39 25.67
CA THR B 231 -0.98 -11.33 25.42
C THR B 231 0.01 -10.70 24.45
N SER B 232 1.27 -11.09 24.59
CA SER B 232 2.34 -10.52 23.79
C SER B 232 2.22 -10.99 22.34
N PHE B 233 2.39 -10.05 21.41
CA PHE B 233 2.58 -10.37 19.99
C PHE B 233 3.74 -9.51 19.53
N GLY B 234 4.88 -10.13 19.28
CA GLY B 234 6.08 -9.38 18.97
C GLY B 234 6.41 -8.43 20.10
N PRO B 235 6.65 -7.15 19.79
CA PRO B 235 6.90 -6.18 20.86
C PRO B 235 5.65 -5.49 21.38
N GLU B 236 4.46 -5.97 21.05
CA GLU B 236 3.21 -5.30 21.39
C GLU B 236 2.23 -6.31 21.97
N TRP B 237 1.27 -5.78 22.73
CA TRP B 237 0.25 -6.59 23.36
C TRP B 237 -0.98 -6.69 22.46
N ARG B 238 -1.74 -7.76 22.64
CA ARG B 238 -2.90 -8.05 21.82
C ARG B 238 -3.97 -8.67 22.70
N LYS B 239 -5.22 -8.23 22.53
CA LYS B 239 -6.33 -8.79 23.26
C LYS B 239 -6.53 -10.25 22.87
N PHE B 240 -6.68 -11.11 23.87
CA PHE B 240 -6.80 -12.55 23.67
C PHE B 240 -8.22 -12.98 23.98
N GLY B 241 -8.98 -13.30 22.93
CA GLY B 241 -10.33 -13.76 23.12
C GLY B 241 -11.25 -12.66 23.62
N GLN B 242 -12.50 -13.04 23.85
CA GLN B 242 -13.48 -12.07 24.31
C GLN B 242 -13.17 -11.67 25.75
N PRO B 243 -13.60 -10.49 26.18
CA PRO B 243 -13.40 -10.12 27.59
C PRO B 243 -14.12 -11.08 28.52
N LYS B 244 -13.36 -11.83 29.31
CA LYS B 244 -13.95 -12.85 30.15
C LYS B 244 -14.78 -12.22 31.25
N ALA B 245 -15.83 -12.95 31.67
CA ALA B 245 -16.67 -12.46 32.76
C ALA B 245 -15.88 -12.41 34.05
N LYS B 246 -16.21 -11.43 34.89
CA LYS B 246 -15.51 -11.27 36.15
C LYS B 246 -15.66 -12.52 37.01
N ARG B 247 -14.57 -12.87 37.70
CA ARG B 247 -14.57 -13.98 38.67
C ARG B 247 -14.16 -13.40 40.02
N MET B 248 -15.05 -13.50 40.99
CA MET B 248 -14.83 -12.85 42.28
C MET B 248 -13.81 -13.62 43.11
N LEU B 249 -13.31 -12.94 44.15
CA LEU B 249 -12.22 -13.51 44.95
C LEU B 249 -12.58 -14.81 45.65
N PRO B 250 -13.73 -14.93 46.33
CA PRO B 250 -14.01 -16.18 47.08
C PRO B 250 -14.10 -17.41 46.19
N SER B 251 -14.24 -17.25 44.86
CA SER B 251 -14.34 -18.40 43.98
C SER B 251 -13.11 -19.30 44.07
N VAL B 252 -11.96 -18.74 44.42
CA VAL B 252 -10.71 -19.48 44.54
C VAL B 252 -10.37 -19.62 46.02
N ILE B 253 -9.92 -20.81 46.41
CA ILE B 253 -9.64 -21.11 47.80
C ILE B 253 -8.13 -21.20 47.97
N LEU B 254 -7.61 -20.51 48.99
CA LEU B 254 -6.21 -20.54 49.35
C LEU B 254 -6.08 -20.72 50.86
N ASP B 255 -4.86 -20.97 51.31
CA ASP B 255 -4.63 -21.17 52.74
C ASP B 255 -4.92 -19.89 53.51
N SER B 256 -5.15 -20.05 54.81
CA SER B 256 -5.49 -18.93 55.67
C SER B 256 -4.36 -17.91 55.68
N GLY B 257 -4.74 -16.63 55.67
CA GLY B 257 -3.77 -15.56 55.79
C GLY B 257 -3.16 -15.13 54.48
N ILE B 258 -2.88 -16.09 53.59
CA ILE B 258 -2.13 -15.80 52.37
C ILE B 258 -2.92 -14.83 51.51
N LYS B 259 -4.18 -15.17 51.26
CA LYS B 259 -5.03 -14.37 50.39
C LYS B 259 -5.16 -12.96 50.95
N GLU B 260 -5.79 -12.84 52.13
CA GLU B 260 -6.01 -11.53 52.73
C GLU B 260 -4.72 -10.78 52.94
N GLY B 261 -3.64 -11.51 53.23
CA GLY B 261 -2.34 -10.86 53.34
C GLY B 261 -1.96 -10.16 52.05
N ILE B 262 -2.09 -10.86 50.93
CA ILE B 262 -1.77 -10.26 49.64
C ILE B 262 -2.71 -9.09 49.37
N LEU B 263 -3.99 -9.25 49.68
CA LEU B 263 -4.96 -8.19 49.44
C LEU B 263 -4.58 -6.92 50.17
N ASP B 264 -4.33 -7.01 51.48
CA ASP B 264 -4.00 -5.82 52.24
C ASP B 264 -2.66 -5.24 51.77
N ASP B 265 -1.72 -6.12 51.41
CA ASP B 265 -0.44 -5.64 50.89
C ASP B 265 -0.65 -4.77 49.66
N VAL B 266 -1.38 -5.27 48.68
CA VAL B 266 -1.54 -4.51 47.44
C VAL B 266 -2.38 -3.27 47.68
N TYR B 267 -3.39 -3.36 48.55
CA TYR B 267 -4.20 -2.19 48.84
C TYR B 267 -3.36 -1.10 49.48
N ASP B 268 -2.51 -1.47 50.43
CA ASP B 268 -1.61 -0.50 51.05
C ASP B 268 -0.69 0.11 50.02
N PHE B 269 -0.18 -0.71 49.10
CA PHE B 269 0.71 -0.19 48.08
C PHE B 269 0.02 0.86 47.23
N MET B 270 -1.14 0.52 46.68
CA MET B 270 -1.80 1.46 45.77
C MET B 270 -2.21 2.71 46.52
N LYS B 271 -2.74 2.56 47.73
CA LYS B 271 -3.18 3.72 48.50
C LYS B 271 -2.01 4.60 48.86
N ASN B 272 -0.89 4.01 49.26
CA ASN B 272 0.28 4.75 49.70
C ASN B 272 1.12 5.20 48.50
N GLY B 273 0.50 5.90 47.55
CA GLY B 273 1.18 6.25 46.32
C GLY B 273 2.09 7.46 46.45
N LYS B 274 1.57 8.55 47.00
CA LYS B 274 2.35 9.78 47.12
C LYS B 274 3.62 9.54 47.94
N TRP B 275 3.57 8.60 48.88
CA TRP B 275 4.75 8.24 49.64
C TRP B 275 5.91 7.88 48.72
N TYR B 276 5.65 7.00 47.76
CA TYR B 276 6.72 6.58 46.85
C TYR B 276 7.21 7.75 46.00
N SER B 277 6.28 8.58 45.51
CA SER B 277 6.65 9.64 44.58
C SER B 277 7.56 10.66 45.24
N ASP B 278 7.17 11.14 46.42
CA ASP B 278 7.92 12.21 47.06
C ASP B 278 9.30 11.76 47.48
N ARG B 279 9.42 10.53 47.98
CA ARG B 279 10.65 10.04 48.57
C ARG B 279 11.54 9.29 47.58
N GLY B 280 11.44 9.61 46.29
CA GLY B 280 12.42 9.18 45.31
C GLY B 280 12.55 7.68 45.12
N ILE B 281 11.43 7.01 44.84
CA ILE B 281 11.45 5.58 44.54
C ILE B 281 10.47 5.38 43.38
N PRO B 282 10.80 4.57 42.36
CA PRO B 282 9.99 4.59 41.13
C PRO B 282 8.61 3.95 41.25
N TYR B 283 8.19 3.59 42.45
CA TYR B 283 6.80 3.18 42.69
C TYR B 283 6.43 1.94 41.88
N ARG B 284 7.15 0.85 42.15
CA ARG B 284 6.88 -0.44 41.55
C ARG B 284 6.77 -1.48 42.65
N ARG B 285 5.96 -2.50 42.40
CA ARG B 285 5.72 -3.56 43.37
C ARG B 285 5.91 -4.91 42.70
N GLY B 286 6.38 -5.88 43.47
CA GLY B 286 6.59 -7.22 42.97
C GLY B 286 6.19 -8.28 43.96
N TYR B 287 5.29 -9.16 43.57
CA TYR B 287 4.78 -10.23 44.43
C TYR B 287 5.12 -11.58 43.82
N LEU B 288 5.74 -12.44 44.61
CA LEU B 288 6.10 -13.77 44.17
C LEU B 288 5.20 -14.81 44.84
N LEU B 289 4.62 -15.68 44.04
CA LEU B 289 3.79 -16.78 44.51
C LEU B 289 4.44 -18.07 44.04
N TYR B 290 5.21 -18.69 44.93
CA TYR B 290 5.99 -19.88 44.60
C TYR B 290 5.46 -21.06 45.39
N GLY B 291 5.47 -22.23 44.77
CA GLY B 291 5.03 -23.45 45.40
C GLY B 291 4.80 -24.55 44.39
N PRO B 292 4.46 -25.74 44.85
CA PRO B 292 4.23 -26.84 43.92
C PRO B 292 3.09 -26.52 42.98
N PRO B 293 3.13 -27.04 41.75
CA PRO B 293 2.09 -26.67 40.78
C PRO B 293 0.72 -27.22 41.14
N GLY B 294 -0.27 -26.96 40.30
CA GLY B 294 -1.61 -27.45 40.56
C GLY B 294 -2.26 -26.81 41.77
N SER B 295 -1.85 -25.60 42.12
CA SER B 295 -2.41 -24.85 43.23
C SER B 295 -3.29 -23.70 42.80
N GLY B 296 -3.52 -23.53 41.51
CA GLY B 296 -4.37 -22.44 41.03
C GLY B 296 -3.81 -21.06 41.30
N LYS B 297 -2.49 -20.90 41.23
CA LYS B 297 -1.90 -19.57 41.43
C LYS B 297 -2.42 -18.62 40.37
N THR B 298 -2.42 -19.05 39.11
CA THR B 298 -2.87 -18.18 38.03
C THR B 298 -4.33 -17.81 38.21
N SER B 299 -5.14 -18.77 38.63
CA SER B 299 -6.55 -18.49 38.89
C SER B 299 -6.70 -17.42 39.97
N PHE B 300 -5.89 -17.52 41.02
CA PHE B 300 -5.95 -16.52 42.07
C PHE B 300 -5.55 -15.15 41.55
N ILE B 301 -4.52 -15.09 40.71
CA ILE B 301 -4.11 -13.82 40.14
C ILE B 301 -5.24 -13.23 39.32
N GLN B 302 -5.89 -14.06 38.52
CA GLN B 302 -7.02 -13.58 37.72
C GLN B 302 -8.13 -13.05 38.60
N ALA B 303 -8.44 -13.78 39.67
CA ALA B 303 -9.49 -13.33 40.58
C ALA B 303 -9.13 -12.00 41.22
N LEU B 304 -7.88 -11.86 41.64
CA LEU B 304 -7.44 -10.62 42.26
C LEU B 304 -7.52 -9.45 41.30
N ALA B 305 -7.07 -9.68 40.06
CA ALA B 305 -7.12 -8.60 39.07
C ALA B 305 -8.55 -8.19 38.78
N GLY B 306 -9.45 -9.18 38.65
CA GLY B 306 -10.85 -8.86 38.47
C GLY B 306 -11.41 -8.07 39.65
N GLU B 307 -11.01 -8.45 40.86
CA GLU B 307 -11.47 -7.74 42.04
C GLU B 307 -11.00 -6.29 42.04
N LEU B 308 -9.75 -6.07 41.66
CA LEU B 308 -9.18 -4.73 41.68
C LEU B 308 -9.59 -3.91 40.47
N ASP B 309 -10.37 -4.47 39.56
CA ASP B 309 -10.66 -3.84 38.28
C ASP B 309 -9.33 -3.50 37.59
N TYR B 310 -8.66 -4.54 37.13
CA TYR B 310 -7.41 -4.41 36.39
C TYR B 310 -7.37 -5.52 35.35
N ASN B 311 -6.96 -5.15 34.14
CA ASN B 311 -6.72 -6.17 33.13
C ASN B 311 -5.49 -6.98 33.51
N ILE B 312 -5.32 -8.10 32.81
CA ILE B 312 -4.22 -9.02 33.05
C ILE B 312 -3.41 -9.09 31.76
N CYS B 313 -2.08 -9.06 31.90
CA CYS B 313 -1.16 -9.18 30.78
C CYS B 313 -0.29 -10.40 31.03
N ILE B 314 -0.78 -11.56 30.61
CA ILE B 314 0.00 -12.79 30.78
C ILE B 314 1.25 -12.70 29.95
N LEU B 315 2.33 -13.29 30.47
CA LEU B 315 3.56 -13.43 29.69
C LEU B 315 4.34 -14.59 30.29
N ASN B 316 4.28 -15.74 29.62
CA ASN B 316 4.96 -16.93 30.10
C ASN B 316 6.37 -16.96 29.53
N LEU B 317 7.36 -16.90 30.41
CA LEU B 317 8.74 -17.02 29.96
C LEU B 317 9.06 -18.45 29.54
N SER B 318 8.28 -19.41 30.00
CA SER B 318 8.54 -20.80 29.64
C SER B 318 7.99 -21.11 28.25
N GLU B 319 8.81 -21.77 27.45
CA GLU B 319 8.44 -22.18 26.09
C GLU B 319 7.94 -21.00 25.28
N ASN B 320 8.62 -19.86 25.39
CA ASN B 320 8.28 -18.66 24.63
C ASN B 320 9.58 -17.98 24.24
N ASN B 321 9.76 -17.79 22.93
CA ASN B 321 11.00 -17.20 22.39
C ASN B 321 11.00 -15.70 22.71
N LEU B 322 11.65 -15.36 23.81
CA LEU B 322 11.74 -13.99 24.29
C LEU B 322 13.17 -13.51 24.23
N THR B 323 13.37 -12.37 23.58
CA THR B 323 14.65 -11.67 23.59
C THR B 323 14.55 -10.53 24.59
N ASP B 324 15.47 -10.52 25.56
CA ASP B 324 15.46 -9.60 26.69
C ASP B 324 15.09 -8.17 26.31
N ASP B 325 15.60 -7.69 25.18
CA ASP B 325 15.17 -6.39 24.68
C ASP B 325 13.66 -6.37 24.45
N ARG B 326 13.15 -7.38 23.75
CA ARG B 326 11.72 -7.44 23.51
C ARG B 326 10.95 -7.60 24.80
N LEU B 327 11.50 -8.36 25.74
CA LEU B 327 10.84 -8.52 27.03
C LEU B 327 10.71 -7.18 27.73
N ASN B 328 11.80 -6.41 27.77
CA ASN B 328 11.77 -5.10 28.41
C ASN B 328 10.77 -4.20 27.72
N HIS B 329 10.75 -4.21 26.39
CA HIS B 329 9.81 -3.38 25.65
C HIS B 329 8.38 -3.74 26.00
N LEU B 330 8.08 -5.03 26.06
CA LEU B 330 6.71 -5.44 26.36
C LEU B 330 6.31 -5.05 27.77
N MET B 331 7.14 -5.38 28.76
CA MET B 331 6.79 -5.06 30.14
C MET B 331 6.66 -3.56 30.37
N ASN B 332 7.35 -2.72 29.59
CA ASN B 332 7.30 -1.29 29.86
C ASN B 332 6.29 -0.53 29.01
N ASN B 333 5.89 -1.07 27.86
CA ASN B 333 4.81 -0.49 27.07
C ASN B 333 3.48 -1.20 27.33
N MET B 334 3.29 -1.71 28.53
CA MET B 334 2.06 -2.41 28.83
C MET B 334 0.89 -1.42 28.83
N PRO B 335 -0.32 -1.85 28.44
CA PRO B 335 -1.47 -0.94 28.52
C PRO B 335 -1.72 -0.53 29.96
N GLU B 336 -2.20 0.70 30.12
CA GLU B 336 -2.53 1.22 31.44
C GLU B 336 -3.58 0.34 32.10
N ARG B 337 -3.64 0.45 33.43
CA ARG B 337 -4.69 -0.21 34.21
C ARG B 337 -4.67 -1.72 33.99
N SER B 338 -3.47 -2.28 33.98
CA SER B 338 -3.28 -3.69 33.69
C SER B 338 -2.20 -4.26 34.59
N ILE B 339 -2.46 -5.43 35.16
CA ILE B 339 -1.48 -6.10 36.00
C ILE B 339 -0.62 -7.00 35.14
N LEU B 340 0.70 -6.93 35.34
CA LEU B 340 1.65 -7.77 34.63
C LEU B 340 1.86 -9.05 35.41
N LEU B 341 1.63 -10.19 34.76
CA LEU B 341 1.79 -11.50 35.39
C LEU B 341 2.84 -12.28 34.60
N LEU B 342 4.03 -12.43 35.17
CA LEU B 342 5.06 -13.29 34.60
C LEU B 342 4.88 -14.70 35.14
N GLU B 343 4.84 -15.67 34.24
CA GLU B 343 4.58 -17.05 34.59
C GLU B 343 5.87 -17.84 34.46
N ASP B 344 6.22 -18.58 35.52
CA ASP B 344 7.37 -19.48 35.52
C ASP B 344 8.66 -18.72 35.21
N ILE B 345 9.02 -17.82 36.13
CA ILE B 345 10.25 -17.05 35.97
C ILE B 345 11.46 -17.96 36.05
N ASP B 346 11.35 -19.08 36.76
CA ASP B 346 12.49 -19.97 36.95
C ASP B 346 13.05 -20.49 35.64
N ALA B 347 12.23 -20.50 34.58
CA ALA B 347 12.71 -20.96 33.27
C ALA B 347 13.94 -20.17 32.84
N ALA B 348 13.89 -18.84 32.97
CA ALA B 348 15.03 -18.01 32.63
C ALA B 348 16.28 -18.43 33.39
N PHE B 349 16.13 -18.57 34.72
CA PHE B 349 17.27 -18.96 35.54
C PHE B 349 17.75 -20.36 35.19
N ASN B 350 16.82 -21.26 34.87
CA ASN B 350 17.21 -22.60 34.43
C ASN B 350 18.02 -22.53 33.15
N LYS B 351 17.58 -21.72 32.19
CA LYS B 351 18.29 -21.62 30.92
C LYS B 351 19.59 -20.84 31.04
N ARG B 352 19.82 -20.13 32.15
CA ARG B 352 21.12 -19.52 32.36
C ARG B 352 22.23 -20.57 32.36
N SER B 353 21.92 -21.78 32.84
CA SER B 353 22.88 -22.88 32.86
C SER B 353 22.53 -24.01 31.92
N GLN B 354 21.30 -24.08 31.42
CA GLN B 354 20.86 -25.19 30.59
C GLN B 354 21.02 -24.90 29.10
N THR B 355 20.39 -23.83 28.61
CA THR B 355 20.40 -23.56 27.17
C THR B 355 21.79 -23.26 26.64
N GLY B 356 22.73 -22.89 27.52
CA GLY B 356 24.09 -22.69 27.06
C GLY B 356 24.70 -23.93 26.43
N GLU B 357 24.20 -25.11 26.81
CA GLU B 357 24.62 -26.37 26.23
C GLU B 357 23.48 -27.18 25.63
N GLN B 358 22.23 -26.82 25.90
CA GLN B 358 21.08 -27.56 25.37
C GLN B 358 20.63 -26.99 24.03
N GLY B 359 20.27 -25.70 24.00
CA GLY B 359 19.84 -25.05 22.78
C GLY B 359 18.34 -24.89 22.70
N PHE B 360 17.69 -24.60 23.83
CA PHE B 360 16.25 -24.37 23.83
C PHE B 360 15.89 -23.10 23.08
N HIS B 361 16.83 -22.17 22.92
CA HIS B 361 16.68 -20.93 22.15
C HIS B 361 15.36 -20.22 22.42
N SER B 362 14.89 -20.28 23.67
CA SER B 362 13.75 -19.50 24.14
C SER B 362 14.02 -19.00 25.55
N SER B 363 15.22 -18.45 25.77
CA SER B 363 15.80 -18.38 27.10
C SER B 363 15.83 -16.98 27.71
N VAL B 364 15.85 -15.91 26.90
CA VAL B 364 15.99 -14.54 27.40
C VAL B 364 17.25 -14.46 28.26
N THR B 365 17.42 -13.39 29.03
CA THR B 365 18.61 -13.20 29.85
C THR B 365 18.22 -12.72 31.23
N PHE B 366 18.88 -13.28 32.25
CA PHE B 366 18.61 -12.87 33.63
C PHE B 366 19.01 -11.42 33.85
N SER B 367 20.17 -11.03 33.34
CA SER B 367 20.59 -9.64 33.46
C SER B 367 19.61 -8.72 32.76
N GLY B 368 19.15 -9.12 31.58
CA GLY B 368 18.10 -8.35 30.91
C GLY B 368 16.84 -8.25 31.74
N LEU B 369 16.49 -9.34 32.42
CA LEU B 369 15.31 -9.31 33.29
C LEU B 369 15.50 -8.31 34.41
N LEU B 370 16.68 -8.28 35.02
CA LEU B 370 16.96 -7.29 36.05
C LEU B 370 16.85 -5.89 35.49
N ASN B 371 17.46 -5.64 34.34
CA ASN B 371 17.31 -4.35 33.69
C ASN B 371 15.86 -4.10 33.31
N ALA B 372 15.19 -5.15 32.80
CA ALA B 372 13.79 -5.04 32.46
C ALA B 372 12.90 -4.90 33.69
N LEU B 373 13.46 -5.13 34.89
CA LEU B 373 12.72 -5.00 36.12
C LEU B 373 12.94 -3.66 36.83
N ASP B 374 14.15 -3.11 36.72
CA ASP B 374 14.55 -2.00 37.59
C ASP B 374 15.22 -0.85 36.84
N GLY B 375 15.87 -1.13 35.71
CA GLY B 375 16.77 -0.17 35.10
C GLY B 375 16.17 1.17 34.77
N VAL B 376 15.28 1.21 33.78
CA VAL B 376 14.58 2.42 33.36
C VAL B 376 13.09 2.16 33.22
N THR B 377 12.57 1.22 33.99
CA THR B 377 11.27 0.63 33.69
C THR B 377 10.13 1.59 34.00
N SER B 378 8.91 1.13 33.74
CA SER B 378 7.74 1.94 33.98
C SER B 378 7.58 2.25 35.46
N SER B 379 6.76 3.25 35.75
CA SER B 379 6.52 3.69 37.12
C SER B 379 5.07 4.02 37.39
N GLU B 380 4.15 3.72 36.48
CA GLU B 380 2.77 4.17 36.61
C GLU B 380 2.01 3.25 37.56
N GLU B 381 2.45 3.19 38.82
CA GLU B 381 1.84 2.29 39.79
C GLU B 381 1.88 0.84 39.30
N THR B 382 2.94 0.49 38.60
CA THR B 382 3.03 -0.83 37.99
C THR B 382 3.15 -1.89 39.06
N ILE B 383 2.31 -2.92 38.96
CA ILE B 383 2.29 -4.03 39.90
C ILE B 383 2.53 -5.31 39.10
N THR B 384 3.44 -6.14 39.58
CA THR B 384 3.86 -7.33 38.86
C THR B 384 3.76 -8.55 39.77
N PHE B 385 3.12 -9.61 39.27
CA PHE B 385 2.97 -10.86 39.98
C PHE B 385 3.77 -11.94 39.26
N MET B 386 4.67 -12.60 39.98
CA MET B 386 5.50 -13.65 39.41
C MET B 386 5.22 -14.96 40.13
N THR B 387 5.31 -16.06 39.39
CA THR B 387 5.03 -17.39 39.90
C THR B 387 6.11 -18.35 39.45
N THR B 388 6.27 -19.41 40.22
CA THR B 388 7.24 -20.45 39.89
C THR B 388 6.90 -21.71 40.66
N ASN B 389 7.50 -22.81 40.22
CA ASN B 389 7.37 -24.09 40.91
C ASN B 389 8.70 -24.63 41.41
N HIS B 390 9.81 -23.93 41.15
CA HIS B 390 11.14 -24.39 41.51
C HIS B 390 11.92 -23.25 42.15
N PRO B 391 11.55 -22.87 43.38
CA PRO B 391 12.28 -21.77 44.04
C PRO B 391 13.74 -22.05 44.25
N GLU B 392 14.12 -23.32 44.43
CA GLU B 392 15.53 -23.65 44.61
C GLU B 392 16.35 -23.19 43.41
N LYS B 393 15.79 -23.31 42.20
CA LYS B 393 16.48 -22.86 41.01
C LYS B 393 16.61 -21.34 40.95
N LEU B 394 15.86 -20.61 41.77
CA LEU B 394 16.04 -19.18 41.88
C LEU B 394 17.22 -18.86 42.79
N ASP B 395 17.78 -17.67 42.61
CA ASP B 395 18.91 -17.20 43.38
C ASP B 395 18.49 -15.98 44.21
N ALA B 396 19.21 -15.76 45.31
CA ALA B 396 18.91 -14.64 46.19
C ALA B 396 19.63 -13.38 45.72
N ALA B 397 19.47 -13.03 44.45
CA ALA B 397 19.96 -11.79 43.89
C ALA B 397 18.84 -10.99 43.23
N ILE B 398 17.94 -11.65 42.51
CA ILE B 398 16.76 -10.99 41.99
C ILE B 398 15.85 -10.55 43.14
N MET B 399 15.91 -11.25 44.26
CA MET B 399 15.11 -10.90 45.43
C MET B 399 15.71 -9.65 46.08
N ARG B 400 15.06 -8.51 45.88
CA ARG B 400 15.45 -7.26 46.51
C ARG B 400 14.23 -6.35 46.56
N PRO B 401 14.23 -5.33 47.40
CA PRO B 401 13.17 -4.33 47.34
C PRO B 401 13.14 -3.69 45.95
N GLY B 402 11.94 -3.46 45.45
CA GLY B 402 11.75 -3.01 44.08
C GLY B 402 11.70 -4.12 43.07
N ARG B 403 11.97 -5.36 43.48
CA ARG B 403 11.79 -6.52 42.59
C ARG B 403 11.64 -7.75 43.48
N ILE B 404 10.41 -8.26 43.57
CA ILE B 404 10.03 -9.27 44.57
C ILE B 404 10.10 -8.63 45.93
N ASP B 405 9.02 -7.97 46.34
CA ASP B 405 8.97 -7.28 47.61
C ASP B 405 8.29 -8.12 48.69
N TYR B 406 7.28 -8.89 48.32
CA TYR B 406 6.48 -9.67 49.26
C TYR B 406 6.18 -11.02 48.63
N LYS B 407 6.86 -12.05 49.12
CA LYS B 407 6.73 -13.41 48.61
C LYS B 407 5.98 -14.26 49.63
N VAL B 408 5.28 -15.27 49.13
CA VAL B 408 4.56 -16.21 49.97
C VAL B 408 4.65 -17.59 49.35
N PHE B 409 4.64 -18.61 50.21
CA PHE B 409 4.62 -19.99 49.76
C PHE B 409 3.19 -20.47 49.61
N VAL B 410 2.96 -21.32 48.61
CA VAL B 410 1.65 -21.89 48.33
C VAL B 410 1.85 -23.39 48.19
N GLY B 411 1.62 -24.13 49.27
CA GLY B 411 1.82 -25.56 49.28
C GLY B 411 0.60 -26.32 48.76
N ASN B 412 0.62 -27.63 49.03
CA ASN B 412 -0.49 -28.47 48.64
C ASN B 412 -1.74 -28.11 49.43
N ALA B 413 -2.84 -28.79 49.10
CA ALA B 413 -4.11 -28.53 49.78
C ALA B 413 -3.99 -28.82 51.26
N THR B 414 -4.53 -27.92 52.07
CA THR B 414 -4.55 -28.04 53.52
C THR B 414 -5.96 -28.36 54.00
N PRO B 415 -6.13 -28.74 55.27
CA PRO B 415 -7.49 -28.97 55.78
C PRO B 415 -8.41 -27.79 55.55
N TYR B 416 -7.92 -26.58 55.84
CA TYR B 416 -8.71 -25.37 55.63
C TYR B 416 -9.23 -25.30 54.20
N GLN B 417 -8.35 -25.55 53.23
CA GLN B 417 -8.72 -25.46 51.83
C GLN B 417 -9.80 -26.47 51.48
N VAL B 418 -9.64 -27.72 51.94
CA VAL B 418 -10.60 -28.75 51.55
C VAL B 418 -11.97 -28.46 52.16
N GLU B 419 -12.01 -28.05 53.43
CA GLU B 419 -13.29 -27.68 54.01
C GLU B 419 -13.94 -26.55 53.22
N LYS B 420 -13.18 -25.47 52.99
CA LYS B 420 -13.77 -24.31 52.33
C LYS B 420 -14.26 -24.64 50.93
N MET B 421 -13.51 -25.45 50.18
CA MET B 421 -13.92 -25.74 48.82
C MET B 421 -15.11 -26.70 48.83
N PHE B 422 -15.16 -27.62 49.79
CA PHE B 422 -16.32 -28.50 49.87
C PHE B 422 -17.58 -27.70 50.16
N MET B 423 -17.48 -26.70 51.04
CA MET B 423 -18.64 -25.83 51.24
C MET B 423 -18.95 -25.02 49.99
N LYS B 424 -17.92 -24.61 49.24
CA LYS B 424 -18.19 -23.88 48.00
C LYS B 424 -18.98 -24.75 47.03
N PHE B 425 -18.60 -26.02 46.90
CA PHE B 425 -19.30 -26.91 45.99
C PHE B 425 -20.63 -27.38 46.55
N TYR B 426 -20.74 -27.52 47.87
CA TYR B 426 -21.95 -28.01 48.53
C TYR B 426 -22.28 -27.10 49.70
N PRO B 427 -22.79 -25.90 49.43
CA PRO B 427 -23.16 -24.99 50.52
C PRO B 427 -24.23 -25.60 51.41
N GLY B 428 -24.08 -25.41 52.72
CA GLY B 428 -25.04 -25.88 53.70
C GLY B 428 -24.91 -27.34 54.07
N GLU B 429 -24.13 -28.12 53.35
CA GLU B 429 -23.98 -29.55 53.64
C GLU B 429 -22.82 -29.75 54.61
N THR B 430 -22.92 -29.11 55.78
CA THR B 430 -21.81 -29.12 56.73
C THR B 430 -21.54 -30.52 57.26
N ASP B 431 -22.59 -31.27 57.59
CA ASP B 431 -22.39 -32.63 58.08
C ASP B 431 -21.74 -33.51 57.02
N ILE B 432 -22.13 -33.31 55.76
CA ILE B 432 -21.51 -34.06 54.68
C ILE B 432 -20.03 -33.73 54.60
N CYS B 433 -19.69 -32.46 54.77
CA CYS B 433 -18.28 -32.08 54.82
C CYS B 433 -17.57 -32.69 56.00
N LYS B 434 -18.28 -32.87 57.12
CA LYS B 434 -17.65 -33.51 58.28
C LYS B 434 -17.32 -34.95 57.96
N LYS B 435 -18.25 -35.67 57.33
CA LYS B 435 -17.94 -37.04 56.92
C LYS B 435 -16.77 -37.04 55.95
N PHE B 436 -16.77 -36.07 55.03
CA PHE B 436 -15.71 -36.00 54.03
C PHE B 436 -14.36 -35.75 54.67
N VAL B 437 -14.29 -34.85 55.64
CA VAL B 437 -13.00 -34.53 56.25
C VAL B 437 -12.54 -35.69 57.12
N ASN B 438 -13.48 -36.40 57.74
CA ASN B 438 -13.10 -37.64 58.40
C ASN B 438 -12.49 -38.62 57.42
N SER B 439 -13.10 -38.73 56.24
CA SER B 439 -12.60 -39.67 55.24
C SER B 439 -11.20 -39.29 54.76
N VAL B 440 -10.98 -38.01 54.49
CA VAL B 440 -9.67 -37.60 53.96
C VAL B 440 -8.61 -37.70 55.05
N LYS B 441 -8.99 -37.44 56.31
CA LYS B 441 -8.07 -37.69 57.41
C LYS B 441 -7.71 -39.17 57.47
N GLU B 442 -8.70 -40.03 57.28
CA GLU B 442 -8.42 -41.47 57.24
C GLU B 442 -7.46 -41.82 56.10
N LEU B 443 -7.67 -41.20 54.94
CA LEU B 443 -6.74 -41.40 53.83
C LEU B 443 -5.35 -40.89 54.18
N ASP B 444 -5.27 -39.69 54.74
CA ASP B 444 -4.02 -39.09 55.20
C ASP B 444 -2.99 -39.05 54.07
N ILE B 445 -3.33 -38.28 53.03
CA ILE B 445 -2.50 -38.18 51.83
C ILE B 445 -2.32 -36.71 51.48
N THR B 446 -1.30 -36.46 50.66
CA THR B 446 -0.99 -35.11 50.17
C THR B 446 -1.54 -34.97 48.76
N VAL B 447 -2.38 -33.95 48.57
CA VAL B 447 -3.05 -33.73 47.29
C VAL B 447 -3.04 -32.23 46.99
N SER B 448 -2.83 -31.89 45.73
CA SER B 448 -2.89 -30.51 45.30
C SER B 448 -4.34 -30.11 45.04
N THR B 449 -4.55 -28.81 44.88
CA THR B 449 -5.90 -28.26 44.78
C THR B 449 -6.62 -28.80 43.54
N ALA B 450 -5.93 -28.84 42.40
CA ALA B 450 -6.60 -29.14 41.14
C ALA B 450 -7.20 -30.54 41.14
N GLN B 451 -6.45 -31.53 41.64
CA GLN B 451 -6.96 -32.90 41.64
C GLN B 451 -8.23 -33.01 42.47
N LEU B 452 -8.24 -32.39 43.65
CA LEU B 452 -9.38 -32.49 44.53
C LEU B 452 -10.61 -31.80 43.94
N GLN B 453 -10.41 -30.82 43.06
CA GLN B 453 -11.55 -30.15 42.43
C GLN B 453 -12.34 -31.12 41.57
N GLY B 454 -11.66 -32.06 40.90
CA GLY B 454 -12.35 -32.92 39.95
C GLY B 454 -13.45 -33.75 40.58
N LEU B 455 -13.32 -34.03 41.88
CA LEU B 455 -14.30 -34.87 42.57
C LEU B 455 -15.69 -34.27 42.48
N PHE B 456 -15.80 -32.96 42.68
CA PHE B 456 -17.09 -32.32 42.88
C PHE B 456 -17.74 -31.90 41.57
N VAL B 457 -16.96 -31.60 40.54
CA VAL B 457 -17.55 -31.24 39.26
C VAL B 457 -18.19 -32.46 38.61
N MET B 458 -17.54 -33.62 38.69
CA MET B 458 -18.15 -34.83 38.15
C MET B 458 -19.28 -35.36 39.01
N ASN B 459 -19.51 -34.76 40.17
CA ASN B 459 -20.62 -35.09 41.05
C ASN B 459 -21.38 -33.82 41.42
N LYS B 460 -21.70 -33.04 40.38
CA LYS B 460 -22.20 -31.66 40.51
C LYS B 460 -23.11 -31.44 41.70
N ASP B 461 -24.14 -32.27 41.83
CA ASP B 461 -25.09 -32.21 42.94
C ASP B 461 -25.21 -33.54 43.67
N ALA B 462 -24.12 -34.30 43.73
CA ALA B 462 -24.10 -35.62 44.38
C ALA B 462 -22.90 -35.71 45.33
N PRO B 463 -22.91 -34.91 46.40
CA PRO B 463 -21.80 -35.01 47.37
C PRO B 463 -21.69 -36.36 48.02
N HIS B 464 -22.81 -37.05 48.23
CA HIS B 464 -22.77 -38.38 48.83
C HIS B 464 -21.91 -39.33 47.99
N ASP B 465 -21.93 -39.18 46.67
CA ASP B 465 -21.11 -40.02 45.83
C ASP B 465 -19.63 -39.68 46.00
N ALA B 466 -19.31 -38.39 46.05
CA ALA B 466 -17.93 -37.99 46.32
C ALA B 466 -17.46 -38.56 47.65
N LEU B 467 -18.35 -38.60 48.63
CA LEU B 467 -18.03 -39.28 49.88
C LEU B 467 -17.78 -40.76 49.64
N LYS B 468 -18.59 -41.38 48.76
CA LYS B 468 -18.41 -42.80 48.49
C LYS B 468 -17.07 -43.08 47.83
N MET B 469 -16.71 -42.30 46.80
CA MET B 469 -15.44 -42.51 46.10
C MET B 469 -14.30 -41.70 46.71
N VAL B 470 -14.15 -41.78 48.03
CA VAL B 470 -12.99 -41.16 48.68
C VAL B 470 -11.76 -42.03 48.51
N SER B 471 -11.93 -43.35 48.44
CA SER B 471 -10.80 -44.26 48.33
C SER B 471 -10.06 -44.04 47.01
N SER B 472 -10.76 -43.57 45.99
CA SER B 472 -10.15 -43.41 44.67
C SER B 472 -9.18 -42.24 44.60
N LEU B 473 -9.05 -41.45 45.68
CA LEU B 473 -8.18 -40.28 45.65
C LEU B 473 -6.74 -40.63 45.37
N ARG B 474 -6.30 -41.86 45.69
CA ARG B 474 -4.95 -42.28 45.34
C ARG B 474 -4.75 -42.27 43.83
N ASN B 475 -5.77 -42.73 43.10
CA ASN B 475 -5.73 -42.76 41.64
C ASN B 475 -6.49 -41.58 41.03
N ALA B 476 -6.49 -40.43 41.72
CA ALA B 476 -7.23 -39.28 41.22
C ALA B 476 -6.62 -38.71 39.94
N ASN B 477 -5.31 -38.92 39.73
CA ASN B 477 -4.63 -38.31 38.60
C ASN B 477 -5.00 -38.97 37.27
N HIS B 478 -5.59 -40.16 37.29
CA HIS B 478 -5.84 -40.93 36.08
C HIS B 478 -7.24 -40.71 35.52
N ILE B 479 -8.27 -40.99 36.32
CA ILE B 479 -9.66 -40.94 35.85
C ILE B 479 -10.46 -39.82 36.50
N PHE B 480 -10.04 -39.30 37.65
CA PHE B 480 -10.81 -38.32 38.40
C PHE B 480 -10.12 -36.95 38.37
N ALA C 99 -26.75 55.98 9.41
CA ALA C 99 -26.18 56.91 10.37
C ALA C 99 -26.07 56.26 11.74
N SER C 100 -27.13 55.56 12.14
CA SER C 100 -27.09 54.83 13.40
C SER C 100 -26.01 53.74 13.37
N ARG C 101 -25.90 53.05 12.23
CA ARG C 101 -24.91 51.98 12.12
C ARG C 101 -23.49 52.50 12.27
N VAL C 102 -23.16 53.58 11.56
CA VAL C 102 -21.81 54.11 11.65
C VAL C 102 -21.58 54.73 13.03
N LEU C 103 -22.63 55.31 13.62
CA LEU C 103 -22.49 55.82 14.99
C LEU C 103 -22.14 54.71 15.96
N TYR C 104 -22.81 53.55 15.83
CA TYR C 104 -22.46 52.41 16.68
C TYR C 104 -21.04 51.96 16.40
N ARG C 105 -20.69 51.79 15.12
CA ARG C 105 -19.36 51.31 14.77
C ARG C 105 -18.28 52.29 15.20
N GLN C 106 -18.62 53.55 15.45
CA GLN C 106 -17.61 54.52 15.85
C GLN C 106 -16.97 54.16 17.19
N MET C 107 -17.66 53.42 18.05
CA MET C 107 -17.19 53.16 19.41
C MET C 107 -17.08 51.70 19.79
N ILE C 108 -17.62 50.77 19.00
CA ILE C 108 -17.63 49.37 19.38
C ILE C 108 -16.45 48.64 18.76
N VAL C 109 -16.10 47.51 19.34
CA VAL C 109 -15.04 46.64 18.85
C VAL C 109 -15.52 45.20 18.95
N ASP C 110 -15.26 44.41 17.92
CA ASP C 110 -15.60 43.00 17.92
C ASP C 110 -14.37 42.17 17.60
N LEU C 111 -14.39 40.93 18.08
CA LEU C 111 -13.24 40.02 17.98
C LEU C 111 -13.76 38.66 17.53
N GLU C 112 -13.67 38.41 16.23
CA GLU C 112 -14.17 37.16 15.68
C GLU C 112 -13.25 36.01 16.07
N ILE C 113 -13.85 34.85 16.32
CA ILE C 113 -13.12 33.63 16.62
C ILE C 113 -13.82 32.50 15.86
N GLN C 114 -13.27 32.12 14.71
CA GLN C 114 -13.80 30.97 14.01
C GLN C 114 -13.46 29.70 14.81
N SER C 115 -13.82 28.55 14.25
CA SER C 115 -13.74 27.27 14.98
C SER C 115 -12.71 26.32 14.38
N LYS C 116 -11.55 26.82 14.00
CA LYS C 116 -10.47 26.01 13.44
C LYS C 116 -9.23 25.98 14.32
N ASP C 117 -9.41 25.89 15.64
CA ASP C 117 -8.30 25.67 16.56
C ASP C 117 -8.86 25.46 17.96
N LYS C 118 -8.08 24.74 18.78
CA LYS C 118 -8.49 24.50 20.16
C LYS C 118 -8.53 25.79 20.97
N SER C 119 -7.72 26.78 20.59
CA SER C 119 -7.84 28.08 21.23
C SER C 119 -9.22 28.67 21.06
N TYR C 120 -9.95 28.21 20.05
CA TYR C 120 -11.30 28.65 19.77
C TYR C 120 -12.35 27.77 20.42
N ALA C 121 -11.94 26.79 21.23
CA ALA C 121 -12.84 26.07 22.12
C ALA C 121 -12.50 26.29 23.59
N TRP C 122 -11.24 26.63 23.89
CA TRP C 122 -10.89 27.03 25.24
C TRP C 122 -11.74 28.19 25.69
N PHE C 123 -12.09 29.09 24.77
CA PHE C 123 -12.97 30.19 25.16
C PHE C 123 -14.32 29.67 25.62
N LEU C 124 -14.90 28.70 24.89
CA LEU C 124 -16.18 28.15 25.31
C LEU C 124 -16.07 27.51 26.69
N THR C 125 -15.02 26.70 26.88
CA THR C 125 -14.86 26.03 28.16
C THR C 125 -14.71 27.05 29.28
N TRP C 126 -13.92 28.10 29.04
CA TRP C 126 -13.75 29.14 30.04
C TRP C 126 -15.07 29.84 30.32
N MET C 127 -15.83 30.15 29.27
CA MET C 127 -17.09 30.85 29.45
C MET C 127 -18.05 30.01 30.28
N ALA C 128 -18.00 28.68 30.12
CA ALA C 128 -18.79 27.83 30.99
C ALA C 128 -18.41 28.05 32.45
N LYS C 129 -17.13 28.26 32.72
CA LYS C 129 -16.68 28.43 34.09
C LYS C 129 -17.01 29.82 34.62
N HIS C 130 -16.91 30.83 33.78
CA HIS C 130 -17.03 32.20 34.25
C HIS C 130 -18.46 32.47 34.72
N PRO C 131 -18.67 32.96 35.96
CA PRO C 131 -20.03 33.32 36.37
C PRO C 131 -20.43 34.68 35.84
N GLN C 132 -21.60 35.18 36.27
CA GLN C 132 -22.06 36.51 35.91
C GLN C 132 -22.24 36.64 34.39
N ARG C 133 -23.15 35.82 33.87
CA ARG C 133 -23.50 35.83 32.45
C ARG C 133 -25.01 35.83 32.33
N VAL C 134 -25.47 35.98 31.09
CA VAL C 134 -26.86 35.72 30.71
C VAL C 134 -26.79 34.79 29.51
N SER C 135 -26.79 33.49 29.77
CA SER C 135 -26.65 32.46 28.74
C SER C 135 -28.00 31.78 28.60
N ARG C 136 -28.84 32.35 27.74
CA ARG C 136 -30.19 31.81 27.57
C ARG C 136 -30.17 30.49 26.83
N HIS C 137 -29.25 30.32 25.90
CA HIS C 137 -29.14 29.12 25.10
C HIS C 137 -27.97 28.27 25.56
N LEU C 138 -28.04 26.97 25.26
CA LEU C 138 -27.05 26.02 25.74
C LEU C 138 -26.88 24.91 24.72
N SER C 139 -25.76 24.22 24.81
CA SER C 139 -25.48 23.07 23.96
C SER C 139 -24.65 22.07 24.74
N VAL C 140 -24.89 20.79 24.51
CA VAL C 140 -24.19 19.73 25.21
C VAL C 140 -23.01 19.25 24.39
N ARG C 141 -21.87 19.08 25.04
CA ARG C 141 -20.70 18.43 24.44
C ARG C 141 -20.40 17.19 25.28
N THR C 142 -20.39 16.04 24.62
CA THR C 142 -20.23 14.76 25.27
C THR C 142 -18.88 14.15 24.91
N ASN C 143 -18.18 13.63 25.92
CA ASN C 143 -16.98 12.84 25.73
C ASN C 143 -17.29 11.41 26.13
N TYR C 144 -17.19 10.48 25.17
CA TYR C 144 -17.58 9.09 25.36
C TYR C 144 -16.38 8.23 24.99
N ILE C 145 -15.80 7.57 25.99
CA ILE C 145 -14.63 6.70 25.80
C ILE C 145 -15.05 5.28 26.11
N GLN C 146 -14.76 4.37 25.19
CA GLN C 146 -15.12 2.96 25.32
C GLN C 146 -13.87 2.21 25.75
N HIS C 147 -13.80 1.86 27.03
CA HIS C 147 -12.70 1.05 27.52
C HIS C 147 -12.79 -0.37 26.97
N ASP C 148 -11.64 -1.01 26.81
CA ASP C 148 -11.62 -2.36 26.26
C ASP C 148 -12.34 -3.34 27.16
N ASN C 149 -12.40 -3.07 28.46
CA ASN C 149 -13.05 -3.99 29.39
C ASN C 149 -14.57 -3.91 29.33
N GLY C 150 -15.14 -3.09 28.46
CA GLY C 150 -16.57 -3.01 28.30
C GLY C 150 -17.16 -1.74 28.88
N SER C 151 -16.65 -1.32 30.03
CA SER C 151 -17.14 -0.10 30.65
C SER C 151 -16.81 1.10 29.76
N VAL C 152 -17.55 2.19 29.98
CA VAL C 152 -17.37 3.43 29.22
C VAL C 152 -17.44 4.60 30.19
N SER C 153 -16.60 5.60 29.95
CA SER C 153 -16.56 6.81 30.76
C SER C 153 -17.22 7.95 29.99
N THR C 154 -18.15 8.64 30.64
CA THR C 154 -18.91 9.71 30.01
C THR C 154 -18.93 10.94 30.91
N LYS C 155 -18.81 12.10 30.28
CA LYS C 155 -18.83 13.37 31.00
C LYS C 155 -19.61 14.36 30.15
N PHE C 156 -20.23 15.32 30.81
CA PHE C 156 -21.37 16.06 30.27
C PHE C 156 -21.24 17.53 30.65
N SER C 157 -21.08 18.37 29.63
CA SER C 157 -20.85 19.79 29.82
C SER C 157 -21.85 20.58 29.00
N LEU C 158 -22.38 21.66 29.59
CA LEU C 158 -23.36 22.52 28.92
C LEU C 158 -22.65 23.80 28.53
N VAL C 159 -22.41 23.96 27.23
CA VAL C 159 -21.71 25.11 26.69
C VAL C 159 -22.74 26.04 26.08
N PRO C 160 -22.40 27.31 25.83
CA PRO C 160 -23.45 28.30 25.47
C PRO C 160 -24.23 27.95 24.21
N GLY C 161 -23.58 27.37 23.21
CA GLY C 161 -24.28 27.03 21.99
C GLY C 161 -24.66 28.27 21.21
N PRO C 162 -25.43 28.10 20.13
CA PRO C 162 -25.81 29.26 19.32
C PRO C 162 -26.61 30.29 20.09
N GLY C 163 -26.93 31.40 19.43
CA GLY C 163 -27.60 32.51 20.08
C GLY C 163 -26.61 33.55 20.57
N ASN C 164 -27.15 34.50 21.31
CA ASN C 164 -26.37 35.64 21.82
C ASN C 164 -26.40 35.63 23.34
N HIS C 165 -25.24 35.79 23.95
CA HIS C 165 -25.07 35.83 25.39
C HIS C 165 -24.45 37.16 25.81
N TRP C 166 -24.36 37.36 27.11
CA TRP C 166 -23.83 38.58 27.69
C TRP C 166 -22.85 38.24 28.80
N ILE C 167 -21.89 39.13 29.01
CA ILE C 167 -20.91 38.98 30.08
C ILE C 167 -20.72 40.33 30.74
N ARG C 168 -20.31 40.31 32.00
CA ARG C 168 -19.90 41.50 32.73
C ARG C 168 -18.53 41.20 33.31
N TYR C 169 -17.49 41.48 32.53
CA TYR C 169 -16.11 41.16 32.90
C TYR C 169 -15.41 42.43 33.36
N LYS C 170 -15.03 42.45 34.64
CA LYS C 170 -14.26 43.55 35.20
C LYS C 170 -14.94 44.89 34.94
N GLY C 171 -16.26 44.91 35.08
CA GLY C 171 -17.04 46.11 34.84
C GLY C 171 -17.28 46.41 33.38
N ALA C 172 -16.79 45.58 32.47
CA ALA C 172 -16.99 45.76 31.03
C ALA C 172 -18.01 44.75 30.53
N PHE C 173 -18.95 45.22 29.73
CA PHE C 173 -20.01 44.38 29.20
C PHE C 173 -19.61 43.86 27.84
N ILE C 174 -19.56 42.53 27.70
CA ILE C 174 -19.15 41.87 26.47
C ILE C 174 -20.31 41.02 25.98
N LEU C 175 -20.70 41.21 24.73
CA LEU C 175 -21.72 40.41 24.08
C LEU C 175 -21.05 39.29 23.31
N ILE C 176 -21.60 38.09 23.44
CA ILE C 176 -21.05 36.90 22.80
C ILE C 176 -22.10 36.38 21.82
N LYS C 177 -21.68 36.16 20.57
CA LYS C 177 -22.58 35.78 19.48
C LYS C 177 -22.05 34.53 18.82
N ARG C 178 -22.50 33.36 19.29
CA ARG C 178 -22.21 32.13 18.58
C ARG C 178 -22.97 32.09 17.28
N GLU C 179 -22.34 31.56 16.24
CA GLU C 179 -22.99 31.40 14.94
C GLU C 179 -22.61 30.05 14.36
N ARG C 180 -23.57 29.40 13.73
CA ARG C 180 -23.39 28.10 13.11
C ARG C 180 -23.52 28.27 11.60
N SER C 181 -22.53 27.80 10.86
CA SER C 181 -22.53 27.97 9.41
C SER C 181 -23.73 27.27 8.81
N ALA C 182 -24.42 27.97 7.91
CA ALA C 182 -25.61 27.42 7.27
C ALA C 182 -25.30 26.60 6.03
N LYS C 183 -24.05 26.59 5.57
CA LYS C 183 -23.65 25.85 4.38
C LYS C 183 -22.45 24.95 4.61
N MET C 184 -21.46 25.41 5.36
CA MET C 184 -20.18 24.71 5.41
C MET C 184 -20.22 23.47 6.31
N ILE C 185 -19.24 22.59 6.10
CA ILE C 185 -18.94 21.48 6.99
C ILE C 185 -17.44 21.40 7.09
N ASP C 186 -16.92 21.29 8.32
CA ASP C 186 -15.50 21.21 8.55
C ASP C 186 -15.04 19.76 8.49
N ILE C 187 -14.16 19.45 7.55
CA ILE C 187 -13.65 18.08 7.44
C ILE C 187 -12.80 17.73 8.65
N ALA C 188 -12.19 18.74 9.28
CA ALA C 188 -11.30 18.46 10.40
C ALA C 188 -12.02 17.78 11.54
N ASN C 189 -13.30 18.09 11.73
CA ASN C 189 -14.13 17.45 12.75
C ASN C 189 -15.46 16.94 12.20
N GLY C 190 -15.70 17.07 10.89
CA GLY C 190 -16.93 16.61 10.31
C GLY C 190 -18.15 17.29 10.92
N SER C 191 -18.07 18.60 11.09
CA SER C 191 -19.13 19.36 11.74
C SER C 191 -19.28 20.70 11.03
N PRO C 192 -20.45 21.34 11.11
CA PRO C 192 -20.59 22.66 10.48
C PRO C 192 -19.64 23.66 11.10
N PHE C 193 -19.17 24.59 10.28
CA PHE C 193 -18.30 25.65 10.76
C PHE C 193 -19.06 26.55 11.73
N GLU C 194 -18.35 27.03 12.75
CA GLU C 194 -18.93 27.91 13.74
C GLU C 194 -17.98 29.08 13.99
N THR C 195 -18.53 30.17 14.49
CA THR C 195 -17.75 31.35 14.83
C THR C 195 -18.25 31.92 16.14
N VAL C 196 -17.32 32.44 16.94
CA VAL C 196 -17.62 33.11 18.19
C VAL C 196 -17.18 34.55 18.04
N THR C 197 -18.14 35.48 18.19
CA THR C 197 -17.93 36.89 17.89
C THR C 197 -18.15 37.68 19.18
N LEU C 198 -17.06 38.14 19.79
CA LEU C 198 -17.18 39.02 20.93
C LEU C 198 -17.47 40.43 20.47
N THR C 199 -17.98 41.25 21.38
CA THR C 199 -18.27 42.63 21.06
C THR C 199 -18.25 43.44 22.34
N THR C 200 -17.75 44.66 22.25
CA THR C 200 -17.68 45.55 23.41
C THR C 200 -17.34 46.95 22.92
N LEU C 201 -17.07 47.84 23.86
CA LEU C 201 -16.77 49.23 23.54
C LEU C 201 -15.26 49.41 23.39
N TYR C 202 -14.87 50.22 22.41
CA TYR C 202 -13.45 50.51 22.22
C TYR C 202 -12.83 51.10 23.47
N ARG C 203 -13.61 51.89 24.21
CA ARG C 203 -13.09 52.61 25.37
C ARG C 203 -12.49 51.68 26.41
N ASP C 204 -12.86 50.40 26.40
CA ASP C 204 -12.29 49.46 27.34
C ASP C 204 -10.79 49.29 27.07
N LYS C 205 -10.15 48.50 27.94
CA LYS C 205 -8.73 48.19 27.85
C LYS C 205 -8.40 47.21 26.73
N HIS C 206 -9.39 46.81 25.93
CA HIS C 206 -9.30 45.63 25.09
C HIS C 206 -8.93 44.43 25.95
N LEU C 207 -9.86 44.12 26.86
CA LEU C 207 -9.67 43.02 27.79
C LEU C 207 -9.70 41.66 27.10
N PHE C 208 -9.95 41.62 25.80
CA PHE C 208 -9.91 40.38 25.05
C PHE C 208 -8.59 39.64 25.31
N ASP C 209 -7.49 40.38 25.35
CA ASP C 209 -6.22 39.76 25.68
C ASP C 209 -6.29 39.10 27.05
N ASP C 210 -6.87 39.80 28.03
CA ASP C 210 -6.93 39.25 29.38
C ASP C 210 -7.78 38.00 29.44
N ILE C 211 -8.97 38.04 28.84
CA ILE C 211 -9.86 36.89 28.94
C ILE C 211 -9.29 35.71 28.17
N LEU C 212 -8.66 35.98 27.02
CA LEU C 212 -8.05 34.90 26.27
C LEU C 212 -6.91 34.29 27.07
N ASN C 213 -6.12 35.12 27.76
CA ASN C 213 -5.03 34.59 28.56
C ASN C 213 -5.56 33.73 29.69
N GLU C 214 -6.54 34.23 30.44
CA GLU C 214 -7.04 33.48 31.58
C GLU C 214 -7.95 32.34 31.19
N ALA C 215 -8.29 32.21 29.91
CA ALA C 215 -8.90 30.99 29.40
C ALA C 215 -7.83 30.01 28.94
N LYS C 216 -6.72 30.52 28.42
CA LYS C 216 -5.65 29.64 27.94
C LYS C 216 -5.09 28.81 29.08
N ASP C 217 -4.89 29.42 30.24
CA ASP C 217 -4.27 28.72 31.36
C ASP C 217 -5.09 27.51 31.78
N ILE C 218 -6.42 27.60 31.64
CA ILE C 218 -7.28 26.48 32.01
C ILE C 218 -6.91 25.25 31.18
N ALA C 219 -6.73 25.45 29.88
CA ALA C 219 -6.24 24.36 29.04
C ALA C 219 -4.83 23.94 29.46
N LEU C 220 -3.98 24.91 29.77
CA LEU C 220 -2.61 24.59 30.16
C LEU C 220 -2.58 23.82 31.47
N LYS C 221 -3.40 24.23 32.44
CA LYS C 221 -3.36 23.63 33.77
C LYS C 221 -3.66 22.14 33.72
N THR C 222 -4.45 21.71 32.73
CA THR C 222 -4.85 20.30 32.68
C THR C 222 -3.65 19.39 32.50
N THR C 223 -2.67 19.83 31.71
CA THR C 223 -1.48 19.02 31.41
C THR C 223 -0.25 19.91 31.57
N GLU C 224 0.49 19.70 32.67
CA GLU C 224 1.70 20.48 32.90
C GLU C 224 2.86 19.96 32.05
N GLY C 225 2.90 18.65 31.80
CA GLY C 225 3.99 18.02 31.10
C GLY C 225 4.94 17.30 32.06
N LYS C 226 5.66 16.33 31.51
CA LYS C 226 6.54 15.46 32.29
C LYS C 226 7.81 15.24 31.49
N THR C 227 8.61 14.27 31.92
CA THR C 227 9.85 13.89 31.25
C THR C 227 9.61 12.61 30.46
N VAL C 228 10.18 12.55 29.26
CA VAL C 228 10.03 11.42 28.36
C VAL C 228 11.38 10.75 28.19
N ILE C 229 11.38 9.42 28.18
CA ILE C 229 12.58 8.64 27.95
C ILE C 229 12.52 8.08 26.55
N TYR C 230 13.53 8.39 25.75
CA TYR C 230 13.68 7.81 24.42
C TYR C 230 14.66 6.66 24.48
N THR C 231 14.57 5.78 23.49
CA THR C 231 15.51 4.67 23.39
C THR C 231 15.70 4.30 21.93
N SER C 232 16.81 3.64 21.65
CA SER C 232 17.16 3.32 20.28
C SER C 232 16.24 2.25 19.71
N PHE C 233 15.90 2.42 18.45
CA PHE C 233 15.25 1.37 17.68
C PHE C 233 15.87 1.42 16.29
N GLY C 234 16.80 0.52 16.02
CA GLY C 234 17.55 0.57 14.79
C GLY C 234 18.29 1.90 14.70
N PRO C 235 18.02 2.70 13.67
CA PRO C 235 18.60 4.05 13.62
C PRO C 235 17.73 5.13 14.22
N GLU C 236 16.50 4.82 14.63
CA GLU C 236 15.53 5.83 15.01
C GLU C 236 15.45 5.97 16.53
N TRP C 237 15.13 7.18 16.96
CA TRP C 237 14.81 7.46 18.36
C TRP C 237 13.30 7.44 18.51
N ARG C 238 12.81 6.72 19.51
CA ARG C 238 11.38 6.68 19.79
C ARG C 238 11.14 6.54 21.28
N LYS C 239 9.95 6.92 21.70
CA LYS C 239 9.61 6.92 23.12
C LYS C 239 9.61 5.51 23.67
N PHE C 240 9.83 5.40 24.98
CA PHE C 240 9.88 4.12 25.67
C PHE C 240 9.01 4.24 26.92
N GLY C 241 7.74 3.90 26.78
CA GLY C 241 6.78 4.03 27.85
C GLY C 241 6.19 5.43 27.93
N GLN C 242 5.18 5.56 28.76
CA GLN C 242 4.51 6.84 28.88
C GLN C 242 5.43 7.85 29.58
N PRO C 243 5.16 9.15 29.43
CA PRO C 243 6.04 10.16 30.04
C PRO C 243 6.18 9.98 31.54
N LYS C 244 7.40 9.72 31.99
CA LYS C 244 7.65 9.54 33.41
C LYS C 244 7.47 10.87 34.13
N ALA C 245 6.89 10.81 35.33
CA ALA C 245 6.70 12.00 36.12
C ALA C 245 8.04 12.61 36.48
N LYS C 246 8.06 13.94 36.60
CA LYS C 246 9.28 14.64 36.93
C LYS C 246 9.78 14.21 38.31
N ARG C 247 11.07 13.90 38.38
CA ARG C 247 11.73 13.61 39.64
C ARG C 247 12.41 14.88 40.13
N MET C 248 11.95 15.40 41.27
CA MET C 248 12.52 16.63 41.80
C MET C 248 13.98 16.41 42.19
N LEU C 249 14.82 17.40 41.88
CA LEU C 249 16.24 17.27 42.12
C LEU C 249 16.61 16.97 43.57
N PRO C 250 16.00 17.57 44.60
CA PRO C 250 16.39 17.21 45.97
C PRO C 250 16.11 15.76 46.30
N SER C 251 15.21 15.09 45.56
CA SER C 251 14.84 13.73 45.86
C SER C 251 15.99 12.74 45.73
N VAL C 252 17.08 13.11 45.08
CA VAL C 252 18.27 12.29 44.98
C VAL C 252 19.40 13.02 45.69
N ILE C 253 20.20 12.28 46.45
CA ILE C 253 21.27 12.83 47.26
C ILE C 253 22.59 12.23 46.82
N LEU C 254 23.66 13.00 46.98
CA LEU C 254 25.01 12.57 46.65
C LEU C 254 25.96 13.21 47.65
N ASP C 255 27.26 12.94 47.48
CA ASP C 255 28.24 13.56 48.34
C ASP C 255 28.23 15.07 48.16
N SER C 256 28.56 15.78 49.24
CA SER C 256 28.60 17.23 49.18
C SER C 256 29.61 17.69 48.16
N GLY C 257 29.29 18.78 47.46
CA GLY C 257 30.15 19.31 46.43
C GLY C 257 29.98 18.67 45.07
N ILE C 258 29.12 17.67 44.94
CA ILE C 258 29.03 16.89 43.71
C ILE C 258 27.83 17.36 42.89
N LYS C 259 26.63 17.25 43.47
CA LYS C 259 25.42 17.59 42.73
C LYS C 259 25.45 19.04 42.28
N GLU C 260 25.67 19.95 43.23
CA GLU C 260 25.86 21.36 42.87
C GLU C 260 27.06 21.53 41.94
N GLY C 261 28.10 20.73 42.15
CA GLY C 261 29.29 20.86 41.31
C GLY C 261 29.01 20.58 39.85
N ILE C 262 28.03 19.72 39.58
CA ILE C 262 27.59 19.47 38.21
C ILE C 262 26.57 20.52 37.79
N LEU C 263 25.70 20.90 38.71
CA LEU C 263 24.58 21.78 38.37
C LEU C 263 25.07 23.15 37.94
N ASP C 264 25.99 23.73 38.71
CA ASP C 264 26.55 25.02 38.34
C ASP C 264 27.29 24.95 37.02
N ASP C 265 28.02 23.86 36.80
CA ASP C 265 28.77 23.72 35.55
C ASP C 265 27.84 23.68 34.36
N VAL C 266 26.77 22.88 34.44
CA VAL C 266 25.84 22.80 33.31
C VAL C 266 25.12 24.11 33.12
N TYR C 267 24.80 24.83 34.20
CA TYR C 267 24.18 26.13 34.04
C TYR C 267 25.13 27.09 33.33
N ASP C 268 26.41 27.05 33.68
CA ASP C 268 27.39 27.91 33.02
C ASP C 268 27.45 27.58 31.53
N PHE C 269 27.48 26.29 31.21
CA PHE C 269 27.51 25.90 29.80
C PHE C 269 26.27 26.37 29.08
N MET C 270 25.12 26.33 29.76
CA MET C 270 23.88 26.75 29.13
C MET C 270 23.91 28.22 28.73
N LYS C 271 24.56 29.05 29.54
CA LYS C 271 24.59 30.49 29.30
C LYS C 271 25.78 30.93 28.46
N ASN C 272 26.79 30.08 28.29
CA ASN C 272 27.99 30.44 27.55
C ASN C 272 27.86 30.17 26.06
N GLY C 273 26.64 30.03 25.55
CA GLY C 273 26.47 29.79 24.12
C GLY C 273 27.09 30.88 23.26
N LYS C 274 26.97 32.13 23.69
CA LYS C 274 27.65 33.22 23.01
C LYS C 274 29.16 33.01 23.05
N TRP C 275 29.68 32.63 24.21
CA TRP C 275 31.12 32.43 24.35
C TRP C 275 31.63 31.36 23.39
N TYR C 276 30.77 30.42 23.01
CA TYR C 276 31.15 29.40 22.02
C TYR C 276 30.85 29.89 20.61
N SER C 277 29.61 30.35 20.38
CA SER C 277 29.13 30.54 19.02
C SER C 277 29.88 31.65 18.30
N ASP C 278 30.07 32.81 18.95
CA ASP C 278 30.71 33.93 18.27
C ASP C 278 32.18 33.66 17.96
N ARG C 279 32.75 32.60 18.53
CA ARG C 279 34.13 32.23 18.32
C ARG C 279 34.27 30.85 17.68
N GLY C 280 33.20 30.31 17.12
CA GLY C 280 33.32 29.17 16.23
C GLY C 280 33.66 27.86 16.89
N ILE C 281 33.35 27.71 18.18
CA ILE C 281 33.65 26.47 18.89
C ILE C 281 32.47 25.52 18.70
N PRO C 282 32.69 24.20 18.65
CA PRO C 282 31.53 23.30 18.70
C PRO C 282 30.84 23.41 20.04
N TYR C 283 29.56 23.76 20.01
CA TYR C 283 28.82 24.06 21.23
C TYR C 283 28.33 22.74 21.85
N ARG C 284 29.30 21.93 22.27
CA ARG C 284 29.05 20.64 22.88
C ARG C 284 29.77 20.56 24.21
N ARG C 285 29.28 19.69 25.09
CA ARG C 285 29.93 19.44 26.36
C ARG C 285 29.67 18.01 26.79
N GLY C 286 30.69 17.38 27.36
CA GLY C 286 30.62 16.00 27.77
C GLY C 286 31.00 15.78 29.22
N TYR C 287 30.24 14.94 29.91
CA TYR C 287 30.44 14.65 31.33
C TYR C 287 30.71 13.17 31.52
N LEU C 288 31.39 12.84 32.60
CA LEU C 288 31.65 11.45 32.98
C LEU C 288 31.40 11.29 34.47
N LEU C 289 30.61 10.29 34.82
CA LEU C 289 30.33 9.91 36.20
C LEU C 289 30.72 8.45 36.35
N TYR C 290 31.85 8.20 37.01
CA TYR C 290 32.46 6.86 37.02
C TYR C 290 32.43 6.24 38.41
N GLY C 291 31.28 6.34 39.07
CA GLY C 291 31.06 5.64 40.32
C GLY C 291 31.15 4.13 40.12
N PRO C 292 32.12 3.46 40.73
CA PRO C 292 32.28 2.01 40.50
C PRO C 292 31.04 1.23 40.90
N PRO C 293 30.60 1.31 42.16
CA PRO C 293 29.55 0.37 42.60
C PRO C 293 28.20 0.63 41.94
N GLY C 294 27.88 1.88 41.70
CA GLY C 294 26.58 2.26 41.16
C GLY C 294 25.68 2.76 42.26
N SER C 295 25.56 4.08 42.37
CA SER C 295 24.77 4.72 43.43
C SER C 295 24.02 5.90 42.82
N GLY C 296 22.81 5.62 42.32
CA GLY C 296 21.91 6.66 41.89
C GLY C 296 22.43 7.56 40.78
N LYS C 297 23.43 7.08 40.03
CA LYS C 297 23.95 7.88 38.93
C LYS C 297 22.86 8.15 37.90
N THR C 298 22.21 7.08 37.43
CA THR C 298 21.13 7.26 36.47
C THR C 298 19.99 8.08 37.06
N SER C 299 19.69 7.85 38.34
CA SER C 299 18.66 8.65 38.99
C SER C 299 19.04 10.12 38.99
N PHE C 300 20.30 10.41 39.29
CA PHE C 300 20.74 11.81 39.29
C PHE C 300 20.62 12.40 37.89
N ILE C 301 21.03 11.65 36.87
CA ILE C 301 20.95 12.16 35.50
C ILE C 301 19.51 12.48 35.15
N GLN C 302 18.60 11.56 35.46
CA GLN C 302 17.21 11.77 35.11
C GLN C 302 16.65 12.96 35.86
N ALA C 303 17.00 13.10 37.14
CA ALA C 303 16.53 14.23 37.93
C ALA C 303 17.03 15.54 37.34
N LEU C 304 18.30 15.58 36.94
CA LEU C 304 18.86 16.78 36.35
C LEU C 304 18.16 17.12 35.05
N ALA C 305 17.92 16.11 34.22
CA ALA C 305 17.26 16.36 32.94
C ALA C 305 15.84 16.90 33.15
N GLY C 306 15.10 16.31 34.09
CA GLY C 306 13.79 16.84 34.39
C GLY C 306 13.85 18.26 34.92
N GLU C 307 14.84 18.54 35.76
CA GLU C 307 15.01 19.88 36.29
C GLU C 307 15.25 20.88 35.17
N LEU C 308 16.09 20.53 34.21
CA LEU C 308 16.34 21.40 33.07
C LEU C 308 15.22 21.33 32.04
N ASP C 309 14.24 20.45 32.21
CA ASP C 309 13.20 20.23 31.22
C ASP C 309 13.82 19.80 29.89
N TYR C 310 14.52 18.68 29.93
CA TYR C 310 15.07 18.04 28.75
C TYR C 310 14.68 16.57 28.75
N ASN C 311 14.22 16.08 27.61
CA ASN C 311 13.96 14.65 27.49
C ASN C 311 15.29 13.90 27.51
N ILE C 312 15.21 12.66 27.99
CA ILE C 312 16.39 11.82 28.16
C ILE C 312 16.45 10.84 27.00
N CYS C 313 17.63 10.71 26.40
CA CYS C 313 17.89 9.76 25.33
C CYS C 313 18.87 8.73 25.86
N ILE C 314 18.38 7.53 26.10
CA ILE C 314 19.17 6.48 26.73
C ILE C 314 19.85 5.67 25.65
N LEU C 315 21.07 5.22 25.94
CA LEU C 315 21.76 4.28 25.07
C LEU C 315 22.79 3.53 25.90
N ASN C 316 22.80 2.22 25.75
CA ASN C 316 23.71 1.35 26.49
C ASN C 316 24.69 0.76 25.49
N LEU C 317 25.97 1.11 25.63
CA LEU C 317 26.98 0.57 24.73
C LEU C 317 27.16 -0.93 24.93
N SER C 318 26.69 -1.48 26.04
CA SER C 318 26.74 -2.93 26.22
C SER C 318 25.75 -3.66 25.33
N GLU C 319 24.85 -2.94 24.66
CA GLU C 319 23.87 -3.57 23.78
C GLU C 319 24.57 -4.36 22.69
N ASN C 320 24.15 -5.60 22.51
CA ASN C 320 24.63 -6.38 21.39
C ASN C 320 24.09 -5.82 20.08
N ASN C 321 24.85 -6.05 19.00
CA ASN C 321 24.46 -5.61 17.67
C ASN C 321 24.34 -4.09 17.61
N LEU C 322 25.43 -3.41 17.98
CA LEU C 322 25.53 -1.96 17.91
C LEU C 322 26.77 -1.61 17.11
N THR C 323 26.58 -0.96 15.97
CA THR C 323 27.65 -0.66 15.04
C THR C 323 28.08 0.80 15.16
N ASP C 324 29.33 1.07 14.75
CA ASP C 324 29.88 2.40 14.87
C ASP C 324 29.09 3.40 14.04
N ASP C 325 28.78 3.05 12.79
CA ASP C 325 28.03 3.96 11.93
C ASP C 325 26.64 4.21 12.49
N ARG C 326 25.94 3.16 12.92
CA ARG C 326 24.62 3.36 13.49
C ARG C 326 24.70 4.17 14.77
N LEU C 327 25.72 3.95 15.58
CA LEU C 327 25.91 4.77 16.77
C LEU C 327 26.04 6.23 16.39
N ASN C 328 26.97 6.53 15.47
CA ASN C 328 27.18 7.92 15.07
C ASN C 328 25.92 8.53 14.51
N HIS C 329 25.11 7.73 13.82
CA HIS C 329 23.82 8.22 13.36
C HIS C 329 22.92 8.55 14.54
N LEU C 330 22.95 7.70 15.57
CA LEU C 330 22.02 7.88 16.68
C LEU C 330 22.46 8.99 17.62
N MET C 331 23.76 9.12 17.89
CA MET C 331 24.18 10.19 18.78
C MET C 331 23.88 11.56 18.20
N ASN C 332 23.78 11.68 16.89
CA ASN C 332 23.23 12.83 16.24
C ASN C 332 21.79 12.51 15.86
N ASN C 333 21.11 13.44 15.20
CA ASN C 333 19.72 13.25 14.79
C ASN C 333 18.82 12.98 15.99
N MET C 334 19.18 13.51 17.15
CA MET C 334 18.41 13.28 18.35
C MET C 334 17.10 14.06 18.31
N PRO C 335 16.10 13.65 19.08
CA PRO C 335 14.91 14.50 19.22
C PRO C 335 15.28 15.82 19.88
N GLU C 336 14.51 16.85 19.55
CA GLU C 336 14.85 18.21 19.95
C GLU C 336 14.88 18.33 21.47
N ARG C 337 15.81 19.18 21.94
CA ARG C 337 16.01 19.49 23.36
C ARG C 337 16.03 18.21 24.21
N SER C 338 17.01 17.38 23.90
CA SER C 338 17.18 16.08 24.55
C SER C 338 18.60 15.96 25.08
N ILE C 339 18.75 15.27 26.21
CA ILE C 339 20.05 14.99 26.80
C ILE C 339 20.39 13.55 26.51
N LEU C 340 21.57 13.32 25.95
CA LEU C 340 22.03 11.97 25.65
C LEU C 340 22.77 11.41 26.86
N LEU C 341 22.53 10.14 27.13
CA LEU C 341 23.16 9.43 28.24
C LEU C 341 23.68 8.10 27.73
N LEU C 342 25.00 7.92 27.78
CA LEU C 342 25.64 6.69 27.37
C LEU C 342 26.04 5.92 28.63
N GLU C 343 25.39 4.79 28.86
CA GLU C 343 25.68 3.96 30.01
C GLU C 343 26.89 3.08 29.71
N ASP C 344 27.65 2.76 30.76
CA ASP C 344 28.75 1.78 30.77
C ASP C 344 29.55 1.79 29.47
N ILE C 345 30.09 2.97 29.17
CA ILE C 345 30.85 3.14 27.94
C ILE C 345 32.08 2.25 27.87
N ASP C 346 32.50 1.66 29.01
CA ASP C 346 33.69 0.83 29.02
C ASP C 346 33.57 -0.38 28.10
N ALA C 347 32.34 -0.74 27.71
CA ALA C 347 32.15 -1.85 26.78
C ALA C 347 32.86 -1.59 25.46
N ALA C 348 32.83 -0.32 25.01
CA ALA C 348 33.50 0.02 23.76
C ALA C 348 34.99 -0.23 23.86
N PHE C 349 35.60 0.14 24.99
CA PHE C 349 37.03 -0.09 25.17
C PHE C 349 37.34 -1.57 25.28
N ASN C 350 36.71 -2.25 26.24
CA ASN C 350 37.06 -3.63 26.51
C ASN C 350 36.71 -4.55 25.34
N LYS C 351 35.48 -4.45 24.84
CA LYS C 351 35.03 -5.38 23.82
C LYS C 351 35.69 -5.04 22.49
N ARG C 352 36.98 -5.35 22.38
CA ARG C 352 37.75 -5.05 21.18
C ARG C 352 37.41 -6.07 20.09
N SER C 353 38.14 -5.98 18.97
CA SER C 353 37.88 -6.87 17.85
C SER C 353 38.25 -8.31 18.15
N GLN C 354 38.96 -8.58 19.24
CA GLN C 354 39.32 -9.95 19.58
C GLN C 354 38.07 -10.80 19.78
N THR C 355 37.06 -10.24 20.45
CA THR C 355 35.81 -10.97 20.63
C THR C 355 35.12 -11.25 19.30
N GLY C 356 35.33 -10.40 18.30
CA GLY C 356 34.75 -10.55 16.99
C GLY C 356 35.78 -10.51 15.88
N GLU C 357 36.94 -11.13 16.11
CA GLU C 357 38.03 -11.08 15.14
C GLU C 357 37.63 -11.70 13.82
N GLN C 358 36.66 -12.62 13.82
CA GLN C 358 36.18 -13.20 12.57
C GLN C 358 35.42 -12.19 11.70
N GLY C 359 35.07 -11.03 12.25
CA GLY C 359 34.31 -10.03 11.55
C GLY C 359 32.90 -9.79 12.06
N PHE C 360 32.59 -10.26 13.28
CA PHE C 360 31.24 -10.09 13.79
C PHE C 360 30.90 -8.62 13.99
N HIS C 361 31.86 -7.83 14.50
CA HIS C 361 31.67 -6.44 14.93
C HIS C 361 30.32 -6.26 15.63
N SER C 362 30.04 -7.17 16.58
CA SER C 362 28.77 -7.17 17.29
C SER C 362 28.65 -6.00 18.25
N SER C 363 29.73 -5.27 18.52
CA SER C 363 29.72 -4.14 19.43
C SER C 363 30.48 -2.99 18.81
N VAL C 364 30.45 -1.85 19.49
CA VAL C 364 31.12 -0.66 19.01
C VAL C 364 32.60 -0.70 19.40
N THR C 365 33.38 0.20 18.79
CA THR C 365 34.80 0.29 19.03
C THR C 365 35.17 1.73 19.38
N PHE C 366 36.30 1.88 20.05
CA PHE C 366 36.71 3.19 20.53
C PHE C 366 36.86 4.19 19.39
N SER C 367 37.39 3.73 18.24
CA SER C 367 37.58 4.63 17.11
C SER C 367 36.26 5.23 16.66
N GLY C 368 35.27 4.37 16.40
CA GLY C 368 33.97 4.88 16.00
C GLY C 368 33.35 5.76 17.07
N LEU C 369 33.53 5.40 18.33
CA LEU C 369 32.97 6.19 19.42
C LEU C 369 33.54 7.60 19.40
N LEU C 370 34.87 7.72 19.43
CA LEU C 370 35.46 9.05 19.49
C LEU C 370 35.20 9.82 18.21
N ASN C 371 35.05 9.13 17.08
CA ASN C 371 34.61 9.81 15.87
C ASN C 371 33.24 10.42 16.05
N ALA C 372 32.32 9.66 16.64
CA ALA C 372 30.96 10.16 16.83
C ALA C 372 30.93 11.32 17.81
N LEU C 373 31.66 11.20 18.92
CA LEU C 373 31.69 12.29 19.90
C LEU C 373 32.24 13.56 19.27
N ASP C 374 33.39 13.46 18.61
CA ASP C 374 34.11 14.61 18.07
C ASP C 374 34.35 14.32 16.59
N GLY C 375 33.55 14.98 15.74
CA GLY C 375 33.68 14.79 14.31
C GLY C 375 33.17 16.02 13.59
N VAL C 376 33.39 16.01 12.27
CA VAL C 376 32.95 17.12 11.44
C VAL C 376 31.43 17.21 11.42
N THR C 377 30.76 16.06 11.52
CA THR C 377 29.32 15.99 11.35
C THR C 377 28.55 16.03 12.66
N SER C 378 29.22 16.17 13.80
CA SER C 378 28.53 16.08 15.08
C SER C 378 27.57 17.25 15.27
N SER C 379 26.48 17.00 15.97
CA SER C 379 25.49 18.02 16.26
C SER C 379 25.96 18.91 17.40
N GLU C 380 25.59 20.19 17.33
CA GLU C 380 25.99 21.18 18.31
C GLU C 380 24.84 21.48 19.28
N GLU C 381 25.13 22.38 20.22
CA GLU C 381 24.22 22.78 21.30
C GLU C 381 23.55 21.56 21.94
N THR C 382 24.37 20.62 22.39
CA THR C 382 23.89 19.41 23.00
C THR C 382 24.82 18.99 24.13
N ILE C 383 24.28 18.21 25.07
CA ILE C 383 24.99 17.78 26.27
C ILE C 383 24.91 16.27 26.34
N THR C 384 26.01 15.64 26.76
CA THR C 384 26.10 14.19 26.85
C THR C 384 26.63 13.79 28.22
N PHE C 385 26.13 12.67 28.72
CA PHE C 385 26.59 12.08 29.97
C PHE C 385 27.07 10.66 29.72
N MET C 386 28.23 10.33 30.28
CA MET C 386 28.79 8.99 30.21
C MET C 386 28.92 8.45 31.63
N THR C 387 28.59 7.17 31.80
CA THR C 387 28.72 6.49 33.06
C THR C 387 29.47 5.18 32.87
N THR C 388 30.24 4.81 33.89
CA THR C 388 31.00 3.56 33.85
C THR C 388 31.31 3.14 35.27
N ASN C 389 31.70 1.88 35.40
CA ASN C 389 32.18 1.33 36.67
C ASN C 389 33.64 0.93 36.61
N HIS C 390 34.32 1.17 35.49
CA HIS C 390 35.72 0.78 35.30
C HIS C 390 36.49 1.94 34.67
N PRO C 391 36.62 3.06 35.39
CA PRO C 391 37.29 4.23 34.80
C PRO C 391 38.73 3.95 34.39
N GLU C 392 39.42 3.09 35.15
CA GLU C 392 40.80 2.74 34.81
C GLU C 392 40.89 2.16 33.39
N LYS C 393 39.86 1.44 32.96
CA LYS C 393 39.88 0.84 31.63
C LYS C 393 39.93 1.91 30.55
N LEU C 394 39.42 3.10 30.83
CA LEU C 394 39.49 4.19 29.87
C LEU C 394 40.91 4.75 29.83
N ASP C 395 41.16 5.60 28.84
CA ASP C 395 42.49 6.13 28.58
C ASP C 395 42.42 7.64 28.40
N ALA C 396 43.60 8.25 28.30
CA ALA C 396 43.67 9.70 28.16
C ALA C 396 43.09 10.17 26.82
N ALA C 397 43.06 9.29 25.82
CA ALA C 397 42.58 9.68 24.49
C ALA C 397 41.18 10.25 24.53
N ILE C 398 40.34 9.79 25.46
CA ILE C 398 39.01 10.35 25.66
C ILE C 398 38.99 11.36 26.80
N MET C 399 40.01 11.39 27.65
CA MET C 399 40.12 12.43 28.67
C MET C 399 40.76 13.69 28.11
N ARG C 400 39.97 14.56 27.49
CA ARG C 400 40.47 15.83 26.97
C ARG C 400 39.28 16.68 26.57
N PRO C 401 39.47 17.99 26.43
CA PRO C 401 38.34 18.87 26.11
C PRO C 401 37.69 18.49 24.79
N GLY C 402 36.37 18.66 24.74
CA GLY C 402 35.60 18.23 23.59
C GLY C 402 35.10 16.81 23.75
N ARG C 403 35.91 15.96 24.38
CA ARG C 403 35.53 14.58 24.64
C ARG C 403 34.87 14.44 26.01
N ILE C 404 35.62 14.77 27.08
CA ILE C 404 35.09 14.75 28.43
C ILE C 404 35.54 16.02 29.13
N ASP C 405 34.65 17.01 29.22
CA ASP C 405 35.04 18.31 29.74
C ASP C 405 35.18 18.30 31.26
N TYR C 406 34.36 17.51 31.96
CA TYR C 406 34.25 17.64 33.41
C TYR C 406 33.94 16.27 34.00
N LYS C 407 34.91 15.74 34.74
CA LYS C 407 34.79 14.45 35.38
C LYS C 407 34.26 14.61 36.79
N VAL C 408 33.86 13.49 37.40
CA VAL C 408 33.49 13.46 38.81
C VAL C 408 33.42 12.01 39.24
N PHE C 409 33.79 11.75 40.49
CA PHE C 409 33.84 10.41 41.04
C PHE C 409 32.69 10.23 42.02
N VAL C 410 31.71 9.43 41.64
CA VAL C 410 30.55 9.15 42.50
C VAL C 410 30.94 7.94 43.34
N GLY C 411 31.62 8.22 44.44
CA GLY C 411 32.16 7.16 45.28
C GLY C 411 31.09 6.44 46.07
N ASN C 412 31.56 5.58 46.96
CA ASN C 412 30.66 4.81 47.81
C ASN C 412 29.92 5.73 48.78
N ALA C 413 28.99 5.14 49.52
CA ALA C 413 28.22 5.89 50.50
C ALA C 413 29.13 6.53 51.53
N THR C 414 28.79 7.75 51.93
CA THR C 414 29.55 8.55 52.88
C THR C 414 28.67 8.88 54.08
N PRO C 415 29.26 9.21 55.23
CA PRO C 415 28.42 9.51 56.41
C PRO C 415 27.39 10.60 56.16
N TYR C 416 27.79 11.65 55.45
CA TYR C 416 26.85 12.71 55.11
C TYR C 416 25.69 12.17 54.27
N GLN C 417 26.01 11.33 53.29
CA GLN C 417 24.97 10.79 52.41
C GLN C 417 23.99 9.92 53.19
N VAL C 418 24.50 8.96 53.96
CA VAL C 418 23.62 8.06 54.69
C VAL C 418 22.75 8.84 55.66
N GLU C 419 23.35 9.80 56.37
CA GLU C 419 22.58 10.64 57.27
C GLU C 419 21.47 11.35 56.53
N LYS C 420 21.81 11.99 55.41
CA LYS C 420 20.83 12.81 54.71
C LYS C 420 19.68 11.96 54.18
N MET C 421 19.98 10.77 53.66
CA MET C 421 18.89 9.94 53.16
C MET C 421 18.06 9.38 54.31
N PHE C 422 18.68 9.13 55.47
CA PHE C 422 17.89 8.71 56.62
C PHE C 422 16.88 9.78 56.99
N MET C 423 17.33 11.04 57.04
CA MET C 423 16.38 12.13 57.27
C MET C 423 15.36 12.23 56.15
N LYS C 424 15.77 11.97 54.91
CA LYS C 424 14.82 11.99 53.81
C LYS C 424 13.69 11.00 54.06
N PHE C 425 14.01 9.84 54.62
CA PHE C 425 12.97 8.87 54.97
C PHE C 425 12.33 9.18 56.31
N TYR C 426 13.05 9.82 57.23
CA TYR C 426 12.59 10.07 58.59
C TYR C 426 12.89 11.53 58.93
N PRO C 427 12.06 12.47 58.47
CA PRO C 427 12.43 13.90 58.56
C PRO C 427 12.66 14.40 59.98
N GLY C 428 11.89 13.97 60.96
CA GLY C 428 11.97 14.53 62.30
C GLY C 428 12.61 13.60 63.32
N GLU C 429 13.45 12.69 62.84
CA GLU C 429 13.94 11.57 63.65
C GLU C 429 15.45 11.65 63.89
N THR C 430 15.95 12.84 64.21
CA THR C 430 17.40 13.03 64.29
C THR C 430 18.03 12.20 65.40
N ASP C 431 17.36 12.07 66.54
CA ASP C 431 17.93 11.31 67.65
C ASP C 431 18.26 9.88 67.26
N ILE C 432 17.34 9.18 66.61
CA ILE C 432 17.64 7.82 66.16
C ILE C 432 18.68 7.84 65.06
N CYS C 433 18.71 8.90 64.25
CA CYS C 433 19.61 8.96 63.10
C CYS C 433 21.07 8.88 63.53
N LYS C 434 21.43 9.62 64.57
CA LYS C 434 22.83 9.70 64.97
C LYS C 434 23.35 8.35 65.41
N LYS C 435 22.60 7.64 66.25
CA LYS C 435 23.00 6.29 66.64
C LYS C 435 22.95 5.33 65.45
N PHE C 436 21.99 5.53 64.54
CA PHE C 436 21.93 4.71 63.35
C PHE C 436 23.21 4.82 62.52
N VAL C 437 23.72 6.03 62.34
CA VAL C 437 24.95 6.21 61.59
C VAL C 437 26.19 5.84 62.42
N ASN C 438 26.12 5.92 63.75
CA ASN C 438 27.20 5.39 64.57
C ASN C 438 27.33 3.90 64.36
N SER C 439 26.20 3.21 64.21
CA SER C 439 26.25 1.79 63.88
C SER C 439 26.94 1.57 62.53
N VAL C 440 26.68 2.44 61.57
CA VAL C 440 27.35 2.34 60.27
C VAL C 440 28.85 2.52 60.44
N LYS C 441 29.24 3.51 61.23
CA LYS C 441 30.66 3.73 61.50
C LYS C 441 31.28 2.50 62.14
N GLU C 442 30.53 1.84 63.02
CA GLU C 442 31.01 0.60 63.61
C GLU C 442 31.20 -0.48 62.55
N LEU C 443 30.26 -0.57 61.61
CA LEU C 443 30.26 -1.68 60.66
C LEU C 443 31.53 -1.69 59.81
N ASP C 444 31.89 -0.54 59.25
CA ASP C 444 33.12 -0.40 58.46
C ASP C 444 33.13 -1.37 57.28
N ILE C 445 32.17 -1.15 56.37
CA ILE C 445 32.07 -1.95 55.14
C ILE C 445 31.81 -1.02 53.97
N THR C 446 32.05 -1.53 52.77
CA THR C 446 31.71 -0.80 51.57
C THR C 446 30.19 -0.73 51.42
N VAL C 447 29.68 0.48 51.19
CA VAL C 447 28.24 0.70 51.16
C VAL C 447 27.92 1.66 50.01
N SER C 448 26.81 1.39 49.33
CA SER C 448 26.27 2.26 48.30
C SER C 448 24.89 2.74 48.73
N THR C 449 24.34 3.67 47.96
CA THR C 449 23.00 4.15 48.25
C THR C 449 21.95 3.06 48.03
N ALA C 450 22.26 2.07 47.20
CA ALA C 450 21.28 1.06 46.82
C ALA C 450 20.86 0.23 48.03
N GLN C 451 21.84 -0.28 48.79
CA GLN C 451 21.53 -1.16 49.90
C GLN C 451 20.75 -0.42 50.97
N LEU C 452 21.17 0.81 51.29
CA LEU C 452 20.47 1.59 52.30
C LEU C 452 19.08 1.96 51.84
N GLN C 453 18.94 2.28 50.55
CA GLN C 453 17.63 2.58 49.99
C GLN C 453 16.71 1.38 50.17
N GLY C 454 17.22 0.18 49.86
CA GLY C 454 16.43 -1.03 50.04
C GLY C 454 16.03 -1.23 51.48
N LEU C 455 17.00 -1.09 52.39
CA LEU C 455 16.73 -1.30 53.80
C LEU C 455 15.64 -0.36 54.31
N PHE C 456 15.74 0.91 53.93
CA PHE C 456 14.75 1.88 54.38
C PHE C 456 13.39 1.58 53.80
N VAL C 457 13.32 1.31 52.50
CA VAL C 457 12.01 1.18 51.87
C VAL C 457 11.30 -0.08 52.36
N MET C 458 12.04 -1.15 52.60
CA MET C 458 11.38 -2.38 53.05
C MET C 458 10.81 -2.20 54.45
N ASN C 459 11.43 -1.36 55.27
CA ASN C 459 10.97 -1.11 56.63
C ASN C 459 9.93 -0.01 56.73
N LYS C 460 9.60 0.64 55.61
CA LYS C 460 8.58 1.68 55.56
C LYS C 460 8.97 2.77 56.57
N ASP C 461 8.08 3.15 57.50
CA ASP C 461 8.28 4.32 58.34
C ASP C 461 8.68 3.95 59.77
N ALA C 462 9.39 2.83 59.95
CA ALA C 462 9.78 2.36 61.26
C ALA C 462 11.29 2.46 61.43
N PRO C 463 11.82 3.67 61.67
CA PRO C 463 13.27 3.77 61.88
C PRO C 463 13.76 3.00 63.09
N HIS C 464 12.95 2.96 64.15
CA HIS C 464 13.27 2.10 65.30
C HIS C 464 13.53 0.67 64.83
N ASP C 465 12.67 0.17 63.94
CA ASP C 465 12.95 -1.12 63.32
C ASP C 465 14.22 -1.07 62.49
N ALA C 466 14.36 0.01 61.70
CA ALA C 466 15.46 0.09 60.74
C ALA C 466 16.82 -0.06 61.43
N LEU C 467 16.91 0.38 62.68
CA LEU C 467 18.17 0.26 63.40
C LEU C 467 18.61 -1.18 63.60
N LYS C 468 17.68 -2.13 63.61
CA LYS C 468 18.01 -3.45 64.14
C LYS C 468 18.90 -4.26 63.20
N MET C 469 18.57 -4.34 61.90
CA MET C 469 19.34 -5.20 61.00
C MET C 469 20.48 -4.46 60.32
N VAL C 470 21.04 -3.43 60.95
CA VAL C 470 22.25 -2.83 60.41
C VAL C 470 23.37 -3.86 60.37
N SER C 471 23.40 -4.75 61.37
CA SER C 471 24.38 -5.83 61.39
C SER C 471 24.21 -6.74 60.18
N SER C 472 23.00 -6.82 59.64
CA SER C 472 22.75 -7.69 58.49
C SER C 472 23.28 -7.09 57.19
N LEU C 473 23.86 -5.89 57.24
CA LEU C 473 24.43 -5.30 56.03
C LEU C 473 25.65 -6.07 55.53
N ARG C 474 26.18 -6.99 56.33
CA ARG C 474 27.28 -7.83 55.87
C ARG C 474 26.86 -8.64 54.64
N ASN C 475 25.65 -9.19 54.68
CA ASN C 475 25.09 -10.00 53.60
C ASN C 475 23.70 -9.52 53.25
N ALA C 476 23.50 -8.21 53.22
CA ALA C 476 22.19 -7.67 52.85
C ALA C 476 21.85 -7.90 51.39
N ASN C 477 22.82 -8.32 50.57
CA ASN C 477 22.53 -8.58 49.16
C ASN C 477 21.57 -9.73 48.99
N HIS C 478 21.55 -10.66 49.96
CA HIS C 478 20.74 -11.88 49.88
C HIS C 478 19.59 -11.89 50.87
N ILE C 479 19.87 -11.65 52.16
CA ILE C 479 18.84 -11.79 53.18
C ILE C 479 17.71 -10.80 52.95
N PHE C 480 18.06 -9.53 52.76
CA PHE C 480 17.08 -8.47 52.61
C PHE C 480 17.03 -7.97 51.16
N ALA D 99 -24.01 58.16 -9.47
CA ALA D 99 -23.16 58.28 -10.65
C ALA D 99 -21.70 58.48 -10.28
N SER D 100 -21.41 58.61 -8.98
CA SER D 100 -20.02 58.76 -8.54
C SER D 100 -19.19 57.51 -8.80
N ARG D 101 -19.84 56.37 -9.04
CA ARG D 101 -19.09 55.16 -9.38
C ARG D 101 -18.39 55.31 -10.73
N VAL D 102 -18.94 56.15 -11.62
CA VAL D 102 -18.25 56.46 -12.87
C VAL D 102 -16.91 57.12 -12.57
N LEU D 103 -16.90 58.07 -11.63
CA LEU D 103 -15.64 58.69 -11.23
C LEU D 103 -14.74 57.70 -10.49
N TYR D 104 -15.34 56.82 -9.69
CA TYR D 104 -14.56 55.80 -8.99
C TYR D 104 -13.80 54.94 -9.99
N ARG D 105 -14.43 54.63 -11.12
CA ARG D 105 -13.77 53.85 -12.16
C ARG D 105 -12.51 54.52 -12.69
N GLN D 106 -12.38 55.83 -12.51
CA GLN D 106 -11.22 56.58 -12.97
C GLN D 106 -10.26 56.98 -11.85
N MET D 107 -10.73 56.98 -10.60
CA MET D 107 -9.99 57.66 -9.55
C MET D 107 -9.08 56.72 -8.75
N ILE D 108 -9.56 55.52 -8.41
CA ILE D 108 -8.99 54.73 -7.34
C ILE D 108 -8.47 53.41 -7.88
N VAL D 109 -7.26 53.05 -7.47
CA VAL D 109 -6.78 51.68 -7.64
C VAL D 109 -7.45 50.80 -6.61
N ASP D 110 -7.33 49.49 -6.80
CA ASP D 110 -7.61 48.54 -5.74
C ASP D 110 -6.81 47.27 -6.03
N LEU D 111 -6.36 46.63 -4.95
CA LEU D 111 -5.50 45.46 -5.03
C LEU D 111 -6.22 44.29 -4.40
N GLU D 112 -6.20 43.14 -5.09
CA GLU D 112 -6.83 41.93 -4.61
C GLU D 112 -5.78 41.07 -3.92
N ILE D 113 -6.18 40.43 -2.83
CA ILE D 113 -5.34 39.48 -2.12
C ILE D 113 -6.23 38.27 -1.80
N GLN D 114 -5.88 37.12 -2.35
CA GLN D 114 -6.63 35.89 -2.13
C GLN D 114 -6.18 35.26 -0.83
N SER D 115 -6.52 33.99 -0.63
CA SER D 115 -6.09 33.23 0.53
C SER D 115 -5.12 32.11 0.19
N LYS D 116 -4.82 31.89 -1.09
CA LYS D 116 -4.06 30.73 -1.52
C LYS D 116 -2.56 30.99 -1.61
N ASP D 117 -2.03 31.87 -0.76
CA ASP D 117 -0.59 32.10 -0.69
C ASP D 117 -0.28 32.78 0.63
N LYS D 118 0.99 32.71 1.02
CA LYS D 118 1.37 33.13 2.37
C LYS D 118 1.81 34.59 2.40
N SER D 119 2.01 35.22 1.24
CA SER D 119 2.06 36.67 1.22
C SER D 119 0.75 37.23 1.75
N TYR D 120 -0.34 36.51 1.53
CA TYR D 120 -1.67 36.96 1.90
C TYR D 120 -1.88 36.86 3.40
N ALA D 121 -0.97 36.23 4.13
CA ALA D 121 -0.92 36.27 5.58
C ALA D 121 0.19 37.15 6.11
N TRP D 122 1.29 37.25 5.37
CA TRP D 122 2.34 38.21 5.73
C TRP D 122 1.77 39.61 5.78
N PHE D 123 0.87 39.93 4.86
CA PHE D 123 0.28 41.27 4.85
C PHE D 123 -0.47 41.53 6.15
N LEU D 124 -1.30 40.59 6.56
CA LEU D 124 -2.05 40.76 7.80
C LEU D 124 -1.10 40.86 8.99
N THR D 125 -0.08 40.01 9.02
CA THR D 125 0.88 40.05 10.11
C THR D 125 1.56 41.41 10.18
N TRP D 126 1.95 41.94 9.03
CA TRP D 126 2.55 43.26 8.99
C TRP D 126 1.59 44.31 9.52
N MET D 127 0.33 44.22 9.09
CA MET D 127 -0.63 45.25 9.46
C MET D 127 -0.88 45.25 10.97
N ALA D 128 -0.85 44.06 11.58
CA ALA D 128 -1.07 43.96 13.01
C ALA D 128 -0.07 44.81 13.77
N LYS D 129 1.18 44.82 13.31
CA LYS D 129 2.22 45.59 13.96
C LYS D 129 2.27 47.04 13.49
N HIS D 130 1.52 47.41 12.49
CA HIS D 130 1.54 48.78 12.02
C HIS D 130 0.75 49.67 12.99
N PRO D 131 1.35 50.72 13.58
CA PRO D 131 0.63 51.49 14.58
C PRO D 131 -0.37 52.49 14.00
N GLN D 132 -0.04 53.10 12.86
CA GLN D 132 -0.92 54.09 12.23
C GLN D 132 -2.07 53.36 11.55
N ARG D 133 -2.95 52.81 12.38
CA ARG D 133 -4.04 51.96 11.92
C ARG D 133 -5.28 52.25 12.73
N VAL D 134 -6.43 52.13 12.07
CA VAL D 134 -7.73 52.15 12.72
C VAL D 134 -8.43 50.86 12.34
N SER D 135 -8.70 50.02 13.33
CA SER D 135 -9.24 48.68 13.09
C SER D 135 -10.27 48.38 14.16
N ARG D 136 -11.55 48.51 13.80
CA ARG D 136 -12.61 48.21 14.76
C ARG D 136 -12.79 46.71 14.93
N HIS D 137 -12.29 45.90 14.00
CA HIS D 137 -12.50 44.46 14.01
C HIS D 137 -11.17 43.75 14.21
N LEU D 138 -11.25 42.57 14.83
CA LEU D 138 -10.07 41.76 15.09
C LEU D 138 -10.44 40.30 14.96
N SER D 139 -9.43 39.48 14.69
CA SER D 139 -9.60 38.04 14.65
C SER D 139 -8.39 37.40 15.32
N VAL D 140 -8.62 36.23 15.90
CA VAL D 140 -7.59 35.54 16.68
C VAL D 140 -6.91 34.51 15.78
N ARG D 141 -5.60 34.63 15.66
CA ARG D 141 -4.77 33.63 15.00
C ARG D 141 -3.87 33.00 16.07
N THR D 142 -3.96 31.68 16.18
CA THR D 142 -3.25 30.94 17.23
C THR D 142 -2.19 30.06 16.60
N ASN D 143 -0.96 30.20 17.09
CA ASN D 143 0.12 29.26 16.80
C ASN D 143 0.27 28.34 17.99
N TYR D 144 -0.01 27.05 17.80
CA TYR D 144 0.03 26.07 18.87
C TYR D 144 0.96 24.94 18.44
N ILE D 145 1.93 24.61 19.29
CA ILE D 145 2.79 23.45 19.12
C ILE D 145 2.70 22.61 20.39
N GLN D 146 2.37 21.34 20.23
CA GLN D 146 2.33 20.39 21.34
C GLN D 146 3.63 19.59 21.32
N HIS D 147 4.42 19.75 22.37
CA HIS D 147 5.64 18.96 22.49
C HIS D 147 5.32 17.53 22.89
N ASP D 148 6.22 16.62 22.56
CA ASP D 148 6.01 15.21 22.88
C ASP D 148 5.97 15.00 24.38
N ASN D 149 6.65 15.85 25.14
CA ASN D 149 6.73 15.67 26.59
C ASN D 149 5.49 16.16 27.32
N GLY D 150 4.44 16.57 26.61
CA GLY D 150 3.25 17.09 27.22
C GLY D 150 3.24 18.59 27.44
N SER D 151 4.40 19.24 27.37
CA SER D 151 4.44 20.70 27.45
C SER D 151 3.93 21.29 26.16
N VAL D 152 3.19 22.40 26.28
CA VAL D 152 2.52 23.04 25.16
C VAL D 152 2.99 24.49 25.07
N SER D 153 3.32 24.91 23.85
CA SER D 153 3.69 26.29 23.56
C SER D 153 2.61 26.91 22.71
N THR D 154 2.04 28.02 23.18
CA THR D 154 0.91 28.65 22.52
C THR D 154 1.15 30.14 22.40
N LYS D 155 0.56 30.73 21.36
CA LYS D 155 0.60 32.16 21.14
C LYS D 155 -0.71 32.59 20.52
N PHE D 156 -1.05 33.86 20.70
CA PHE D 156 -2.22 34.46 20.07
C PHE D 156 -1.79 35.70 19.30
N SER D 157 -2.52 36.01 18.24
CA SER D 157 -2.23 37.16 17.41
C SER D 157 -3.54 37.74 16.94
N LEU D 158 -3.78 39.01 17.26
CA LEU D 158 -5.04 39.66 16.92
C LEU D 158 -4.90 40.33 15.56
N VAL D 159 -5.09 39.52 14.52
CA VAL D 159 -5.08 40.02 13.16
C VAL D 159 -6.36 40.81 12.93
N PRO D 160 -6.42 41.65 11.89
CA PRO D 160 -7.61 42.51 11.73
C PRO D 160 -8.92 41.77 11.58
N GLY D 161 -8.91 40.62 10.91
CA GLY D 161 -10.13 39.87 10.70
C GLY D 161 -11.05 40.53 9.69
N PRO D 162 -12.28 40.04 9.58
CA PRO D 162 -13.22 40.64 8.63
C PRO D 162 -13.53 42.08 8.97
N GLY D 163 -14.21 42.75 8.03
CA GLY D 163 -14.61 44.13 8.20
C GLY D 163 -13.63 45.11 7.61
N ASN D 164 -14.08 46.36 7.52
CA ASN D 164 -13.27 47.41 6.94
C ASN D 164 -12.22 47.90 7.93
N HIS D 165 -11.13 48.44 7.39
CA HIS D 165 -10.09 49.03 8.20
C HIS D 165 -9.49 50.20 7.45
N TRP D 166 -8.86 51.11 8.20
CA TRP D 166 -8.13 52.23 7.64
C TRP D 166 -6.71 52.22 8.16
N ILE D 167 -5.76 52.47 7.27
CA ILE D 167 -4.35 52.59 7.63
C ILE D 167 -3.77 53.79 6.91
N ARG D 168 -2.92 54.54 7.60
CA ARG D 168 -2.18 55.65 7.02
C ARG D 168 -0.75 55.19 6.78
N TYR D 169 -0.27 55.34 5.55
CA TYR D 169 1.08 54.95 5.17
C TYR D 169 1.65 56.01 4.26
N LYS D 170 2.74 56.63 4.69
CA LYS D 170 3.40 57.69 3.93
C LYS D 170 2.42 58.82 3.62
N GLY D 171 1.55 59.11 4.57
CA GLY D 171 0.59 60.18 4.41
C GLY D 171 -0.61 59.84 3.57
N ALA D 172 -0.72 58.60 3.11
CA ALA D 172 -1.82 58.16 2.25
C ALA D 172 -2.73 57.23 3.04
N PHE D 173 -4.03 57.49 2.99
CA PHE D 173 -5.02 56.61 3.62
C PHE D 173 -5.39 55.51 2.63
N ILE D 174 -5.23 54.27 3.06
CA ILE D 174 -5.52 53.10 2.23
C ILE D 174 -6.63 52.33 2.93
N LEU D 175 -7.83 52.38 2.37
CA LEU D 175 -8.91 51.56 2.88
C LEU D 175 -8.56 50.09 2.70
N ILE D 176 -9.09 49.26 3.60
CA ILE D 176 -8.82 47.83 3.57
C ILE D 176 -10.11 47.09 3.83
N LYS D 177 -10.23 45.91 3.24
CA LYS D 177 -11.41 45.08 3.39
C LYS D 177 -10.97 43.63 3.46
N ARG D 178 -11.63 42.87 4.33
CA ARG D 178 -11.41 41.44 4.44
C ARG D 178 -12.76 40.75 4.41
N GLU D 179 -12.81 39.58 3.79
CA GLU D 179 -14.08 38.97 3.45
C GLU D 179 -13.89 37.46 3.40
N ARG D 180 -14.75 36.73 4.12
CA ARG D 180 -14.76 35.28 4.13
C ARG D 180 -15.76 34.80 3.07
N SER D 181 -15.25 34.19 2.00
CA SER D 181 -16.12 33.80 0.91
C SER D 181 -16.95 32.58 1.26
N ALA D 182 -18.21 32.80 1.61
CA ALA D 182 -19.14 31.67 1.74
C ALA D 182 -19.31 31.02 0.38
N LYS D 183 -19.93 29.84 0.39
CA LYS D 183 -20.03 28.92 -0.73
C LYS D 183 -18.65 28.49 -1.27
N MET D 184 -17.58 28.67 -0.50
CA MET D 184 -16.24 28.23 -0.88
C MET D 184 -15.59 27.53 0.30
N ILE D 185 -14.64 26.64 -0.01
CA ILE D 185 -13.71 26.11 0.97
C ILE D 185 -12.36 25.91 0.29
N ASP D 186 -11.30 26.40 0.91
CA ASP D 186 -9.94 26.05 0.49
C ASP D 186 -9.66 24.66 1.05
N ILE D 187 -9.60 23.66 0.16
CA ILE D 187 -9.49 22.28 0.63
C ILE D 187 -8.16 22.05 1.31
N ALA D 188 -7.09 22.60 0.75
CA ALA D 188 -5.76 22.40 1.34
C ALA D 188 -5.70 23.02 2.73
N ASN D 189 -6.09 24.29 2.85
CA ASN D 189 -6.12 24.93 4.15
C ASN D 189 -7.29 24.43 4.99
N GLY D 190 -8.38 24.02 4.34
CA GLY D 190 -9.56 23.60 5.08
C GLY D 190 -10.24 24.72 5.82
N SER D 191 -10.35 25.89 5.19
CA SER D 191 -11.06 27.03 5.75
C SER D 191 -11.89 27.70 4.66
N PRO D 192 -12.87 28.51 5.04
CA PRO D 192 -13.59 29.29 4.03
C PRO D 192 -12.61 30.19 3.30
N PHE D 193 -12.83 30.35 1.99
CA PHE D 193 -11.91 31.10 1.15
C PHE D 193 -11.92 32.56 1.58
N GLU D 194 -10.82 33.03 2.13
CA GLU D 194 -10.71 34.42 2.53
C GLU D 194 -10.13 35.24 1.39
N THR D 195 -10.38 36.54 1.43
CA THR D 195 -9.77 37.46 0.48
C THR D 195 -9.64 38.81 1.13
N VAL D 196 -8.49 39.44 0.93
CA VAL D 196 -8.21 40.76 1.44
C VAL D 196 -8.07 41.69 0.25
N THR D 197 -8.35 42.97 0.46
CA THR D 197 -8.19 43.94 -0.61
C THR D 197 -7.86 45.30 -0.03
N LEU D 198 -7.15 46.09 -0.82
CA LEU D 198 -6.76 47.45 -0.47
C LEU D 198 -7.34 48.40 -1.52
N THR D 199 -7.41 49.67 -1.17
CA THR D 199 -7.97 50.67 -2.07
C THR D 199 -7.34 52.02 -1.76
N THR D 200 -7.03 52.75 -2.81
CA THR D 200 -6.45 54.09 -2.66
C THR D 200 -6.46 54.78 -4.01
N LEU D 201 -5.99 56.03 -4.00
CA LEU D 201 -6.08 56.86 -5.19
C LEU D 201 -5.15 56.36 -6.28
N TYR D 202 -5.69 56.23 -7.49
CA TYR D 202 -4.84 55.97 -8.64
C TYR D 202 -3.94 57.17 -8.91
N ARG D 203 -4.47 58.38 -8.71
CA ARG D 203 -3.74 59.60 -9.05
C ARG D 203 -2.40 59.64 -8.32
N ASP D 204 -2.42 59.43 -7.01
CA ASP D 204 -1.18 59.35 -6.24
C ASP D 204 -0.60 57.96 -6.34
N LYS D 205 0.66 57.85 -5.93
CA LYS D 205 1.42 56.61 -6.06
C LYS D 205 0.70 55.46 -5.36
N HIS D 206 0.33 54.46 -6.14
CA HIS D 206 -0.09 53.19 -5.56
C HIS D 206 1.13 52.54 -4.93
N LEU D 207 1.21 52.59 -3.61
CA LEU D 207 2.36 52.10 -2.86
C LEU D 207 2.25 50.62 -2.51
N PHE D 208 1.44 49.86 -3.25
CA PHE D 208 1.24 48.46 -2.89
C PHE D 208 2.55 47.68 -2.98
N ASP D 209 3.37 47.98 -3.99
CA ASP D 209 4.69 47.36 -4.08
C ASP D 209 5.49 47.61 -2.81
N ASP D 210 5.53 48.85 -2.34
CA ASP D 210 6.27 49.18 -1.14
C ASP D 210 5.70 48.45 0.07
N ILE D 211 4.37 48.40 0.18
CA ILE D 211 3.74 47.73 1.31
C ILE D 211 4.13 46.26 1.32
N LEU D 212 4.06 45.61 0.16
CA LEU D 212 4.39 44.20 0.11
C LEU D 212 5.85 43.99 0.46
N ASN D 213 6.71 44.89 -0.01
CA ASN D 213 8.13 44.75 0.30
C ASN D 213 8.35 44.86 1.80
N GLU D 214 7.65 45.77 2.46
CA GLU D 214 7.73 45.88 3.90
C GLU D 214 7.30 44.59 4.57
N ALA D 215 6.16 44.04 4.12
CA ALA D 215 5.65 42.81 4.72
C ALA D 215 6.60 41.65 4.52
N LYS D 216 7.24 41.59 3.35
CA LYS D 216 8.15 40.51 3.04
C LYS D 216 9.31 40.46 4.02
N ASP D 217 9.82 41.63 4.40
CA ASP D 217 10.93 41.68 5.35
C ASP D 217 10.56 41.05 6.68
N ILE D 218 9.28 41.11 7.06
CA ILE D 218 8.85 40.51 8.32
C ILE D 218 9.03 39.00 8.26
N ALA D 219 8.97 38.41 7.07
CA ALA D 219 9.20 36.98 6.94
C ALA D 219 10.67 36.67 6.77
N LEU D 220 11.38 37.49 6.00
CA LEU D 220 12.78 37.20 5.69
C LEU D 220 13.66 37.30 6.92
N LYS D 221 13.28 38.11 7.91
CA LYS D 221 14.10 38.26 9.10
C LYS D 221 14.24 36.95 9.86
N THR D 222 13.31 36.01 9.67
CA THR D 222 13.29 34.81 10.52
C THR D 222 14.48 33.90 10.27
N THR D 223 14.96 33.82 9.03
CA THR D 223 15.99 32.87 8.63
C THR D 223 17.34 33.57 8.60
N GLU D 224 18.33 32.99 9.30
CA GLU D 224 19.68 33.51 9.31
C GLU D 224 20.60 32.79 8.33
N GLY D 225 20.09 31.87 7.53
CA GLY D 225 20.94 31.13 6.61
C GLY D 225 21.70 30.01 7.28
N LYS D 226 20.97 29.02 7.80
CA LYS D 226 21.61 27.85 8.39
C LYS D 226 22.40 27.10 7.34
N THR D 227 23.54 26.54 7.78
CA THR D 227 24.25 25.58 6.97
C THR D 227 23.70 24.19 7.23
N VAL D 228 23.60 23.40 6.17
CA VAL D 228 23.04 22.06 6.24
C VAL D 228 24.08 21.08 5.71
N ILE D 229 24.30 19.99 6.45
CA ILE D 229 25.28 18.98 6.10
C ILE D 229 24.55 17.71 5.72
N TYR D 230 24.81 17.22 4.52
CA TYR D 230 24.26 15.97 4.03
C TYR D 230 25.27 14.85 4.20
N THR D 231 24.77 13.62 4.20
CA THR D 231 25.62 12.45 4.33
C THR D 231 25.02 11.33 3.52
N SER D 232 25.89 10.44 3.05
CA SER D 232 25.52 9.41 2.08
C SER D 232 25.19 8.12 2.81
N PHE D 233 23.93 7.69 2.71
CA PHE D 233 23.56 6.31 2.95
C PHE D 233 22.81 5.83 1.72
N GLY D 234 23.26 4.70 1.17
CA GLY D 234 22.78 4.28 -0.12
C GLY D 234 23.31 5.18 -1.21
N PRO D 235 22.82 5.03 -2.42
CA PRO D 235 23.24 5.89 -3.54
C PRO D 235 22.47 7.20 -3.61
N GLU D 236 22.37 7.89 -2.48
CA GLU D 236 21.70 9.18 -2.44
C GLU D 236 22.08 9.90 -1.16
N TRP D 237 22.18 11.22 -1.26
CA TRP D 237 22.43 12.05 -0.09
C TRP D 237 21.13 12.37 0.62
N ARG D 238 21.23 12.58 1.93
CA ARG D 238 20.10 13.06 2.71
C ARG D 238 20.62 13.92 3.85
N LYS D 239 19.70 14.66 4.45
CA LYS D 239 20.04 15.54 5.55
C LYS D 239 20.62 14.74 6.70
N PHE D 240 21.58 15.33 7.40
CA PHE D 240 22.18 14.73 8.57
C PHE D 240 22.22 15.76 9.70
N GLY D 241 22.03 15.26 10.92
CA GLY D 241 22.03 16.16 12.07
C GLY D 241 20.92 17.19 11.95
N GLN D 242 21.27 18.43 12.24
CA GLN D 242 20.34 19.55 12.17
C GLN D 242 21.01 20.70 11.44
N PRO D 243 20.24 21.62 10.86
CA PRO D 243 20.85 22.86 10.36
C PRO D 243 21.55 23.58 11.49
N LYS D 244 22.75 24.09 11.21
CA LYS D 244 23.58 24.68 12.23
C LYS D 244 24.04 26.06 11.80
N ALA D 245 24.46 26.85 12.77
CA ALA D 245 24.72 28.26 12.54
C ALA D 245 25.90 28.46 11.60
N LYS D 246 25.86 29.57 10.89
CA LYS D 246 26.96 29.95 10.00
C LYS D 246 28.25 30.10 10.78
N ARG D 247 29.31 29.46 10.31
CA ARG D 247 30.64 29.62 10.90
C ARG D 247 31.35 30.75 10.16
N MET D 248 31.40 31.92 10.79
CA MET D 248 31.98 33.10 10.16
C MET D 248 33.45 32.89 9.85
N LEU D 249 33.89 33.39 8.70
CA LEU D 249 35.21 33.05 8.19
C LEU D 249 36.38 33.49 9.07
N PRO D 250 36.42 34.69 9.68
CA PRO D 250 37.58 35.01 10.54
C PRO D 250 37.71 34.09 11.74
N SER D 251 36.63 33.42 12.15
CA SER D 251 36.70 32.52 13.29
C SER D 251 37.76 31.44 13.12
N VAL D 252 37.92 30.93 11.90
CA VAL D 252 38.94 29.92 11.60
C VAL D 252 40.16 30.64 11.07
N ILE D 253 41.34 30.27 11.58
CA ILE D 253 42.59 30.91 11.22
C ILE D 253 43.60 29.84 10.86
N LEU D 254 44.26 30.00 9.72
CA LEU D 254 45.39 29.19 9.30
C LEU D 254 46.60 30.10 9.14
N ASP D 255 47.69 29.54 8.60
CA ASP D 255 48.87 30.34 8.34
C ASP D 255 48.51 31.49 7.40
N SER D 256 49.35 32.54 7.43
CA SER D 256 49.10 33.73 6.65
C SER D 256 49.01 33.41 5.16
N GLY D 257 48.02 33.99 4.49
CA GLY D 257 47.93 33.91 3.05
C GLY D 257 47.22 32.69 2.52
N ILE D 258 47.05 31.67 3.36
CA ILE D 258 46.45 30.43 2.91
C ILE D 258 44.96 30.61 2.68
N LYS D 259 44.26 31.11 3.70
CA LYS D 259 42.81 31.30 3.59
C LYS D 259 42.48 32.24 2.45
N GLU D 260 43.24 33.32 2.32
CA GLU D 260 43.02 34.25 1.22
C GLU D 260 43.33 33.57 -0.11
N GLY D 261 44.42 32.79 -0.15
CA GLY D 261 44.79 32.11 -1.38
C GLY D 261 43.73 31.15 -1.87
N ILE D 262 42.95 30.59 -0.96
CA ILE D 262 41.81 29.75 -1.35
C ILE D 262 40.59 30.59 -1.71
N LEU D 263 40.31 31.61 -0.90
CA LEU D 263 39.08 32.38 -1.07
C LEU D 263 39.08 33.13 -2.41
N ASP D 264 40.19 33.80 -2.72
CA ASP D 264 40.26 34.54 -3.97
C ASP D 264 40.14 33.60 -5.16
N ASP D 265 40.80 32.44 -5.08
CA ASP D 265 40.76 31.50 -6.18
C ASP D 265 39.35 30.98 -6.42
N VAL D 266 38.65 30.62 -5.34
CA VAL D 266 37.30 30.08 -5.52
C VAL D 266 36.37 31.17 -6.02
N TYR D 267 36.53 32.39 -5.53
CA TYR D 267 35.72 33.51 -6.03
C TYR D 267 35.94 33.70 -7.52
N ASP D 268 37.20 33.67 -7.95
CA ASP D 268 37.51 33.82 -9.36
C ASP D 268 36.88 32.70 -10.16
N PHE D 269 36.95 31.47 -9.65
CA PHE D 269 36.38 30.34 -10.37
C PHE D 269 34.88 30.50 -10.55
N MET D 270 34.15 30.77 -9.47
CA MET D 270 32.71 30.90 -9.60
C MET D 270 32.34 32.13 -10.43
N LYS D 271 33.21 33.13 -10.48
CA LYS D 271 32.94 34.29 -11.31
C LYS D 271 32.94 33.93 -12.79
N ASN D 272 33.89 33.10 -13.20
CA ASN D 272 34.11 32.80 -14.61
C ASN D 272 33.15 31.72 -15.06
N GLY D 273 32.03 32.13 -15.64
CA GLY D 273 31.09 31.21 -16.24
C GLY D 273 31.34 31.06 -17.73
N LYS D 274 31.46 32.19 -18.43
CA LYS D 274 31.69 32.15 -19.87
C LYS D 274 33.02 31.49 -20.20
N TRP D 275 34.02 31.69 -19.34
CA TRP D 275 35.34 31.10 -19.58
C TRP D 275 35.25 29.59 -19.74
N TYR D 276 34.34 28.94 -19.02
CA TYR D 276 34.11 27.51 -19.16
C TYR D 276 32.91 27.22 -20.04
N SER D 277 31.80 27.90 -19.79
CA SER D 277 30.53 27.59 -20.45
C SER D 277 30.62 27.74 -21.96
N ASP D 278 30.85 28.98 -22.42
CA ASP D 278 30.87 29.23 -23.86
C ASP D 278 32.02 28.48 -24.52
N ARG D 279 33.17 28.45 -23.87
CA ARG D 279 34.37 27.86 -24.45
C ARG D 279 34.44 26.35 -24.27
N GLY D 280 33.38 25.73 -23.75
CA GLY D 280 33.21 24.30 -23.82
C GLY D 280 33.93 23.49 -22.76
N ILE D 281 34.86 24.09 -22.02
CA ILE D 281 35.57 23.31 -21.01
C ILE D 281 34.61 22.97 -19.88
N PRO D 282 34.69 21.78 -19.26
CA PRO D 282 33.77 21.49 -18.14
C PRO D 282 33.95 22.49 -17.01
N TYR D 283 32.83 22.90 -16.43
CA TYR D 283 32.80 23.97 -15.43
C TYR D 283 32.80 23.37 -14.03
N ARG D 284 33.98 22.93 -13.61
CA ARG D 284 34.16 22.42 -12.25
C ARG D 284 35.63 22.60 -11.87
N ARG D 285 35.89 22.55 -10.57
CA ARG D 285 37.23 22.78 -10.04
C ARG D 285 37.44 21.90 -8.83
N GLY D 286 38.68 21.47 -8.64
CA GLY D 286 39.03 20.57 -7.54
C GLY D 286 40.13 21.15 -6.67
N TYR D 287 40.03 20.91 -5.37
CA TYR D 287 40.99 21.38 -4.40
C TYR D 287 41.49 20.20 -3.57
N LEU D 288 42.75 20.27 -3.14
CA LEU D 288 43.36 19.24 -2.32
C LEU D 288 44.17 19.92 -1.22
N LEU D 289 43.88 19.57 0.03
CA LEU D 289 44.56 20.12 1.19
C LEU D 289 45.37 19.02 1.87
N TYR D 290 46.68 19.21 1.94
CA TYR D 290 47.53 18.32 2.71
C TYR D 290 47.39 18.63 4.19
N GLY D 291 48.29 18.02 4.99
CA GLY D 291 48.53 18.46 6.34
C GLY D 291 48.50 17.32 7.33
N PRO D 292 48.89 17.61 8.58
CA PRO D 292 48.74 16.62 9.64
C PRO D 292 47.27 16.41 9.97
N PRO D 293 46.95 15.38 10.76
CA PRO D 293 45.53 15.09 11.03
C PRO D 293 44.79 16.24 11.71
N GLY D 294 45.47 17.01 12.55
CA GLY D 294 44.85 18.15 13.18
C GLY D 294 44.73 19.33 12.24
N SER D 295 44.89 20.54 12.77
CA SER D 295 44.94 21.80 12.06
C SER D 295 43.56 22.28 11.63
N GLY D 296 42.49 21.51 11.82
CA GLY D 296 41.15 22.01 11.59
C GLY D 296 40.88 22.47 10.17
N LYS D 297 41.37 21.75 9.18
CA LYS D 297 41.03 22.07 7.80
C LYS D 297 39.53 21.93 7.57
N THR D 298 38.92 20.92 8.19
CA THR D 298 37.49 20.73 8.04
C THR D 298 36.72 21.92 8.57
N SER D 299 37.20 22.53 9.66
CA SER D 299 36.58 23.75 10.15
C SER D 299 36.66 24.85 9.10
N PHE D 300 37.80 24.94 8.41
CA PHE D 300 37.92 25.92 7.34
C PHE D 300 36.90 25.66 6.26
N ILE D 301 36.69 24.39 5.91
CA ILE D 301 35.73 24.09 4.86
C ILE D 301 34.33 24.46 5.31
N GLN D 302 34.01 24.18 6.58
CA GLN D 302 32.72 24.60 7.12
C GLN D 302 32.53 26.10 6.99
N ALA D 303 33.53 26.87 7.40
CA ALA D 303 33.41 28.32 7.33
C ALA D 303 33.25 28.78 5.90
N LEU D 304 34.03 28.22 4.99
CA LEU D 304 33.96 28.62 3.59
C LEU D 304 32.58 28.31 3.00
N ALA D 305 32.05 27.13 3.30
CA ALA D 305 30.73 26.78 2.81
C ALA D 305 29.68 27.71 3.39
N GLY D 306 29.82 28.07 4.66
CA GLY D 306 28.89 29.02 5.25
C GLY D 306 28.94 30.37 4.58
N GLU D 307 30.14 30.83 4.23
CA GLU D 307 30.28 32.14 3.60
C GLU D 307 29.53 32.20 2.27
N LEU D 308 29.66 31.15 1.47
CA LEU D 308 28.97 31.08 0.18
C LEU D 308 27.53 30.63 0.31
N ASP D 309 27.07 30.32 1.52
CA ASP D 309 25.68 29.91 1.74
C ASP D 309 25.36 28.59 1.05
N TYR D 310 26.40 27.83 0.68
CA TYR D 310 26.19 26.50 0.15
C TYR D 310 25.96 25.53 1.28
N ASN D 311 25.19 24.48 1.00
CA ASN D 311 25.22 23.31 1.87
C ASN D 311 26.52 22.55 1.64
N ILE D 312 26.66 21.42 2.31
CA ILE D 312 27.86 20.61 2.20
C ILE D 312 27.48 19.15 2.31
N CYS D 313 28.19 18.31 1.56
CA CYS D 313 27.94 16.87 1.54
C CYS D 313 29.25 16.16 1.87
N ILE D 314 29.26 15.47 2.97
CA ILE D 314 30.48 14.86 3.50
C ILE D 314 30.54 13.42 3.02
N LEU D 315 31.75 12.95 2.76
CA LEU D 315 31.96 11.55 2.41
C LEU D 315 33.42 11.22 2.64
N ASN D 316 33.69 10.28 3.54
CA ASN D 316 35.04 9.81 3.77
C ASN D 316 35.22 8.48 3.05
N LEU D 317 36.29 8.36 2.27
CA LEU D 317 36.50 7.16 1.47
C LEU D 317 36.68 5.93 2.35
N SER D 318 37.03 6.12 3.62
CA SER D 318 37.11 4.99 4.55
C SER D 318 35.75 4.41 4.89
N GLU D 319 34.66 5.04 4.47
CA GLU D 319 33.33 4.54 4.80
C GLU D 319 33.14 3.12 4.29
N ASN D 320 32.46 2.32 5.09
CA ASN D 320 32.29 0.91 4.76
C ASN D 320 31.29 0.74 3.62
N ASN D 321 31.49 -0.33 2.84
CA ASN D 321 30.56 -0.72 1.79
C ASN D 321 30.43 0.37 0.73
N LEU D 322 31.56 1.01 0.41
CA LEU D 322 31.61 2.05 -0.60
C LEU D 322 32.19 1.45 -1.88
N THR D 323 31.44 1.54 -2.96
CA THR D 323 31.81 0.98 -4.25
C THR D 323 32.06 2.09 -5.26
N ASP D 324 32.83 1.75 -6.30
CA ASP D 324 33.18 2.75 -7.31
C ASP D 324 31.94 3.31 -7.98
N ASP D 325 31.02 2.43 -8.39
CA ASP D 325 29.82 2.88 -9.08
C ASP D 325 28.96 3.74 -8.16
N ARG D 326 28.78 3.31 -6.91
CA ARG D 326 28.00 4.10 -5.97
C ARG D 326 28.69 5.43 -5.70
N LEU D 327 30.01 5.42 -5.59
CA LEU D 327 30.75 6.67 -5.42
C LEU D 327 30.46 7.62 -6.57
N ASN D 328 30.55 7.11 -7.80
CA ASN D 328 30.32 7.94 -8.96
C ASN D 328 28.89 8.48 -8.98
N HIS D 329 27.93 7.64 -8.62
CA HIS D 329 26.55 8.08 -8.61
C HIS D 329 26.33 9.18 -7.58
N LEU D 330 26.88 9.01 -6.39
CA LEU D 330 26.76 10.04 -5.37
C LEU D 330 27.44 11.32 -5.81
N MET D 331 28.57 11.19 -6.50
CA MET D 331 29.34 12.35 -6.92
C MET D 331 28.73 13.07 -8.11
N ASN D 332 27.53 12.70 -8.55
CA ASN D 332 26.83 13.39 -9.62
C ASN D 332 25.35 13.56 -9.29
N ASN D 333 25.01 13.57 -8.00
CA ASN D 333 23.62 13.78 -7.58
C ASN D 333 23.52 14.66 -6.34
N MET D 334 24.53 15.47 -6.04
CA MET D 334 24.49 16.27 -4.83
C MET D 334 23.34 17.27 -4.94
N PRO D 335 22.61 17.56 -3.86
CA PRO D 335 21.56 18.56 -3.96
C PRO D 335 22.11 19.93 -4.33
N GLU D 336 21.25 20.75 -4.92
CA GLU D 336 21.63 22.06 -5.42
C GLU D 336 22.27 22.90 -4.32
N ARG D 337 23.21 23.75 -4.73
CA ARG D 337 23.90 24.66 -3.83
C ARG D 337 24.58 23.88 -2.70
N SER D 338 25.54 23.04 -3.08
CA SER D 338 26.19 22.17 -2.13
C SER D 338 27.66 21.98 -2.51
N ILE D 339 28.52 22.14 -1.53
CA ILE D 339 29.92 21.77 -1.68
C ILE D 339 30.04 20.27 -1.48
N LEU D 340 30.96 19.65 -2.21
CA LEU D 340 31.30 18.26 -2.03
C LEU D 340 32.68 18.17 -1.40
N LEU D 341 32.77 17.47 -0.27
CA LEU D 341 34.02 17.28 0.44
C LEU D 341 34.34 15.80 0.51
N LEU D 342 35.58 15.46 0.21
CA LEU D 342 36.09 14.10 0.38
C LEU D 342 37.16 14.09 1.45
N GLU D 343 37.03 13.17 2.40
CA GLU D 343 37.98 13.00 3.48
C GLU D 343 38.87 11.81 3.21
N ASP D 344 40.08 11.84 3.79
CA ASP D 344 41.04 10.73 3.80
C ASP D 344 41.04 9.94 2.50
N ILE D 345 41.19 10.65 1.39
CA ILE D 345 41.09 10.01 0.07
C ILE D 345 42.21 9.02 -0.17
N ASP D 346 43.24 9.00 0.67
CA ASP D 346 44.31 8.02 0.51
C ASP D 346 43.80 6.59 0.65
N ALA D 347 42.61 6.41 1.24
CA ALA D 347 42.03 5.07 1.36
C ALA D 347 41.89 4.42 -0.01
N ALA D 348 41.52 5.20 -1.03
CA ALA D 348 41.43 4.66 -2.38
C ALA D 348 42.79 4.14 -2.83
N PHE D 349 43.83 4.95 -2.68
CA PHE D 349 45.18 4.49 -3.01
C PHE D 349 45.56 3.30 -2.16
N ASN D 350 45.26 3.36 -0.86
CA ASN D 350 45.64 2.28 0.05
C ASN D 350 45.06 0.96 -0.41
N LYS D 351 43.74 0.93 -0.63
CA LYS D 351 43.07 -0.25 -1.14
C LYS D 351 43.74 -0.70 -2.43
N ARG D 352 43.75 0.18 -3.44
CA ARG D 352 44.16 -0.22 -4.78
C ARG D 352 45.59 -0.77 -4.80
N SER D 353 46.51 -0.09 -4.12
CA SER D 353 47.91 -0.48 -4.16
C SER D 353 48.19 -1.64 -3.20
N GLN D 354 48.00 -1.41 -1.91
CA GLN D 354 48.45 -2.37 -0.91
C GLN D 354 47.45 -3.48 -0.66
N THR D 355 46.16 -3.16 -0.59
CA THR D 355 45.21 -4.12 -0.02
C THR D 355 44.63 -5.04 -1.07
N GLY D 356 44.13 -4.49 -2.17
CA GLY D 356 43.38 -5.32 -3.10
C GLY D 356 42.15 -5.90 -2.43
N GLU D 357 41.93 -7.18 -2.65
CA GLU D 357 40.81 -7.86 -2.02
C GLU D 357 41.02 -7.93 -0.50
N GLN D 358 39.95 -7.70 0.25
CA GLN D 358 40.03 -7.74 1.70
C GLN D 358 38.65 -8.10 2.27
N GLY D 359 38.65 -8.57 3.51
CA GLY D 359 37.39 -8.85 4.18
C GLY D 359 36.64 -7.59 4.55
N PHE D 360 37.33 -6.48 4.74
CA PHE D 360 36.69 -5.21 5.03
C PHE D 360 35.89 -4.75 3.81
N HIS D 361 35.12 -3.69 4.00
CA HIS D 361 34.16 -3.20 3.01
C HIS D 361 34.55 -1.83 2.48
N SER D 362 35.84 -1.64 2.21
CA SER D 362 36.35 -0.43 1.57
C SER D 362 36.79 -0.82 0.16
N SER D 363 35.84 -0.78 -0.77
CA SER D 363 36.05 -1.28 -2.12
C SER D 363 36.37 -0.20 -3.13
N VAL D 364 36.60 1.04 -2.69
CA VAL D 364 36.82 2.14 -3.62
C VAL D 364 38.19 1.98 -4.27
N THR D 365 38.23 2.16 -5.59
CA THR D 365 39.44 1.99 -6.37
C THR D 365 39.95 3.35 -6.83
N PHE D 366 41.27 3.53 -6.76
CA PHE D 366 41.88 4.80 -7.17
C PHE D 366 41.54 5.12 -8.62
N SER D 367 41.69 4.15 -9.50
CA SER D 367 41.33 4.36 -10.90
C SER D 367 39.85 4.65 -11.04
N GLY D 368 39.02 3.94 -10.27
CA GLY D 368 37.60 4.24 -10.29
C GLY D 368 37.30 5.66 -9.85
N LEU D 369 38.03 6.13 -8.83
CA LEU D 369 37.88 7.52 -8.41
C LEU D 369 38.23 8.47 -9.54
N LEU D 370 39.37 8.22 -10.20
CA LEU D 370 39.80 9.11 -11.28
C LEU D 370 38.77 9.14 -12.39
N ASN D 371 38.23 7.97 -12.75
CA ASN D 371 37.18 7.92 -13.76
C ASN D 371 35.96 8.69 -13.31
N ALA D 372 35.57 8.53 -12.04
CA ALA D 372 34.37 9.18 -11.54
C ALA D 372 34.56 10.69 -11.44
N LEU D 373 35.81 11.16 -11.42
CA LEU D 373 36.03 12.60 -11.38
C LEU D 373 35.52 13.28 -12.65
N ASP D 374 35.77 12.68 -13.80
CA ASP D 374 35.47 13.28 -15.09
C ASP D 374 34.51 12.39 -15.88
N GLY D 375 34.23 12.80 -17.11
CA GLY D 375 33.38 12.04 -18.00
C GLY D 375 31.94 12.51 -17.98
N VAL D 376 31.07 11.72 -17.35
CA VAL D 376 29.65 12.06 -17.25
C VAL D 376 29.36 12.99 -16.07
N THR D 377 30.39 13.49 -15.40
CA THR D 377 30.19 14.28 -14.19
C THR D 377 29.48 15.58 -14.50
N SER D 378 28.50 15.92 -13.66
CA SER D 378 27.84 17.21 -13.79
C SER D 378 28.82 18.33 -13.49
N SER D 379 28.65 19.44 -14.20
CA SER D 379 29.54 20.58 -14.06
C SER D 379 28.73 21.87 -14.06
N GLU D 380 27.52 21.83 -13.47
CA GLU D 380 26.69 23.02 -13.46
C GLU D 380 27.37 24.14 -12.67
N GLU D 381 27.78 23.86 -11.43
CA GLU D 381 28.65 24.76 -10.68
C GLU D 381 29.61 23.96 -9.80
N THR D 382 29.84 22.69 -10.09
CA THR D 382 30.35 21.76 -9.10
C THR D 382 31.71 22.17 -8.58
N ILE D 383 31.87 22.12 -7.25
CA ILE D 383 33.14 22.35 -6.57
C ILE D 383 33.43 21.11 -5.75
N THR D 384 34.64 20.58 -5.87
CA THR D 384 35.04 19.38 -5.15
C THR D 384 36.22 19.71 -4.24
N PHE D 385 36.03 19.53 -2.95
CA PHE D 385 37.10 19.68 -1.97
C PHE D 385 37.57 18.30 -1.54
N MET D 386 38.88 18.12 -1.47
CA MET D 386 39.47 16.84 -1.12
C MET D 386 40.50 17.07 -0.03
N THR D 387 40.45 16.23 1.00
CA THR D 387 41.32 16.36 2.15
C THR D 387 41.82 14.98 2.57
N THR D 388 43.08 14.92 2.97
CA THR D 388 43.67 13.67 3.41
C THR D 388 44.94 13.97 4.19
N ASN D 389 45.44 12.93 4.85
CA ASN D 389 46.75 12.95 5.50
C ASN D 389 47.60 11.86 4.89
N HIS D 390 48.87 11.85 5.27
CA HIS D 390 49.86 11.01 4.60
C HIS D 390 49.77 11.30 3.10
N PRO D 391 49.98 12.55 2.68
CA PRO D 391 49.73 12.90 1.27
C PRO D 391 50.61 12.14 0.29
N GLU D 392 51.77 11.65 0.74
CA GLU D 392 52.64 10.90 -0.16
C GLU D 392 51.99 9.61 -0.64
N LYS D 393 50.96 9.13 0.08
CA LYS D 393 50.27 7.91 -0.35
C LYS D 393 49.69 8.06 -1.74
N LEU D 394 48.99 9.16 -1.97
CA LEU D 394 48.23 9.33 -3.20
C LEU D 394 49.12 9.27 -4.43
N ASP D 395 48.66 8.53 -5.43
CA ASP D 395 49.44 8.33 -6.66
C ASP D 395 49.56 9.65 -7.43
N ALA D 396 50.61 9.72 -8.25
CA ALA D 396 50.93 10.95 -8.98
C ALA D 396 50.03 11.19 -10.19
N ALA D 397 48.92 10.45 -10.29
CA ALA D 397 48.03 10.61 -11.44
C ALA D 397 46.93 11.63 -11.16
N ILE D 398 46.48 11.73 -9.91
CA ILE D 398 45.25 12.47 -9.62
C ILE D 398 45.42 13.96 -9.93
N MET D 399 46.56 14.55 -9.54
CA MET D 399 46.69 16.00 -9.70
C MET D 399 46.92 16.33 -11.17
N ARG D 400 45.81 16.56 -11.88
CA ARG D 400 45.84 16.98 -13.28
C ARG D 400 44.76 18.03 -13.45
N PRO D 401 44.86 18.89 -14.46
CA PRO D 401 43.78 19.84 -14.74
C PRO D 401 42.47 19.09 -14.96
N GLY D 402 41.39 19.66 -14.42
CA GLY D 402 40.09 19.03 -14.49
C GLY D 402 39.84 17.98 -13.43
N ARG D 403 40.86 17.60 -12.66
CA ARG D 403 40.73 16.67 -11.55
C ARG D 403 41.06 17.30 -10.21
N ILE D 404 42.24 17.91 -10.10
CA ILE D 404 42.62 18.62 -8.88
C ILE D 404 43.42 19.85 -9.29
N ASP D 405 42.83 21.02 -9.07
CA ASP D 405 43.42 22.27 -9.52
C ASP D 405 44.20 23.00 -8.44
N TYR D 406 44.27 22.45 -7.22
CA TYR D 406 44.89 23.13 -6.11
C TYR D 406 45.49 22.12 -5.14
N LYS D 407 46.74 22.35 -4.74
CA LYS D 407 47.42 21.51 -3.74
C LYS D 407 48.05 22.46 -2.73
N VAL D 408 47.37 22.66 -1.61
CA VAL D 408 47.80 23.59 -0.57
C VAL D 408 48.18 22.77 0.65
N PHE D 409 49.29 23.15 1.29
CA PHE D 409 49.78 22.47 2.47
C PHE D 409 49.29 23.20 3.71
N VAL D 410 48.59 22.47 4.58
CA VAL D 410 48.08 23.07 5.81
C VAL D 410 49.19 23.16 6.85
N GLY D 411 49.76 22.02 7.22
CA GLY D 411 50.84 22.00 8.17
C GLY D 411 50.38 22.24 9.60
N ASN D 412 51.35 22.29 10.50
CA ASN D 412 51.09 22.54 11.90
C ASN D 412 50.77 24.01 12.12
N ALA D 413 50.67 24.40 13.39
CA ALA D 413 50.30 25.76 13.74
C ALA D 413 51.55 26.62 13.92
N THR D 414 51.76 27.54 12.97
CA THR D 414 52.87 28.48 13.11
C THR D 414 52.57 29.47 14.24
N PRO D 415 53.61 30.09 14.82
CA PRO D 415 53.35 31.09 15.87
C PRO D 415 52.45 32.22 15.41
N TYR D 416 52.48 32.55 14.12
CA TYR D 416 51.52 33.50 13.57
C TYR D 416 50.10 33.09 13.92
N GLN D 417 49.77 31.82 13.69
CA GLN D 417 48.44 31.33 14.04
C GLN D 417 48.20 31.40 15.53
N VAL D 418 49.24 31.11 16.33
CA VAL D 418 49.12 31.14 17.78
C VAL D 418 48.68 32.52 18.25
N GLU D 419 49.31 33.56 17.69
CA GLU D 419 48.95 34.91 18.06
C GLU D 419 47.46 35.16 17.84
N LYS D 420 46.97 34.85 16.63
CA LYS D 420 45.60 35.19 16.28
C LYS D 420 44.61 34.39 17.10
N MET D 421 44.85 33.09 17.30
CA MET D 421 43.90 32.31 18.08
C MET D 421 43.91 32.75 19.53
N PHE D 422 45.07 33.16 20.04
CA PHE D 422 45.12 33.72 21.39
C PHE D 422 44.26 34.96 21.51
N MET D 423 44.40 35.90 20.55
CA MET D 423 43.56 37.09 20.63
C MET D 423 42.09 36.73 20.46
N LYS D 424 41.80 35.69 19.68
CA LYS D 424 40.43 35.23 19.51
C LYS D 424 39.85 34.77 20.85
N PHE D 425 40.66 34.04 21.63
CA PHE D 425 40.22 33.64 22.96
C PHE D 425 40.32 34.78 23.96
N TYR D 426 41.35 35.61 23.84
CA TYR D 426 41.73 36.57 24.87
C TYR D 426 41.81 37.93 24.18
N PRO D 427 40.69 38.65 24.09
CA PRO D 427 40.63 39.81 23.18
C PRO D 427 41.66 40.89 23.44
N GLY D 428 42.05 41.13 24.70
CA GLY D 428 42.86 42.28 25.03
C GLY D 428 44.22 41.99 25.64
N GLU D 429 44.54 40.71 25.85
CA GLU D 429 45.75 40.37 26.57
C GLU D 429 46.93 40.21 25.62
N THR D 430 47.30 41.30 24.95
CA THR D 430 48.39 41.25 23.99
C THR D 430 49.73 40.98 24.66
N ASP D 431 49.96 41.60 25.83
CA ASP D 431 51.17 41.31 26.58
C ASP D 431 51.28 39.82 26.87
N ILE D 432 50.18 39.23 27.33
CA ILE D 432 50.17 37.80 27.61
C ILE D 432 50.39 37.02 26.32
N CYS D 433 49.85 37.52 25.21
CA CYS D 433 50.06 36.85 23.93
C CYS D 433 51.54 36.79 23.57
N LYS D 434 52.24 37.92 23.70
CA LYS D 434 53.65 37.93 23.32
C LYS D 434 54.48 37.03 24.23
N LYS D 435 54.25 37.11 25.54
CA LYS D 435 55.04 36.24 26.41
C LYS D 435 54.66 34.77 26.19
N PHE D 436 53.43 34.50 25.79
CA PHE D 436 53.05 33.11 25.53
C PHE D 436 53.75 32.61 24.27
N VAL D 437 53.76 33.40 23.21
CA VAL D 437 54.46 32.91 22.02
C VAL D 437 55.95 32.76 22.30
N ASN D 438 56.49 33.59 23.19
CA ASN D 438 57.86 33.37 23.65
C ASN D 438 57.98 32.02 24.34
N SER D 439 57.02 31.69 25.21
CA SER D 439 57.04 30.41 25.89
C SER D 439 56.93 29.25 24.90
N VAL D 440 56.11 29.43 23.87
CA VAL D 440 55.94 28.40 22.85
C VAL D 440 57.25 28.19 22.09
N LYS D 441 57.91 29.28 21.71
CA LYS D 441 59.20 29.18 21.06
C LYS D 441 60.19 28.44 21.96
N GLU D 442 60.17 28.76 23.25
CA GLU D 442 61.02 28.05 24.20
C GLU D 442 60.70 26.57 24.22
N LEU D 443 59.41 26.23 24.20
CA LEU D 443 59.01 24.83 24.14
C LEU D 443 59.49 24.18 22.85
N ASP D 444 59.21 24.81 21.71
CA ASP D 444 59.67 24.34 20.42
C ASP D 444 59.19 22.91 20.14
N ILE D 445 57.88 22.77 20.05
CA ILE D 445 57.23 21.48 19.82
C ILE D 445 56.28 21.62 18.63
N THR D 446 56.23 20.58 17.80
CA THR D 446 55.33 20.57 16.65
C THR D 446 53.90 20.38 17.13
N VAL D 447 53.16 21.49 17.22
CA VAL D 447 51.82 21.50 17.79
C VAL D 447 50.85 21.99 16.74
N SER D 448 49.78 21.22 16.51
CA SER D 448 48.71 21.66 15.64
C SER D 448 47.72 22.52 16.42
N THR D 449 46.80 23.13 15.69
CA THR D 449 45.85 24.04 16.34
C THR D 449 44.96 23.32 17.34
N ALA D 450 44.78 22.01 17.18
CA ALA D 450 43.83 21.29 18.02
C ALA D 450 44.26 21.28 19.49
N GLN D 451 45.52 20.96 19.75
CA GLN D 451 45.99 20.86 21.13
C GLN D 451 45.94 22.22 21.81
N LEU D 452 46.39 23.25 21.10
CA LEU D 452 46.27 24.61 21.61
C LEU D 452 44.81 24.94 21.88
N GLN D 453 43.93 24.47 21.00
CA GLN D 453 42.51 24.78 21.16
C GLN D 453 41.98 24.17 22.44
N GLY D 454 42.36 22.92 22.71
CA GLY D 454 41.97 22.29 23.96
C GLY D 454 42.49 23.05 25.16
N LEU D 455 43.74 23.51 25.09
CA LEU D 455 44.29 24.31 26.17
C LEU D 455 43.42 25.54 26.42
N PHE D 456 43.19 26.33 25.38
CA PHE D 456 42.50 27.60 25.58
C PHE D 456 41.06 27.38 26.01
N VAL D 457 40.41 26.32 25.50
CA VAL D 457 39.02 26.10 25.85
C VAL D 457 38.88 25.54 27.26
N MET D 458 39.86 24.79 27.75
CA MET D 458 39.82 24.44 29.17
C MET D 458 40.01 25.69 30.03
N ASN D 459 40.93 26.57 29.62
CA ASN D 459 41.10 27.84 30.32
C ASN D 459 40.04 28.82 29.80
N LYS D 460 38.82 28.66 30.31
CA LYS D 460 37.74 29.55 29.93
C LYS D 460 38.00 30.97 30.40
N ASP D 461 38.61 31.12 31.58
CA ASP D 461 38.92 32.43 32.14
C ASP D 461 40.10 33.06 31.38
N ALA D 462 40.56 34.19 31.89
CA ALA D 462 41.64 34.92 31.26
C ALA D 462 42.93 34.10 31.27
N PRO D 463 43.85 34.36 30.34
CA PRO D 463 44.98 33.44 30.12
C PRO D 463 46.10 33.55 31.14
N HIS D 464 45.94 34.34 32.19
CA HIS D 464 46.93 34.36 33.26
C HIS D 464 47.21 32.95 33.76
N ASP D 465 46.16 32.14 33.94
CA ASP D 465 46.35 30.74 34.31
C ASP D 465 46.83 29.91 33.13
N ALA D 466 46.44 30.29 31.91
CA ALA D 466 46.92 29.57 30.73
C ALA D 466 48.44 29.63 30.65
N LEU D 467 49.03 30.71 31.14
CA LEU D 467 50.48 30.82 31.16
C LEU D 467 51.10 29.69 31.97
N LYS D 468 50.52 29.40 33.14
CA LYS D 468 51.05 28.32 33.97
C LYS D 468 50.85 26.98 33.30
N MET D 469 49.87 26.88 32.40
CA MET D 469 49.47 25.60 31.84
C MET D 469 50.27 25.21 30.60
N VAL D 470 51.10 26.10 30.07
CA VAL D 470 51.76 25.86 28.80
C VAL D 470 52.69 24.65 28.87
N SER D 471 53.17 24.32 30.07
CA SER D 471 54.07 23.18 30.22
C SER D 471 53.38 21.88 29.80
N SER D 472 52.06 21.80 29.94
CA SER D 472 51.35 20.58 29.56
C SER D 472 51.41 20.33 28.05
N LEU D 473 51.77 21.33 27.26
CA LEU D 473 51.89 21.07 25.84
C LEU D 473 53.07 20.15 25.51
N ARG D 474 53.97 19.91 26.48
CA ARG D 474 54.93 18.84 26.33
C ARG D 474 54.21 17.49 26.21
N ASN D 475 53.19 17.27 27.02
CA ASN D 475 52.38 16.06 26.99
C ASN D 475 51.09 16.25 26.18
N ALA D 476 51.05 17.32 25.37
CA ALA D 476 49.90 17.60 24.49
C ALA D 476 49.34 16.36 23.81
N ASN D 477 50.18 15.41 23.41
CA ASN D 477 49.67 14.18 22.81
C ASN D 477 48.76 13.41 23.74
N HIS D 478 48.86 13.64 25.05
CA HIS D 478 48.08 12.94 26.06
C HIS D 478 47.08 13.85 26.77
N ILE D 479 47.45 15.10 27.05
CA ILE D 479 46.55 16.02 27.74
C ILE D 479 45.50 16.58 26.80
N PHE D 480 45.79 16.68 25.51
CA PHE D 480 44.87 17.26 24.54
C PHE D 480 44.76 16.39 23.29
N ALA E 99 -32.62 44.37 -30.48
CA ALA E 99 -32.18 44.59 -31.85
C ALA E 99 -30.88 45.38 -31.87
N SER E 100 -30.82 46.44 -31.07
CA SER E 100 -29.58 47.21 -30.94
C SER E 100 -28.47 46.34 -30.39
N ARG E 101 -28.76 45.57 -29.34
CA ARG E 101 -27.77 44.64 -28.82
C ARG E 101 -27.44 43.56 -29.83
N VAL E 102 -28.41 43.15 -30.65
CA VAL E 102 -28.13 42.17 -31.69
C VAL E 102 -27.10 42.73 -32.67
N LEU E 103 -27.28 43.99 -33.09
CA LEU E 103 -26.32 44.61 -33.99
C LEU E 103 -24.96 44.72 -33.33
N TYR E 104 -24.93 45.17 -32.08
CA TYR E 104 -23.65 45.29 -31.37
C TYR E 104 -22.93 43.95 -31.34
N ARG E 105 -23.66 42.90 -30.93
CA ARG E 105 -23.14 41.55 -30.98
C ARG E 105 -22.66 41.18 -32.38
N GLN E 106 -23.33 41.67 -33.41
CA GLN E 106 -22.86 41.40 -34.76
C GLN E 106 -21.52 42.07 -35.04
N MET E 107 -21.27 43.25 -34.47
CA MET E 107 -20.03 43.97 -34.74
C MET E 107 -18.90 43.71 -33.73
N ILE E 108 -19.11 42.92 -32.68
CA ILE E 108 -18.11 42.75 -31.63
C ILE E 108 -17.75 41.27 -31.51
N VAL E 109 -16.46 40.99 -31.42
CA VAL E 109 -15.96 39.66 -31.18
C VAL E 109 -15.91 39.49 -29.67
N ASP E 110 -15.80 38.25 -29.20
CA ASP E 110 -15.25 38.03 -27.88
C ASP E 110 -14.51 36.69 -27.87
N LEU E 111 -13.34 36.69 -27.24
CA LEU E 111 -12.51 35.50 -27.11
C LEU E 111 -12.26 35.23 -25.63
N GLU E 112 -12.56 34.02 -25.19
CA GLU E 112 -12.54 33.67 -23.79
C GLU E 112 -11.52 32.57 -23.55
N ILE E 113 -10.84 32.65 -22.40
CA ILE E 113 -9.87 31.64 -21.99
C ILE E 113 -10.13 31.28 -20.54
N GLN E 114 -10.18 29.98 -20.25
CA GLN E 114 -10.45 29.50 -18.91
C GLN E 114 -9.17 29.43 -18.10
N SER E 115 -9.33 29.36 -16.78
CA SER E 115 -8.17 29.31 -15.90
C SER E 115 -7.35 28.05 -16.16
N LYS E 116 -8.00 26.95 -16.51
CA LYS E 116 -7.31 25.68 -16.63
C LYS E 116 -6.34 25.62 -17.79
N ASP E 117 -6.34 26.61 -18.68
CA ASP E 117 -5.44 26.65 -19.82
C ASP E 117 -4.20 27.45 -19.47
N LYS E 118 -3.04 26.98 -19.96
CA LYS E 118 -1.79 27.68 -19.72
C LYS E 118 -1.84 29.09 -20.30
N SER E 119 -2.49 29.25 -21.44
CA SER E 119 -2.56 30.56 -22.08
C SER E 119 -3.20 31.58 -21.16
N TYR E 120 -4.03 31.15 -20.22
CA TYR E 120 -4.56 32.06 -19.21
C TYR E 120 -3.44 32.79 -18.47
N ALA E 121 -2.59 32.02 -17.78
CA ALA E 121 -1.51 32.62 -17.02
C ALA E 121 -0.53 33.36 -17.94
N TRP E 122 -0.25 32.78 -19.11
CA TRP E 122 0.65 33.44 -20.04
C TRP E 122 0.13 34.80 -20.44
N PHE E 123 -1.16 34.88 -20.79
CA PHE E 123 -1.73 36.14 -21.23
C PHE E 123 -1.78 37.14 -20.07
N LEU E 124 -2.08 36.67 -18.86
CA LEU E 124 -2.07 37.58 -17.73
C LEU E 124 -0.68 38.18 -17.52
N THR E 125 0.34 37.33 -17.53
CA THR E 125 1.70 37.83 -17.35
C THR E 125 2.07 38.80 -18.45
N TRP E 126 1.73 38.45 -19.70
CA TRP E 126 2.05 39.34 -20.81
C TRP E 126 1.37 40.69 -20.65
N MET E 127 0.08 40.67 -20.29
CA MET E 127 -0.65 41.91 -20.10
C MET E 127 -0.03 42.75 -19.00
N ALA E 128 0.47 42.10 -17.95
CA ALA E 128 1.14 42.84 -16.89
C ALA E 128 2.31 43.64 -17.45
N LYS E 129 3.01 43.10 -18.44
CA LYS E 129 4.14 43.79 -19.04
C LYS E 129 3.73 44.77 -20.13
N HIS E 130 2.50 44.69 -20.62
CA HIS E 130 2.13 45.53 -21.75
C HIS E 130 2.07 46.99 -21.32
N PRO E 131 2.75 47.91 -22.01
CA PRO E 131 2.84 49.28 -21.50
C PRO E 131 1.55 50.07 -21.68
N GLN E 132 0.94 49.96 -22.86
CA GLN E 132 -0.21 50.80 -23.21
C GLN E 132 -1.49 50.08 -22.79
N ARG E 133 -1.82 50.20 -21.51
CA ARG E 133 -3.04 49.62 -20.97
C ARG E 133 -3.55 50.51 -19.84
N VAL E 134 -4.81 50.30 -19.48
CA VAL E 134 -5.46 51.00 -18.38
C VAL E 134 -6.11 49.94 -17.52
N SER E 135 -5.45 49.55 -16.44
CA SER E 135 -5.93 48.51 -15.54
C SER E 135 -5.96 49.09 -14.13
N ARG E 136 -7.17 49.30 -13.60
CA ARG E 136 -7.34 49.88 -12.28
C ARG E 136 -7.65 48.84 -11.21
N HIS E 137 -7.47 47.56 -11.50
CA HIS E 137 -7.57 46.50 -10.52
C HIS E 137 -6.31 45.65 -10.59
N LEU E 138 -5.97 45.00 -9.49
CA LEU E 138 -4.70 44.29 -9.40
C LEU E 138 -4.84 43.09 -8.48
N SER E 139 -3.93 42.15 -8.65
CA SER E 139 -3.79 41.01 -7.75
C SER E 139 -2.33 40.60 -7.75
N VAL E 140 -1.94 39.88 -6.70
CA VAL E 140 -0.53 39.57 -6.45
C VAL E 140 -0.30 38.09 -6.70
N ARG E 141 0.54 37.80 -7.68
CA ARG E 141 1.12 36.46 -7.83
C ARG E 141 2.52 36.51 -7.25
N THR E 142 2.80 35.60 -6.30
CA THR E 142 4.09 35.57 -5.62
C THR E 142 4.66 34.16 -5.67
N ASN E 143 5.86 34.05 -6.21
CA ASN E 143 6.59 32.78 -6.18
C ASN E 143 7.32 32.67 -4.86
N TYR E 144 7.32 31.47 -4.28
CA TYR E 144 7.97 31.21 -3.01
C TYR E 144 8.58 29.83 -3.09
N ILE E 145 9.88 29.74 -2.80
CA ILE E 145 10.58 28.46 -2.74
C ILE E 145 11.45 28.49 -1.50
N GLN E 146 11.08 27.71 -0.49
CA GLN E 146 11.88 27.56 0.71
C GLN E 146 12.89 26.46 0.46
N HIS E 147 14.16 26.85 0.34
CA HIS E 147 15.20 25.86 0.06
C HIS E 147 15.38 24.94 1.26
N ASP E 148 15.88 23.74 0.99
CA ASP E 148 16.21 22.82 2.08
C ASP E 148 17.26 23.42 3.00
N ASN E 149 18.08 24.35 2.49
CA ASN E 149 19.04 25.07 3.31
C ASN E 149 18.38 25.76 4.49
N GLY E 150 17.12 26.17 4.33
CA GLY E 150 16.41 26.95 5.32
C GLY E 150 16.21 28.39 4.92
N SER E 151 17.17 28.99 4.25
CA SER E 151 17.00 30.32 3.69
C SER E 151 16.01 30.25 2.54
N VAL E 152 15.39 31.39 2.25
CA VAL E 152 14.25 31.46 1.34
C VAL E 152 14.51 32.50 0.27
N SER E 153 14.09 32.20 -0.95
CA SER E 153 14.03 33.15 -2.05
C SER E 153 12.58 33.28 -2.49
N THR E 154 12.04 34.50 -2.46
CA THR E 154 10.67 34.76 -2.83
C THR E 154 10.59 35.95 -3.75
N LYS E 155 9.65 35.91 -4.69
CA LYS E 155 9.45 36.98 -5.65
C LYS E 155 7.95 37.23 -5.79
N PHE E 156 7.61 38.46 -6.14
CA PHE E 156 6.22 38.90 -6.25
C PHE E 156 6.00 39.63 -7.56
N SER E 157 4.81 39.48 -8.13
CA SER E 157 4.42 40.18 -9.33
C SER E 157 2.97 40.61 -9.21
N LEU E 158 2.64 41.74 -9.83
CA LEU E 158 1.28 42.27 -9.83
C LEU E 158 0.64 42.01 -11.18
N VAL E 159 -0.58 41.46 -11.14
CA VAL E 159 -1.33 41.18 -12.36
C VAL E 159 -2.71 41.81 -12.22
N PRO E 160 -3.40 42.07 -13.33
CA PRO E 160 -4.59 42.95 -13.27
C PRO E 160 -5.74 42.45 -12.40
N GLY E 161 -5.72 41.19 -11.95
CA GLY E 161 -6.73 40.73 -11.03
C GLY E 161 -8.10 40.71 -11.67
N PRO E 162 -9.15 40.57 -10.85
CA PRO E 162 -10.50 40.63 -11.39
C PRO E 162 -10.89 42.05 -11.73
N GLY E 163 -11.96 42.16 -12.53
CA GLY E 163 -12.42 43.44 -13.04
C GLY E 163 -12.39 43.47 -14.55
N ASN E 164 -12.17 44.66 -15.09
CA ASN E 164 -12.07 44.82 -16.53
C ASN E 164 -11.07 45.93 -16.85
N HIS E 165 -10.32 45.73 -17.93
CA HIS E 165 -9.24 46.62 -18.30
C HIS E 165 -9.26 46.85 -19.80
N TRP E 166 -8.56 47.90 -20.23
CA TRP E 166 -8.50 48.30 -21.63
C TRP E 166 -7.09 48.12 -22.16
N ILE E 167 -6.98 47.83 -23.46
CA ILE E 167 -5.72 47.63 -24.13
C ILE E 167 -5.77 48.36 -25.46
N ARG E 168 -4.62 48.90 -25.88
CA ARG E 168 -4.50 49.62 -27.14
C ARG E 168 -3.49 48.92 -28.03
N TYR E 169 -3.64 47.61 -28.20
CA TYR E 169 -2.69 46.86 -29.00
C TYR E 169 -2.74 47.32 -30.44
N LYS E 170 -1.61 47.82 -30.94
CA LYS E 170 -1.52 48.34 -32.30
C LYS E 170 -2.57 49.42 -32.55
N GLY E 171 -3.65 49.09 -33.26
CA GLY E 171 -4.66 50.06 -33.59
C GLY E 171 -5.98 49.82 -32.89
N ALA E 172 -6.08 48.74 -32.13
CA ALA E 172 -7.34 48.34 -31.53
C ALA E 172 -7.55 49.02 -30.19
N PHE E 173 -8.76 48.85 -29.65
CA PHE E 173 -9.13 49.29 -28.31
C PHE E 173 -9.78 48.14 -27.55
N ILE E 174 -9.09 46.99 -27.54
CA ILE E 174 -9.63 45.78 -26.97
C ILE E 174 -10.03 46.01 -25.52
N LEU E 175 -11.14 45.41 -25.12
CA LEU E 175 -11.60 45.42 -23.74
C LEU E 175 -11.31 44.06 -23.12
N ILE E 176 -10.67 44.07 -21.97
CA ILE E 176 -10.32 42.85 -21.23
C ILE E 176 -11.20 42.79 -20.00
N LYS E 177 -11.78 41.62 -19.74
CA LYS E 177 -12.58 41.38 -18.57
C LYS E 177 -12.10 40.11 -17.88
N ARG E 178 -12.04 40.16 -16.55
CA ARG E 178 -11.66 39.01 -15.74
C ARG E 178 -12.69 38.84 -14.63
N GLU E 179 -13.04 37.59 -14.34
CA GLU E 179 -14.05 37.31 -13.34
C GLU E 179 -13.78 35.96 -12.71
N ARG E 180 -14.27 35.79 -11.49
CA ARG E 180 -14.14 34.55 -10.73
C ARG E 180 -15.51 33.91 -10.54
N SER E 181 -15.55 32.59 -10.61
CA SER E 181 -16.79 31.87 -10.40
C SER E 181 -17.25 31.98 -8.95
N ALA E 182 -18.56 31.98 -8.76
CA ALA E 182 -19.16 31.84 -7.44
C ALA E 182 -19.30 30.38 -7.02
N LYS E 183 -18.82 29.45 -7.85
CA LYS E 183 -18.76 28.04 -7.53
C LYS E 183 -17.51 27.48 -8.23
N MET E 184 -17.44 26.16 -8.37
CA MET E 184 -16.37 25.51 -9.12
C MET E 184 -15.00 25.78 -8.48
N ILE E 185 -14.82 25.26 -7.27
CA ILE E 185 -13.46 25.15 -6.75
C ILE E 185 -12.70 24.20 -7.66
N ASP E 186 -11.63 24.70 -8.28
CA ASP E 186 -10.83 23.90 -9.20
C ASP E 186 -9.83 23.10 -8.37
N ILE E 187 -10.10 21.79 -8.24
CA ILE E 187 -9.23 20.94 -7.43
C ILE E 187 -7.84 20.85 -8.05
N ALA E 188 -7.74 21.06 -9.37
CA ALA E 188 -6.44 20.98 -10.03
C ALA E 188 -5.47 22.01 -9.48
N ASN E 189 -5.97 23.13 -8.97
CA ASN E 189 -5.14 24.17 -8.38
C ASN E 189 -5.66 24.66 -7.04
N GLY E 190 -6.83 24.22 -6.60
CA GLY E 190 -7.34 24.65 -5.32
C GLY E 190 -7.79 26.10 -5.25
N SER E 191 -8.30 26.63 -6.36
CA SER E 191 -8.84 27.98 -6.40
C SER E 191 -10.08 27.98 -7.28
N PRO E 192 -10.94 29.00 -7.16
CA PRO E 192 -12.16 29.01 -7.98
C PRO E 192 -11.83 29.14 -9.46
N PHE E 193 -12.70 28.57 -10.28
CA PHE E 193 -12.59 28.76 -11.72
C PHE E 193 -12.73 30.24 -12.06
N GLU E 194 -11.92 30.70 -13.00
CA GLU E 194 -11.99 32.08 -13.47
C GLU E 194 -11.64 32.11 -14.94
N THR E 195 -12.18 33.11 -15.63
CA THR E 195 -12.03 33.22 -17.07
C THR E 195 -11.70 34.65 -17.44
N VAL E 196 -11.04 34.80 -18.58
CA VAL E 196 -10.63 36.10 -19.11
C VAL E 196 -11.18 36.22 -20.52
N THR E 197 -11.88 37.32 -20.78
CA THR E 197 -12.55 37.53 -22.07
C THR E 197 -12.00 38.78 -22.72
N LEU E 198 -11.56 38.66 -23.96
CA LEU E 198 -11.13 39.79 -24.77
C LEU E 198 -12.17 40.02 -25.85
N THR E 199 -12.62 41.26 -25.99
CA THR E 199 -13.67 41.61 -26.95
C THR E 199 -13.26 42.84 -27.73
N THR E 200 -13.62 42.87 -29.01
CA THR E 200 -13.29 43.99 -29.88
C THR E 200 -14.07 43.83 -31.19
N LEU E 201 -13.76 44.70 -32.14
CA LEU E 201 -14.47 44.71 -33.41
C LEU E 201 -14.13 43.49 -34.25
N TYR E 202 -14.99 43.19 -35.22
CA TYR E 202 -14.74 42.05 -36.10
C TYR E 202 -13.49 42.25 -36.94
N ARG E 203 -13.13 43.50 -37.23
CA ARG E 203 -11.97 43.76 -38.07
C ARG E 203 -10.69 43.19 -37.48
N ASP E 204 -10.64 43.00 -36.16
CA ASP E 204 -9.43 42.63 -35.46
C ASP E 204 -9.47 41.21 -34.90
N LYS E 205 -10.38 40.37 -35.38
CA LYS E 205 -10.48 39.01 -34.85
C LYS E 205 -9.17 38.25 -35.05
N HIS E 206 -8.49 38.52 -36.16
CA HIS E 206 -7.18 37.92 -36.38
C HIS E 206 -6.17 38.38 -35.35
N LEU E 207 -6.39 39.54 -34.74
CA LEU E 207 -5.39 40.09 -33.82
C LEU E 207 -5.23 39.21 -32.59
N PHE E 208 -6.27 38.48 -32.20
CA PHE E 208 -6.20 37.70 -30.97
C PHE E 208 -5.11 36.64 -31.03
N ASP E 209 -5.04 35.92 -32.15
CA ASP E 209 -3.98 34.92 -32.30
C ASP E 209 -2.62 35.60 -32.27
N ASP E 210 -2.53 36.81 -32.82
CA ASP E 210 -1.26 37.53 -32.81
C ASP E 210 -0.81 37.83 -31.39
N ILE E 211 -1.70 38.42 -30.59
CA ILE E 211 -1.31 38.75 -29.21
C ILE E 211 -1.04 37.49 -28.41
N LEU E 212 -1.78 36.41 -28.69
CA LEU E 212 -1.53 35.17 -27.96
C LEU E 212 -0.16 34.62 -28.32
N ASN E 213 0.20 34.66 -29.60
CA ASN E 213 1.54 34.24 -30.01
C ASN E 213 2.59 35.10 -29.33
N GLU E 214 2.33 36.40 -29.20
CA GLU E 214 3.24 37.27 -28.46
C GLU E 214 3.36 36.81 -27.01
N ALA E 215 2.24 36.42 -26.41
CA ALA E 215 2.24 35.88 -25.06
C ALA E 215 2.91 34.52 -24.98
N LYS E 216 3.17 33.88 -26.12
CA LYS E 216 3.90 32.61 -26.16
C LYS E 216 5.38 32.79 -25.83
N ASP E 217 5.83 34.03 -25.61
CA ASP E 217 7.24 34.31 -25.42
C ASP E 217 7.83 33.52 -24.24
N ILE E 218 6.99 33.17 -23.26
CA ILE E 218 7.49 32.47 -22.08
C ILE E 218 8.11 31.14 -22.47
N ALA E 219 7.63 30.53 -23.56
CA ALA E 219 8.22 29.27 -24.02
C ALA E 219 9.69 29.42 -24.35
N LEU E 220 10.09 30.59 -24.86
CA LEU E 220 11.49 30.80 -25.20
C LEU E 220 12.36 30.71 -23.94
N LYS E 221 11.86 31.23 -22.82
CA LYS E 221 12.62 31.17 -21.58
C LYS E 221 12.89 29.74 -21.13
N THR E 222 12.12 28.78 -21.64
CA THR E 222 12.33 27.37 -21.34
C THR E 222 13.44 26.75 -22.18
N THR E 223 14.08 27.52 -23.06
CA THR E 223 15.14 26.97 -23.90
C THR E 223 16.34 26.51 -23.10
N GLU E 224 16.46 26.93 -21.84
CA GLU E 224 17.55 26.52 -20.97
C GLU E 224 17.39 25.10 -20.42
N GLY E 225 16.52 24.26 -20.97
CA GLY E 225 16.39 22.90 -20.49
C GLY E 225 17.60 22.03 -20.77
N LYS E 226 18.45 22.44 -21.71
CA LYS E 226 19.68 21.70 -22.04
C LYS E 226 19.29 20.31 -22.53
N THR E 227 20.13 19.31 -22.28
CA THR E 227 19.94 17.95 -22.75
C THR E 227 20.03 16.98 -21.59
N VAL E 228 19.24 15.91 -21.66
CA VAL E 228 19.22 14.90 -20.61
C VAL E 228 20.26 13.83 -20.91
N ILE E 229 20.74 13.19 -19.85
CA ILE E 229 21.58 12.00 -19.96
C ILE E 229 20.95 10.93 -19.09
N TYR E 230 20.45 9.87 -19.71
CA TYR E 230 19.90 8.73 -18.98
C TYR E 230 20.98 7.67 -18.81
N THR E 231 20.76 6.79 -17.83
CA THR E 231 21.68 5.71 -17.57
C THR E 231 20.90 4.50 -17.07
N SER E 232 21.48 3.32 -17.27
CA SER E 232 20.85 2.10 -16.79
C SER E 232 20.66 2.16 -15.29
N PHE E 233 19.46 1.82 -14.84
CA PHE E 233 19.08 1.86 -13.43
C PHE E 233 18.39 0.56 -13.06
N GLY E 234 18.97 -0.55 -13.49
CA GLY E 234 18.30 -1.82 -13.43
C GLY E 234 17.58 -2.08 -14.74
N PRO E 235 16.34 -2.59 -14.70
CA PRO E 235 15.65 -2.90 -15.97
C PRO E 235 15.21 -1.67 -16.76
N GLU E 236 15.35 -0.46 -16.20
CA GLU E 236 14.82 0.75 -16.82
C GLU E 236 15.88 1.83 -16.86
N TRP E 237 15.71 2.74 -17.81
CA TRP E 237 16.52 3.95 -17.87
C TRP E 237 15.97 5.00 -16.90
N ARG E 238 16.86 5.85 -16.41
CA ARG E 238 16.47 6.88 -15.45
C ARG E 238 17.35 8.10 -15.67
N LYS E 239 16.80 9.25 -15.30
CA LYS E 239 17.56 10.49 -15.32
C LYS E 239 18.83 10.35 -14.49
N PHE E 240 19.96 10.59 -15.12
CA PHE E 240 21.26 10.56 -14.45
C PHE E 240 21.72 12.00 -14.27
N GLY E 241 21.32 12.59 -13.16
CA GLY E 241 21.68 13.97 -12.89
C GLY E 241 20.90 14.94 -13.73
N GLN E 242 20.68 16.14 -13.20
CA GLN E 242 20.02 17.22 -13.92
C GLN E 242 20.63 17.41 -15.30
N PRO E 243 19.89 17.99 -16.26
CA PRO E 243 20.40 18.06 -17.63
C PRO E 243 21.72 18.80 -17.76
N LYS E 244 22.72 18.14 -18.35
CA LYS E 244 23.99 18.79 -18.60
C LYS E 244 23.78 19.96 -19.55
N ALA E 245 24.51 21.05 -19.30
CA ALA E 245 24.39 22.25 -20.12
C ALA E 245 24.72 21.94 -21.57
N LYS E 246 23.97 22.58 -22.48
CA LYS E 246 24.16 22.35 -23.90
C LYS E 246 25.58 22.70 -24.32
N ARG E 247 26.17 21.85 -25.16
CA ARG E 247 27.54 22.02 -25.63
C ARG E 247 27.50 22.35 -27.11
N MET E 248 27.96 23.54 -27.47
CA MET E 248 27.98 23.95 -28.86
C MET E 248 28.93 23.06 -29.66
N LEU E 249 28.48 22.65 -30.84
CA LEU E 249 29.31 21.81 -31.70
C LEU E 249 30.62 22.48 -32.12
N PRO E 250 30.63 23.73 -32.58
CA PRO E 250 31.91 24.34 -32.97
C PRO E 250 32.91 24.40 -31.83
N SER E 251 32.46 24.50 -30.58
CA SER E 251 33.38 24.54 -29.46
C SER E 251 34.23 23.29 -29.35
N VAL E 252 33.72 22.15 -29.81
CA VAL E 252 34.48 20.91 -29.80
C VAL E 252 35.36 20.89 -31.04
N ILE E 253 36.64 20.58 -30.84
CA ILE E 253 37.64 20.60 -31.91
C ILE E 253 38.18 19.18 -32.06
N LEU E 254 38.05 18.63 -33.27
CA LEU E 254 38.58 17.33 -33.60
C LEU E 254 39.14 17.37 -35.01
N ASP E 255 39.76 16.28 -35.42
CA ASP E 255 40.51 16.27 -36.67
C ASP E 255 39.61 16.54 -37.86
N SER E 256 40.22 16.98 -38.95
CA SER E 256 39.47 17.39 -40.12
C SER E 256 38.72 16.21 -40.72
N GLY E 257 37.59 16.51 -41.36
CA GLY E 257 36.85 15.52 -42.12
C GLY E 257 35.97 14.58 -41.33
N ILE E 258 36.49 14.00 -40.25
CA ILE E 258 35.72 13.01 -39.50
C ILE E 258 34.47 13.65 -38.92
N LYS E 259 34.61 14.85 -38.37
CA LYS E 259 33.44 15.57 -37.86
C LYS E 259 32.46 15.84 -38.99
N GLU E 260 32.95 16.42 -40.08
CA GLU E 260 32.08 16.76 -41.20
C GLU E 260 31.50 15.52 -41.82
N GLY E 261 32.33 14.48 -41.98
CA GLY E 261 31.85 13.24 -42.57
C GLY E 261 30.74 12.61 -41.75
N ILE E 262 30.93 12.53 -40.43
CA ILE E 262 29.91 11.96 -39.57
C ILE E 262 28.65 12.80 -39.60
N LEU E 263 28.81 14.13 -39.55
CA LEU E 263 27.65 15.01 -39.55
C LEU E 263 26.83 14.85 -40.82
N ASP E 264 27.49 14.90 -41.98
CA ASP E 264 26.75 14.75 -43.22
C ASP E 264 26.18 13.35 -43.38
N ASP E 265 26.89 12.33 -42.88
CA ASP E 265 26.36 10.97 -42.95
C ASP E 265 25.06 10.85 -42.16
N VAL E 266 25.05 11.34 -40.92
CA VAL E 266 23.83 11.21 -40.13
C VAL E 266 22.74 12.11 -40.71
N TYR E 267 23.12 13.27 -41.26
CA TYR E 267 22.14 14.11 -41.93
C TYR E 267 21.45 13.35 -43.07
N ASP E 268 22.25 12.75 -43.95
CA ASP E 268 21.68 11.95 -45.03
C ASP E 268 20.83 10.82 -44.46
N PHE E 269 21.25 10.23 -43.35
CA PHE E 269 20.51 9.11 -42.78
C PHE E 269 19.10 9.55 -42.39
N MET E 270 18.97 10.53 -41.48
CA MET E 270 17.63 10.79 -40.98
C MET E 270 16.81 11.60 -41.97
N LYS E 271 17.45 12.27 -42.93
CA LYS E 271 16.68 12.90 -44.00
C LYS E 271 16.10 11.85 -44.94
N ASN E 272 16.91 10.85 -45.28
CA ASN E 272 16.53 9.83 -46.26
C ASN E 272 15.73 8.71 -45.58
N GLY E 273 14.60 9.10 -44.99
CA GLY E 273 13.73 8.13 -44.35
C GLY E 273 12.93 7.29 -45.33
N LYS E 274 12.72 7.79 -46.55
CA LYS E 274 11.96 7.02 -47.53
C LYS E 274 12.68 5.74 -47.92
N TRP E 275 14.00 5.73 -47.86
CA TRP E 275 14.79 4.55 -48.21
C TRP E 275 14.76 3.48 -47.14
N TYR E 276 13.92 3.58 -46.13
CA TYR E 276 13.76 2.54 -45.13
C TYR E 276 12.32 2.10 -44.96
N SER E 277 11.36 3.02 -45.07
CA SER E 277 9.96 2.67 -44.90
C SER E 277 9.53 1.67 -45.96
N ASP E 278 9.52 2.08 -47.23
CA ASP E 278 9.17 1.16 -48.30
C ASP E 278 10.20 0.05 -48.42
N ARG E 279 11.48 0.39 -48.23
CA ARG E 279 12.54 -0.59 -48.39
C ARG E 279 12.42 -1.73 -47.39
N GLY E 280 11.82 -1.47 -46.23
CA GLY E 280 11.58 -2.51 -45.24
C GLY E 280 12.75 -2.81 -44.33
N ILE E 281 13.89 -2.18 -44.54
CA ILE E 281 15.03 -2.40 -43.64
C ILE E 281 14.70 -1.77 -42.29
N PRO E 282 15.12 -2.37 -41.17
CA PRO E 282 14.94 -1.67 -39.88
C PRO E 282 15.66 -0.33 -39.91
N TYR E 283 14.93 0.71 -39.49
CA TYR E 283 15.38 2.08 -39.66
C TYR E 283 16.24 2.47 -38.46
N ARG E 284 17.53 2.16 -38.56
CA ARG E 284 18.49 2.60 -37.55
C ARG E 284 19.88 2.52 -38.15
N ARG E 285 20.83 3.19 -37.48
CA ARG E 285 22.21 3.22 -37.92
C ARG E 285 23.13 3.26 -36.71
N GLY E 286 24.35 2.79 -36.91
CA GLY E 286 25.37 2.83 -35.88
C GLY E 286 26.67 3.43 -36.39
N TYR E 287 27.52 3.91 -35.49
CA TYR E 287 28.75 4.58 -35.84
C TYR E 287 29.89 4.02 -34.99
N LEU E 288 31.07 3.94 -35.60
CA LEU E 288 32.25 3.34 -34.99
C LEU E 288 33.37 4.37 -34.99
N LEU E 289 33.74 4.84 -33.80
CA LEU E 289 34.78 5.84 -33.62
C LEU E 289 35.82 5.27 -32.67
N TYR E 290 37.01 4.99 -33.19
CA TYR E 290 38.05 4.32 -32.41
C TYR E 290 39.36 5.10 -32.51
N GLY E 291 40.19 4.94 -31.49
CA GLY E 291 41.47 5.59 -31.42
C GLY E 291 42.03 5.52 -30.02
N PRO E 292 43.23 6.09 -29.82
CA PRO E 292 43.79 6.09 -28.48
C PRO E 292 42.97 6.94 -27.55
N PRO E 293 43.07 6.73 -26.24
CA PRO E 293 42.33 7.58 -25.29
C PRO E 293 42.79 9.02 -25.37
N GLY E 294 42.05 9.88 -24.67
CA GLY E 294 42.36 11.30 -24.70
C GLY E 294 41.91 12.01 -25.94
N SER E 295 41.19 11.34 -26.83
CA SER E 295 40.67 11.97 -28.04
C SER E 295 39.36 12.70 -27.81
N GLY E 296 38.74 12.54 -26.64
CA GLY E 296 37.51 13.25 -26.35
C GLY E 296 36.37 12.87 -27.28
N LYS E 297 36.23 11.58 -27.58
CA LYS E 297 35.14 11.14 -28.44
C LYS E 297 33.79 11.45 -27.81
N THR E 298 33.64 11.13 -26.53
CA THR E 298 32.38 11.37 -25.84
C THR E 298 32.02 12.86 -25.88
N SER E 299 33.03 13.72 -25.85
CA SER E 299 32.79 15.15 -26.04
C SER E 299 32.08 15.39 -27.36
N PHE E 300 32.58 14.78 -28.43
CA PHE E 300 31.96 14.94 -29.73
C PHE E 300 30.55 14.40 -29.72
N ILE E 301 30.34 13.26 -29.07
CA ILE E 301 29.01 12.66 -29.05
C ILE E 301 28.01 13.58 -28.36
N GLN E 302 28.40 14.12 -27.20
CA GLN E 302 27.49 15.01 -26.49
C GLN E 302 27.23 16.28 -27.31
N ALA E 303 28.28 16.79 -27.96
CA ALA E 303 28.09 17.97 -28.79
C ALA E 303 27.12 17.71 -29.93
N LEU E 304 27.26 16.56 -30.59
CA LEU E 304 26.37 16.23 -31.68
C LEU E 304 24.94 16.07 -31.19
N ALA E 305 24.77 15.37 -30.06
CA ALA E 305 23.42 15.16 -29.54
C ALA E 305 22.77 16.49 -29.18
N GLY E 306 23.53 17.40 -28.57
CA GLY E 306 23.01 18.73 -28.34
C GLY E 306 22.63 19.43 -29.63
N GLU E 307 23.47 19.28 -30.65
CA GLU E 307 23.14 19.86 -31.95
C GLU E 307 21.85 19.28 -32.50
N LEU E 308 21.69 17.96 -32.37
CA LEU E 308 20.47 17.31 -32.82
C LEU E 308 19.32 17.46 -31.84
N ASP E 309 19.56 18.06 -30.67
CA ASP E 309 18.52 18.24 -29.67
C ASP E 309 17.96 16.91 -29.19
N TYR E 310 18.79 15.88 -29.21
CA TYR E 310 18.41 14.55 -28.76
C TYR E 310 19.12 14.25 -27.44
N ASN E 311 18.40 13.61 -26.53
CA ASN E 311 19.02 13.16 -25.30
C ASN E 311 20.05 12.08 -25.61
N ILE E 312 20.85 11.76 -24.61
CA ILE E 312 21.82 10.68 -24.68
C ILE E 312 21.43 9.63 -23.65
N CYS E 313 21.50 8.38 -24.04
CA CYS E 313 21.36 7.26 -23.12
C CYS E 313 22.66 6.47 -23.16
N ILE E 314 23.34 6.39 -22.02
CA ILE E 314 24.69 5.85 -21.92
C ILE E 314 24.60 4.48 -21.25
N LEU E 315 25.34 3.52 -21.78
CA LEU E 315 25.39 2.19 -21.19
C LEU E 315 26.79 1.63 -21.47
N ASN E 316 27.65 1.67 -20.47
CA ASN E 316 28.97 1.07 -20.57
C ASN E 316 28.87 -0.44 -20.43
N LEU E 317 29.51 -1.17 -21.34
CA LEU E 317 29.51 -2.62 -21.28
C LEU E 317 30.37 -3.14 -20.14
N SER E 318 31.15 -2.29 -19.48
CA SER E 318 31.95 -2.74 -18.35
C SER E 318 31.10 -3.18 -17.16
N GLU E 319 29.82 -2.80 -17.13
CA GLU E 319 28.96 -3.15 -16.01
C GLU E 319 28.87 -4.66 -15.86
N ASN E 320 29.21 -5.14 -14.66
CA ASN E 320 29.19 -6.58 -14.41
C ASN E 320 27.76 -7.11 -14.33
N ASN E 321 26.90 -6.43 -13.58
CA ASN E 321 25.51 -6.83 -13.45
C ASN E 321 24.71 -6.36 -14.66
N LEU E 322 25.07 -6.91 -15.81
CA LEU E 322 24.47 -6.54 -17.10
C LEU E 322 24.27 -7.81 -17.91
N THR E 323 23.02 -8.25 -18.02
CA THR E 323 22.68 -9.42 -18.81
C THR E 323 22.36 -9.00 -20.24
N ASP E 324 22.57 -9.92 -21.18
CA ASP E 324 22.21 -9.65 -22.56
C ASP E 324 20.72 -9.40 -22.69
N ASP E 325 19.90 -10.14 -21.94
CA ASP E 325 18.47 -9.88 -21.95
C ASP E 325 18.16 -8.48 -21.41
N ARG E 326 18.88 -8.06 -20.38
CA ARG E 326 18.71 -6.71 -19.87
C ARG E 326 19.05 -5.69 -20.95
N LEU E 327 20.13 -5.92 -21.68
CA LEU E 327 20.52 -5.02 -22.76
C LEU E 327 19.44 -4.94 -23.82
N ASN E 328 18.94 -6.11 -24.25
CA ASN E 328 17.90 -6.13 -25.28
C ASN E 328 16.66 -5.40 -24.81
N HIS E 329 16.27 -5.63 -23.55
CA HIS E 329 15.12 -4.93 -23.01
C HIS E 329 15.35 -3.43 -22.98
N LEU E 330 16.57 -3.01 -22.63
CA LEU E 330 16.85 -1.59 -22.47
C LEU E 330 16.81 -0.86 -23.80
N MET E 331 17.44 -1.43 -24.84
CA MET E 331 17.48 -0.71 -26.11
C MET E 331 16.10 -0.57 -26.75
N ASN E 332 15.12 -1.35 -26.31
CA ASN E 332 13.78 -1.33 -26.89
C ASN E 332 12.75 -0.67 -26.00
N ASN E 333 13.18 0.09 -25.00
CA ASN E 333 12.29 0.88 -24.16
C ASN E 333 12.88 2.26 -23.97
N MET E 334 13.35 2.85 -25.07
CA MET E 334 14.13 4.06 -25.02
C MET E 334 13.20 5.25 -24.73
N PRO E 335 13.70 6.31 -24.08
CA PRO E 335 13.00 7.59 -24.18
C PRO E 335 13.10 8.16 -25.58
N GLU E 336 12.13 9.02 -25.91
CA GLU E 336 11.96 9.47 -27.28
C GLU E 336 13.06 10.45 -27.68
N ARG E 337 13.49 10.34 -28.93
CA ARG E 337 14.45 11.26 -29.54
C ARG E 337 15.76 11.28 -28.74
N SER E 338 16.42 10.12 -28.75
CA SER E 338 17.63 9.94 -27.95
C SER E 338 18.66 9.17 -28.77
N ILE E 339 19.88 9.14 -28.24
CA ILE E 339 21.02 8.50 -28.89
C ILE E 339 21.60 7.48 -27.92
N LEU E 340 21.89 6.29 -28.44
CA LEU E 340 22.53 5.25 -27.64
C LEU E 340 24.04 5.38 -27.74
N LEU E 341 24.66 5.81 -26.65
CA LEU E 341 26.10 5.90 -26.56
C LEU E 341 26.59 4.62 -25.89
N LEU E 342 27.11 3.70 -26.69
CA LEU E 342 27.69 2.45 -26.19
C LEU E 342 29.20 2.53 -26.32
N GLU E 343 29.89 2.23 -25.23
CA GLU E 343 31.35 2.28 -25.18
C GLU E 343 31.82 1.02 -24.48
N ASP E 344 33.13 0.83 -24.43
CA ASP E 344 33.71 -0.38 -23.87
C ASP E 344 33.22 -1.62 -24.62
N ILE E 345 33.06 -1.47 -25.94
CA ILE E 345 32.58 -2.57 -26.77
C ILE E 345 33.55 -3.75 -26.72
N ASP E 346 34.84 -3.47 -26.58
CA ASP E 346 35.83 -4.54 -26.47
C ASP E 346 35.54 -5.45 -25.29
N ALA E 347 34.88 -4.93 -24.25
CA ALA E 347 34.49 -5.78 -23.14
C ALA E 347 33.55 -6.88 -23.57
N ALA E 348 32.78 -6.68 -24.64
CA ALA E 348 31.93 -7.75 -25.13
C ALA E 348 32.77 -8.94 -25.58
N PHE E 349 33.79 -8.68 -26.40
CA PHE E 349 34.66 -9.76 -26.87
C PHE E 349 35.45 -10.35 -25.72
N ASN E 350 35.90 -9.51 -24.79
CA ASN E 350 36.67 -10.02 -23.65
C ASN E 350 35.80 -10.84 -22.72
N LYS E 351 34.51 -10.53 -22.63
CA LYS E 351 33.57 -11.24 -21.77
C LYS E 351 32.89 -12.39 -22.48
N ARG E 352 33.14 -12.59 -23.77
CA ARG E 352 32.80 -13.84 -24.41
C ARG E 352 33.35 -15.01 -23.59
N SER E 353 32.74 -16.19 -23.78
CA SER E 353 33.06 -17.36 -22.98
C SER E 353 34.55 -17.71 -22.98
N GLN E 354 35.32 -17.20 -23.93
CA GLN E 354 36.75 -17.50 -23.97
C GLN E 354 37.47 -16.98 -22.73
N THR E 355 37.13 -15.78 -22.27
CA THR E 355 37.86 -15.13 -21.19
C THR E 355 36.95 -14.61 -20.08
N GLY E 356 35.70 -14.25 -20.41
CA GLY E 356 34.80 -13.73 -19.41
C GLY E 356 34.51 -14.67 -18.26
N GLU E 357 34.72 -15.97 -18.46
CA GLU E 357 34.54 -16.93 -17.38
C GLU E 357 35.54 -16.72 -16.26
N GLN E 358 36.66 -16.04 -16.53
CA GLN E 358 37.67 -15.74 -15.53
C GLN E 358 37.73 -14.24 -15.30
N GLY E 359 37.72 -13.82 -14.04
CA GLY E 359 37.88 -12.43 -13.69
C GLY E 359 36.62 -11.60 -13.87
N PHE E 360 36.18 -11.43 -15.11
CA PHE E 360 35.02 -10.58 -15.37
C PHE E 360 33.76 -11.16 -14.74
N HIS E 361 33.46 -12.43 -15.04
CA HIS E 361 32.28 -13.11 -14.51
C HIS E 361 31.01 -12.33 -14.83
N SER E 362 30.97 -11.73 -16.02
CA SER E 362 29.85 -10.94 -16.47
C SER E 362 28.86 -11.82 -17.25
N SER E 363 27.69 -11.25 -17.54
CA SER E 363 26.62 -11.95 -18.23
C SER E 363 26.32 -11.35 -19.60
N VAL E 364 27.24 -10.57 -20.17
CA VAL E 364 27.05 -10.03 -21.50
C VAL E 364 27.52 -11.07 -22.52
N THR E 365 26.72 -11.27 -23.55
CA THR E 365 27.01 -12.22 -24.63
C THR E 365 27.03 -11.48 -25.96
N PHE E 366 28.05 -11.75 -26.77
CA PHE E 366 28.13 -11.10 -28.07
C PHE E 366 26.95 -11.48 -28.95
N SER E 367 26.53 -12.74 -28.90
CA SER E 367 25.35 -13.15 -29.66
C SER E 367 24.11 -12.41 -29.20
N GLY E 368 23.99 -12.19 -27.88
CA GLY E 368 22.89 -11.38 -27.38
C GLY E 368 22.95 -9.97 -27.91
N LEU E 369 24.14 -9.38 -27.93
CA LEU E 369 24.30 -8.05 -28.49
C LEU E 369 23.86 -8.01 -29.95
N LEU E 370 24.26 -9.03 -30.72
CA LEU E 370 23.89 -9.07 -32.13
C LEU E 370 22.37 -9.17 -32.29
N ASN E 371 21.75 -10.14 -31.62
CA ASN E 371 20.32 -10.36 -31.84
C ASN E 371 19.50 -9.18 -31.33
N ALA E 372 19.96 -8.51 -30.27
CA ALA E 372 19.30 -7.27 -29.87
C ALA E 372 19.50 -6.19 -30.93
N LEU E 373 20.68 -6.16 -31.55
CA LEU E 373 20.98 -5.14 -32.54
C LEU E 373 20.18 -5.32 -33.83
N ASP E 374 19.59 -6.50 -34.05
CA ASP E 374 18.87 -6.74 -35.29
C ASP E 374 17.96 -7.96 -35.11
N GLY E 375 16.74 -7.86 -35.62
CA GLY E 375 15.78 -8.93 -35.57
C GLY E 375 14.74 -8.72 -34.50
N VAL E 376 13.57 -8.21 -34.89
CA VAL E 376 12.44 -7.88 -34.02
C VAL E 376 12.90 -7.23 -32.72
N THR E 377 13.95 -6.40 -32.81
CA THR E 377 14.49 -5.72 -31.64
C THR E 377 14.90 -4.27 -31.96
N SER E 378 14.32 -3.68 -33.00
CA SER E 378 14.68 -2.34 -33.43
C SER E 378 13.46 -1.42 -33.33
N SER E 379 13.65 -0.27 -32.72
CA SER E 379 12.64 0.77 -32.71
C SER E 379 12.87 1.70 -33.90
N GLU E 380 12.17 2.83 -33.93
CA GLU E 380 12.24 3.75 -35.06
C GLU E 380 13.42 4.69 -34.88
N GLU E 381 14.38 4.61 -35.80
CA GLU E 381 15.47 5.58 -35.91
C GLU E 381 16.25 5.68 -34.60
N THR E 382 16.87 4.56 -34.23
CA THR E 382 17.67 4.48 -33.01
C THR E 382 19.14 4.56 -33.41
N ILE E 383 19.67 5.77 -33.43
CA ILE E 383 21.08 5.97 -33.75
C ILE E 383 21.92 5.44 -32.59
N THR E 384 23.07 4.86 -32.92
CA THR E 384 23.95 4.25 -31.93
C THR E 384 25.39 4.62 -32.24
N PHE E 385 26.25 4.48 -31.22
CA PHE E 385 27.66 4.81 -31.34
C PHE E 385 28.50 3.79 -30.60
N MET E 386 29.65 3.46 -31.18
CA MET E 386 30.63 2.57 -30.59
C MET E 386 31.95 3.33 -30.41
N THR E 387 32.62 3.11 -29.29
CA THR E 387 33.86 3.83 -29.03
C THR E 387 34.64 3.16 -27.91
N THR E 388 35.90 2.81 -28.20
CA THR E 388 36.85 2.35 -27.20
C THR E 388 38.24 2.76 -27.67
N ASN E 389 39.27 2.15 -27.06
CA ASN E 389 40.65 2.30 -27.49
C ASN E 389 41.29 0.95 -27.73
N HIS E 390 40.51 -0.01 -28.23
CA HIS E 390 40.98 -1.37 -28.53
C HIS E 390 40.57 -1.73 -29.94
N PRO E 391 41.19 -1.12 -30.95
CA PRO E 391 40.88 -1.46 -32.34
C PRO E 391 41.47 -2.78 -32.82
N GLU E 392 42.03 -3.59 -31.92
CA GLU E 392 42.70 -4.84 -32.29
C GLU E 392 42.00 -6.07 -31.73
N LYS E 393 40.80 -5.90 -31.16
CA LYS E 393 40.06 -7.00 -30.53
C LYS E 393 38.62 -7.01 -31.03
N LEU E 394 38.48 -6.88 -32.35
CA LEU E 394 37.18 -6.77 -33.00
C LEU E 394 36.93 -8.00 -33.85
N ASP E 395 35.76 -8.60 -33.70
CA ASP E 395 35.36 -9.73 -34.51
C ASP E 395 34.76 -9.24 -35.83
N ALA E 396 34.91 -10.07 -36.86
CA ALA E 396 34.47 -9.72 -38.20
C ALA E 396 32.98 -9.98 -38.43
N ALA E 397 32.21 -10.25 -37.38
CA ALA E 397 30.79 -10.58 -37.49
C ALA E 397 29.89 -9.47 -37.00
N ILE E 398 30.41 -8.25 -36.87
CA ILE E 398 29.67 -7.13 -36.32
C ILE E 398 29.45 -6.03 -37.35
N MET E 399 30.41 -5.81 -38.24
CA MET E 399 30.34 -4.63 -39.10
C MET E 399 29.29 -4.79 -40.19
N ARG E 400 28.01 -4.79 -39.79
CA ARG E 400 26.89 -4.81 -40.70
C ARG E 400 25.95 -3.65 -40.36
N PRO E 401 25.26 -3.08 -41.36
CA PRO E 401 24.25 -2.07 -41.04
C PRO E 401 23.16 -2.66 -40.15
N GLY E 402 22.63 -1.82 -39.27
CA GLY E 402 21.78 -2.26 -38.19
C GLY E 402 22.56 -2.61 -36.94
N ARG E 403 23.79 -3.10 -37.10
CA ARG E 403 24.71 -3.25 -35.99
C ARG E 403 25.61 -2.02 -35.87
N ILE E 404 26.42 -1.78 -36.89
CA ILE E 404 27.19 -0.54 -37.02
C ILE E 404 27.31 -0.24 -38.51
N ASP E 405 27.28 1.05 -38.86
CA ASP E 405 27.26 1.47 -40.26
C ASP E 405 28.52 2.22 -40.65
N TYR E 406 28.87 3.31 -39.95
CA TYR E 406 29.98 4.17 -40.33
C TYR E 406 31.21 3.78 -39.52
N LYS E 407 32.32 3.51 -40.23
CA LYS E 407 33.58 3.20 -39.58
C LYS E 407 34.38 4.50 -39.46
N VAL E 408 34.94 4.74 -38.28
CA VAL E 408 35.85 5.87 -38.08
C VAL E 408 36.93 5.45 -37.09
N PHE E 409 38.17 5.69 -37.47
CA PHE E 409 39.33 5.49 -36.59
C PHE E 409 39.91 6.87 -36.32
N VAL E 410 39.58 7.42 -35.15
CA VAL E 410 39.95 8.81 -34.84
C VAL E 410 41.47 8.97 -34.81
N GLY E 411 42.15 8.08 -34.10
CA GLY E 411 43.59 8.23 -33.98
C GLY E 411 43.96 9.39 -33.06
N ASN E 412 45.23 9.77 -33.16
CA ASN E 412 45.81 10.79 -32.29
C ASN E 412 45.62 12.18 -32.88
N ALA E 413 45.83 13.19 -32.04
CA ALA E 413 45.72 14.57 -32.49
C ALA E 413 46.81 14.92 -33.48
N THR E 414 46.44 15.69 -34.50
CA THR E 414 47.32 16.13 -35.57
C THR E 414 47.73 17.58 -35.36
N PRO E 415 48.71 18.07 -36.13
CA PRO E 415 49.07 19.49 -36.02
C PRO E 415 47.90 20.42 -36.28
N TYR E 416 47.06 20.06 -37.24
CA TYR E 416 45.84 20.84 -37.51
C TYR E 416 44.95 20.88 -36.27
N GLN E 417 44.76 19.72 -35.63
CA GLN E 417 43.91 19.65 -34.46
C GLN E 417 44.40 20.58 -33.36
N VAL E 418 45.69 20.47 -33.00
CA VAL E 418 46.21 21.25 -31.90
C VAL E 418 46.22 22.73 -32.24
N GLU E 419 46.56 23.08 -33.49
CA GLU E 419 46.56 24.47 -33.89
C GLU E 419 45.16 25.07 -33.78
N LYS E 420 44.17 24.38 -34.32
CA LYS E 420 42.81 24.89 -34.27
C LYS E 420 42.34 25.03 -32.84
N MET E 421 42.65 24.06 -31.98
CA MET E 421 42.21 24.16 -30.60
C MET E 421 42.92 25.31 -29.89
N PHE E 422 44.20 25.54 -30.21
CA PHE E 422 44.92 26.64 -29.58
C PHE E 422 44.27 27.97 -29.95
N MET E 423 43.92 28.13 -31.22
CA MET E 423 43.22 29.36 -31.61
C MET E 423 41.86 29.47 -30.94
N LYS E 424 41.12 28.37 -30.84
CA LYS E 424 39.83 28.41 -30.16
C LYS E 424 40.01 28.71 -28.67
N PHE E 425 41.20 28.41 -28.12
CA PHE E 425 41.45 28.62 -26.70
C PHE E 425 41.96 30.03 -26.44
N TYR E 426 42.92 30.50 -27.23
CA TYR E 426 43.51 31.83 -27.09
C TYR E 426 43.22 32.60 -28.36
N PRO E 427 42.23 33.49 -28.35
CA PRO E 427 41.94 34.26 -29.56
C PRO E 427 43.05 35.23 -29.93
N GLY E 428 43.48 35.20 -31.19
CA GLY E 428 44.27 36.25 -31.79
C GLY E 428 45.77 36.12 -31.70
N GLU E 429 46.29 35.23 -30.86
CA GLU E 429 47.74 35.12 -30.72
C GLU E 429 48.32 34.20 -31.77
N THR E 430 48.24 34.62 -33.03
CA THR E 430 48.68 33.77 -34.13
C THR E 430 50.17 33.49 -34.06
N ASP E 431 50.97 34.53 -33.81
CA ASP E 431 52.43 34.36 -33.77
C ASP E 431 52.83 33.39 -32.67
N ILE E 432 52.19 33.52 -31.49
CA ILE E 432 52.43 32.57 -30.41
C ILE E 432 52.06 31.17 -30.86
N CYS E 433 50.98 31.04 -31.64
CA CYS E 433 50.61 29.73 -32.15
C CYS E 433 51.69 29.17 -33.05
N LYS E 434 52.25 29.98 -33.93
CA LYS E 434 53.29 29.47 -34.82
C LYS E 434 54.50 29.01 -34.02
N LYS E 435 54.92 29.83 -33.06
CA LYS E 435 56.07 29.48 -32.23
C LYS E 435 55.81 28.19 -31.45
N PHE E 436 54.65 28.11 -30.82
CA PHE E 436 54.31 26.92 -30.04
C PHE E 436 54.22 25.69 -30.94
N VAL E 437 53.64 25.86 -32.13
CA VAL E 437 53.43 24.74 -33.03
C VAL E 437 54.76 24.19 -33.50
N ASN E 438 55.64 25.06 -34.00
CA ASN E 438 56.92 24.53 -34.50
C ASN E 438 57.77 24.03 -33.34
N SER E 439 57.61 24.61 -32.15
CA SER E 439 58.32 24.09 -30.98
C SER E 439 57.89 22.65 -30.68
N VAL E 440 56.59 22.39 -30.68
CA VAL E 440 56.14 21.05 -30.32
C VAL E 440 56.37 20.08 -31.47
N LYS E 441 56.48 20.58 -32.70
CA LYS E 441 56.91 19.72 -33.79
C LYS E 441 58.37 19.32 -33.60
N GLU E 442 59.19 20.26 -33.14
CA GLU E 442 60.57 19.91 -32.80
C GLU E 442 60.59 18.87 -31.68
N LEU E 443 59.74 19.05 -30.67
CA LEU E 443 59.63 18.04 -29.62
C LEU E 443 59.14 16.72 -30.19
N ASP E 444 58.04 16.76 -30.95
CA ASP E 444 57.49 15.58 -31.61
C ASP E 444 57.19 14.47 -30.60
N ILE E 445 56.33 14.80 -29.64
CA ILE E 445 55.96 13.85 -28.60
C ILE E 445 54.70 13.06 -28.95
N THR E 446 53.91 13.52 -29.93
CA THR E 446 52.64 12.90 -30.29
C THR E 446 51.69 12.93 -29.09
N VAL E 447 51.39 14.14 -28.64
CA VAL E 447 50.57 14.35 -27.45
C VAL E 447 49.11 14.28 -27.84
N SER E 448 48.31 13.58 -27.04
CA SER E 448 46.88 13.49 -27.31
C SER E 448 46.16 14.74 -26.85
N THR E 449 44.90 14.85 -27.31
CA THR E 449 44.15 16.09 -27.16
C THR E 449 43.94 16.46 -25.70
N ALA E 450 43.59 15.47 -24.87
CA ALA E 450 43.11 15.75 -23.52
C ALA E 450 44.16 16.44 -22.67
N GLN E 451 45.39 15.90 -22.67
CA GLN E 451 46.40 16.42 -21.77
C GLN E 451 46.84 17.82 -22.15
N LEU E 452 46.96 18.09 -23.45
CA LEU E 452 47.37 19.43 -23.85
C LEU E 452 46.23 20.43 -23.70
N GLN E 453 44.98 19.97 -23.81
CA GLN E 453 43.86 20.82 -23.41
C GLN E 453 43.94 21.15 -21.93
N GLY E 454 44.26 20.16 -21.11
CA GLY E 454 44.48 20.40 -19.70
C GLY E 454 45.59 21.42 -19.48
N LEU E 455 46.65 21.34 -20.27
CA LEU E 455 47.74 22.31 -20.16
C LEU E 455 47.25 23.70 -20.51
N PHE E 456 46.46 23.82 -21.58
CA PHE E 456 45.98 25.14 -21.99
C PHE E 456 45.10 25.75 -20.90
N VAL E 457 44.22 24.96 -20.30
CA VAL E 457 43.43 25.51 -19.20
C VAL E 457 44.32 25.81 -18.00
N MET E 458 45.41 25.05 -17.82
CA MET E 458 46.31 25.34 -16.71
C MET E 458 46.96 26.71 -16.91
N ASN E 459 47.25 27.06 -18.16
CA ASN E 459 47.70 28.40 -18.49
C ASN E 459 46.50 29.33 -18.55
N LYS E 460 45.81 29.48 -17.43
CA LYS E 460 44.56 30.24 -17.40
C LYS E 460 44.81 31.70 -17.72
N ASP E 461 44.21 32.16 -18.82
CA ASP E 461 44.26 33.57 -19.21
C ASP E 461 45.68 34.04 -19.53
N ALA E 462 46.60 33.11 -19.77
CA ALA E 462 48.02 33.41 -19.91
C ALA E 462 48.57 32.75 -21.18
N PRO E 463 48.24 33.29 -22.35
CA PRO E 463 48.86 32.75 -23.59
C PRO E 463 50.37 32.88 -23.58
N HIS E 464 50.91 33.93 -22.97
CA HIS E 464 52.36 34.02 -22.81
C HIS E 464 52.88 32.83 -22.00
N ASP E 465 52.17 32.47 -20.93
CA ASP E 465 52.56 31.29 -20.17
C ASP E 465 52.44 30.03 -21.03
N ALA E 466 51.40 29.95 -21.85
CA ALA E 466 51.27 28.83 -22.78
C ALA E 466 52.49 28.72 -23.67
N LEU E 467 53.00 29.85 -24.14
CA LEU E 467 54.26 29.86 -24.88
C LEU E 467 55.42 29.41 -24.00
N LYS E 468 55.41 29.81 -22.73
CA LYS E 468 56.54 29.55 -21.84
C LYS E 468 56.73 28.08 -21.52
N MET E 469 55.67 27.40 -21.07
CA MET E 469 55.92 26.06 -20.50
C MET E 469 55.87 24.95 -21.58
N VAL E 470 56.05 25.30 -22.85
CA VAL E 470 56.01 24.30 -23.93
C VAL E 470 57.07 23.23 -23.71
N SER E 471 58.18 23.60 -23.09
CA SER E 471 59.21 22.61 -22.76
C SER E 471 58.67 21.54 -21.82
N SER E 472 57.64 21.86 -21.03
CA SER E 472 57.08 20.89 -20.10
C SER E 472 56.34 19.76 -20.80
N LEU E 473 56.11 19.87 -22.12
CA LEU E 473 55.37 18.84 -22.83
C LEU E 473 56.10 17.50 -22.79
N ARG E 474 57.43 17.53 -22.72
CA ARG E 474 58.19 16.28 -22.71
C ARG E 474 57.84 15.43 -21.50
N ASN E 475 57.70 16.06 -20.34
CA ASN E 475 57.30 15.36 -19.13
C ASN E 475 55.78 15.26 -18.98
N ALA E 476 55.02 15.56 -20.03
CA ALA E 476 53.57 15.55 -19.93
C ALA E 476 53.01 14.14 -19.75
N ASN E 477 53.83 13.10 -19.94
CA ASN E 477 53.34 11.74 -19.83
C ASN E 477 52.83 11.43 -18.42
N HIS E 478 53.54 11.90 -17.39
CA HIS E 478 53.18 11.63 -16.00
C HIS E 478 52.88 12.88 -15.18
N ILE E 479 53.65 13.96 -15.37
CA ILE E 479 53.36 15.18 -14.62
C ILE E 479 52.00 15.73 -15.01
N PHE E 480 51.71 15.74 -16.31
CA PHE E 480 50.45 16.26 -16.83
C PHE E 480 49.69 15.15 -17.56
N ALA F 99 -48.60 29.93 -28.93
CA ALA F 99 -49.10 29.02 -29.95
C ALA F 99 -48.18 29.01 -31.16
N SER F 100 -47.73 30.21 -31.57
CA SER F 100 -46.84 30.30 -32.71
C SER F 100 -45.54 29.54 -32.45
N ARG F 101 -45.00 29.65 -31.24
CA ARG F 101 -43.81 28.89 -30.90
C ARG F 101 -44.07 27.39 -30.93
N VAL F 102 -45.28 26.98 -30.53
CA VAL F 102 -45.64 25.56 -30.60
C VAL F 102 -45.62 25.11 -32.06
N LEU F 103 -46.22 25.90 -32.95
CA LEU F 103 -46.21 25.55 -34.37
C LEU F 103 -44.80 25.48 -34.92
N TYR F 104 -43.95 26.43 -34.53
CA TYR F 104 -42.56 26.40 -34.98
C TYR F 104 -41.88 25.13 -34.49
N ARG F 105 -42.09 24.78 -33.22
CA ARG F 105 -41.50 23.57 -32.67
C ARG F 105 -42.01 22.33 -33.38
N GLN F 106 -43.21 22.37 -33.94
CA GLN F 106 -43.69 21.24 -34.72
C GLN F 106 -42.90 21.05 -36.02
N MET F 107 -42.07 22.01 -36.42
CA MET F 107 -41.28 21.89 -37.64
C MET F 107 -39.82 22.30 -37.42
N ILE F 108 -39.27 22.01 -36.24
CA ILE F 108 -37.84 22.12 -36.01
C ILE F 108 -37.41 20.99 -35.08
N VAL F 109 -36.10 20.79 -34.98
CA VAL F 109 -35.52 19.75 -34.16
C VAL F 109 -34.27 20.31 -33.48
N ASP F 110 -33.61 19.48 -32.69
CA ASP F 110 -32.33 19.84 -32.11
C ASP F 110 -31.62 18.55 -31.73
N LEU F 111 -30.35 18.71 -31.35
CA LEU F 111 -29.52 17.54 -31.04
C LEU F 111 -28.52 17.97 -29.98
N GLU F 112 -28.73 17.53 -28.75
CA GLU F 112 -27.91 17.95 -27.61
C GLU F 112 -26.64 17.13 -27.59
N ILE F 113 -25.60 17.63 -28.25
CA ILE F 113 -24.29 17.00 -28.15
C ILE F 113 -23.84 17.10 -26.70
N GLN F 114 -23.58 15.97 -26.08
CA GLN F 114 -23.11 15.97 -24.71
C GLN F 114 -21.66 16.46 -24.67
N SER F 115 -21.06 16.39 -23.48
CA SER F 115 -19.64 16.68 -23.31
C SER F 115 -18.99 15.66 -22.38
N LYS F 116 -19.52 14.43 -22.37
CA LYS F 116 -19.05 13.37 -21.49
C LYS F 116 -18.55 12.16 -22.27
N ASP F 117 -17.98 12.40 -23.45
CA ASP F 117 -17.42 11.32 -24.27
C ASP F 117 -16.64 11.95 -25.41
N LYS F 118 -15.73 11.15 -25.98
CA LYS F 118 -14.79 11.67 -26.97
C LYS F 118 -15.47 12.11 -28.26
N SER F 119 -16.73 11.75 -28.48
CA SER F 119 -17.39 12.02 -29.75
C SER F 119 -17.86 13.45 -29.90
N TYR F 120 -17.57 14.32 -28.93
CA TYR F 120 -18.26 15.59 -28.81
C TYR F 120 -17.39 16.79 -29.13
N ALA F 121 -16.15 16.81 -28.65
CA ALA F 121 -15.21 17.84 -29.06
C ALA F 121 -14.89 17.74 -30.55
N TRP F 122 -15.12 16.57 -31.15
CA TRP F 122 -14.88 16.44 -32.58
C TRP F 122 -15.80 17.35 -33.36
N PHE F 123 -17.04 17.54 -32.88
CA PHE F 123 -17.91 18.48 -33.53
C PHE F 123 -17.33 19.89 -33.49
N LEU F 124 -16.79 20.29 -32.35
CA LEU F 124 -16.21 21.62 -32.25
C LEU F 124 -15.04 21.77 -33.20
N THR F 125 -14.16 20.77 -33.25
CA THR F 125 -13.02 20.84 -34.15
C THR F 125 -13.49 20.94 -35.60
N TRP F 126 -14.49 20.13 -35.96
CA TRP F 126 -15.02 20.19 -37.32
C TRP F 126 -15.58 21.57 -37.62
N MET F 127 -16.39 22.10 -36.71
CA MET F 127 -17.05 23.38 -36.95
C MET F 127 -16.04 24.52 -36.93
N ALA F 128 -14.86 24.31 -36.37
CA ALA F 128 -13.77 25.27 -36.57
C ALA F 128 -13.24 25.22 -37.99
N LYS F 129 -13.37 24.06 -38.65
CA LYS F 129 -12.88 23.91 -40.02
C LYS F 129 -13.90 24.30 -41.07
N HIS F 130 -15.18 24.34 -40.73
CA HIS F 130 -16.21 24.57 -41.72
C HIS F 130 -16.06 25.98 -42.30
N PRO F 131 -16.06 26.15 -43.62
CA PRO F 131 -15.79 27.49 -44.18
C PRO F 131 -16.99 28.41 -44.11
N GLN F 132 -18.18 27.90 -44.38
CA GLN F 132 -19.39 28.69 -44.38
C GLN F 132 -19.91 28.77 -42.95
N ARG F 133 -19.70 29.91 -42.31
CA ARG F 133 -19.96 30.01 -40.88
C ARG F 133 -19.83 31.46 -40.45
N VAL F 134 -20.66 31.85 -39.48
CA VAL F 134 -20.52 33.14 -38.80
C VAL F 134 -20.56 32.83 -37.30
N SER F 135 -19.38 32.59 -36.73
CA SER F 135 -19.25 32.37 -35.30
C SER F 135 -18.75 33.65 -34.66
N ARG F 136 -19.57 34.24 -33.80
CA ARG F 136 -19.25 35.52 -33.22
C ARG F 136 -18.45 35.43 -31.93
N HIS F 137 -18.46 34.28 -31.28
CA HIS F 137 -17.68 34.05 -30.08
C HIS F 137 -16.57 33.05 -30.37
N LEU F 138 -15.54 33.07 -29.52
CA LEU F 138 -14.42 32.18 -29.67
C LEU F 138 -13.88 31.83 -28.30
N SER F 139 -13.15 30.72 -28.23
CA SER F 139 -12.42 30.37 -27.03
C SER F 139 -11.18 29.58 -27.43
N VAL F 140 -10.22 29.52 -26.52
CA VAL F 140 -8.89 29.01 -26.81
C VAL F 140 -8.75 27.60 -26.26
N ARG F 141 -8.21 26.72 -27.10
CA ARG F 141 -7.74 25.40 -26.67
C ARG F 141 -6.25 25.36 -26.91
N THR F 142 -5.50 24.90 -25.91
CA THR F 142 -4.04 24.89 -25.96
C THR F 142 -3.55 23.47 -25.69
N ASN F 143 -2.79 22.92 -26.63
CA ASN F 143 -2.13 21.64 -26.46
C ASN F 143 -0.72 21.92 -25.94
N TYR F 144 -0.46 21.50 -24.70
CA TYR F 144 0.77 21.87 -24.00
C TYR F 144 1.44 20.61 -23.49
N ILE F 145 2.65 20.33 -23.97
CA ILE F 145 3.43 19.18 -23.54
C ILE F 145 4.86 19.65 -23.29
N GLN F 146 5.36 19.40 -22.08
CA GLN F 146 6.72 19.75 -21.68
C GLN F 146 7.54 18.47 -21.65
N HIS F 147 8.61 18.43 -22.45
CA HIS F 147 9.45 17.26 -22.52
C HIS F 147 10.40 17.21 -21.33
N ASP F 148 11.00 16.04 -21.13
CA ASP F 148 11.94 15.87 -20.03
C ASP F 148 13.15 16.78 -20.19
N ASN F 149 13.57 17.01 -21.43
CA ASN F 149 14.73 17.87 -21.67
C ASN F 149 14.46 19.33 -21.37
N GLY F 150 13.21 19.70 -21.12
CA GLY F 150 12.83 21.05 -20.80
C GLY F 150 12.29 21.84 -21.96
N SER F 151 12.67 21.48 -23.19
CA SER F 151 12.04 22.08 -24.36
C SER F 151 10.56 21.72 -24.38
N VAL F 152 9.75 22.65 -24.87
CA VAL F 152 8.30 22.54 -24.80
C VAL F 152 7.72 22.77 -26.19
N SER F 153 6.78 21.91 -26.57
CA SER F 153 6.02 22.05 -27.80
C SER F 153 4.60 22.44 -27.44
N THR F 154 4.14 23.57 -27.98
CA THR F 154 2.82 24.10 -27.66
C THR F 154 2.12 24.54 -28.94
N LYS F 155 0.87 24.15 -29.07
CA LYS F 155 0.02 24.57 -30.16
C LYS F 155 -1.36 24.87 -29.60
N PHE F 156 -2.06 25.83 -30.22
CA PHE F 156 -3.39 26.22 -29.78
C PHE F 156 -4.31 26.33 -30.98
N SER F 157 -5.61 26.21 -30.71
CA SER F 157 -6.65 26.38 -31.70
C SER F 157 -7.80 27.15 -31.09
N LEU F 158 -8.36 28.08 -31.85
CA LEU F 158 -9.47 28.90 -31.39
C LEU F 158 -10.78 28.21 -31.74
N VAL F 159 -11.52 27.78 -30.74
CA VAL F 159 -12.79 27.08 -30.93
C VAL F 159 -13.92 28.07 -30.69
N PRO F 160 -15.14 27.78 -31.15
CA PRO F 160 -16.23 28.78 -31.03
C PRO F 160 -16.54 29.20 -29.61
N GLY F 161 -16.51 28.29 -28.65
CA GLY F 161 -16.80 28.66 -27.28
C GLY F 161 -18.25 29.04 -27.08
N PRO F 162 -18.58 29.55 -25.89
CA PRO F 162 -19.99 29.87 -25.60
C PRO F 162 -20.52 30.96 -26.51
N GLY F 163 -21.79 30.83 -26.88
CA GLY F 163 -22.48 31.81 -27.69
C GLY F 163 -23.33 31.12 -28.72
N ASN F 164 -23.86 31.93 -29.65
CA ASN F 164 -24.72 31.47 -30.73
C ASN F 164 -23.94 31.52 -32.04
N HIS F 165 -24.09 30.47 -32.85
CA HIS F 165 -23.37 30.36 -34.10
C HIS F 165 -24.29 29.81 -35.17
N TRP F 166 -24.06 30.28 -36.40
CA TRP F 166 -24.85 29.90 -37.56
C TRP F 166 -23.94 29.26 -38.59
N ILE F 167 -24.40 28.15 -39.17
CA ILE F 167 -23.69 27.49 -40.25
C ILE F 167 -24.72 27.03 -41.29
N ARG F 168 -24.40 27.23 -42.55
CA ARG F 168 -25.23 26.76 -43.65
C ARG F 168 -24.59 25.50 -44.22
N TYR F 169 -25.26 24.36 -44.03
CA TYR F 169 -24.72 23.06 -44.42
C TYR F 169 -25.65 22.40 -45.43
N LYS F 170 -25.06 21.92 -46.53
CA LYS F 170 -25.80 21.20 -47.56
C LYS F 170 -26.98 22.03 -48.06
N GLY F 171 -26.76 23.33 -48.19
CA GLY F 171 -27.83 24.21 -48.61
C GLY F 171 -28.93 24.38 -47.59
N ALA F 172 -28.65 24.10 -46.32
CA ALA F 172 -29.63 24.24 -45.26
C ALA F 172 -28.97 24.90 -44.06
N PHE F 173 -29.79 25.55 -43.23
CA PHE F 173 -29.30 26.37 -42.14
C PHE F 173 -29.39 25.63 -40.82
N ILE F 174 -28.40 25.86 -39.96
CA ILE F 174 -28.33 25.24 -38.64
C ILE F 174 -27.82 26.29 -37.67
N LEU F 175 -28.41 26.33 -36.48
CA LEU F 175 -27.95 27.18 -35.40
C LEU F 175 -27.29 26.30 -34.35
N ILE F 176 -26.12 26.73 -33.89
CA ILE F 176 -25.38 26.05 -32.84
C ILE F 176 -25.47 26.89 -31.58
N LYS F 177 -25.47 26.22 -30.43
CA LYS F 177 -25.56 26.93 -29.15
C LYS F 177 -24.91 26.03 -28.10
N ARG F 178 -23.70 26.39 -27.67
CA ARG F 178 -23.00 25.70 -26.61
C ARG F 178 -22.95 26.61 -25.38
N GLU F 179 -23.23 26.05 -24.22
CA GLU F 179 -23.17 26.78 -22.97
C GLU F 179 -22.55 25.89 -21.91
N ARG F 180 -21.89 26.54 -20.95
CA ARG F 180 -21.20 25.84 -19.86
C ARG F 180 -22.04 25.96 -18.61
N SER F 181 -22.36 24.82 -18.00
CA SER F 181 -23.22 24.82 -16.83
C SER F 181 -22.56 25.59 -15.70
N ALA F 182 -23.37 26.29 -14.92
CA ALA F 182 -22.91 27.07 -13.79
C ALA F 182 -23.12 26.36 -12.46
N LYS F 183 -23.40 25.05 -12.48
CA LYS F 183 -23.59 24.27 -11.26
C LYS F 183 -22.89 22.92 -11.30
N MET F 184 -22.18 22.60 -12.38
CA MET F 184 -21.65 21.26 -12.57
C MET F 184 -20.14 21.30 -12.77
N ILE F 185 -19.53 20.12 -12.75
CA ILE F 185 -18.09 19.98 -12.90
C ILE F 185 -17.79 18.58 -13.42
N ASP F 186 -16.99 18.52 -14.48
CA ASP F 186 -16.48 17.23 -14.94
C ASP F 186 -15.39 16.76 -14.00
N ILE F 187 -15.63 15.65 -13.30
CA ILE F 187 -14.61 15.10 -12.42
C ILE F 187 -13.40 14.66 -13.24
N ALA F 188 -13.65 13.95 -14.34
CA ALA F 188 -12.55 13.50 -15.18
C ALA F 188 -11.85 14.68 -15.85
N ASN F 189 -12.61 15.56 -16.50
CA ASN F 189 -12.02 16.66 -17.24
C ASN F 189 -11.67 17.85 -16.35
N GLY F 190 -12.22 17.92 -15.15
CA GLY F 190 -11.96 19.06 -14.29
C GLY F 190 -12.42 20.38 -14.88
N SER F 191 -13.59 20.39 -15.50
CA SER F 191 -14.13 21.59 -16.14
C SER F 191 -15.65 21.51 -16.10
N PRO F 192 -16.35 22.65 -16.13
CA PRO F 192 -17.82 22.59 -16.19
C PRO F 192 -18.29 21.89 -17.45
N PHE F 193 -19.60 21.65 -17.49
CA PHE F 193 -20.21 20.79 -18.50
C PHE F 193 -20.50 21.59 -19.76
N GLU F 194 -19.78 21.28 -20.84
CA GLU F 194 -20.20 21.72 -22.16
C GLU F 194 -21.47 20.98 -22.54
N THR F 195 -22.26 21.62 -23.40
CA THR F 195 -23.36 20.92 -24.06
C THR F 195 -23.76 21.74 -25.27
N VAL F 196 -23.57 21.18 -26.46
CA VAL F 196 -23.83 21.86 -27.72
C VAL F 196 -25.13 21.32 -28.29
N THR F 197 -25.98 22.23 -28.76
CA THR F 197 -27.31 21.88 -29.23
C THR F 197 -27.49 22.41 -30.65
N LEU F 198 -27.40 21.52 -31.64
CA LEU F 198 -27.77 21.89 -32.99
C LEU F 198 -29.27 22.13 -33.06
N THR F 199 -29.72 22.72 -34.15
CA THR F 199 -31.16 22.88 -34.37
C THR F 199 -31.40 23.41 -35.79
N THR F 200 -32.48 22.96 -36.39
CA THR F 200 -32.89 23.40 -37.73
C THR F 200 -34.29 22.84 -37.99
N LEU F 201 -34.75 23.00 -39.21
CA LEU F 201 -36.08 22.53 -39.58
C LEU F 201 -36.15 21.01 -39.47
N TYR F 202 -37.35 20.50 -39.26
CA TYR F 202 -37.52 19.05 -39.12
C TYR F 202 -37.31 18.34 -40.45
N ARG F 203 -37.65 19.00 -41.57
CA ARG F 203 -37.59 18.34 -42.86
C ARG F 203 -36.19 17.84 -43.18
N ASP F 204 -35.15 18.54 -42.73
CA ASP F 204 -33.77 18.17 -42.98
C ASP F 204 -33.10 17.62 -41.73
N LYS F 205 -33.87 16.95 -40.87
CA LYS F 205 -33.28 16.37 -39.67
C LYS F 205 -32.26 15.29 -39.99
N HIS F 206 -32.30 14.72 -41.19
CA HIS F 206 -31.34 13.68 -41.56
C HIS F 206 -29.92 14.20 -41.64
N LEU F 207 -29.73 15.51 -41.74
CA LEU F 207 -28.38 16.04 -41.96
C LEU F 207 -27.46 15.74 -40.79
N PHE F 208 -27.99 15.72 -39.57
CA PHE F 208 -27.14 15.59 -38.38
C PHE F 208 -26.23 14.36 -38.48
N ASP F 209 -26.73 13.27 -39.04
CA ASP F 209 -25.87 12.13 -39.30
C ASP F 209 -24.73 12.52 -40.22
N ASP F 210 -25.02 13.29 -41.26
CA ASP F 210 -23.99 13.69 -42.20
C ASP F 210 -22.93 14.53 -41.51
N ILE F 211 -23.37 15.51 -40.70
CA ILE F 211 -22.42 16.38 -40.01
C ILE F 211 -21.56 15.57 -39.05
N LEU F 212 -22.20 14.68 -38.28
CA LEU F 212 -21.45 13.88 -37.32
C LEU F 212 -20.41 13.02 -38.01
N ASN F 213 -20.81 12.34 -39.10
CA ASN F 213 -19.87 11.49 -39.80
C ASN F 213 -18.74 12.30 -40.41
N GLU F 214 -19.07 13.48 -40.94
CA GLU F 214 -18.03 14.35 -41.50
C GLU F 214 -17.05 14.76 -40.42
N ALA F 215 -17.54 14.99 -39.20
CA ALA F 215 -16.67 15.40 -38.10
C ALA F 215 -15.77 14.29 -37.58
N LYS F 216 -15.81 13.10 -38.16
CA LYS F 216 -14.90 12.03 -37.79
C LYS F 216 -13.56 12.12 -38.50
N ASP F 217 -13.22 13.28 -39.07
CA ASP F 217 -11.95 13.43 -39.74
C ASP F 217 -10.78 13.15 -38.79
N ILE F 218 -10.96 13.43 -37.50
CA ILE F 218 -9.92 13.10 -36.53
C ILE F 218 -9.74 11.59 -36.47
N ALA F 219 -10.85 10.85 -36.46
CA ALA F 219 -10.76 9.40 -36.49
C ALA F 219 -10.11 8.93 -37.80
N LEU F 220 -10.32 9.66 -38.89
CA LEU F 220 -9.70 9.30 -40.16
C LEU F 220 -8.18 9.44 -40.11
N LYS F 221 -7.66 10.29 -39.22
CA LYS F 221 -6.21 10.49 -39.16
C LYS F 221 -5.50 9.21 -38.74
N THR F 222 -6.15 8.38 -37.92
CA THR F 222 -5.53 7.17 -37.40
C THR F 222 -5.67 5.97 -38.33
N THR F 223 -5.89 6.21 -39.63
CA THR F 223 -5.99 5.10 -40.57
C THR F 223 -4.70 4.30 -40.63
N GLU F 224 -3.55 4.95 -40.53
CA GLU F 224 -2.26 4.27 -40.56
C GLU F 224 -2.10 3.49 -39.27
N GLY F 225 -2.34 2.19 -39.33
CA GLY F 225 -2.23 1.35 -38.15
C GLY F 225 -0.79 0.98 -37.83
N LYS F 226 -0.63 0.40 -36.64
CA LYS F 226 0.64 -0.09 -36.14
C LYS F 226 0.52 -1.58 -35.90
N THR F 227 1.57 -2.16 -35.30
CA THR F 227 1.57 -3.58 -34.94
C THR F 227 2.37 -3.71 -33.64
N VAL F 228 1.66 -3.69 -32.52
CA VAL F 228 2.32 -3.81 -31.22
C VAL F 228 2.87 -5.22 -31.08
N ILE F 229 4.09 -5.33 -30.60
CA ILE F 229 4.79 -6.61 -30.46
C ILE F 229 4.74 -6.99 -28.98
N TYR F 230 3.77 -7.81 -28.61
CA TYR F 230 3.71 -8.29 -27.24
C TYR F 230 4.79 -9.34 -27.00
N THR F 231 5.34 -9.34 -25.80
CA THR F 231 6.44 -10.22 -25.44
C THR F 231 6.18 -10.83 -24.07
N SER F 232 6.76 -12.02 -23.86
CA SER F 232 6.64 -12.72 -22.59
C SER F 232 7.16 -11.89 -21.43
N PHE F 233 6.27 -11.50 -20.52
CA PHE F 233 6.62 -10.75 -19.31
C PHE F 233 5.91 -11.43 -18.15
N GLY F 234 6.56 -12.40 -17.54
CA GLY F 234 5.91 -13.23 -16.55
C GLY F 234 4.72 -13.92 -17.17
N PRO F 235 3.62 -14.07 -16.43
CA PRO F 235 2.34 -14.48 -17.02
C PRO F 235 1.55 -13.30 -17.57
N GLU F 236 2.23 -12.42 -18.30
CA GLU F 236 1.61 -11.21 -18.82
C GLU F 236 2.29 -10.79 -20.11
N TRP F 237 1.61 -9.93 -20.86
CA TRP F 237 2.12 -9.37 -22.11
C TRP F 237 2.56 -7.95 -21.87
N ARG F 238 3.78 -7.63 -22.29
CA ARG F 238 4.45 -6.42 -21.87
C ARG F 238 4.18 -5.22 -22.76
N LYS F 239 3.48 -5.38 -23.89
CA LYS F 239 3.42 -4.33 -24.90
C LYS F 239 4.82 -3.91 -25.30
N PHE F 240 5.70 -4.90 -25.48
CA PHE F 240 7.10 -4.65 -25.75
C PHE F 240 7.28 -3.85 -27.02
N GLY F 241 8.11 -2.82 -26.97
CA GLY F 241 8.39 -2.01 -28.13
C GLY F 241 7.26 -1.05 -28.46
N GLN F 242 7.61 0.14 -28.94
CA GLN F 242 6.61 1.10 -29.37
C GLN F 242 5.86 0.52 -30.57
N PRO F 243 4.57 0.88 -30.74
CA PRO F 243 3.85 0.38 -31.93
C PRO F 243 4.56 0.71 -33.23
N LYS F 244 5.08 -0.30 -33.90
CA LYS F 244 5.79 -0.09 -35.15
C LYS F 244 4.82 0.23 -36.26
N ALA F 245 5.25 1.10 -37.18
CA ALA F 245 4.45 1.42 -38.35
C ALA F 245 4.17 0.13 -39.12
N LYS F 246 2.90 -0.06 -39.49
CA LYS F 246 2.48 -1.31 -40.10
C LYS F 246 3.25 -1.55 -41.40
N ARG F 247 3.90 -2.71 -41.47
CA ARG F 247 4.72 -3.04 -42.62
C ARG F 247 3.85 -3.32 -43.83
N MET F 248 4.46 -3.18 -45.01
CA MET F 248 3.80 -3.42 -46.28
C MET F 248 4.14 -4.82 -46.75
N LEU F 249 3.12 -5.58 -47.11
CA LEU F 249 3.34 -6.95 -47.58
C LEU F 249 4.27 -7.02 -48.79
N PRO F 250 4.13 -6.19 -49.83
CA PRO F 250 5.00 -6.36 -51.01
C PRO F 250 6.47 -6.17 -50.71
N SER F 251 6.82 -5.52 -49.60
CA SER F 251 8.23 -5.29 -49.29
C SER F 251 8.99 -6.61 -49.16
N VAL F 252 8.43 -7.55 -48.42
CA VAL F 252 9.08 -8.85 -48.22
C VAL F 252 8.80 -9.74 -49.43
N ILE F 253 9.80 -10.50 -49.84
CA ILE F 253 9.69 -11.40 -50.98
C ILE F 253 10.20 -12.77 -50.59
N LEU F 254 9.59 -13.80 -51.16
CA LEU F 254 9.97 -15.18 -50.91
C LEU F 254 9.84 -15.95 -52.22
N ASP F 255 10.23 -17.22 -52.19
CA ASP F 255 10.15 -18.09 -53.36
C ASP F 255 8.74 -18.11 -53.93
N SER F 256 8.61 -18.42 -55.22
CA SER F 256 7.32 -18.36 -55.88
C SER F 256 6.34 -19.34 -55.26
N GLY F 257 5.09 -18.92 -55.19
CA GLY F 257 4.01 -19.80 -54.74
C GLY F 257 3.88 -19.99 -53.25
N ILE F 258 5.01 -20.18 -52.55
CA ILE F 258 4.96 -20.48 -51.12
C ILE F 258 4.29 -19.34 -50.37
N LYS F 259 4.59 -18.10 -50.74
CA LYS F 259 3.89 -16.96 -50.19
C LYS F 259 2.41 -17.05 -50.52
N GLU F 260 2.10 -17.37 -51.78
CA GLU F 260 0.71 -17.46 -52.21
C GLU F 260 0.02 -18.61 -51.51
N GLY F 261 0.71 -19.74 -51.34
CA GLY F 261 0.10 -20.87 -50.64
C GLY F 261 -0.23 -20.52 -49.21
N ILE F 262 0.68 -19.83 -48.52
CA ILE F 262 0.41 -19.43 -47.15
C ILE F 262 -0.77 -18.47 -47.10
N LEU F 263 -0.80 -17.50 -48.01
CA LEU F 263 -1.89 -16.54 -48.04
C LEU F 263 -3.23 -17.24 -48.24
N ASP F 264 -3.29 -18.14 -49.22
CA ASP F 264 -4.53 -18.84 -49.50
C ASP F 264 -4.94 -19.73 -48.34
N ASP F 265 -3.96 -20.39 -47.70
CA ASP F 265 -4.28 -21.24 -46.57
C ASP F 265 -4.89 -20.43 -45.43
N VAL F 266 -4.28 -19.28 -45.14
CA VAL F 266 -4.79 -18.44 -44.05
C VAL F 266 -6.19 -17.95 -44.38
N TYR F 267 -6.39 -17.48 -45.61
CA TYR F 267 -7.70 -16.96 -45.98
C TYR F 267 -8.75 -18.06 -45.93
N ASP F 268 -8.42 -19.25 -46.40
CA ASP F 268 -9.35 -20.37 -46.36
C ASP F 268 -9.70 -20.72 -44.91
N PHE F 269 -8.71 -20.73 -44.03
CA PHE F 269 -8.99 -21.00 -42.63
C PHE F 269 -9.92 -19.93 -42.05
N MET F 270 -9.67 -18.68 -42.39
CA MET F 270 -10.52 -17.61 -41.89
C MET F 270 -11.94 -17.77 -42.41
N LYS F 271 -12.10 -18.28 -43.63
CA LYS F 271 -13.42 -18.48 -44.20
C LYS F 271 -14.15 -19.65 -43.55
N ASN F 272 -13.43 -20.60 -42.98
CA ASN F 272 -14.00 -21.84 -42.49
C ASN F 272 -14.43 -21.76 -41.03
N GLY F 273 -14.77 -20.56 -40.55
CA GLY F 273 -15.21 -20.43 -39.16
C GLY F 273 -16.45 -21.26 -38.88
N LYS F 274 -17.43 -21.20 -39.78
CA LYS F 274 -18.62 -22.04 -39.63
C LYS F 274 -18.25 -23.51 -39.69
N TRP F 275 -17.39 -23.86 -40.64
CA TRP F 275 -16.99 -25.26 -40.81
C TRP F 275 -16.36 -25.80 -39.53
N TYR F 276 -15.49 -25.02 -38.90
CA TYR F 276 -14.99 -25.41 -37.59
C TYR F 276 -16.12 -25.43 -36.57
N SER F 277 -17.02 -24.46 -36.64
CA SER F 277 -18.08 -24.37 -35.65
C SER F 277 -19.06 -25.52 -35.77
N ASP F 278 -19.68 -25.68 -36.95
CA ASP F 278 -20.70 -26.71 -37.13
C ASP F 278 -20.18 -28.11 -36.84
N ARG F 279 -18.90 -28.35 -37.05
CA ARG F 279 -18.30 -29.63 -36.74
C ARG F 279 -17.78 -29.72 -35.31
N GLY F 280 -17.97 -28.68 -34.51
CA GLY F 280 -17.61 -28.73 -33.11
C GLY F 280 -16.14 -28.98 -32.85
N ILE F 281 -15.26 -28.44 -33.67
CA ILE F 281 -13.82 -28.66 -33.58
C ILE F 281 -13.21 -27.37 -33.03
N PRO F 282 -12.10 -27.43 -32.28
CA PRO F 282 -11.46 -26.17 -31.87
C PRO F 282 -11.03 -25.34 -33.07
N TYR F 283 -11.58 -24.14 -33.15
CA TYR F 283 -11.35 -23.24 -34.29
C TYR F 283 -9.96 -22.63 -34.15
N ARG F 284 -8.96 -23.32 -34.70
CA ARG F 284 -7.60 -22.83 -34.68
C ARG F 284 -6.80 -23.59 -35.73
N ARG F 285 -5.57 -23.12 -35.95
CA ARG F 285 -4.70 -23.68 -36.98
C ARG F 285 -3.25 -23.43 -36.57
N GLY F 286 -2.34 -24.08 -37.31
CA GLY F 286 -0.93 -23.93 -37.06
C GLY F 286 -0.09 -24.03 -38.31
N TYR F 287 0.87 -23.11 -38.47
CA TYR F 287 1.76 -23.07 -39.62
C TYR F 287 3.19 -23.30 -39.17
N LEU F 288 3.94 -24.04 -39.97
CA LEU F 288 5.34 -24.36 -39.69
C LEU F 288 6.18 -23.95 -40.88
N LEU F 289 7.16 -23.08 -40.65
CA LEU F 289 8.15 -22.70 -41.64
C LEU F 289 9.52 -23.15 -41.14
N TYR F 290 10.20 -23.97 -41.94
CA TYR F 290 11.48 -24.54 -41.57
C TYR F 290 12.46 -24.41 -42.72
N GLY F 291 13.73 -24.23 -42.38
CA GLY F 291 14.77 -24.06 -43.36
C GLY F 291 16.03 -23.52 -42.75
N PRO F 292 16.97 -23.07 -43.59
CA PRO F 292 18.24 -22.56 -43.06
C PRO F 292 18.02 -21.24 -42.33
N PRO F 293 18.94 -20.85 -41.46
CA PRO F 293 18.75 -19.61 -40.70
C PRO F 293 18.97 -18.39 -41.59
N GLY F 294 18.56 -17.24 -41.07
CA GLY F 294 18.67 -16.00 -41.82
C GLY F 294 17.88 -16.03 -43.11
N SER F 295 16.69 -16.63 -43.09
CA SER F 295 15.83 -16.74 -44.26
C SER F 295 14.76 -15.65 -44.30
N GLY F 296 14.79 -14.69 -43.37
CA GLY F 296 13.78 -13.65 -43.36
C GLY F 296 12.41 -14.13 -42.97
N LYS F 297 12.32 -15.26 -42.24
CA LYS F 297 11.02 -15.79 -41.86
C LYS F 297 10.26 -14.82 -40.97
N THR F 298 10.95 -14.24 -39.97
CA THR F 298 10.30 -13.31 -39.06
C THR F 298 9.75 -12.10 -39.81
N SER F 299 10.49 -11.64 -40.82
CA SER F 299 9.96 -10.58 -41.67
C SER F 299 8.68 -11.01 -42.34
N PHE F 300 8.61 -12.26 -42.79
CA PHE F 300 7.40 -12.76 -43.42
C PHE F 300 6.23 -12.76 -42.44
N ILE F 301 6.47 -13.22 -41.22
CA ILE F 301 5.40 -13.26 -40.23
C ILE F 301 4.93 -11.85 -39.93
N GLN F 302 5.87 -10.91 -39.78
CA GLN F 302 5.49 -9.53 -39.52
C GLN F 302 4.67 -8.96 -40.68
N ALA F 303 5.06 -9.28 -41.91
CA ALA F 303 4.30 -8.80 -43.06
C ALA F 303 2.89 -9.36 -43.05
N LEU F 304 2.76 -10.66 -42.78
CA LEU F 304 1.43 -11.26 -42.77
C LEU F 304 0.57 -10.64 -41.67
N ALA F 305 1.15 -10.43 -40.50
CA ALA F 305 0.39 -9.81 -39.40
C ALA F 305 -0.02 -8.39 -39.75
N GLY F 306 0.88 -7.61 -40.35
CA GLY F 306 0.55 -6.25 -40.70
C GLY F 306 -0.54 -6.18 -41.75
N GLU F 307 -0.44 -7.01 -42.78
CA GLU F 307 -1.51 -7.08 -43.77
C GLU F 307 -2.82 -7.50 -43.12
N LEU F 308 -2.77 -8.54 -42.29
CA LEU F 308 -3.96 -8.95 -41.54
C LEU F 308 -4.33 -7.94 -40.46
N ASP F 309 -3.46 -6.99 -40.15
CA ASP F 309 -3.65 -5.94 -39.15
C ASP F 309 -3.53 -6.50 -37.73
N TYR F 310 -3.34 -7.80 -37.56
CA TYR F 310 -3.24 -8.37 -36.23
C TYR F 310 -1.93 -7.93 -35.58
N ASN F 311 -2.00 -7.49 -34.34
CA ASN F 311 -0.79 -7.37 -33.55
C ASN F 311 -0.21 -8.76 -33.31
N ILE F 312 1.09 -8.81 -33.06
CA ILE F 312 1.84 -10.05 -32.99
C ILE F 312 2.34 -10.23 -31.57
N CYS F 313 2.17 -11.43 -31.01
CA CYS F 313 2.68 -11.78 -29.70
C CYS F 313 3.93 -12.63 -29.90
N ILE F 314 5.08 -11.95 -29.98
CA ILE F 314 6.34 -12.66 -30.09
C ILE F 314 6.56 -13.49 -28.83
N LEU F 315 7.12 -14.68 -29.01
CA LEU F 315 7.47 -15.53 -27.88
C LEU F 315 8.59 -16.46 -28.30
N ASN F 316 9.68 -16.43 -27.54
CA ASN F 316 10.84 -17.27 -27.79
C ASN F 316 10.88 -18.39 -26.75
N LEU F 317 11.08 -19.61 -27.22
CA LEU F 317 11.20 -20.76 -26.33
C LEU F 317 12.60 -20.89 -25.74
N SER F 318 13.57 -20.12 -26.23
CA SER F 318 14.92 -20.16 -25.69
C SER F 318 15.02 -19.55 -24.31
N GLU F 319 13.96 -18.91 -23.82
CA GLU F 319 13.98 -18.31 -22.49
C GLU F 319 14.30 -19.36 -21.43
N ASN F 320 15.17 -18.99 -20.49
CA ASN F 320 15.54 -19.92 -19.44
C ASN F 320 14.39 -20.16 -18.47
N ASN F 321 13.66 -19.12 -18.12
CA ASN F 321 12.64 -19.17 -17.08
C ASN F 321 11.26 -18.94 -17.71
N LEU F 322 10.60 -20.04 -18.06
CA LEU F 322 9.20 -19.97 -18.47
C LEU F 322 8.61 -21.37 -18.33
N THR F 323 7.65 -21.51 -17.43
CA THR F 323 7.06 -22.81 -17.13
C THR F 323 6.01 -23.17 -18.17
N ASP F 324 5.66 -24.46 -18.19
CA ASP F 324 4.64 -24.93 -19.12
C ASP F 324 3.28 -24.30 -18.78
N ASP F 325 2.94 -24.25 -17.49
CA ASP F 325 1.70 -23.62 -17.09
C ASP F 325 1.67 -22.15 -17.47
N ARG F 326 2.78 -21.44 -17.27
CA ARG F 326 2.85 -20.04 -17.68
C ARG F 326 2.65 -19.91 -19.18
N LEU F 327 3.24 -20.82 -19.95
CA LEU F 327 3.08 -20.78 -21.41
C LEU F 327 1.62 -20.97 -21.81
N ASN F 328 0.96 -21.97 -21.21
CA ASN F 328 -0.43 -22.22 -21.54
C ASN F 328 -1.30 -21.03 -21.14
N HIS F 329 -1.04 -20.47 -19.96
CA HIS F 329 -1.76 -19.28 -19.53
C HIS F 329 -1.58 -18.15 -20.53
N LEU F 330 -0.32 -17.88 -20.90
CA LEU F 330 -0.03 -16.75 -21.78
C LEU F 330 -0.73 -16.91 -23.12
N MET F 331 -0.65 -18.09 -23.72
CA MET F 331 -1.27 -18.26 -25.04
C MET F 331 -2.79 -18.26 -24.93
N ASN F 332 -3.33 -18.75 -23.82
CA ASN F 332 -4.78 -18.85 -23.71
C ASN F 332 -5.41 -17.54 -23.24
N ASN F 333 -4.68 -16.72 -22.49
CA ASN F 333 -5.16 -15.42 -22.06
C ASN F 333 -4.67 -14.29 -22.95
N MET F 334 -4.48 -14.58 -24.25
CA MET F 334 -3.87 -13.62 -25.14
C MET F 334 -4.76 -12.40 -25.35
N PRO F 335 -4.20 -11.29 -25.81
CA PRO F 335 -5.03 -10.16 -26.22
C PRO F 335 -5.78 -10.48 -27.51
N GLU F 336 -6.88 -9.77 -27.71
CA GLU F 336 -7.74 -10.03 -28.86
C GLU F 336 -7.00 -9.73 -30.16
N ARG F 337 -7.33 -10.51 -31.19
CA ARG F 337 -6.87 -10.24 -32.55
C ARG F 337 -5.34 -10.30 -32.64
N SER F 338 -4.77 -11.35 -32.06
CA SER F 338 -3.32 -11.51 -31.96
C SER F 338 -2.89 -12.79 -32.68
N ILE F 339 -1.57 -12.96 -32.77
CA ILE F 339 -0.97 -14.11 -33.43
C ILE F 339 0.22 -14.55 -32.59
N LEU F 340 0.51 -15.85 -32.63
CA LEU F 340 1.68 -16.41 -31.97
C LEU F 340 2.83 -16.54 -32.95
N LEU F 341 4.04 -16.47 -32.43
CA LEU F 341 5.26 -16.80 -33.18
C LEU F 341 6.18 -17.52 -32.21
N LEU F 342 6.12 -18.84 -32.22
CA LEU F 342 7.03 -19.65 -31.43
C LEU F 342 8.35 -19.74 -32.18
N GLU F 343 9.42 -19.22 -31.58
CA GLU F 343 10.72 -19.15 -32.22
C GLU F 343 11.57 -20.35 -31.79
N ASP F 344 12.14 -21.04 -32.78
CA ASP F 344 13.05 -22.16 -32.54
C ASP F 344 12.38 -23.25 -31.69
N ILE F 345 11.37 -23.89 -32.29
CA ILE F 345 10.72 -25.00 -31.62
C ILE F 345 11.69 -26.17 -31.51
N ASP F 346 12.62 -26.28 -32.46
CA ASP F 346 13.68 -27.26 -32.34
C ASP F 346 14.50 -27.04 -31.08
N ALA F 347 14.68 -25.77 -30.67
CA ALA F 347 15.39 -25.51 -29.43
C ALA F 347 14.64 -26.06 -28.22
N ALA F 348 13.31 -25.90 -28.21
CA ALA F 348 12.52 -26.45 -27.11
C ALA F 348 12.57 -27.97 -27.11
N PHE F 349 12.50 -28.58 -28.30
CA PHE F 349 12.60 -30.04 -28.38
C PHE F 349 13.97 -30.52 -27.89
N ASN F 350 15.03 -29.79 -28.26
CA ASN F 350 16.37 -30.13 -27.78
C ASN F 350 16.47 -30.00 -26.27
N LYS F 351 15.86 -28.93 -25.71
CA LYS F 351 15.86 -28.77 -24.27
C LYS F 351 15.15 -29.93 -23.60
N ARG F 352 14.00 -30.34 -24.14
CA ARG F 352 13.29 -31.48 -23.60
C ARG F 352 14.14 -32.74 -23.68
N SER F 353 14.80 -32.97 -24.82
CA SER F 353 15.57 -34.19 -24.99
C SER F 353 16.77 -34.24 -24.07
N GLN F 354 17.43 -33.09 -23.85
CA GLN F 354 18.68 -33.06 -23.10
C GLN F 354 18.45 -32.97 -21.60
N THR F 355 17.51 -32.13 -21.16
CA THR F 355 17.29 -31.94 -19.73
C THR F 355 16.77 -33.19 -19.05
N GLY F 356 16.19 -34.12 -19.80
CA GLY F 356 15.77 -35.38 -19.21
C GLY F 356 16.94 -36.19 -18.68
N GLU F 357 18.07 -36.16 -19.38
CA GLU F 357 19.25 -36.91 -19.01
C GLU F 357 20.32 -36.06 -18.32
N GLN F 358 20.21 -34.73 -18.40
CA GLN F 358 21.18 -33.83 -17.77
C GLN F 358 20.92 -33.61 -16.29
N GLY F 359 19.85 -34.16 -15.74
CA GLY F 359 19.51 -33.92 -14.35
C GLY F 359 18.72 -32.64 -14.17
N PHE F 360 19.31 -31.51 -14.58
CA PHE F 360 18.60 -30.25 -14.54
C PHE F 360 17.41 -30.29 -15.47
N HIS F 361 16.28 -29.73 -15.00
CA HIS F 361 15.02 -29.76 -15.72
C HIS F 361 14.74 -28.39 -16.32
N SER F 362 14.48 -28.36 -17.63
CA SER F 362 14.08 -27.13 -18.28
C SER F 362 12.65 -26.76 -17.91
N SER F 363 12.37 -25.46 -17.89
CA SER F 363 11.02 -24.99 -17.61
C SER F 363 10.08 -25.23 -18.79
N VAL F 364 10.59 -25.64 -19.95
CA VAL F 364 9.78 -25.96 -21.11
C VAL F 364 9.99 -27.43 -21.46
N THR F 365 8.88 -28.14 -21.68
CA THR F 365 8.90 -29.56 -22.01
C THR F 365 8.00 -29.80 -23.21
N PHE F 366 8.39 -30.76 -24.04
CA PHE F 366 7.56 -31.11 -25.19
C PHE F 366 6.17 -31.56 -24.76
N SER F 367 6.10 -32.28 -23.63
CA SER F 367 4.79 -32.60 -23.07
C SER F 367 4.05 -31.32 -22.70
N GLY F 368 4.78 -30.33 -22.19
CA GLY F 368 4.17 -29.02 -21.95
C GLY F 368 3.63 -28.41 -23.21
N LEU F 369 4.36 -28.53 -24.31
CA LEU F 369 3.88 -28.04 -25.60
C LEU F 369 2.61 -28.77 -26.02
N LEU F 370 2.59 -30.09 -25.84
CA LEU F 370 1.40 -30.86 -26.18
C LEU F 370 0.21 -30.38 -25.36
N ASN F 371 0.41 -30.19 -24.06
CA ASN F 371 -0.67 -29.77 -23.18
C ASN F 371 -1.17 -28.40 -23.61
N ALA F 372 -0.25 -27.47 -23.86
CA ALA F 372 -0.67 -26.09 -24.13
C ALA F 372 -1.28 -25.95 -25.51
N LEU F 373 -0.86 -26.78 -26.47
CA LEU F 373 -1.33 -26.69 -27.84
C LEU F 373 -2.65 -27.42 -28.02
N ASP F 374 -2.66 -28.73 -27.79
CA ASP F 374 -3.86 -29.54 -27.91
C ASP F 374 -4.73 -29.53 -26.66
N GLY F 375 -4.48 -28.60 -25.74
CA GLY F 375 -5.16 -28.66 -24.46
C GLY F 375 -6.65 -28.41 -24.59
N VAL F 376 -7.38 -28.83 -23.56
CA VAL F 376 -8.81 -28.54 -23.47
C VAL F 376 -9.05 -27.04 -23.38
N THR F 377 -8.06 -26.28 -22.91
CA THR F 377 -8.16 -24.84 -22.80
C THR F 377 -7.79 -24.11 -24.08
N SER F 378 -7.62 -24.83 -25.19
CA SER F 378 -7.24 -24.19 -26.45
C SER F 378 -8.29 -23.16 -26.85
N SER F 379 -7.85 -21.91 -26.97
CA SER F 379 -8.77 -20.83 -27.27
C SER F 379 -9.28 -20.93 -28.70
N GLU F 380 -10.50 -20.43 -28.90
CA GLU F 380 -11.08 -20.40 -30.23
C GLU F 380 -10.49 -19.25 -31.03
N GLU F 381 -10.66 -19.34 -32.36
CA GLU F 381 -10.26 -18.29 -33.31
C GLU F 381 -8.85 -17.78 -33.03
N THR F 382 -7.94 -18.72 -32.78
CA THR F 382 -6.53 -18.42 -32.54
C THR F 382 -5.68 -19.15 -33.57
N ILE F 383 -4.65 -18.48 -34.07
CA ILE F 383 -3.78 -19.02 -35.11
C ILE F 383 -2.34 -18.91 -34.62
N THR F 384 -1.55 -19.94 -34.91
CA THR F 384 -0.18 -20.04 -34.44
C THR F 384 0.78 -20.17 -35.61
N PHE F 385 1.90 -19.47 -35.51
CA PHE F 385 2.99 -19.58 -36.46
C PHE F 385 4.20 -20.18 -35.76
N MET F 386 4.75 -21.24 -36.33
CA MET F 386 5.93 -21.91 -35.81
C MET F 386 7.08 -21.75 -36.79
N THR F 387 8.22 -21.28 -36.30
CA THR F 387 9.42 -21.13 -37.10
C THR F 387 10.56 -21.88 -36.45
N THR F 388 11.31 -22.63 -37.25
CA THR F 388 12.37 -23.47 -36.74
C THR F 388 13.52 -23.48 -37.73
N ASN F 389 14.71 -23.81 -37.22
CA ASN F 389 15.92 -23.92 -38.01
C ASN F 389 16.45 -25.35 -38.10
N HIS F 390 15.97 -26.26 -37.25
CA HIS F 390 16.44 -27.65 -37.22
C HIS F 390 15.22 -28.56 -37.26
N PRO F 391 14.51 -28.60 -38.39
CA PRO F 391 13.32 -29.46 -38.48
C PRO F 391 13.61 -30.93 -38.28
N GLU F 392 14.83 -31.36 -38.61
CA GLU F 392 15.17 -32.77 -38.46
C GLU F 392 15.06 -33.23 -37.00
N LYS F 393 15.26 -32.33 -36.05
CA LYS F 393 15.30 -32.70 -34.64
C LYS F 393 13.92 -32.87 -34.02
N LEU F 394 12.85 -32.59 -34.76
CA LEU F 394 11.50 -32.66 -34.22
C LEU F 394 10.95 -34.07 -34.36
N ASP F 395 10.21 -34.50 -33.34
CA ASP F 395 9.61 -35.82 -33.35
C ASP F 395 8.50 -35.90 -34.39
N ALA F 396 8.20 -37.12 -34.82
CA ALA F 396 7.21 -37.34 -35.86
C ALA F 396 5.80 -37.01 -35.42
N ALA F 397 5.55 -36.91 -34.11
CA ALA F 397 4.21 -36.64 -33.61
C ALA F 397 3.81 -35.17 -33.74
N ILE F 398 4.78 -34.27 -33.89
CA ILE F 398 4.45 -32.85 -33.92
C ILE F 398 3.68 -32.51 -35.19
N MET F 399 3.99 -33.17 -36.30
CA MET F 399 3.33 -32.84 -37.56
C MET F 399 1.90 -33.34 -37.65
N ARG F 400 1.37 -33.94 -36.59
CA ARG F 400 0.00 -34.44 -36.64
C ARG F 400 -0.96 -33.29 -36.93
N PRO F 401 -2.00 -33.48 -37.73
CA PRO F 401 -2.95 -32.40 -37.98
C PRO F 401 -3.60 -31.94 -36.68
N GLY F 402 -3.94 -30.66 -36.63
CA GLY F 402 -4.35 -30.02 -35.41
C GLY F 402 -3.22 -29.39 -34.63
N ARG F 403 -1.97 -29.73 -34.98
CA ARG F 403 -0.78 -29.08 -34.44
C ARG F 403 -0.01 -28.34 -35.52
N ILE F 404 0.33 -29.01 -36.62
CA ILE F 404 0.90 -28.39 -37.80
C ILE F 404 -0.02 -28.72 -38.96
N ASP F 405 -0.64 -27.70 -39.53
CA ASP F 405 -1.62 -27.87 -40.60
C ASP F 405 -1.09 -27.49 -41.97
N TYR F 406 0.12 -26.96 -42.06
CA TYR F 406 0.73 -26.64 -43.34
C TYR F 406 2.22 -26.51 -43.13
N LYS F 407 2.98 -27.45 -43.67
CA LYS F 407 4.43 -27.42 -43.57
C LYS F 407 5.01 -26.74 -44.81
N VAL F 408 5.94 -25.81 -44.57
CA VAL F 408 6.56 -25.04 -45.63
C VAL F 408 8.06 -25.08 -45.43
N PHE F 409 8.79 -25.38 -46.50
CA PHE F 409 10.25 -25.38 -46.50
C PHE F 409 10.73 -24.11 -47.18
N VAL F 410 11.32 -23.21 -46.42
CA VAL F 410 11.99 -22.06 -47.01
C VAL F 410 13.35 -22.51 -47.51
N GLY F 411 13.61 -22.28 -48.80
CA GLY F 411 14.85 -22.70 -49.42
C GLY F 411 15.88 -21.59 -49.49
N ASN F 412 16.91 -21.84 -50.28
CA ASN F 412 17.94 -20.84 -50.51
C ASN F 412 17.41 -19.73 -51.41
N ALA F 413 18.24 -18.72 -51.66
CA ALA F 413 17.84 -17.60 -52.52
C ALA F 413 17.89 -18.07 -53.96
N THR F 414 16.77 -18.60 -54.43
CA THR F 414 16.66 -19.05 -55.81
C THR F 414 16.81 -17.85 -56.74
N PRO F 415 17.20 -18.07 -58.00
CA PRO F 415 17.36 -16.92 -58.91
C PRO F 415 16.11 -16.06 -59.03
N TYR F 416 14.93 -16.63 -58.88
CA TYR F 416 13.73 -15.82 -58.78
C TYR F 416 13.83 -14.86 -57.60
N GLN F 417 14.27 -15.36 -56.45
CA GLN F 417 14.44 -14.51 -55.28
C GLN F 417 15.49 -13.43 -55.54
N VAL F 418 16.58 -13.81 -56.20
CA VAL F 418 17.67 -12.87 -56.43
C VAL F 418 17.20 -11.74 -57.34
N GLU F 419 16.60 -12.06 -58.47
CA GLU F 419 16.15 -11.02 -59.38
C GLU F 419 15.03 -10.20 -58.75
N LYS F 420 14.19 -10.85 -57.94
CA LYS F 420 13.11 -10.14 -57.25
C LYS F 420 13.68 -9.07 -56.34
N MET F 421 14.61 -9.44 -55.46
CA MET F 421 15.14 -8.48 -54.51
C MET F 421 15.94 -7.41 -55.24
N PHE F 422 16.54 -7.77 -56.39
CA PHE F 422 17.31 -6.78 -57.12
C PHE F 422 16.40 -5.69 -57.69
N MET F 423 15.43 -6.06 -58.53
CA MET F 423 14.67 -4.96 -59.14
C MET F 423 13.70 -4.36 -58.13
N LYS F 424 13.49 -5.01 -56.98
CA LYS F 424 12.84 -4.33 -55.87
C LYS F 424 13.75 -3.25 -55.29
N PHE F 425 15.04 -3.54 -55.20
CA PHE F 425 15.98 -2.55 -54.68
C PHE F 425 16.05 -1.34 -55.61
N TYR F 426 16.26 -1.59 -56.90
CA TYR F 426 16.36 -0.52 -57.90
C TYR F 426 15.49 -0.90 -59.10
N PRO F 427 14.37 -0.23 -59.33
CA PRO F 427 13.60 -0.49 -60.56
C PRO F 427 14.31 0.03 -61.79
N GLY F 428 13.96 -0.58 -62.93
CA GLY F 428 14.44 -0.11 -64.22
C GLY F 428 15.92 -0.26 -64.48
N GLU F 429 16.50 -1.41 -64.11
CA GLU F 429 17.90 -1.73 -64.37
C GLU F 429 18.00 -3.16 -64.88
N THR F 430 17.19 -3.46 -65.90
CA THR F 430 17.01 -4.84 -66.34
C THR F 430 18.33 -5.46 -66.82
N ASP F 431 19.10 -4.73 -67.62
CA ASP F 431 20.37 -5.29 -68.09
C ASP F 431 21.31 -5.57 -66.93
N ILE F 432 21.30 -4.71 -65.91
CA ILE F 432 22.09 -5.01 -64.72
C ILE F 432 21.51 -6.22 -64.01
N CYS F 433 20.19 -6.44 -64.09
CA CYS F 433 19.63 -7.67 -63.53
C CYS F 433 20.18 -8.88 -64.23
N LYS F 434 20.27 -8.84 -65.56
CA LYS F 434 20.83 -9.97 -66.30
C LYS F 434 22.29 -10.18 -65.91
N LYS F 435 23.05 -9.09 -65.81
CA LYS F 435 24.44 -9.18 -65.42
C LYS F 435 24.56 -9.84 -64.05
N PHE F 436 23.76 -9.39 -63.09
CA PHE F 436 23.88 -9.94 -61.75
C PHE F 436 23.47 -11.40 -61.70
N VAL F 437 22.38 -11.77 -62.36
CA VAL F 437 21.93 -13.15 -62.26
C VAL F 437 22.93 -14.09 -62.90
N ASN F 438 23.50 -13.71 -64.05
CA ASN F 438 24.50 -14.58 -64.65
C ASN F 438 25.80 -14.59 -63.83
N SER F 439 26.14 -13.47 -63.18
CA SER F 439 27.28 -13.47 -62.28
C SER F 439 27.04 -14.43 -61.11
N VAL F 440 25.81 -14.45 -60.58
CA VAL F 440 25.48 -15.35 -59.48
C VAL F 440 25.57 -16.79 -59.95
N LYS F 441 25.05 -17.08 -61.14
CA LYS F 441 25.14 -18.43 -61.68
C LYS F 441 26.60 -18.84 -61.84
N GLU F 442 27.45 -17.89 -62.24
CA GLU F 442 28.89 -18.17 -62.28
C GLU F 442 29.43 -18.46 -60.88
N LEU F 443 28.97 -17.69 -59.88
CA LEU F 443 29.50 -17.84 -58.54
C LEU F 443 29.21 -19.22 -57.96
N ASP F 444 27.97 -19.70 -58.13
CA ASP F 444 27.57 -21.03 -57.65
C ASP F 444 27.81 -21.15 -56.14
N ILE F 445 27.12 -20.29 -55.39
CA ILE F 445 27.20 -20.26 -53.94
C ILE F 445 25.78 -20.18 -53.38
N THR F 446 25.52 -20.96 -52.33
CA THR F 446 24.22 -20.96 -51.67
C THR F 446 24.08 -19.67 -50.88
N VAL F 447 23.33 -18.74 -51.46
CA VAL F 447 23.14 -17.40 -50.89
C VAL F 447 21.75 -17.32 -50.26
N SER F 448 21.68 -16.62 -49.13
CA SER F 448 20.45 -16.46 -48.37
C SER F 448 20.08 -14.97 -48.31
N THR F 449 18.94 -14.70 -47.69
CA THR F 449 18.40 -13.34 -47.66
C THR F 449 19.32 -12.39 -46.91
N ALA F 450 19.90 -12.83 -45.80
CA ALA F 450 20.64 -11.93 -44.93
C ALA F 450 21.85 -11.35 -45.66
N GLN F 451 22.67 -12.21 -46.26
CA GLN F 451 23.90 -11.72 -46.89
C GLN F 451 23.61 -10.83 -48.08
N LEU F 452 22.67 -11.22 -48.94
CA LEU F 452 22.35 -10.39 -50.09
C LEU F 452 21.78 -9.05 -49.65
N GLN F 453 20.91 -9.06 -48.63
CA GLN F 453 20.32 -7.81 -48.17
C GLN F 453 21.39 -6.89 -47.59
N GLY F 454 22.29 -7.43 -46.76
CA GLY F 454 23.36 -6.62 -46.22
C GLY F 454 24.25 -6.04 -47.31
N LEU F 455 24.64 -6.90 -48.26
CA LEU F 455 25.50 -6.48 -49.36
C LEU F 455 24.85 -5.37 -50.16
N PHE F 456 23.53 -5.44 -50.35
CA PHE F 456 22.86 -4.39 -51.12
C PHE F 456 22.74 -3.10 -50.33
N VAL F 457 22.38 -3.18 -49.04
CA VAL F 457 22.17 -1.95 -48.28
C VAL F 457 23.49 -1.21 -48.12
N MET F 458 24.60 -1.93 -47.97
CA MET F 458 25.88 -1.23 -47.94
C MET F 458 26.18 -0.58 -49.29
N ASN F 459 25.75 -1.23 -50.38
CA ASN F 459 25.83 -0.66 -51.72
C ASN F 459 24.61 0.21 -52.02
N LYS F 460 24.41 1.21 -51.17
CA LYS F 460 23.21 2.05 -51.25
C LYS F 460 23.16 2.79 -52.57
N ASP F 461 22.20 2.44 -53.42
CA ASP F 461 21.98 3.11 -54.70
C ASP F 461 23.22 3.04 -55.60
N ALA F 462 23.96 1.94 -55.50
CA ALA F 462 25.19 1.75 -56.28
C ALA F 462 25.14 0.38 -56.95
N PRO F 463 24.17 0.16 -57.86
CA PRO F 463 24.10 -1.14 -58.53
C PRO F 463 25.34 -1.46 -59.35
N HIS F 464 25.94 -0.44 -59.98
CA HIS F 464 27.20 -0.64 -60.67
C HIS F 464 28.27 -1.15 -59.71
N ASP F 465 28.39 -0.52 -58.54
CA ASP F 465 29.35 -1.01 -57.55
C ASP F 465 28.94 -2.38 -57.04
N ALA F 466 27.63 -2.61 -56.88
CA ALA F 466 27.16 -3.92 -56.46
C ALA F 466 27.66 -5.00 -57.40
N LEU F 467 27.56 -4.75 -58.71
CA LEU F 467 28.14 -5.66 -59.69
C LEU F 467 29.66 -5.75 -59.51
N LYS F 468 30.30 -4.61 -59.25
CA LYS F 468 31.76 -4.58 -59.22
C LYS F 468 32.32 -5.50 -58.14
N MET F 469 31.78 -5.40 -56.92
CA MET F 469 32.27 -6.21 -55.81
C MET F 469 31.44 -7.49 -55.62
N VAL F 470 30.72 -7.93 -56.66
CA VAL F 470 29.94 -9.15 -56.57
C VAL F 470 30.83 -10.37 -56.30
N SER F 471 32.12 -10.29 -56.62
CA SER F 471 33.03 -11.40 -56.36
C SER F 471 33.18 -11.69 -54.87
N SER F 472 32.80 -10.73 -54.01
CA SER F 472 32.87 -10.94 -52.57
C SER F 472 31.88 -11.98 -52.06
N LEU F 473 30.95 -12.43 -52.92
CA LEU F 473 29.95 -13.39 -52.48
C LEU F 473 30.56 -14.68 -51.96
N ARG F 474 31.78 -15.00 -52.40
CA ARG F 474 32.41 -16.25 -51.95
C ARG F 474 32.60 -16.26 -50.44
N ASN F 475 33.00 -15.13 -49.87
CA ASN F 475 33.23 -14.97 -48.43
C ASN F 475 32.57 -13.70 -47.93
N ALA F 476 31.35 -13.42 -48.40
CA ALA F 476 30.65 -12.21 -48.00
C ALA F 476 30.41 -12.18 -46.49
N ASN F 477 30.02 -13.31 -45.92
CA ASN F 477 29.77 -13.36 -44.48
C ASN F 477 31.03 -13.06 -43.68
N HIS F 478 32.15 -13.68 -44.06
CA HIS F 478 33.39 -13.45 -43.33
C HIS F 478 33.98 -12.08 -43.64
N ILE F 479 33.96 -11.68 -44.92
CA ILE F 479 34.50 -10.38 -45.29
C ILE F 479 33.69 -9.25 -44.68
N PHE F 480 32.36 -9.38 -44.73
CA PHE F 480 31.45 -8.34 -44.26
C PHE F 480 30.65 -8.82 -43.06
N ALA G 99 -58.84 21.29 -9.35
CA ALA G 99 -59.88 20.41 -9.86
C ALA G 99 -59.37 19.63 -11.07
N SER G 100 -58.87 20.37 -12.06
CA SER G 100 -58.38 19.72 -13.28
C SER G 100 -57.23 18.76 -12.96
N ARG G 101 -56.30 19.18 -12.10
CA ARG G 101 -55.16 18.33 -11.78
C ARG G 101 -55.60 17.04 -11.09
N VAL G 102 -56.50 17.15 -10.13
CA VAL G 102 -56.94 15.96 -9.41
C VAL G 102 -57.74 15.04 -10.35
N LEU G 103 -58.53 15.62 -11.24
CA LEU G 103 -59.24 14.80 -12.22
C LEU G 103 -58.25 14.04 -13.10
N TYR G 104 -57.24 14.75 -13.62
CA TYR G 104 -56.23 14.10 -14.44
C TYR G 104 -55.57 12.96 -13.67
N ARG G 105 -55.13 13.24 -12.43
CA ARG G 105 -54.55 12.21 -11.60
C ARG G 105 -55.50 11.03 -11.43
N GLN G 106 -56.81 11.30 -11.43
CA GLN G 106 -57.77 10.20 -11.34
C GLN G 106 -57.79 9.38 -12.62
N MET G 107 -57.57 10.01 -13.78
CA MET G 107 -57.73 9.31 -15.05
C MET G 107 -56.45 9.17 -15.87
N ILE G 108 -55.28 9.49 -15.33
CA ILE G 108 -54.02 9.17 -16.00
C ILE G 108 -53.02 8.66 -14.97
N VAL G 109 -52.02 7.92 -15.46
CA VAL G 109 -50.98 7.32 -14.64
C VAL G 109 -49.64 7.66 -15.26
N ASP G 110 -48.64 7.90 -14.41
CA ASP G 110 -47.28 8.19 -14.83
C ASP G 110 -46.34 7.14 -14.25
N LEU G 111 -45.31 6.82 -15.03
CA LEU G 111 -44.30 5.85 -14.62
C LEU G 111 -42.93 6.46 -14.86
N GLU G 112 -42.14 6.61 -13.80
CA GLU G 112 -40.83 7.22 -13.90
C GLU G 112 -39.76 6.14 -13.93
N ILE G 113 -38.83 6.27 -14.86
CA ILE G 113 -37.69 5.39 -14.98
C ILE G 113 -36.47 6.14 -14.48
N GLN G 114 -35.85 5.64 -13.43
CA GLN G 114 -34.62 6.26 -12.95
C GLN G 114 -33.52 6.10 -14.01
N SER G 115 -32.46 6.88 -13.84
CA SER G 115 -31.28 6.77 -14.69
C SER G 115 -30.17 5.95 -14.04
N LYS G 116 -30.43 5.36 -12.88
CA LYS G 116 -29.47 4.51 -12.20
C LYS G 116 -29.85 3.03 -12.26
N ASP G 117 -30.89 2.68 -13.02
CA ASP G 117 -31.28 1.29 -13.25
C ASP G 117 -31.19 1.00 -14.73
N LYS G 118 -30.66 -0.17 -15.08
CA LYS G 118 -30.21 -0.41 -16.44
C LYS G 118 -31.34 -0.45 -17.45
N SER G 119 -32.60 -0.50 -17.01
CA SER G 119 -33.71 -0.44 -17.94
C SER G 119 -33.75 0.89 -18.69
N TYR G 120 -33.13 1.93 -18.13
CA TYR G 120 -33.14 3.24 -18.76
C TYR G 120 -32.58 3.19 -20.17
N ALA G 121 -31.36 2.64 -20.32
CA ALA G 121 -30.73 2.61 -21.63
C ALA G 121 -31.52 1.76 -22.61
N TRP G 122 -32.05 0.64 -22.16
CA TRP G 122 -32.81 -0.23 -23.05
C TRP G 122 -34.04 0.50 -23.56
N PHE G 123 -34.74 1.19 -22.66
CA PHE G 123 -35.93 1.90 -23.10
C PHE G 123 -35.58 3.03 -24.05
N LEU G 124 -34.46 3.72 -23.81
CA LEU G 124 -34.04 4.77 -24.73
C LEU G 124 -33.79 4.19 -26.12
N THR G 125 -33.06 3.08 -26.18
CA THR G 125 -32.77 2.45 -27.47
C THR G 125 -34.05 2.02 -28.16
N TRP G 126 -34.96 1.42 -27.40
CA TRP G 126 -36.23 1.01 -27.98
C TRP G 126 -37.00 2.21 -28.52
N MET G 127 -36.96 3.32 -27.79
CA MET G 127 -37.58 4.55 -28.27
C MET G 127 -36.98 4.97 -29.59
N ALA G 128 -35.66 4.92 -29.71
CA ALA G 128 -35.03 5.20 -30.98
C ALA G 128 -35.48 4.19 -32.04
N LYS G 129 -35.58 2.93 -31.67
CA LYS G 129 -35.93 1.90 -32.63
C LYS G 129 -37.38 2.02 -33.09
N HIS G 130 -38.25 2.56 -32.25
CA HIS G 130 -39.68 2.49 -32.51
C HIS G 130 -40.01 3.21 -33.82
N PRO G 131 -40.80 2.61 -34.71
CA PRO G 131 -41.09 3.27 -35.99
C PRO G 131 -42.03 4.45 -35.84
N GLN G 132 -43.10 4.26 -35.08
CA GLN G 132 -44.10 5.30 -34.87
C GLN G 132 -43.69 6.13 -33.66
N ARG G 133 -43.38 7.40 -33.90
CA ARG G 133 -42.80 8.23 -32.85
C ARG G 133 -42.76 9.66 -33.35
N VAL G 134 -42.88 10.60 -32.41
CA VAL G 134 -42.71 12.02 -32.68
C VAL G 134 -41.65 12.51 -31.70
N SER G 135 -40.39 12.48 -32.14
CA SER G 135 -39.25 12.87 -31.31
C SER G 135 -38.70 14.17 -31.87
N ARG G 136 -39.25 15.28 -31.38
CA ARG G 136 -38.77 16.59 -31.83
C ARG G 136 -37.31 16.78 -31.46
N HIS G 137 -36.94 16.42 -30.23
CA HIS G 137 -35.59 16.57 -29.74
C HIS G 137 -34.81 15.29 -29.95
N LEU G 138 -33.49 15.39 -29.87
CA LEU G 138 -32.62 14.26 -30.09
C LEU G 138 -31.34 14.42 -29.27
N SER G 139 -30.62 13.31 -29.12
CA SER G 139 -29.33 13.32 -28.47
C SER G 139 -28.49 12.19 -29.05
N VAL G 140 -27.17 12.31 -28.90
CA VAL G 140 -26.22 11.34 -29.44
C VAL G 140 -25.59 10.59 -28.28
N ARG G 141 -25.58 9.27 -28.39
CA ARG G 141 -24.82 8.40 -27.50
C ARG G 141 -23.86 7.60 -28.35
N THR G 142 -22.57 7.67 -28.03
CA THR G 142 -21.52 7.07 -28.83
C THR G 142 -20.66 6.17 -27.95
N ASN G 143 -20.00 5.22 -28.60
CA ASN G 143 -19.05 4.33 -27.95
C ASN G 143 -17.82 4.22 -28.83
N TYR G 144 -16.66 4.55 -28.27
CA TYR G 144 -15.39 4.47 -28.98
C TYR G 144 -14.36 3.85 -28.06
N ILE G 145 -13.59 2.90 -28.59
CA ILE G 145 -12.54 2.23 -27.84
C ILE G 145 -11.27 2.26 -28.69
N GLN G 146 -10.17 2.67 -28.08
CA GLN G 146 -8.89 2.77 -28.78
C GLN G 146 -8.23 1.40 -28.80
N HIS G 147 -8.11 0.82 -29.99
CA HIS G 147 -7.42 -0.46 -30.13
C HIS G 147 -5.92 -0.26 -29.92
N ASP G 148 -5.28 -1.28 -29.35
CA ASP G 148 -3.84 -1.20 -29.10
C ASP G 148 -3.06 -1.00 -30.38
N ASN G 149 -3.55 -1.55 -31.50
CA ASN G 149 -2.84 -1.41 -32.77
C ASN G 149 -2.80 0.01 -33.27
N GLY G 150 -3.62 0.91 -32.73
CA GLY G 150 -3.66 2.29 -33.15
C GLY G 150 -4.86 2.59 -34.02
N SER G 151 -6.02 2.02 -33.66
CA SER G 151 -7.25 2.20 -34.41
C SER G 151 -8.41 2.35 -33.44
N VAL G 152 -9.53 2.82 -33.97
CA VAL G 152 -10.72 3.10 -33.17
C VAL G 152 -11.90 2.32 -33.77
N SER G 153 -12.89 2.08 -32.93
CA SER G 153 -14.15 1.46 -33.34
C SER G 153 -15.19 2.56 -33.43
N THR G 154 -15.80 2.71 -34.61
CA THR G 154 -16.75 3.79 -34.85
C THR G 154 -18.17 3.29 -34.61
N LYS G 155 -18.91 4.04 -33.80
CA LYS G 155 -20.32 3.74 -33.58
C LYS G 155 -20.96 4.94 -32.91
N PHE G 156 -22.05 5.43 -33.48
CA PHE G 156 -22.85 6.48 -32.90
C PHE G 156 -24.32 6.15 -33.10
N SER G 157 -25.17 6.78 -32.31
CA SER G 157 -26.59 6.55 -32.41
C SER G 157 -27.33 7.79 -31.95
N LEU G 158 -28.54 7.97 -32.48
CA LEU G 158 -29.40 9.07 -32.10
C LEU G 158 -30.48 8.56 -31.17
N VAL G 159 -30.73 9.31 -30.10
CA VAL G 159 -31.73 8.98 -29.10
C VAL G 159 -32.61 10.20 -28.85
N PRO G 160 -33.80 10.00 -28.28
CA PRO G 160 -34.72 11.14 -28.10
C PRO G 160 -34.14 12.31 -27.34
N GLY G 161 -33.33 12.05 -26.31
CA GLY G 161 -32.73 13.12 -25.55
C GLY G 161 -33.74 13.86 -24.71
N PRO G 162 -33.31 14.91 -24.02
CA PRO G 162 -34.24 15.67 -23.18
C PRO G 162 -35.35 16.28 -24.00
N GLY G 163 -36.54 16.35 -23.40
CA GLY G 163 -37.70 16.95 -24.02
C GLY G 163 -38.88 16.01 -23.94
N ASN G 164 -39.91 16.33 -24.72
CA ASN G 164 -41.14 15.57 -24.75
C ASN G 164 -41.28 14.88 -26.10
N HIS G 165 -41.79 13.64 -26.06
CA HIS G 165 -42.05 12.89 -27.28
C HIS G 165 -43.33 12.10 -27.10
N TRP G 166 -44.01 11.85 -28.20
CA TRP G 166 -45.25 11.09 -28.22
C TRP G 166 -45.04 9.76 -28.94
N ILE G 167 -45.87 8.78 -28.59
CA ILE G 167 -45.84 7.47 -29.24
C ILE G 167 -47.27 6.97 -29.38
N ARG G 168 -47.49 6.17 -30.41
CA ARG G 168 -48.65 5.29 -30.50
C ARG G 168 -48.15 3.86 -30.32
N TYR G 169 -48.67 3.18 -29.31
CA TYR G 169 -48.27 1.81 -28.99
C TYR G 169 -49.51 1.02 -28.67
N LYS G 170 -49.87 0.07 -29.54
CA LYS G 170 -51.11 -0.68 -29.41
C LYS G 170 -52.32 0.26 -29.40
N GLY G 171 -52.22 1.37 -30.12
CA GLY G 171 -53.30 2.33 -30.17
C GLY G 171 -53.43 3.24 -28.97
N ALA G 172 -52.49 3.17 -28.02
CA ALA G 172 -52.52 3.99 -26.82
C ALA G 172 -51.45 5.07 -26.92
N PHE G 173 -51.84 6.32 -26.68
CA PHE G 173 -50.91 7.42 -26.75
C PHE G 173 -50.07 7.49 -25.48
N ILE G 174 -48.75 7.54 -25.64
CA ILE G 174 -47.82 7.63 -24.53
C ILE G 174 -47.04 8.94 -24.68
N LEU G 175 -47.02 9.73 -23.62
CA LEU G 175 -46.30 10.99 -23.60
C LEU G 175 -44.99 10.78 -22.85
N ILE G 176 -43.91 10.65 -23.59
CA ILE G 176 -42.59 10.51 -22.98
C ILE G 176 -42.09 11.89 -22.56
N LYS G 177 -41.28 11.91 -21.50
CA LYS G 177 -40.70 13.14 -21.02
C LYS G 177 -39.39 12.79 -20.32
N ARG G 178 -38.28 12.98 -21.01
CA ARG G 178 -36.97 12.76 -20.42
C ARG G 178 -36.47 14.05 -19.80
N GLU G 179 -36.06 13.98 -18.54
CA GLU G 179 -35.64 15.15 -17.77
C GLU G 179 -34.21 14.92 -17.32
N ARG G 180 -33.43 15.99 -17.32
CA ARG G 180 -32.04 15.96 -16.88
C ARG G 180 -31.93 16.74 -15.58
N SER G 181 -31.48 16.07 -14.52
CA SER G 181 -31.28 16.76 -13.26
C SER G 181 -30.16 17.77 -13.38
N ALA G 182 -30.45 19.00 -13.00
CA ALA G 182 -29.46 20.07 -12.98
C ALA G 182 -28.97 20.36 -11.57
N LYS G 183 -28.91 19.34 -10.73
CA LYS G 183 -28.50 19.48 -9.34
C LYS G 183 -27.41 18.49 -8.93
N MET G 184 -27.48 17.25 -9.41
CA MET G 184 -26.65 16.17 -8.93
C MET G 184 -25.84 15.55 -10.06
N ILE G 185 -24.77 14.86 -9.66
CA ILE G 185 -23.98 14.01 -10.56
C ILE G 185 -24.22 12.57 -10.15
N ASP G 186 -24.48 11.71 -11.13
CA ASP G 186 -24.40 10.28 -10.93
C ASP G 186 -22.92 9.91 -10.83
N ILE G 187 -22.47 9.54 -9.63
CA ILE G 187 -21.05 9.28 -9.44
C ILE G 187 -20.61 8.07 -10.26
N ALA G 188 -21.46 7.03 -10.30
CA ALA G 188 -21.10 5.83 -11.05
C ALA G 188 -20.90 6.15 -12.53
N ASN G 189 -21.82 6.93 -13.10
CA ASN G 189 -21.70 7.33 -14.50
C ASN G 189 -20.83 8.57 -14.67
N GLY G 190 -20.77 9.43 -13.67
CA GLY G 190 -20.13 10.72 -13.84
C GLY G 190 -20.94 11.68 -14.69
N SER G 191 -22.24 11.50 -14.76
CA SER G 191 -23.15 12.31 -15.56
C SER G 191 -24.27 12.83 -14.67
N PRO G 192 -24.92 13.92 -15.06
CA PRO G 192 -26.06 14.39 -14.27
C PRO G 192 -27.17 13.35 -14.23
N PHE G 193 -27.90 13.36 -13.12
CA PHE G 193 -29.02 12.45 -12.95
C PHE G 193 -30.08 12.73 -14.01
N GLU G 194 -30.79 11.68 -14.43
CA GLU G 194 -31.84 11.81 -15.41
C GLU G 194 -33.03 10.97 -14.98
N THR G 195 -34.21 11.33 -15.51
CA THR G 195 -35.42 10.55 -15.30
C THR G 195 -36.22 10.56 -16.59
N VAL G 196 -37.00 9.50 -16.79
CA VAL G 196 -37.90 9.38 -17.92
C VAL G 196 -39.27 8.99 -17.38
N THR G 197 -40.25 9.85 -17.58
CA THR G 197 -41.58 9.69 -16.98
C THR G 197 -42.58 9.42 -18.10
N LEU G 198 -42.91 8.15 -18.29
CA LEU G 198 -43.99 7.81 -19.21
C LEU G 198 -45.30 8.35 -18.67
N THR G 199 -46.23 8.63 -19.56
CA THR G 199 -47.54 9.14 -19.16
C THR G 199 -48.59 8.64 -20.14
N THR G 200 -49.76 8.35 -19.61
CA THR G 200 -50.85 7.83 -20.43
C THR G 200 -52.10 7.74 -19.58
N LEU G 201 -53.24 7.65 -20.26
CA LEU G 201 -54.50 7.53 -19.57
C LEU G 201 -54.57 6.21 -18.82
N TYR G 202 -55.34 6.21 -17.73
CA TYR G 202 -55.57 4.99 -16.97
C TYR G 202 -56.50 4.09 -17.76
N ARG G 203 -56.92 2.99 -17.15
CA ARG G 203 -57.84 2.01 -17.73
C ARG G 203 -57.29 1.37 -19.00
N ASP G 204 -55.99 1.50 -19.25
CA ASP G 204 -55.35 0.74 -20.32
C ASP G 204 -55.02 -0.64 -19.78
N LYS G 205 -54.23 -1.41 -20.53
CA LYS G 205 -53.72 -2.69 -20.05
C LYS G 205 -52.46 -2.52 -19.19
N HIS G 206 -52.13 -1.29 -18.81
CA HIS G 206 -50.87 -0.99 -18.16
C HIS G 206 -49.72 -1.58 -18.98
N LEU G 207 -49.60 -1.08 -20.21
CA LEU G 207 -48.67 -1.66 -21.17
C LEU G 207 -47.22 -1.49 -20.74
N PHE G 208 -46.95 -0.64 -19.74
CA PHE G 208 -45.60 -0.39 -19.26
C PHE G 208 -44.76 -1.66 -19.17
N ASP G 209 -45.33 -2.69 -18.57
CA ASP G 209 -44.67 -4.00 -18.54
C ASP G 209 -44.35 -4.47 -19.96
N ASP G 210 -45.30 -4.31 -20.89
CA ASP G 210 -45.08 -4.79 -22.25
C ASP G 210 -43.95 -4.01 -22.93
N ILE G 211 -43.95 -2.68 -22.76
CA ILE G 211 -42.91 -1.88 -23.41
C ILE G 211 -41.55 -2.21 -22.84
N LEU G 212 -41.45 -2.33 -21.51
CA LEU G 212 -40.13 -2.61 -20.95
C LEU G 212 -39.68 -4.03 -21.29
N ASN G 213 -40.61 -4.97 -21.40
CA ASN G 213 -40.24 -6.31 -21.86
C ASN G 213 -39.75 -6.27 -23.30
N GLU G 214 -40.42 -5.48 -24.14
CA GLU G 214 -39.99 -5.35 -25.53
C GLU G 214 -38.59 -4.75 -25.60
N ALA G 215 -38.35 -3.72 -24.79
CA ALA G 215 -37.02 -3.12 -24.77
C ALA G 215 -35.97 -4.12 -24.28
N LYS G 216 -36.30 -4.88 -23.23
CA LYS G 216 -35.37 -5.91 -22.77
C LYS G 216 -35.23 -7.01 -23.80
N ASP G 217 -36.32 -7.35 -24.49
CA ASP G 217 -36.27 -8.38 -25.51
C ASP G 217 -35.22 -8.07 -26.56
N ILE G 218 -35.28 -6.85 -27.12
CA ILE G 218 -34.27 -6.44 -28.09
C ILE G 218 -32.93 -6.24 -27.40
N ALA G 219 -32.94 -5.66 -26.20
CA ALA G 219 -31.69 -5.41 -25.50
C ALA G 219 -30.96 -6.71 -25.18
N LEU G 220 -31.71 -7.71 -24.71
CA LEU G 220 -31.15 -9.03 -24.43
C LEU G 220 -31.20 -9.95 -25.63
N LYS G 221 -31.25 -9.38 -26.85
CA LYS G 221 -31.33 -10.22 -28.04
C LYS G 221 -30.06 -11.06 -28.22
N THR G 222 -28.94 -10.62 -27.67
CA THR G 222 -27.70 -11.38 -27.79
C THR G 222 -27.81 -12.70 -27.04
N THR G 223 -27.97 -13.79 -27.77
CA THR G 223 -28.06 -15.13 -27.19
C THR G 223 -26.65 -15.70 -27.09
N GLU G 224 -26.17 -15.87 -25.85
CA GLU G 224 -24.79 -16.31 -25.66
C GLU G 224 -24.67 -17.82 -25.80
N GLY G 225 -25.31 -18.57 -24.90
CA GLY G 225 -25.29 -20.01 -24.95
C GLY G 225 -23.90 -20.60 -24.75
N LYS G 226 -22.96 -19.79 -24.30
CA LYS G 226 -21.57 -20.21 -24.20
C LYS G 226 -21.21 -20.50 -22.75
N THR G 227 -20.11 -21.22 -22.57
CA THR G 227 -19.61 -21.62 -21.26
C THR G 227 -18.17 -21.15 -21.11
N VAL G 228 -17.76 -20.92 -19.87
CA VAL G 228 -16.42 -20.45 -19.54
C VAL G 228 -15.77 -21.47 -18.62
N ILE G 229 -14.54 -21.86 -18.97
CA ILE G 229 -13.80 -22.79 -18.13
C ILE G 229 -13.24 -22.05 -16.93
N TYR G 230 -13.10 -22.76 -15.81
CA TYR G 230 -12.55 -22.20 -14.58
C TYR G 230 -11.32 -22.99 -14.18
N THR G 231 -10.28 -22.29 -13.74
CA THR G 231 -9.01 -22.90 -13.37
C THR G 231 -8.64 -22.51 -11.95
N SER G 232 -7.90 -23.40 -11.29
CA SER G 232 -7.51 -23.22 -9.90
C SER G 232 -6.40 -22.19 -9.81
N PHE G 233 -6.80 -20.92 -9.75
CA PHE G 233 -5.85 -19.86 -9.48
C PHE G 233 -5.47 -19.90 -8.01
N GLY G 234 -4.41 -20.63 -7.68
CA GLY G 234 -4.04 -20.84 -6.30
C GLY G 234 -5.16 -21.52 -5.55
N PRO G 235 -5.57 -21.00 -4.40
CA PRO G 235 -6.72 -21.57 -3.70
C PRO G 235 -8.08 -21.10 -4.19
N GLU G 236 -8.14 -20.43 -5.34
CA GLU G 236 -9.38 -19.85 -5.85
C GLU G 236 -9.54 -20.18 -7.33
N TRP G 237 -10.78 -20.48 -7.71
CA TRP G 237 -11.12 -20.69 -9.11
C TRP G 237 -11.09 -19.36 -9.85
N ARG G 238 -10.58 -19.39 -11.09
CA ARG G 238 -10.57 -18.20 -11.93
C ARG G 238 -10.87 -18.57 -13.37
N LYS G 239 -11.48 -17.64 -14.09
CA LYS G 239 -11.79 -17.85 -15.49
C LYS G 239 -10.50 -17.98 -16.29
N PHE G 240 -10.54 -18.86 -17.29
CA PHE G 240 -9.37 -19.15 -18.12
C PHE G 240 -9.76 -19.01 -19.58
N GLY G 241 -9.14 -18.06 -20.27
CA GLY G 241 -9.47 -17.80 -21.65
C GLY G 241 -10.87 -17.25 -21.81
N GLN G 242 -11.22 -16.83 -23.02
CA GLN G 242 -12.57 -16.32 -23.24
C GLN G 242 -13.57 -17.47 -23.15
N PRO G 243 -14.84 -17.17 -22.87
CA PRO G 243 -15.84 -18.24 -22.88
C PRO G 243 -15.95 -18.87 -24.27
N LYS G 244 -16.25 -20.17 -24.28
CA LYS G 244 -16.24 -20.96 -25.50
C LYS G 244 -17.66 -21.33 -25.90
N ALA G 245 -17.90 -21.36 -27.21
CA ALA G 245 -19.21 -21.72 -27.71
C ALA G 245 -19.56 -23.15 -27.32
N LYS G 246 -20.85 -23.42 -27.18
CA LYS G 246 -21.30 -24.73 -26.74
C LYS G 246 -20.87 -25.80 -27.72
N ARG G 247 -20.32 -26.89 -27.18
CA ARG G 247 -20.03 -28.09 -27.97
C ARG G 247 -21.33 -28.87 -28.09
N MET G 248 -21.94 -28.83 -29.26
CA MET G 248 -23.22 -29.49 -29.45
C MET G 248 -23.07 -31.00 -29.30
N LEU G 249 -24.10 -31.63 -28.75
CA LEU G 249 -24.03 -33.05 -28.41
C LEU G 249 -23.68 -33.95 -29.60
N PRO G 250 -24.36 -33.87 -30.75
CA PRO G 250 -24.02 -34.80 -31.84
C PRO G 250 -22.63 -34.59 -32.41
N SER G 251 -22.01 -33.43 -32.20
CA SER G 251 -20.69 -33.17 -32.76
C SER G 251 -19.61 -34.05 -32.15
N VAL G 252 -19.88 -34.71 -31.02
CA VAL G 252 -18.96 -35.65 -30.40
C VAL G 252 -19.61 -37.03 -30.48
N ILE G 253 -18.85 -38.00 -30.96
CA ILE G 253 -19.35 -39.34 -31.25
C ILE G 253 -18.57 -40.33 -30.39
N LEU G 254 -19.26 -40.97 -29.45
CA LEU G 254 -18.72 -42.06 -28.66
C LEU G 254 -19.49 -43.34 -29.00
N ASP G 255 -19.09 -44.44 -28.38
CA ASP G 255 -19.68 -45.75 -28.67
C ASP G 255 -21.17 -45.73 -28.41
N SER G 256 -21.89 -46.65 -29.04
CA SER G 256 -23.34 -46.70 -28.91
C SER G 256 -23.75 -46.93 -27.46
N GLY G 257 -24.74 -46.18 -27.01
CA GLY G 257 -25.32 -46.39 -25.70
C GLY G 257 -24.62 -45.64 -24.59
N ILE G 258 -23.30 -45.43 -24.75
CA ILE G 258 -22.53 -44.80 -23.68
C ILE G 258 -23.02 -43.39 -23.43
N LYS G 259 -23.17 -42.60 -24.49
CA LYS G 259 -23.66 -41.23 -24.33
C LYS G 259 -25.08 -41.25 -23.78
N GLU G 260 -25.93 -42.12 -24.32
CA GLU G 260 -27.31 -42.18 -23.86
C GLU G 260 -27.38 -42.65 -22.41
N GLY G 261 -26.60 -43.67 -22.06
CA GLY G 261 -26.57 -44.14 -20.69
C GLY G 261 -26.15 -43.07 -19.73
N ILE G 262 -25.04 -42.38 -20.05
CA ILE G 262 -24.52 -41.35 -19.16
C ILE G 262 -25.52 -40.20 -19.05
N LEU G 263 -26.13 -39.82 -20.17
CA LEU G 263 -27.06 -38.71 -20.16
C LEU G 263 -28.28 -39.01 -19.29
N ASP G 264 -28.85 -40.21 -19.46
CA ASP G 264 -30.01 -40.55 -18.65
C ASP G 264 -29.64 -40.69 -17.17
N ASP G 265 -28.45 -41.22 -16.88
CA ASP G 265 -28.03 -41.33 -15.49
C ASP G 265 -27.88 -39.94 -14.86
N VAL G 266 -27.28 -39.00 -15.60
CA VAL G 266 -27.11 -37.65 -15.08
C VAL G 266 -28.46 -36.98 -14.88
N TYR G 267 -29.36 -37.17 -15.84
CA TYR G 267 -30.71 -36.60 -15.72
C TYR G 267 -31.42 -37.17 -14.50
N ASP G 268 -31.30 -38.48 -14.27
CA ASP G 268 -31.90 -39.09 -13.11
C ASP G 268 -31.34 -38.50 -11.82
N PHE G 269 -30.02 -38.36 -11.75
CA PHE G 269 -29.43 -37.79 -10.55
C PHE G 269 -29.89 -36.35 -10.34
N MET G 270 -30.03 -35.59 -11.42
CA MET G 270 -30.45 -34.21 -11.30
C MET G 270 -31.83 -34.08 -10.69
N LYS G 271 -32.70 -35.06 -10.88
CA LYS G 271 -34.07 -35.00 -10.38
C LYS G 271 -34.27 -35.77 -9.08
N ASN G 272 -33.31 -36.60 -8.68
CA ASN G 272 -33.41 -37.30 -7.40
C ASN G 272 -32.99 -36.45 -6.21
N GLY G 273 -32.86 -35.13 -6.39
CA GLY G 273 -32.42 -34.27 -5.30
C GLY G 273 -33.33 -34.33 -4.09
N LYS G 274 -34.63 -34.56 -4.31
CA LYS G 274 -35.54 -34.73 -3.19
C LYS G 274 -35.17 -35.97 -2.39
N TRP G 275 -34.80 -37.04 -3.07
CA TRP G 275 -34.49 -38.29 -2.38
C TRP G 275 -33.25 -38.16 -1.52
N TYR G 276 -32.28 -37.35 -1.95
CA TYR G 276 -31.13 -37.05 -1.12
C TYR G 276 -31.50 -36.08 0.00
N SER G 277 -32.35 -35.11 -0.31
CA SER G 277 -32.64 -34.02 0.62
C SER G 277 -33.38 -34.52 1.85
N ASP G 278 -34.30 -35.46 1.66
CA ASP G 278 -35.07 -36.03 2.76
C ASP G 278 -34.34 -37.14 3.49
N ARG G 279 -33.01 -37.20 3.37
CA ARG G 279 -32.26 -38.34 3.86
C ARG G 279 -30.85 -37.87 4.21
N GLY G 280 -30.24 -38.57 5.17
CA GLY G 280 -28.91 -38.22 5.60
C GLY G 280 -27.84 -38.71 4.63
N ILE G 281 -27.82 -38.14 3.43
CA ILE G 281 -26.88 -38.53 2.40
C ILE G 281 -26.43 -37.26 1.68
N PRO G 282 -25.14 -37.11 1.33
CA PRO G 282 -24.74 -35.90 0.60
C PRO G 282 -25.17 -35.96 -0.86
N TYR G 283 -25.84 -34.90 -1.30
CA TYR G 283 -26.34 -34.83 -2.66
C TYR G 283 -25.21 -34.55 -3.65
N ARG G 284 -24.44 -35.58 -3.98
CA ARG G 284 -23.34 -35.44 -4.91
C ARG G 284 -23.08 -36.78 -5.57
N ARG G 285 -22.42 -36.74 -6.73
CA ARG G 285 -22.21 -37.93 -7.55
C ARG G 285 -20.86 -37.85 -8.23
N GLY G 286 -20.35 -39.01 -8.64
CA GLY G 286 -19.08 -39.10 -9.34
C GLY G 286 -19.21 -39.98 -10.56
N TYR G 287 -18.38 -39.71 -11.57
CA TYR G 287 -18.44 -40.40 -12.85
C TYR G 287 -17.04 -40.62 -13.39
N LEU G 288 -16.58 -41.88 -13.34
CA LEU G 288 -15.24 -42.24 -13.77
C LEU G 288 -15.29 -42.69 -15.22
N LEU G 289 -14.42 -42.11 -16.05
CA LEU G 289 -14.25 -42.52 -17.44
C LEU G 289 -12.84 -43.03 -17.61
N TYR G 290 -12.71 -44.19 -18.25
CA TYR G 290 -11.43 -44.88 -18.35
C TYR G 290 -11.31 -45.55 -19.72
N GLY G 291 -10.11 -45.48 -20.29
CA GLY G 291 -9.84 -46.09 -21.57
C GLY G 291 -8.60 -45.53 -22.22
N PRO G 292 -8.31 -45.95 -23.45
CA PRO G 292 -7.11 -45.49 -24.14
C PRO G 292 -7.17 -43.99 -24.40
N PRO G 293 -6.05 -43.35 -24.65
CA PRO G 293 -6.05 -41.89 -24.81
C PRO G 293 -6.59 -41.50 -26.18
N GLY G 294 -6.81 -40.19 -26.33
CA GLY G 294 -7.26 -39.65 -27.60
C GLY G 294 -8.61 -40.16 -28.03
N SER G 295 -9.53 -40.35 -27.09
CA SER G 295 -10.89 -40.77 -27.39
C SER G 295 -11.89 -39.62 -27.40
N GLY G 296 -11.41 -38.38 -27.29
CA GLY G 296 -12.33 -37.25 -27.21
C GLY G 296 -13.14 -37.20 -25.95
N LYS G 297 -12.69 -37.89 -24.89
CA LYS G 297 -13.45 -37.90 -23.65
C LYS G 297 -13.58 -36.50 -23.06
N THR G 298 -12.50 -35.72 -23.10
CA THR G 298 -12.57 -34.36 -22.59
C THR G 298 -13.58 -33.54 -23.37
N SER G 299 -13.59 -33.69 -24.70
CA SER G 299 -14.65 -33.07 -25.48
C SER G 299 -16.01 -33.59 -25.07
N PHE G 300 -16.09 -34.86 -24.66
CA PHE G 300 -17.37 -35.39 -24.19
C PHE G 300 -17.83 -34.66 -22.96
N ILE G 301 -16.93 -34.42 -22.01
CA ILE G 301 -17.31 -33.70 -20.80
C ILE G 301 -17.69 -32.28 -21.13
N GLN G 302 -16.99 -31.66 -22.08
CA GLN G 302 -17.37 -30.33 -22.52
C GLN G 302 -18.80 -30.33 -23.07
N ALA G 303 -19.12 -31.31 -23.90
CA ALA G 303 -20.46 -31.38 -24.49
C ALA G 303 -21.50 -31.58 -23.41
N LEU G 304 -21.22 -32.45 -22.44
CA LEU G 304 -22.18 -32.68 -21.37
C LEU G 304 -22.37 -31.44 -20.51
N ALA G 305 -21.29 -30.72 -20.22
CA ALA G 305 -21.42 -29.49 -19.45
C ALA G 305 -22.25 -28.47 -20.21
N GLY G 306 -22.01 -28.36 -21.52
CA GLY G 306 -22.84 -27.47 -22.33
C GLY G 306 -24.29 -27.88 -22.35
N GLU G 307 -24.56 -29.19 -22.33
CA GLU G 307 -25.93 -29.67 -22.34
C GLU G 307 -26.68 -29.18 -21.12
N LEU G 308 -26.08 -29.32 -19.94
CA LEU G 308 -26.70 -28.81 -18.73
C LEU G 308 -26.52 -27.32 -18.55
N ASP G 309 -25.77 -26.67 -19.44
CA ASP G 309 -25.43 -25.26 -19.32
C ASP G 309 -24.64 -24.97 -18.06
N TYR G 310 -24.01 -26.01 -17.49
CA TYR G 310 -23.15 -25.82 -16.34
C TYR G 310 -21.76 -25.46 -16.79
N ASN G 311 -21.13 -24.53 -16.08
CA ASN G 311 -19.73 -24.27 -16.33
C ASN G 311 -18.90 -25.50 -15.99
N ILE G 312 -17.67 -25.51 -16.45
CA ILE G 312 -16.72 -26.56 -16.14
C ILE G 312 -15.53 -25.92 -15.45
N CYS G 313 -15.21 -26.39 -14.26
CA CYS G 313 -13.97 -26.04 -13.58
C CYS G 313 -13.07 -27.26 -13.64
N ILE G 314 -11.83 -27.06 -14.05
CA ILE G 314 -10.94 -28.16 -14.41
C ILE G 314 -9.71 -28.13 -13.52
N LEU G 315 -9.18 -29.31 -13.26
CA LEU G 315 -7.94 -29.44 -12.53
C LEU G 315 -7.23 -30.70 -13.00
N ASN G 316 -5.95 -30.56 -13.34
CA ASN G 316 -5.10 -31.69 -13.67
C ASN G 316 -4.20 -31.95 -12.47
N LEU G 317 -4.23 -33.19 -11.96
CA LEU G 317 -3.48 -33.52 -10.76
C LEU G 317 -1.98 -33.57 -10.99
N SER G 318 -1.53 -33.45 -12.24
CA SER G 318 -0.09 -33.36 -12.51
C SER G 318 0.50 -32.03 -12.07
N GLU G 319 -0.32 -31.07 -11.62
CA GLU G 319 0.19 -29.78 -11.19
C GLU G 319 1.24 -29.95 -10.10
N ASN G 320 2.32 -29.18 -10.21
CA ASN G 320 3.50 -29.39 -9.37
C ASN G 320 3.19 -29.09 -7.90
N ASN G 321 2.60 -27.93 -7.62
CA ASN G 321 2.44 -27.43 -6.26
C ASN G 321 1.00 -27.50 -5.78
N LEU G 322 0.30 -28.58 -6.13
CA LEU G 322 -1.09 -28.77 -5.73
C LEU G 322 -1.10 -29.46 -4.36
N THR G 323 -1.39 -28.69 -3.32
CA THR G 323 -1.48 -29.22 -1.97
C THR G 323 -2.88 -29.72 -1.71
N ASP G 324 -2.99 -30.81 -0.95
CA ASP G 324 -4.30 -31.44 -0.72
C ASP G 324 -5.26 -30.50 -0.01
N ASP G 325 -4.73 -29.59 0.81
CA ASP G 325 -5.60 -28.64 1.50
C ASP G 325 -6.28 -27.70 0.51
N ARG G 326 -5.53 -27.18 -0.47
CA ARG G 326 -6.15 -26.34 -1.49
C ARG G 326 -7.16 -27.14 -2.30
N LEU G 327 -6.84 -28.41 -2.57
CA LEU G 327 -7.82 -29.27 -3.21
C LEU G 327 -9.11 -29.31 -2.42
N ASN G 328 -9.00 -29.59 -1.12
CA ASN G 328 -10.17 -29.66 -0.26
C ASN G 328 -10.95 -28.36 -0.31
N HIS G 329 -10.23 -27.23 -0.32
CA HIS G 329 -10.91 -25.94 -0.39
C HIS G 329 -11.55 -25.72 -1.75
N LEU G 330 -10.86 -26.09 -2.82
CA LEU G 330 -11.34 -25.77 -4.16
C LEU G 330 -12.62 -26.55 -4.49
N MET G 331 -12.64 -27.83 -4.18
CA MET G 331 -13.78 -28.68 -4.55
C MET G 331 -15.02 -28.38 -3.72
N ASN G 332 -14.96 -27.49 -2.74
CA ASN G 332 -16.12 -27.10 -1.97
C ASN G 332 -16.44 -25.63 -2.02
N ASN G 333 -15.49 -24.77 -2.40
CA ASN G 333 -15.77 -23.37 -2.70
C ASN G 333 -15.99 -23.15 -4.19
N MET G 334 -16.52 -24.15 -4.89
CA MET G 334 -16.61 -24.11 -6.33
C MET G 334 -17.71 -23.16 -6.77
N PRO G 335 -17.56 -22.50 -7.93
CA PRO G 335 -18.66 -21.70 -8.46
C PRO G 335 -19.90 -22.53 -8.73
N GLU G 336 -21.06 -21.88 -8.58
CA GLU G 336 -22.33 -22.57 -8.72
C GLU G 336 -22.56 -23.01 -10.17
N ARG G 337 -23.28 -24.12 -10.32
CA ARG G 337 -23.58 -24.71 -11.62
C ARG G 337 -22.31 -25.06 -12.39
N SER G 338 -21.26 -25.44 -11.67
CA SER G 338 -19.96 -25.73 -12.27
C SER G 338 -19.66 -27.21 -12.08
N ILE G 339 -19.61 -27.94 -13.20
CA ILE G 339 -19.11 -29.31 -13.14
C ILE G 339 -17.62 -29.27 -12.88
N LEU G 340 -17.12 -30.27 -12.16
CA LEU G 340 -15.72 -30.37 -11.81
C LEU G 340 -15.12 -31.58 -12.50
N LEU G 341 -13.96 -31.39 -13.12
CA LEU G 341 -13.28 -32.45 -13.87
C LEU G 341 -11.88 -32.63 -13.32
N LEU G 342 -11.54 -33.89 -13.01
CA LEU G 342 -10.18 -34.29 -12.70
C LEU G 342 -9.57 -34.96 -13.93
N GLU G 343 -8.44 -34.43 -14.38
CA GLU G 343 -7.74 -34.99 -15.53
C GLU G 343 -6.73 -36.01 -15.01
N ASP G 344 -6.95 -37.28 -15.33
CA ASP G 344 -6.01 -38.35 -15.04
C ASP G 344 -5.75 -38.47 -13.53
N ILE G 345 -6.78 -38.83 -12.78
CA ILE G 345 -6.56 -39.25 -11.40
C ILE G 345 -5.71 -40.49 -11.38
N ASP G 346 -5.79 -41.32 -12.43
CA ASP G 346 -4.89 -42.45 -12.56
C ASP G 346 -3.44 -41.97 -12.54
N ALA G 347 -3.16 -40.84 -13.18
CA ALA G 347 -1.81 -40.29 -13.14
C ALA G 347 -1.43 -39.89 -11.72
N ALA G 348 -2.39 -39.36 -10.95
CA ALA G 348 -2.10 -39.02 -9.56
C ALA G 348 -1.76 -40.26 -8.76
N PHE G 349 -2.52 -41.34 -8.95
CA PHE G 349 -2.22 -42.58 -8.25
C PHE G 349 -0.87 -43.14 -8.67
N ASN G 350 -0.56 -43.08 -9.97
CA ASN G 350 0.72 -43.57 -10.45
C ASN G 350 1.87 -42.77 -9.86
N LYS G 351 1.72 -41.43 -9.82
CA LYS G 351 2.77 -40.60 -9.24
C LYS G 351 2.91 -40.88 -7.75
N ARG G 352 1.80 -41.10 -7.05
CA ARG G 352 1.87 -41.43 -5.63
C ARG G 352 2.64 -42.73 -5.42
N SER G 353 2.27 -43.77 -6.17
CA SER G 353 2.94 -45.07 -6.01
C SER G 353 4.41 -44.99 -6.38
N GLN G 354 4.72 -44.36 -7.51
CA GLN G 354 6.10 -44.30 -7.97
C GLN G 354 6.96 -43.44 -7.05
N THR G 355 6.40 -42.36 -6.52
CA THR G 355 7.15 -41.52 -5.59
C THR G 355 7.36 -42.22 -4.27
N GLY G 356 6.36 -42.98 -3.79
CA GLY G 356 6.57 -43.80 -2.61
C GLY G 356 7.65 -44.84 -2.83
N GLU G 357 7.68 -45.43 -4.02
CA GLU G 357 8.74 -46.39 -4.34
C GLU G 357 10.11 -45.71 -4.42
N GLN G 358 10.15 -44.47 -4.91
CA GLN G 358 11.38 -43.72 -5.11
C GLN G 358 11.80 -42.91 -3.90
N GLY G 359 11.05 -42.98 -2.79
CA GLY G 359 11.37 -42.19 -1.62
C GLY G 359 10.93 -40.76 -1.69
N PHE G 360 10.08 -40.40 -2.66
CA PHE G 360 9.57 -39.05 -2.83
C PHE G 360 8.11 -39.00 -2.36
N HIS G 361 7.66 -37.79 -2.06
CA HIS G 361 6.30 -37.54 -1.60
C HIS G 361 5.58 -36.68 -2.63
N SER G 362 4.44 -37.14 -3.12
CA SER G 362 3.65 -36.40 -4.10
C SER G 362 2.77 -35.37 -3.39
N SER G 363 2.58 -34.23 -4.04
CA SER G 363 1.75 -33.18 -3.47
C SER G 363 0.32 -33.64 -3.27
N VAL G 364 -0.17 -34.49 -4.16
CA VAL G 364 -1.52 -35.05 -4.08
C VAL G 364 -1.38 -36.48 -3.56
N THR G 365 -2.11 -36.78 -2.49
CA THR G 365 -2.04 -38.07 -1.82
C THR G 365 -3.43 -38.70 -1.79
N PHE G 366 -3.47 -40.01 -1.97
CA PHE G 366 -4.73 -40.74 -2.04
C PHE G 366 -5.63 -40.42 -0.85
N SER G 367 -5.06 -40.32 0.34
CA SER G 367 -5.84 -39.95 1.52
C SER G 367 -6.44 -38.56 1.35
N GLY G 368 -5.67 -37.64 0.76
CA GLY G 368 -6.20 -36.31 0.51
C GLY G 368 -7.40 -36.33 -0.42
N LEU G 369 -7.28 -37.09 -1.51
CA LEU G 369 -8.41 -37.19 -2.44
C LEU G 369 -9.62 -37.81 -1.75
N LEU G 370 -9.38 -38.85 -0.94
CA LEU G 370 -10.50 -39.49 -0.24
C LEU G 370 -11.20 -38.51 0.69
N ASN G 371 -10.43 -37.82 1.54
CA ASN G 371 -11.08 -37.02 2.57
C ASN G 371 -11.68 -35.75 1.99
N ALA G 372 -11.13 -35.24 0.89
CA ALA G 372 -11.74 -34.08 0.24
C ALA G 372 -12.96 -34.49 -0.55
N LEU G 373 -12.96 -35.69 -1.13
CA LEU G 373 -14.03 -36.08 -2.03
C LEU G 373 -15.36 -36.20 -1.29
N ASP G 374 -15.33 -36.71 -0.06
CA ASP G 374 -16.54 -36.93 0.73
C ASP G 374 -16.29 -36.38 2.13
N GLY G 375 -17.20 -36.70 3.05
CA GLY G 375 -17.00 -36.36 4.44
C GLY G 375 -17.52 -34.97 4.79
N VAL G 376 -16.97 -34.42 5.87
CA VAL G 376 -17.42 -33.15 6.43
C VAL G 376 -17.24 -31.98 5.47
N THR G 377 -16.39 -32.13 4.46
CA THR G 377 -16.07 -31.03 3.55
C THR G 377 -17.12 -30.85 2.47
N SER G 378 -17.75 -31.93 2.06
CA SER G 378 -18.42 -32.03 0.77
C SER G 378 -19.47 -30.94 0.59
N SER G 379 -19.42 -30.29 -0.57
CA SER G 379 -20.55 -29.51 -1.05
C SER G 379 -21.56 -30.46 -1.71
N GLU G 380 -22.78 -29.95 -1.89
CA GLU G 380 -23.90 -30.75 -2.36
C GLU G 380 -24.33 -30.26 -3.74
N GLU G 381 -25.35 -30.94 -4.29
CA GLU G 381 -25.81 -30.79 -5.66
C GLU G 381 -24.62 -30.58 -6.60
N THR G 382 -23.63 -31.46 -6.51
CA THR G 382 -22.38 -31.34 -7.23
C THR G 382 -22.05 -32.66 -7.90
N ILE G 383 -21.47 -32.58 -9.09
CA ILE G 383 -21.07 -33.75 -9.86
C ILE G 383 -19.59 -33.61 -10.17
N THR G 384 -18.92 -34.74 -10.29
CA THR G 384 -17.47 -34.76 -10.46
C THR G 384 -17.10 -35.84 -11.48
N PHE G 385 -16.27 -35.47 -12.44
CA PHE G 385 -15.77 -36.39 -13.45
C PHE G 385 -14.27 -36.57 -13.27
N MET G 386 -13.81 -37.82 -13.34
CA MET G 386 -12.38 -38.12 -13.37
C MET G 386 -12.12 -38.99 -14.59
N THR G 387 -11.43 -38.41 -15.57
CA THR G 387 -11.01 -39.16 -16.74
C THR G 387 -9.69 -39.86 -16.43
N THR G 388 -9.51 -41.05 -16.99
CA THR G 388 -8.31 -41.85 -16.74
C THR G 388 -7.83 -42.48 -18.03
N ASN G 389 -6.51 -42.63 -18.14
CA ASN G 389 -5.87 -43.34 -19.22
C ASN G 389 -5.23 -44.65 -18.78
N HIS G 390 -5.08 -44.87 -17.48
CA HIS G 390 -4.40 -46.04 -16.94
C HIS G 390 -5.24 -46.61 -15.81
N PRO G 391 -6.43 -47.14 -16.12
CA PRO G 391 -7.29 -47.70 -15.07
C PRO G 391 -6.66 -48.90 -14.36
N GLU G 392 -5.69 -49.56 -14.98
CA GLU G 392 -5.09 -50.74 -14.36
C GLU G 392 -4.42 -50.42 -13.04
N LYS G 393 -3.93 -49.19 -12.88
CA LYS G 393 -3.21 -48.77 -11.69
C LYS G 393 -4.12 -48.11 -10.66
N LEU G 394 -5.40 -48.47 -10.66
CA LEU G 394 -6.35 -47.87 -9.74
C LEU G 394 -6.24 -48.49 -8.35
N ASP G 395 -6.71 -47.75 -7.36
CA ASP G 395 -6.78 -48.23 -5.98
C ASP G 395 -8.22 -48.61 -5.65
N ALA G 396 -8.38 -49.75 -4.97
CA ALA G 396 -9.70 -50.34 -4.79
C ALA G 396 -10.65 -49.42 -4.03
N ALA G 397 -10.12 -48.64 -3.09
CA ALA G 397 -10.97 -47.89 -2.18
C ALA G 397 -11.69 -46.73 -2.87
N ILE G 398 -11.26 -46.36 -4.08
CA ILE G 398 -11.85 -45.19 -4.75
C ILE G 398 -13.21 -45.53 -5.34
N MET G 399 -13.37 -46.75 -5.87
CA MET G 399 -14.59 -47.07 -6.60
C MET G 399 -15.72 -47.47 -5.66
N ARG G 400 -16.12 -46.55 -4.79
CA ARG G 400 -17.15 -46.80 -3.81
C ARG G 400 -18.24 -45.75 -3.93
N PRO G 401 -19.48 -46.08 -3.54
CA PRO G 401 -20.56 -45.09 -3.61
C PRO G 401 -20.25 -43.87 -2.75
N GLY G 402 -20.64 -42.70 -3.23
CA GLY G 402 -20.25 -41.45 -2.63
C GLY G 402 -18.91 -40.93 -3.11
N ARG G 403 -18.09 -41.79 -3.71
CA ARG G 403 -16.86 -41.40 -4.37
C ARG G 403 -16.91 -41.70 -5.86
N ILE G 404 -17.46 -42.85 -6.23
CA ILE G 404 -17.70 -43.23 -7.62
C ILE G 404 -19.06 -43.89 -7.70
N ASP G 405 -19.81 -43.59 -8.75
CA ASP G 405 -21.16 -44.10 -8.93
C ASP G 405 -21.38 -44.78 -10.26
N TYR G 406 -20.57 -44.49 -11.28
CA TYR G 406 -20.73 -45.12 -12.57
C TYR G 406 -19.41 -45.11 -13.32
N LYS G 407 -19.10 -46.23 -13.96
CA LYS G 407 -17.87 -46.39 -14.74
C LYS G 407 -18.24 -46.88 -16.13
N VAL G 408 -17.65 -46.26 -17.15
CA VAL G 408 -17.89 -46.62 -18.54
C VAL G 408 -16.56 -46.67 -19.26
N PHE G 409 -16.34 -47.73 -20.03
CA PHE G 409 -15.13 -47.89 -20.83
C PHE G 409 -15.33 -47.18 -22.15
N VAL G 410 -14.65 -46.04 -22.32
CA VAL G 410 -14.72 -45.33 -23.58
C VAL G 410 -14.18 -46.19 -24.71
N GLY G 411 -13.13 -46.97 -24.42
CA GLY G 411 -12.60 -47.87 -25.40
C GLY G 411 -12.00 -47.12 -26.59
N ASN G 412 -12.01 -47.81 -27.73
CA ASN G 412 -11.50 -47.28 -28.98
C ASN G 412 -12.63 -47.14 -29.99
N ALA G 413 -12.30 -46.53 -31.14
CA ALA G 413 -13.30 -46.20 -32.13
C ALA G 413 -13.81 -47.47 -32.80
N THR G 414 -14.95 -47.97 -32.34
CA THR G 414 -15.60 -49.08 -33.02
C THR G 414 -16.09 -48.63 -34.40
N PRO G 415 -16.22 -49.55 -35.36
CA PRO G 415 -16.70 -49.15 -36.69
C PRO G 415 -18.03 -48.41 -36.68
N TYR G 416 -18.88 -48.66 -35.69
CA TYR G 416 -20.09 -47.86 -35.55
C TYR G 416 -19.76 -46.39 -35.38
N GLN G 417 -18.83 -46.08 -34.48
CA GLN G 417 -18.39 -44.70 -34.27
C GLN G 417 -17.76 -44.16 -35.55
N VAL G 418 -17.00 -44.99 -36.26
CA VAL G 418 -16.40 -44.57 -37.52
C VAL G 418 -17.49 -44.09 -38.47
N GLU G 419 -18.43 -44.97 -38.81
CA GLU G 419 -19.48 -44.62 -39.77
C GLU G 419 -20.26 -43.40 -39.28
N LYS G 420 -20.52 -43.32 -37.98
CA LYS G 420 -21.30 -42.22 -37.45
C LYS G 420 -20.59 -40.89 -37.70
N MET G 421 -19.32 -40.79 -37.31
CA MET G 421 -18.64 -39.52 -37.47
C MET G 421 -18.35 -39.25 -38.95
N PHE G 422 -18.36 -40.29 -39.79
CA PHE G 422 -18.22 -40.06 -41.22
C PHE G 422 -19.45 -39.39 -41.80
N MET G 423 -20.60 -40.07 -41.75
CA MET G 423 -21.77 -39.47 -42.38
C MET G 423 -22.22 -38.24 -41.60
N LYS G 424 -21.69 -38.03 -40.40
CA LYS G 424 -21.81 -36.73 -39.73
C LYS G 424 -20.91 -35.69 -40.38
N PHE G 425 -19.67 -36.06 -40.73
CA PHE G 425 -18.77 -35.13 -41.39
C PHE G 425 -19.09 -34.98 -42.88
N TYR G 426 -19.57 -36.04 -43.52
CA TYR G 426 -19.87 -36.04 -44.96
C TYR G 426 -21.33 -36.43 -45.12
N PRO G 427 -22.26 -35.50 -44.91
CA PRO G 427 -23.68 -35.84 -45.09
C PRO G 427 -23.98 -36.22 -46.53
N GLY G 428 -24.86 -37.20 -46.69
CA GLY G 428 -25.21 -37.65 -48.03
C GLY G 428 -24.08 -38.31 -48.77
N GLU G 429 -23.03 -38.74 -48.07
CA GLU G 429 -21.85 -39.36 -48.66
C GLU G 429 -21.78 -40.85 -48.35
N THR G 430 -22.93 -41.49 -48.12
CA THR G 430 -22.96 -42.81 -47.50
C THR G 430 -22.19 -43.85 -48.30
N ASP G 431 -22.18 -43.72 -49.63
CA ASP G 431 -21.50 -44.70 -50.47
C ASP G 431 -20.01 -44.79 -50.13
N ILE G 432 -19.34 -43.63 -50.05
CA ILE G 432 -17.92 -43.63 -49.71
C ILE G 432 -17.73 -44.11 -48.28
N CYS G 433 -18.67 -43.78 -47.39
CA CYS G 433 -18.57 -44.25 -46.02
C CYS G 433 -18.58 -45.77 -45.95
N LYS G 434 -19.48 -46.41 -46.69
CA LYS G 434 -19.53 -47.88 -46.67
C LYS G 434 -18.32 -48.46 -47.39
N LYS G 435 -17.84 -47.79 -48.44
CA LYS G 435 -16.61 -48.24 -49.10
C LYS G 435 -15.46 -48.28 -48.09
N PHE G 436 -15.30 -47.22 -47.30
CA PHE G 436 -14.19 -47.21 -46.37
C PHE G 436 -14.52 -48.11 -45.18
N VAL G 437 -15.80 -48.38 -44.92
CA VAL G 437 -16.14 -49.39 -43.92
C VAL G 437 -15.56 -50.73 -44.33
N ASN G 438 -15.78 -51.11 -45.58
CA ASN G 438 -15.18 -52.34 -46.10
C ASN G 438 -13.67 -52.27 -46.03
N SER G 439 -13.10 -51.12 -46.41
CA SER G 439 -11.65 -51.00 -46.45
C SER G 439 -11.04 -51.12 -45.06
N VAL G 440 -11.64 -50.47 -44.06
CA VAL G 440 -11.11 -50.53 -42.71
C VAL G 440 -11.30 -51.93 -42.14
N LYS G 441 -12.43 -52.57 -42.47
CA LYS G 441 -12.61 -53.97 -42.10
C LYS G 441 -11.47 -54.81 -42.65
N GLU G 442 -11.03 -54.53 -43.88
CA GLU G 442 -9.88 -55.23 -44.42
C GLU G 442 -8.61 -54.85 -43.64
N LEU G 443 -8.46 -53.58 -43.28
CA LEU G 443 -7.33 -53.18 -42.44
C LEU G 443 -7.36 -53.92 -41.11
N ASP G 444 -8.48 -53.86 -40.41
CA ASP G 444 -8.67 -54.56 -39.15
C ASP G 444 -7.59 -54.19 -38.13
N ILE G 445 -7.57 -52.90 -37.77
CA ILE G 445 -6.63 -52.38 -36.81
C ILE G 445 -7.32 -51.35 -35.92
N THR G 446 -6.86 -51.26 -34.67
CA THR G 446 -7.36 -50.24 -33.76
C THR G 446 -7.05 -48.85 -34.27
N VAL G 447 -8.02 -47.95 -34.15
CA VAL G 447 -7.87 -46.56 -34.57
C VAL G 447 -8.45 -45.68 -33.48
N SER G 448 -7.67 -44.72 -33.01
CA SER G 448 -8.14 -43.72 -32.07
C SER G 448 -8.92 -42.62 -32.82
N THR G 449 -9.69 -41.85 -32.06
CA THR G 449 -10.43 -40.75 -32.65
C THR G 449 -9.50 -39.67 -33.16
N ALA G 450 -8.35 -39.48 -32.51
CA ALA G 450 -7.46 -38.39 -32.86
C ALA G 450 -6.93 -38.53 -34.28
N GLN G 451 -6.48 -39.74 -34.64
CA GLN G 451 -5.89 -39.92 -35.95
C GLN G 451 -6.93 -39.81 -37.05
N LEU G 452 -8.12 -40.39 -36.83
CA LEU G 452 -9.17 -40.25 -37.84
C LEU G 452 -9.57 -38.80 -38.00
N GLN G 453 -9.62 -38.05 -36.89
CA GLN G 453 -9.94 -36.63 -36.98
C GLN G 453 -8.88 -35.86 -37.74
N GLY G 454 -7.61 -36.19 -37.52
CA GLY G 454 -6.56 -35.52 -38.25
C GLY G 454 -6.67 -35.77 -39.74
N LEU G 455 -6.78 -37.05 -40.13
CA LEU G 455 -6.88 -37.37 -41.54
C LEU G 455 -8.15 -36.82 -42.15
N PHE G 456 -9.16 -36.52 -41.33
CA PHE G 456 -10.31 -35.78 -41.81
C PHE G 456 -9.97 -34.33 -42.11
N VAL G 457 -9.35 -33.65 -41.15
CA VAL G 457 -9.20 -32.20 -41.27
C VAL G 457 -8.28 -31.85 -42.43
N MET G 458 -7.23 -32.63 -42.69
CA MET G 458 -6.38 -32.18 -43.81
C MET G 458 -7.02 -32.57 -45.14
N ASN G 459 -8.14 -33.32 -45.11
CA ASN G 459 -9.01 -33.54 -46.26
C ASN G 459 -10.34 -32.82 -46.06
N LYS G 460 -10.29 -31.56 -45.62
CA LYS G 460 -11.50 -30.78 -45.43
C LYS G 460 -12.30 -30.73 -46.74
N ASP G 461 -13.51 -31.30 -46.71
CA ASP G 461 -14.36 -31.39 -47.89
C ASP G 461 -13.68 -32.15 -49.03
N ALA G 462 -12.93 -33.20 -48.69
CA ALA G 462 -12.22 -34.01 -49.68
C ALA G 462 -12.43 -35.49 -49.39
N PRO G 463 -13.67 -35.97 -49.49
CA PRO G 463 -13.94 -37.38 -49.13
C PRO G 463 -13.21 -38.38 -50.01
N HIS G 464 -13.04 -38.07 -51.30
CA HIS G 464 -12.44 -39.05 -52.21
C HIS G 464 -11.00 -39.35 -51.84
N ASP G 465 -10.21 -38.32 -51.55
CA ASP G 465 -8.83 -38.55 -51.15
C ASP G 465 -8.76 -39.27 -49.81
N ALA G 466 -9.69 -38.96 -48.91
CA ALA G 466 -9.74 -39.66 -47.64
C ALA G 466 -9.97 -41.14 -47.86
N LEU G 467 -10.89 -41.49 -48.76
CA LEU G 467 -11.06 -42.89 -49.13
C LEU G 467 -9.77 -43.45 -49.72
N LYS G 468 -9.11 -42.67 -50.57
CA LYS G 468 -7.84 -43.10 -51.13
C LYS G 468 -6.77 -43.19 -50.04
N MET G 469 -6.86 -42.35 -49.02
CA MET G 469 -5.87 -42.31 -47.96
C MET G 469 -6.10 -43.38 -46.89
N VAL G 470 -6.91 -44.40 -47.19
CA VAL G 470 -7.08 -45.54 -46.30
C VAL G 470 -5.80 -46.33 -46.10
N SER G 471 -4.78 -46.09 -46.92
CA SER G 471 -3.54 -46.87 -46.82
C SER G 471 -2.79 -46.57 -45.53
N SER G 472 -2.72 -45.30 -45.13
CA SER G 472 -1.78 -44.87 -44.11
C SER G 472 -2.28 -45.08 -42.69
N LEU G 473 -3.41 -45.74 -42.49
CA LEU G 473 -3.88 -45.98 -41.12
C LEU G 473 -3.01 -46.99 -40.40
N ARG G 474 -2.20 -47.77 -41.12
CA ARG G 474 -1.25 -48.65 -40.47
C ARG G 474 -0.25 -47.85 -39.64
N ASN G 475 0.24 -46.74 -40.19
CA ASN G 475 1.18 -45.86 -39.52
C ASN G 475 0.50 -44.61 -38.95
N ALA G 476 -0.78 -44.72 -38.61
CA ALA G 476 -1.49 -43.57 -38.06
C ALA G 476 -0.89 -43.13 -36.73
N ASN G 477 -0.36 -44.07 -35.94
CA ASN G 477 0.23 -43.72 -34.66
C ASN G 477 1.44 -42.80 -34.82
N HIS G 478 2.11 -42.84 -35.97
CA HIS G 478 3.28 -42.01 -36.25
C HIS G 478 2.93 -40.78 -37.08
N ILE G 479 2.14 -40.94 -38.14
CA ILE G 479 1.79 -39.80 -38.98
C ILE G 479 0.79 -38.91 -38.25
N PHE G 480 -0.40 -39.45 -37.99
CA PHE G 480 -1.48 -38.70 -37.36
C PHE G 480 -1.60 -39.07 -35.88
N ALA H 1 -3.64 8.08 7.45
CA ALA H 1 -3.44 7.37 8.71
C ALA H 1 -3.68 5.88 8.53
N LYS H 2 -4.78 5.55 7.84
CA LYS H 2 -5.15 4.17 7.56
C LYS H 2 -5.12 3.95 6.06
N VAL H 3 -4.54 2.83 5.64
CA VAL H 3 -4.45 2.46 4.24
C VAL H 3 -5.13 1.11 4.05
N GLU H 4 -6.01 1.03 3.07
CA GLU H 4 -6.81 -0.16 2.78
C GLU H 4 -6.29 -0.79 1.50
N VAL H 5 -6.04 -2.10 1.55
CA VAL H 5 -5.40 -2.82 0.46
C VAL H 5 -6.25 -4.03 0.11
N ASN H 6 -6.48 -4.23 -1.18
CA ASN H 6 -7.20 -5.42 -1.65
C ASN H 6 -6.24 -6.60 -1.68
N LEU H 7 -6.55 -7.63 -0.89
CA LEU H 7 -5.70 -8.81 -0.84
C LEU H 7 -5.87 -9.68 -2.07
N ALA H 8 -7.09 -9.74 -2.62
CA ALA H 8 -7.37 -10.67 -3.71
C ALA H 8 -6.56 -10.33 -4.95
N ALA H 9 -6.25 -9.05 -5.16
CA ALA H 9 -5.50 -8.65 -6.34
C ALA H 9 -4.10 -9.24 -6.36
N ILE H 10 -3.55 -9.62 -5.20
CA ILE H 10 -2.17 -10.09 -5.11
C ILE H 10 -2.13 -11.57 -5.45
N PRO H 11 -1.39 -12.01 -6.47
CA PRO H 11 -1.21 -13.44 -6.68
C PRO H 11 -0.18 -14.01 -5.70
N LEU H 12 -0.12 -15.34 -5.68
CA LEU H 12 0.80 -16.03 -4.78
C LEU H 12 2.24 -15.70 -5.13
N GLY H 13 3.03 -15.38 -4.11
CA GLY H 13 4.45 -15.16 -4.29
C GLY H 13 4.84 -13.78 -4.80
N LYS H 14 3.89 -12.87 -5.00
CA LYS H 14 4.16 -11.55 -5.54
C LYS H 14 4.18 -10.52 -4.43
N ASN H 15 5.26 -9.75 -4.37
CA ASN H 15 5.39 -8.71 -3.36
C ASN H 15 4.67 -7.44 -3.80
N VAL H 16 4.47 -6.53 -2.84
CA VAL H 16 3.82 -5.26 -3.07
C VAL H 16 4.57 -4.18 -2.30
N VAL H 17 4.35 -2.93 -2.69
CA VAL H 17 4.83 -1.77 -1.96
C VAL H 17 3.65 -0.84 -1.74
N VAL H 18 3.42 -0.47 -0.47
CA VAL H 18 2.32 0.40 -0.10
C VAL H 18 2.84 1.43 0.88
N LYS H 19 2.38 2.67 0.73
CA LYS H 19 2.82 3.79 1.56
C LYS H 19 1.78 4.03 2.65
N TRP H 20 2.13 3.66 3.88
CA TRP H 20 1.34 4.01 5.06
C TRP H 20 2.11 5.08 5.81
N GLN H 21 1.50 6.27 5.94
CA GLN H 21 2.13 7.42 6.56
C GLN H 21 3.35 7.87 5.77
N GLY H 22 3.54 7.32 4.57
CA GLY H 22 4.75 7.50 3.81
C GLY H 22 5.77 6.40 4.01
N LYS H 23 5.61 5.59 5.04
CA LYS H 23 6.51 4.47 5.26
C LYS H 23 6.17 3.34 4.29
N PRO H 24 7.16 2.69 3.66
CA PRO H 24 6.84 1.57 2.78
C PRO H 24 6.27 0.40 3.55
N VAL H 25 5.47 -0.41 2.85
CA VAL H 25 4.86 -1.60 3.42
C VAL H 25 4.94 -2.72 2.40
N PHE H 26 5.34 -3.91 2.85
CA PHE H 26 5.47 -5.08 1.99
C PHE H 26 4.32 -6.04 2.25
N ILE H 27 3.64 -6.46 1.18
CA ILE H 27 2.60 -7.47 1.23
C ILE H 27 3.10 -8.63 0.40
N ARG H 28 3.24 -9.80 1.03
CA ARG H 28 3.66 -11.01 0.33
C ARG H 28 2.69 -12.13 0.67
N HIS H 29 2.15 -12.78 -0.37
CA HIS H 29 1.31 -13.95 -0.19
C HIS H 29 2.21 -15.19 -0.22
N ARG H 30 2.53 -15.72 0.95
CA ARG H 30 3.53 -16.77 1.03
C ARG H 30 2.98 -18.08 0.49
N THR H 31 3.88 -18.90 -0.06
CA THR H 31 3.55 -20.24 -0.50
C THR H 31 3.84 -21.25 0.62
N PRO H 32 3.16 -22.42 0.64
CA PRO H 32 3.42 -23.39 1.71
C PRO H 32 4.88 -23.81 1.83
N HIS H 33 5.61 -23.87 0.71
CA HIS H 33 7.03 -24.17 0.78
C HIS H 33 7.77 -23.15 1.63
N GLU H 34 7.44 -21.87 1.45
CA GLU H 34 8.04 -20.83 2.26
C GLU H 34 7.68 -21.01 3.74
N ILE H 35 6.42 -21.36 4.01
CA ILE H 35 6.01 -21.57 5.40
C ILE H 35 6.84 -22.67 6.05
N GLN H 36 6.94 -23.81 5.36
CA GLN H 36 7.68 -24.93 5.91
C GLN H 36 9.14 -24.57 6.11
N GLU H 37 9.75 -23.92 5.12
CA GLU H 37 11.17 -23.60 5.23
C GLU H 37 11.42 -22.63 6.38
N ALA H 38 10.61 -21.57 6.46
CA ALA H 38 10.81 -20.57 7.51
C ALA H 38 10.62 -21.17 8.89
N ASN H 39 9.57 -21.99 9.04
CA ASN H 39 9.34 -22.63 10.33
C ASN H 39 10.39 -23.67 10.66
N SER H 40 11.16 -24.13 9.68
CA SER H 40 12.15 -25.18 9.90
C SER H 40 13.52 -24.65 10.29
N VAL H 41 13.68 -23.32 10.39
CA VAL H 41 14.99 -22.78 10.70
C VAL H 41 15.31 -22.99 12.18
N ASP H 42 16.57 -22.76 12.53
CA ASP H 42 17.06 -22.84 13.90
C ASP H 42 17.23 -21.43 14.45
N MET H 43 16.59 -21.15 15.58
CA MET H 43 16.60 -19.79 16.12
C MET H 43 17.99 -19.33 16.50
N SER H 44 18.91 -20.26 16.79
CA SER H 44 20.23 -19.87 17.28
C SER H 44 20.94 -19.00 16.26
N ALA H 45 20.77 -19.28 14.97
CA ALA H 45 21.42 -18.48 13.94
C ALA H 45 20.90 -17.05 13.94
N LEU H 46 19.61 -16.87 14.18
CA LEU H 46 19.00 -15.55 14.12
C LEU H 46 19.61 -14.60 15.14
N LYS H 47 19.99 -13.40 14.67
CA LYS H 47 20.42 -12.36 15.59
C LYS H 47 19.26 -11.84 16.43
N ASP H 48 18.04 -11.89 15.88
CA ASP H 48 16.82 -11.45 16.55
C ASP H 48 15.82 -12.59 16.51
N PRO H 49 15.96 -13.58 17.39
CA PRO H 49 15.08 -14.75 17.32
C PRO H 49 13.61 -14.38 17.44
N GLN H 50 12.79 -15.04 16.62
CA GLN H 50 11.35 -14.86 16.60
C GLN H 50 10.78 -15.91 15.66
N THR H 51 9.53 -16.30 15.91
CA THR H 51 8.88 -17.37 15.17
C THR H 51 7.80 -16.80 14.25
N ASP H 52 7.52 -17.54 13.17
CA ASP H 52 6.65 -17.05 12.11
C ASP H 52 5.28 -16.66 12.64
N ALA H 53 4.71 -17.49 13.51
CA ALA H 53 3.43 -17.16 14.11
C ALA H 53 3.51 -15.88 14.92
N ASP H 54 4.65 -15.59 15.55
CA ASP H 54 4.81 -14.38 16.33
C ASP H 54 5.23 -13.19 15.48
N ARG H 55 5.79 -13.43 14.29
CA ARG H 55 6.06 -12.32 13.37
C ARG H 55 4.77 -11.79 12.78
N VAL H 56 3.88 -12.69 12.38
CA VAL H 56 2.64 -12.32 11.70
C VAL H 56 1.57 -13.33 12.07
N LYS H 57 0.33 -12.86 12.19
CA LYS H 57 -0.77 -13.73 12.57
C LYS H 57 -1.08 -14.75 11.49
N ASP H 58 -1.11 -14.31 10.22
CA ASP H 58 -1.56 -15.16 9.12
C ASP H 58 -0.35 -15.70 8.36
N PRO H 59 -0.13 -17.01 8.30
CA PRO H 59 0.97 -17.50 7.44
C PRO H 59 0.75 -17.19 5.97
N GLN H 60 -0.51 -17.02 5.54
CA GLN H 60 -0.76 -16.71 4.13
C GLN H 60 -0.17 -15.37 3.74
N TRP H 61 -0.33 -14.36 4.59
CA TRP H 61 0.03 -12.99 4.27
C TRP H 61 1.08 -12.49 5.26
N LEU H 62 2.12 -11.85 4.73
CA LEU H 62 3.26 -11.40 5.52
C LEU H 62 3.43 -9.90 5.36
N ILE H 63 3.55 -9.20 6.49
CA ILE H 63 3.50 -7.75 6.55
C ILE H 63 4.74 -7.25 7.28
N MET H 64 5.27 -6.11 6.84
CA MET H 64 6.24 -5.34 7.61
C MET H 64 6.46 -4.02 6.92
N LEU H 65 7.19 -3.13 7.60
CA LEU H 65 7.61 -1.85 7.02
C LEU H 65 9.00 -2.02 6.42
N GLY H 66 9.17 -1.50 5.20
CA GLY H 66 10.40 -1.69 4.46
C GLY H 66 11.50 -0.72 4.85
N ILE H 67 12.14 -0.96 5.99
CA ILE H 67 13.29 -0.18 6.43
C ILE H 67 14.37 -1.14 6.90
N CYS H 68 15.63 -0.81 6.60
CA CYS H 68 16.72 -1.75 6.86
C CYS H 68 16.88 -2.04 8.34
N THR H 69 16.49 -1.09 9.21
CA THR H 69 16.74 -1.15 10.66
C THR H 69 18.22 -0.94 10.99
N HIS H 70 19.07 -0.76 9.99
CA HIS H 70 20.44 -0.33 10.19
C HIS H 70 20.54 1.18 9.97
N LEU H 71 20.12 1.63 8.79
CA LEU H 71 19.85 3.03 8.51
C LEU H 71 18.48 3.11 7.85
N GLY H 72 18.07 4.32 7.48
CA GLY H 72 16.72 4.53 7.00
C GLY H 72 16.45 3.99 5.62
N CYS H 73 17.47 3.49 4.91
CA CYS H 73 17.26 3.05 3.54
C CYS H 73 16.40 1.79 3.52
N VAL H 74 15.83 1.50 2.35
CA VAL H 74 14.82 0.46 2.20
C VAL H 74 15.46 -0.78 1.58
N PRO H 75 15.10 -2.00 1.99
CA PRO H 75 15.62 -3.18 1.30
C PRO H 75 14.78 -3.47 0.06
N ILE H 76 15.13 -4.56 -0.63
CA ILE H 76 14.43 -4.99 -1.84
C ILE H 76 14.14 -6.48 -1.72
N GLY H 77 12.89 -6.85 -2.03
CA GLY H 77 12.48 -8.23 -1.94
C GLY H 77 12.96 -9.05 -3.12
N GLU H 78 12.80 -10.37 -2.99
CA GLU H 78 13.24 -11.33 -4.00
C GLU H 78 14.72 -11.11 -4.33
N ALA H 79 15.51 -10.86 -3.29
CA ALA H 79 16.93 -10.61 -3.44
C ALA H 79 17.66 -11.14 -2.22
N GLY H 80 18.96 -11.32 -2.37
CA GLY H 80 19.77 -11.87 -1.32
C GLY H 80 19.88 -13.39 -1.41
N ASP H 81 20.87 -13.94 -0.70
CA ASP H 81 21.12 -15.36 -0.78
C ASP H 81 19.98 -16.18 -0.17
N PHE H 82 19.26 -15.60 0.79
CA PHE H 82 18.25 -16.33 1.54
C PHE H 82 16.86 -16.20 0.93
N GLY H 83 16.75 -15.59 -0.25
CA GLY H 83 15.51 -15.63 -1.00
C GLY H 83 14.43 -14.71 -0.47
N GLY H 84 14.74 -13.94 0.57
CA GLY H 84 13.79 -13.03 1.15
C GLY H 84 13.98 -11.62 0.66
N TRP H 85 14.51 -10.77 1.54
CA TRP H 85 14.79 -9.39 1.23
C TRP H 85 16.29 -9.14 1.36
N PHE H 86 16.79 -8.22 0.55
CA PHE H 86 18.18 -7.81 0.58
C PHE H 86 18.22 -6.29 0.63
N CYS H 87 19.26 -5.76 1.28
CA CYS H 87 19.45 -4.33 1.39
C CYS H 87 20.65 -3.92 0.54
N PRO H 88 20.49 -3.09 -0.49
CA PRO H 88 21.64 -2.71 -1.31
C PRO H 88 22.48 -1.57 -0.73
N CYS H 89 22.24 -1.18 0.52
CA CYS H 89 22.99 -0.10 1.14
C CYS H 89 24.25 -0.59 1.84
N HIS H 90 24.12 -1.51 2.79
CA HIS H 90 25.28 -2.13 3.44
C HIS H 90 25.16 -3.65 3.48
N GLY H 91 24.42 -4.25 2.56
CA GLY H 91 24.43 -5.69 2.38
C GLY H 91 23.85 -6.48 3.53
N SER H 92 22.74 -6.05 4.09
CA SER H 92 22.05 -6.80 5.13
C SER H 92 21.07 -7.76 4.47
N HIS H 93 21.11 -9.02 4.89
CA HIS H 93 20.28 -10.07 4.32
C HIS H 93 19.08 -10.32 5.22
N TYR H 94 17.93 -10.56 4.61
CA TYR H 94 16.70 -10.86 5.33
C TYR H 94 16.09 -12.13 4.74
N ASP H 95 15.68 -13.04 5.61
CA ASP H 95 15.09 -14.29 5.16
C ASP H 95 13.67 -14.05 4.65
N ILE H 96 12.99 -15.15 4.31
CA ILE H 96 11.65 -15.06 3.73
C ILE H 96 10.68 -14.39 4.69
N SER H 97 10.92 -14.51 6.00
CA SER H 97 10.05 -13.93 7.01
C SER H 97 10.54 -12.55 7.47
N GLY H 98 11.43 -11.93 6.72
CA GLY H 98 11.91 -10.61 7.11
C GLY H 98 12.66 -10.63 8.42
N ARG H 99 13.49 -11.65 8.64
CA ARG H 99 14.31 -11.76 9.84
C ARG H 99 15.76 -11.59 9.43
N ILE H 100 16.46 -10.68 10.11
CA ILE H 100 17.87 -10.47 9.84
C ILE H 100 18.60 -11.78 10.11
N ARG H 101 19.31 -12.27 9.09
CA ARG H 101 20.09 -13.50 9.21
C ARG H 101 21.57 -13.27 9.02
N LYS H 102 21.97 -12.26 8.24
CA LYS H 102 23.37 -11.90 8.12
C LYS H 102 23.45 -10.43 7.71
N GLY H 103 24.46 -9.74 8.24
CA GLY H 103 24.69 -8.35 7.93
C GLY H 103 24.76 -7.49 9.16
N PRO H 104 24.98 -6.18 8.97
CA PRO H 104 25.08 -5.27 10.12
C PRO H 104 23.75 -4.89 10.73
N ALA H 105 22.63 -5.28 10.12
CA ALA H 105 21.33 -4.90 10.65
C ALA H 105 21.13 -5.53 12.03
N PRO H 106 20.61 -4.79 13.02
CA PRO H 106 20.49 -5.36 14.37
C PRO H 106 19.18 -6.09 14.62
N LEU H 107 18.11 -5.69 13.96
CA LEU H 107 16.75 -6.15 14.27
C LEU H 107 16.03 -6.61 13.02
N ASN H 108 15.05 -7.48 13.22
CA ASN H 108 14.15 -7.85 12.13
C ASN H 108 13.28 -6.65 11.75
N LEU H 109 12.72 -6.70 10.53
CA LEU H 109 11.81 -5.66 10.11
C LEU H 109 10.61 -5.61 11.04
N GLU H 110 10.30 -4.42 11.53
CA GLU H 110 9.16 -4.24 12.43
C GLU H 110 7.85 -4.32 11.66
N ILE H 111 6.81 -4.73 12.37
CA ILE H 111 5.47 -4.95 11.84
C ILE H 111 4.57 -3.82 12.34
N PRO H 112 3.78 -3.17 11.49
CA PRO H 112 2.80 -2.21 11.98
C PRO H 112 1.53 -2.91 12.43
N ALA H 113 0.61 -2.13 12.99
CA ALA H 113 -0.71 -2.63 13.30
C ALA H 113 -1.51 -2.81 12.02
N TYR H 114 -2.20 -3.94 11.89
CA TYR H 114 -2.97 -4.25 10.70
C TYR H 114 -4.16 -5.11 11.07
N GLU H 115 -5.18 -5.08 10.23
CA GLU H 115 -6.41 -5.84 10.42
C GLU H 115 -6.82 -6.46 9.09
N PHE H 116 -7.34 -7.69 9.16
CA PHE H 116 -7.75 -8.43 7.98
C PHE H 116 -9.22 -8.17 7.69
N ASP H 117 -9.53 -7.87 6.44
CA ASP H 117 -10.90 -7.62 5.99
C ASP H 117 -11.28 -8.55 4.85
N GLY H 118 -10.91 -9.83 4.96
CA GLY H 118 -11.24 -10.81 3.95
C GLY H 118 -10.59 -10.48 2.62
N ASP H 119 -11.40 -10.01 1.67
CA ASP H 119 -10.88 -9.61 0.36
C ASP H 119 -9.80 -8.55 0.51
N LYS H 120 -9.95 -7.66 1.48
CA LYS H 120 -9.04 -6.54 1.68
C LYS H 120 -8.36 -6.65 3.04
N VAL H 121 -7.32 -5.84 3.22
CA VAL H 121 -6.58 -5.75 4.47
C VAL H 121 -6.39 -4.28 4.79
N ILE H 122 -6.65 -3.91 6.05
CA ILE H 122 -6.52 -2.54 6.51
C ILE H 122 -5.25 -2.46 7.35
N VAL H 123 -4.32 -1.61 6.92
CA VAL H 123 -3.03 -1.45 7.58
C VAL H 123 -3.01 -0.10 8.26
N GLY H 124 -2.64 -0.09 9.54
CA GLY H 124 -2.55 1.14 10.31
C GLY H 124 -2.44 0.84 11.79
#